data_8S36
#
_entry.id   8S36
#
_cell.length_a   1.00
_cell.length_b   1.00
_cell.length_c   1.00
_cell.angle_alpha   90.00
_cell.angle_beta   90.00
_cell.angle_gamma   90.00
#
_symmetry.space_group_name_H-M   'P 1'
#
loop_
_entity.id
_entity.type
_entity.pdbx_description
1 polymer 'CRISPR type AFERR-associated protein Csf2'
2 polymer 'CRISPR type AFERR-associated protein Csf3'
3 polymer 'CRISPR type AFERR-associated protein Csf1'
4 polymer crRNA
5 polymer TS-DNA
6 polymer NTS-NDA
7 polymer 'DEAD/DEAH box helicase'
8 non-polymer 'ZINC ION'
#
loop_
_entity_poly.entity_id
_entity_poly.type
_entity_poly.pdbx_seq_one_letter_code
_entity_poly.pdbx_strand_id
1 'polypeptide(L)'
;MRTLNFNGKISTLEPLTVTVKNAVSTSGHRLPRNGGFNAAPYFPGTSIRGTLRHAAHKVIVDRVGLNADGKSPFDLAEHF
MLAQGVDINGEAETFAPGEINAGAELRSKNPLISLFGRWGLSGKVGIGNAIPDGDNQWGMFGGGARSIMFQRDESLMEFL
ETDQVDRLERLLEEQAEASVDISQIKTEQDALKKAMKSADKDTKAELQIKVRELDEKIQARKDQKQESRESIRRPIDPYE
AFITGAELSHRMSIKNATDEEAGLFISALIRFAAEPRFGGHANHNCGLVEAHWTVTTWKPGELVPVTLGEIVITPNGVEI
TGDELFAMVKAFNENQSFDFTARGHHHHHH
;
A,B,C,D,E,L
2 'polypeptide(L)'
;MLNFKPYRVIMSSLTPVVISGIAPSLDGILYEALSQAIPSNEPGVVLARLKEILLFNDELGVFHASSLRFGITPEQGIGA
TTSMRCDYLSPEKLSTAMFSPRTRRGLFTRVLLTGGPTKRRMTTRPAYSAPYLTFDFVGSSEAVEILLNHAHVGVGYDYF
SAANGEFNNVTILPLDIDTSISNEGMALRPVPVNSGLNGIKGVSPLIPPYFVGEKLNIVHPAPVRTQLISSLLRG
;
F
3 'polypeptide(L)'
;MNHPVESVYSALTSILLPYMGEPVPVQRNCSCCGRAPSEFDGVGFELVNAYRERVVHCRPCQTFFVSAPELMGVENPKKP
TTGQKFGMWSGVGAVINVEDNSSVLLAPQGVVNKLPEHFFDHVEVITATSGQHLEYLFNTELKFPLIYIQNFGVKTYELV
RSLRVSLSADAIYTCADQLLTRQNEVLYMLDLKKAKELHQEIKNYSKKEMDIFIRTVTLLAYSRITPEAASNEFKKNNLI
PLLLLLPTDPHQRLSILHLLKKV
;
G
4 'polyribonucleotide' UUAUCGGCGAGACCGGGAUGCACCUCCCGAAGGGUCUCGGUGUUUCCCCUGCGUGCGGGGG H
5 'polydeoxyribonucleotide'
;(DC)(DC)(DC)(DT)(DC)(DC)(DC)(DT)(DC)(DC)(DA)(DG)(DC)(DT)(DT)(DC)(DC)(DG)(DA)(DG)
(DA)(DC)(DC)(DC)(DT)(DT)(DC)(DG)(DG)(DG)(DA)(DG)(DG)(DT)(DG)(DC)(DA)(DT)(DC)(DC)
(DC)(DG)(DG)(DT)(DC)(DT)(DC)(DG)(DC)(DT)(DT)(DG)(DG)(DC)(DC)(DT)(DC)(DC)(DT)(DC)
;
I
6 'polydeoxyribonucleotide'
;(DG)(DA)(DG)(DG)(DA)(DG)(DG)(DC)(DC)(DA)(DA)(DG)(DA)(DT)(DC)(DT)(DC)(DA)(DA)(DT)
(DT)(DT)(DC)(DG)(DT)(DA)(DC)(DA)(DA)(DG)(DA)(DA)(DA)(DT)(DC)(DC)(DT)(DT)(DT)(DG)
(DA)(DG)(DA)(DT)(DG)(DA)(DA)(DG)(DC)(DT)(DG)(DG)(DA)(DG)(DG)(DG)(DA)(DG)(DG)(DG)
;
J
7 'polypeptide(L)'
;MNTSAVFESAGLSLRKVQQDYIEAAAGALTQDHKVALISAETGVGKTLGYLVPALLILLKNPEAKFVIATNSHALMHQIF
RSDRPLLEQIAEQCGIKVTFSRLMGKANYVSLEKVRGLLLMDEFTDLDTVKVLEKLANWSKPLVEFEEEYGELPAQITPE
MVTYSIWDDIQDIDDIRLNALSANFIVTTHAMVMVDCMCNHRILGDKENMYLIIDEADIFVDMLEVWKQRRFNLRELTSA
FNEHIPRNGVHVIDQLMNDVTSIAGDLHFCSTPAAVALFDNSFNALSKVGREIKNEAARKAFFDCIYSWEMLGLSGGQKG
VGVSNKRREPALIAVNPFIGMNVGRYCTQWRSALLTSATLSITSTPETGMEWLCKALGLTSDTISIRKIFSPDVYGSMKL
TIAGADFPKVFNDPKEQIFSGQWLKAVVEQLSCIQGPALVLTASHYETRMIANQLGEVSQPVYIQKAGQALSEIIKQYQE
KPGILISAGASVGVSPRGENGEQIFQDLIITRIPFLPPDRMKAESLYGYLKERGYSRTFEAVNRNIYLENLRKVIRKAKQ
SVGRGIRSENDTVRIIILDPRFPEPTDLSSKHRSLEHIIPVRFRREYRSCEILSPAYFEEDIQC
;
M
#
loop_
_chem_comp.id
_chem_comp.type
_chem_comp.name
_chem_comp.formula
A RNA linking ADENOSINE-5'-MONOPHOSPHATE 'C10 H14 N5 O7 P'
C RNA linking CYTIDINE-5'-MONOPHOSPHATE 'C9 H14 N3 O8 P'
DA DNA linking 2'-DEOXYADENOSINE-5'-MONOPHOSPHATE 'C10 H14 N5 O6 P'
DC DNA linking 2'-DEOXYCYTIDINE-5'-MONOPHOSPHATE 'C9 H14 N3 O7 P'
DG DNA linking 2'-DEOXYGUANOSINE-5'-MONOPHOSPHATE 'C10 H14 N5 O7 P'
DT DNA linking THYMIDINE-5'-MONOPHOSPHATE 'C10 H15 N2 O8 P'
G RNA linking GUANOSINE-5'-MONOPHOSPHATE 'C10 H14 N5 O8 P'
U RNA linking URIDINE-5'-MONOPHOSPHATE 'C9 H13 N2 O9 P'
ZN non-polymer 'ZINC ION' 'Zn 2'
#
# COMPACT_ATOMS: atom_id res chain seq x y z
N MET A 1 -1.60 -8.12 -53.57
CA MET A 1 -2.90 -8.72 -53.15
C MET A 1 -2.68 -9.72 -52.01
N ARG A 2 -2.44 -9.20 -50.81
CA ARG A 2 -2.28 -9.99 -49.60
C ARG A 2 -3.19 -9.44 -48.52
N THR A 3 -3.83 -10.33 -47.77
CA THR A 3 -4.67 -9.91 -46.66
C THR A 3 -3.78 -9.62 -45.46
N LEU A 4 -3.52 -8.35 -45.19
CA LEU A 4 -2.75 -7.95 -44.01
C LEU A 4 -3.67 -7.88 -42.81
N ASN A 5 -3.51 -8.82 -41.87
CA ASN A 5 -4.17 -8.75 -40.57
C ASN A 5 -3.27 -8.03 -39.57
N PHE A 6 -3.73 -6.90 -39.05
CA PHE A 6 -3.04 -6.19 -37.98
C PHE A 6 -3.72 -6.60 -36.68
N ASN A 7 -3.01 -7.32 -35.82
CA ASN A 7 -3.54 -7.69 -34.51
C ASN A 7 -2.63 -7.08 -33.45
N GLY A 8 -3.20 -6.58 -32.37
CA GLY A 8 -2.35 -5.81 -31.48
C GLY A 8 -3.11 -5.19 -30.35
N LYS A 9 -2.38 -4.42 -29.54
CA LYS A 9 -2.95 -3.81 -28.34
C LYS A 9 -2.88 -2.29 -28.42
N ILE A 10 -3.97 -1.67 -27.98
CA ILE A 10 -4.06 -0.23 -27.76
C ILE A 10 -3.98 0.01 -26.27
N SER A 11 -2.91 0.66 -25.83
CA SER A 11 -2.80 1.14 -24.46
C SER A 11 -3.29 2.58 -24.41
N THR A 12 -4.09 2.87 -23.38
CA THR A 12 -4.83 4.12 -23.30
C THR A 12 -4.01 5.13 -22.52
N LEU A 13 -3.46 6.13 -23.22
CA LEU A 13 -2.65 7.14 -22.55
C LEU A 13 -3.51 8.05 -21.71
N GLU A 14 -4.63 8.51 -22.25
CA GLU A 14 -5.64 9.23 -21.51
C GLU A 14 -7.00 8.58 -21.78
N PRO A 15 -7.90 8.59 -20.79
CA PRO A 15 -9.11 7.74 -20.85
C PRO A 15 -9.80 7.78 -22.21
N LEU A 16 -10.29 6.62 -22.64
CA LEU A 16 -10.89 6.42 -23.95
C LEU A 16 -12.40 6.31 -23.78
N THR A 17 -13.13 7.33 -24.24
CA THR A 17 -14.58 7.40 -24.09
C THR A 17 -15.24 7.60 -25.45
N VAL A 18 -16.51 7.22 -25.52
CA VAL A 18 -17.31 7.40 -26.73
C VAL A 18 -18.78 7.49 -26.33
N THR A 19 -19.49 8.41 -26.97
CA THR A 19 -20.92 8.61 -26.76
C THR A 19 -21.69 7.86 -27.84
N VAL A 20 -22.54 6.93 -27.42
CA VAL A 20 -23.38 6.16 -28.33
C VAL A 20 -24.82 6.31 -27.87
N LYS A 21 -25.73 6.51 -28.82
CA LYS A 21 -27.10 6.87 -28.46
C LYS A 21 -27.76 5.76 -27.64
N ASN A 22 -27.58 4.51 -28.04
CA ASN A 22 -28.15 3.40 -27.27
C ASN A 22 -27.45 3.25 -25.92
N ALA A 23 -26.12 3.38 -25.91
CA ALA A 23 -25.39 3.18 -24.67
C ALA A 23 -25.74 4.25 -23.65
N VAL A 24 -25.87 5.50 -24.10
CA VAL A 24 -26.17 6.62 -23.21
C VAL A 24 -27.68 6.70 -23.01
N SER A 25 -28.11 6.71 -21.76
CA SER A 25 -29.52 6.87 -21.41
C SER A 25 -29.67 8.01 -20.42
N THR A 26 -30.89 8.19 -19.89
CA THR A 26 -31.09 9.20 -18.85
C THR A 26 -30.45 8.77 -17.53
N SER A 27 -30.12 7.48 -17.38
CA SER A 27 -29.39 7.04 -16.20
C SER A 27 -27.97 7.55 -16.18
N GLY A 28 -27.42 7.90 -17.35
CA GLY A 28 -26.06 8.42 -17.43
C GLY A 28 -25.33 7.93 -18.67
N HIS A 29 -24.14 8.48 -18.91
CA HIS A 29 -23.35 8.11 -20.07
C HIS A 29 -22.61 6.81 -19.78
N ARG A 30 -22.87 5.78 -20.59
CA ARG A 30 -22.21 4.49 -20.45
C ARG A 30 -21.64 4.09 -21.80
N LEU A 31 -20.54 3.34 -21.77
CA LEU A 31 -19.99 2.81 -23.00
C LEU A 31 -20.89 1.71 -23.55
N PRO A 32 -20.82 1.44 -24.86
CA PRO A 32 -21.52 0.27 -25.40
C PRO A 32 -21.08 -1.00 -24.70
N ARG A 33 -22.06 -1.81 -24.27
CA ARG A 33 -21.82 -2.91 -23.35
C ARG A 33 -21.98 -4.29 -23.97
N ASN A 34 -22.74 -4.42 -25.05
CA ASN A 34 -23.06 -5.74 -25.61
C ASN A 34 -23.68 -6.64 -24.55
N GLY A 35 -24.72 -6.13 -23.91
CA GLY A 35 -25.40 -6.86 -22.86
C GLY A 35 -25.93 -5.88 -21.81
N GLY A 36 -25.87 -6.32 -20.56
CA GLY A 36 -26.29 -5.51 -19.44
C GLY A 36 -25.16 -4.65 -18.90
N PHE A 37 -25.45 -3.96 -17.80
CA PHE A 37 -24.46 -3.08 -17.18
C PHE A 37 -23.28 -3.86 -16.62
N ASN A 38 -23.47 -5.14 -16.29
CA ASN A 38 -22.39 -5.96 -15.78
C ASN A 38 -21.46 -6.48 -16.87
N ALA A 39 -21.85 -6.35 -18.14
CA ALA A 39 -21.02 -6.88 -19.21
C ALA A 39 -19.76 -6.02 -19.39
N ALA A 40 -18.82 -6.56 -20.15
CA ALA A 40 -17.57 -5.86 -20.43
C ALA A 40 -17.79 -4.89 -21.59
N PRO A 41 -17.58 -3.59 -21.41
CA PRO A 41 -17.76 -2.67 -22.54
C PRO A 41 -16.66 -2.84 -23.58
N TYR A 42 -16.95 -2.31 -24.78
CA TYR A 42 -16.01 -2.33 -25.88
C TYR A 42 -16.00 -0.96 -26.54
N PHE A 43 -14.83 -0.50 -26.95
CA PHE A 43 -14.78 0.69 -27.79
C PHE A 43 -15.17 0.30 -29.20
N PRO A 44 -16.22 0.89 -29.79
CA PRO A 44 -16.70 0.40 -31.08
C PRO A 44 -15.63 0.49 -32.15
N GLY A 45 -15.62 -0.52 -33.03
CA GLY A 45 -14.77 -0.46 -34.20
C GLY A 45 -15.20 0.61 -35.18
N THR A 46 -16.44 1.11 -35.05
CA THR A 46 -16.90 2.16 -35.94
C THR A 46 -16.17 3.47 -35.66
N SER A 47 -15.98 3.81 -34.39
CA SER A 47 -15.27 5.05 -34.08
C SER A 47 -13.83 5.00 -34.56
N ILE A 48 -13.15 3.87 -34.34
CA ILE A 48 -11.78 3.74 -34.80
C ILE A 48 -11.73 3.77 -36.32
N ARG A 49 -12.71 3.14 -36.97
CA ARG A 49 -12.74 3.14 -38.44
C ARG A 49 -12.95 4.54 -38.98
N GLY A 50 -13.83 5.32 -38.35
CA GLY A 50 -14.02 6.69 -38.77
C GLY A 50 -12.77 7.53 -38.54
N THR A 51 -12.10 7.34 -37.40
CA THR A 51 -10.89 8.08 -37.12
C THR A 51 -9.81 7.77 -38.15
N LEU A 52 -9.66 6.48 -38.49
CA LEU A 52 -8.64 6.10 -39.46
C LEU A 52 -9.02 6.53 -40.87
N ARG A 53 -10.32 6.60 -41.17
CA ARG A 53 -10.75 7.10 -42.47
C ARG A 53 -10.50 8.60 -42.58
N HIS A 54 -10.72 9.33 -41.49
CA HIS A 54 -10.40 10.76 -41.48
C HIS A 54 -8.90 10.96 -41.62
N ALA A 55 -8.10 10.15 -40.93
CA ALA A 55 -6.65 10.25 -41.06
C ALA A 55 -6.21 9.95 -42.48
N ALA A 56 -6.82 8.93 -43.11
CA ALA A 56 -6.48 8.61 -44.49
C ALA A 56 -6.88 9.75 -45.42
N HIS A 57 -8.03 10.37 -45.17
CA HIS A 57 -8.44 11.52 -45.98
C HIS A 57 -7.46 12.67 -45.83
N LYS A 58 -6.96 12.89 -44.61
CA LYS A 58 -5.97 13.95 -44.41
C LYS A 58 -4.68 13.62 -45.16
N VAL A 59 -4.29 12.34 -45.14
CA VAL A 59 -3.11 11.92 -45.88
C VAL A 59 -3.31 12.17 -47.38
N ILE A 60 -4.48 11.81 -47.89
CA ILE A 60 -4.75 11.97 -49.32
C ILE A 60 -4.72 13.45 -49.72
N VAL A 61 -5.34 14.31 -48.91
CA VAL A 61 -5.35 15.73 -49.26
C VAL A 61 -3.93 16.29 -49.22
N ASP A 62 -3.14 15.92 -48.21
CA ASP A 62 -1.78 16.43 -48.14
C ASP A 62 -0.94 15.92 -49.31
N ARG A 63 -1.10 14.64 -49.67
CA ARG A 63 -0.36 14.10 -50.81
C ARG A 63 -0.76 14.81 -52.10
N VAL A 64 -2.05 15.05 -52.28
CA VAL A 64 -2.50 15.85 -53.42
C VAL A 64 -2.05 17.29 -53.27
N GLY A 65 -2.16 17.83 -52.07
CA GLY A 65 -1.84 19.22 -51.83
C GLY A 65 -2.94 20.15 -52.28
N LEU A 66 -2.59 21.43 -52.38
CA LEU A 66 -3.51 22.47 -52.82
C LEU A 66 -3.19 22.89 -54.24
N ASN A 67 -4.16 23.55 -54.87
CA ASN A 67 -3.98 24.09 -56.20
C ASN A 67 -3.06 25.31 -56.16
N ALA A 68 -2.83 25.91 -57.33
CA ALA A 68 -2.10 27.16 -57.39
C ALA A 68 -2.86 28.29 -56.70
N ASP A 69 -4.17 28.16 -56.56
CA ASP A 69 -5.02 29.16 -55.91
C ASP A 69 -5.02 29.02 -54.40
N GLY A 70 -4.34 28.02 -53.84
CA GLY A 70 -4.37 27.79 -52.42
C GLY A 70 -5.64 27.17 -51.90
N LYS A 71 -6.43 26.55 -52.77
CA LYS A 71 -7.66 25.88 -52.39
C LYS A 71 -7.55 24.39 -52.68
N SER A 72 -8.21 23.60 -51.83
CA SER A 72 -8.15 22.15 -51.99
C SER A 72 -8.82 21.76 -53.31
N PRO A 73 -8.24 20.83 -54.09
CA PRO A 73 -8.88 20.45 -55.35
C PRO A 73 -10.21 19.74 -55.18
N PHE A 74 -10.51 19.24 -53.99
CA PHE A 74 -11.75 18.48 -53.79
C PHE A 74 -12.91 19.42 -53.54
N ASP A 75 -14.03 19.14 -54.20
CA ASP A 75 -15.27 19.87 -53.99
C ASP A 75 -16.07 19.15 -52.89
N LEU A 76 -17.31 19.58 -52.69
CA LEU A 76 -18.15 18.94 -51.68
C LEU A 76 -18.43 17.49 -52.03
N ALA A 77 -18.72 17.21 -53.31
CA ALA A 77 -19.04 15.85 -53.71
C ALA A 77 -17.87 14.91 -53.52
N GLU A 78 -16.69 15.31 -54.00
CA GLU A 78 -15.51 14.47 -53.82
C GLU A 78 -15.14 14.37 -52.34
N HIS A 79 -15.27 15.47 -51.61
CA HIS A 79 -14.95 15.43 -50.19
C HIS A 79 -15.83 14.45 -49.44
N PHE A 80 -17.13 14.44 -49.73
CA PHE A 80 -18.02 13.50 -49.05
C PHE A 80 -17.81 12.08 -49.56
N MET A 81 -17.41 11.92 -50.82
CA MET A 81 -17.08 10.60 -51.33
C MET A 81 -15.89 10.01 -50.59
N LEU A 82 -14.89 10.85 -50.30
CA LEU A 82 -13.70 10.35 -49.62
C LEU A 82 -13.88 10.26 -48.11
N ALA A 83 -14.74 11.09 -47.52
CA ALA A 83 -14.88 11.10 -46.06
C ALA A 83 -16.00 10.21 -45.58
N GLN A 84 -17.23 10.46 -46.05
CA GLN A 84 -18.38 9.67 -45.61
C GLN A 84 -18.74 8.52 -46.54
N GLY A 85 -18.37 8.60 -47.81
CA GLY A 85 -18.56 7.48 -48.71
C GLY A 85 -19.88 7.48 -49.44
N VAL A 86 -20.69 8.54 -49.33
CA VAL A 86 -22.01 8.59 -49.92
C VAL A 86 -21.99 9.58 -51.08
N ASP A 87 -22.65 9.21 -52.17
CA ASP A 87 -22.72 10.05 -53.36
C ASP A 87 -23.79 11.12 -53.19
N ILE A 88 -23.40 12.38 -53.37
CA ILE A 88 -24.31 13.50 -53.13
C ILE A 88 -24.84 14.01 -54.47
N ASN A 89 -24.03 13.94 -55.51
CA ASN A 89 -24.42 14.42 -56.84
C ASN A 89 -25.03 13.32 -57.70
N GLY A 90 -25.18 12.11 -57.19
CA GLY A 90 -25.77 11.05 -57.98
C GLY A 90 -24.91 10.56 -59.12
N GLU A 91 -23.60 10.85 -59.07
CA GLU A 91 -22.65 10.46 -60.13
C GLU A 91 -21.64 9.51 -59.51
N ALA A 92 -21.94 8.21 -59.59
CA ALA A 92 -21.04 7.19 -59.07
C ALA A 92 -21.20 5.92 -59.92
N GLU A 93 -20.14 5.12 -59.93
CA GLU A 93 -20.12 3.90 -60.73
C GLU A 93 -20.99 2.85 -60.05
N THR A 94 -22.24 2.74 -60.49
CA THR A 94 -23.19 1.78 -59.93
C THR A 94 -22.88 0.41 -60.52
N PHE A 95 -21.97 -0.31 -59.87
CA PHE A 95 -21.59 -1.63 -60.35
C PHE A 95 -22.73 -2.62 -60.17
N ALA A 96 -22.74 -3.64 -61.02
CA ALA A 96 -23.77 -4.67 -60.92
C ALA A 96 -23.70 -5.33 -59.54
N PRO A 97 -24.85 -5.62 -58.91
CA PRO A 97 -24.78 -6.13 -57.52
C PRO A 97 -24.28 -7.56 -57.42
N GLY A 98 -24.35 -8.34 -58.49
CA GLY A 98 -23.87 -9.70 -58.48
C GLY A 98 -22.39 -9.87 -58.76
N GLU A 99 -21.65 -8.77 -58.94
CA GLU A 99 -20.23 -8.80 -59.23
C GLU A 99 -19.49 -8.45 -57.94
N ILE A 100 -19.11 -9.47 -57.17
CA ILE A 100 -18.33 -9.26 -55.96
C ILE A 100 -17.08 -8.44 -56.28
N ASN A 101 -16.31 -8.90 -57.27
CA ASN A 101 -15.09 -8.20 -57.68
C ASN A 101 -15.44 -7.22 -58.79
N ALA A 102 -15.96 -6.06 -58.38
CA ALA A 102 -16.17 -4.94 -59.28
C ALA A 102 -15.46 -3.71 -58.70
N GLY A 103 -15.18 -2.76 -59.58
CA GLY A 103 -14.55 -1.53 -59.17
C GLY A 103 -13.04 -1.55 -59.22
N ALA A 104 -12.44 -2.54 -59.89
CA ALA A 104 -10.98 -2.65 -59.90
C ALA A 104 -10.35 -1.38 -60.44
N GLU A 105 -10.99 -0.73 -61.42
CA GLU A 105 -10.46 0.52 -61.94
C GLU A 105 -10.53 1.62 -60.88
N LEU A 106 -11.70 1.77 -60.24
CA LEU A 106 -11.83 2.76 -59.17
C LEU A 106 -10.96 2.39 -57.98
N ARG A 107 -10.85 1.10 -57.67
CA ARG A 107 -10.01 0.68 -56.55
C ARG A 107 -8.56 1.02 -56.79
N SER A 108 -8.07 0.83 -58.02
CA SER A 108 -6.70 1.19 -58.35
C SER A 108 -6.53 2.70 -58.34
N LYS A 109 -7.47 3.43 -58.95
CA LYS A 109 -7.31 4.87 -59.11
C LYS A 109 -7.54 5.61 -57.80
N ASN A 110 -8.44 5.11 -56.96
CA ASN A 110 -8.69 5.70 -55.63
C ASN A 110 -8.38 4.67 -54.55
N PRO A 111 -7.19 4.70 -53.95
CA PRO A 111 -6.91 3.74 -52.88
C PRO A 111 -7.66 4.04 -51.58
N LEU A 112 -8.03 5.29 -51.33
CA LEU A 112 -8.82 5.59 -50.14
C LEU A 112 -10.19 4.93 -50.24
N ILE A 113 -10.86 5.09 -51.38
CA ILE A 113 -12.15 4.45 -51.58
C ILE A 113 -11.98 2.94 -51.54
N SER A 114 -10.86 2.43 -52.05
CA SER A 114 -10.63 0.99 -52.01
C SER A 114 -10.55 0.49 -50.58
N LEU A 115 -9.73 1.13 -49.75
CA LEU A 115 -9.64 0.73 -48.35
C LEU A 115 -10.98 0.90 -47.65
N PHE A 116 -11.47 2.13 -47.59
CA PHE A 116 -12.77 2.45 -47.00
C PHE A 116 -13.74 2.66 -48.15
N GLY A 117 -14.70 1.76 -48.31
CA GLY A 117 -15.54 1.80 -49.47
C GLY A 117 -16.43 3.02 -49.49
N ARG A 118 -17.08 3.21 -50.62
CA ARG A 118 -18.20 4.13 -50.76
C ARG A 118 -19.49 3.35 -50.72
N TRP A 119 -20.62 4.05 -50.81
CA TRP A 119 -21.87 3.33 -50.99
C TRP A 119 -21.85 2.58 -52.31
N GLY A 120 -22.38 1.37 -52.31
CA GLY A 120 -22.44 0.57 -53.51
C GLY A 120 -21.14 -0.12 -53.88
N LEU A 121 -20.06 0.14 -53.14
CA LEU A 121 -18.76 -0.49 -53.37
C LEU A 121 -18.20 -0.93 -52.03
N SER A 122 -18.01 -2.24 -51.87
CA SER A 122 -17.51 -2.74 -50.60
C SER A 122 -16.09 -2.24 -50.36
N GLY A 123 -15.79 -1.88 -49.11
CA GLY A 123 -14.45 -1.48 -48.76
C GLY A 123 -13.55 -2.67 -48.54
N LYS A 124 -12.26 -2.38 -48.36
CA LYS A 124 -11.28 -3.42 -48.13
C LYS A 124 -10.62 -3.36 -46.75
N VAL A 125 -10.91 -2.34 -45.94
CA VAL A 125 -10.34 -2.21 -44.61
C VAL A 125 -11.44 -2.51 -43.59
N GLY A 126 -11.22 -3.54 -42.78
CA GLY A 126 -12.09 -3.90 -41.69
C GLY A 126 -11.47 -3.62 -40.33
N ILE A 127 -12.01 -2.65 -39.62
CA ILE A 127 -11.51 -2.25 -38.31
C ILE A 127 -12.37 -2.92 -37.26
N GLY A 128 -11.75 -3.32 -36.15
CA GLY A 128 -12.41 -4.02 -35.08
C GLY A 128 -12.60 -3.14 -33.85
N ASN A 129 -13.37 -3.67 -32.91
CA ASN A 129 -13.58 -2.99 -31.64
C ASN A 129 -12.39 -3.20 -30.72
N ALA A 130 -12.02 -2.13 -29.99
CA ALA A 130 -10.97 -2.23 -28.99
C ALA A 130 -11.53 -2.95 -27.78
N ILE A 131 -11.31 -4.27 -27.71
CA ILE A 131 -11.86 -5.10 -26.65
C ILE A 131 -10.94 -5.05 -25.44
N PRO A 132 -11.41 -4.63 -24.27
CA PRO A 132 -10.52 -4.63 -23.09
C PRO A 132 -10.16 -6.04 -22.67
N ASP A 133 -8.97 -6.18 -22.09
CA ASP A 133 -8.48 -7.46 -21.62
C ASP A 133 -8.86 -7.75 -20.18
N GLY A 134 -9.04 -6.70 -19.37
CA GLY A 134 -9.28 -6.86 -17.95
C GLY A 134 -10.76 -6.86 -17.60
N ASP A 135 -11.02 -6.73 -16.30
CA ASP A 135 -12.36 -6.77 -15.74
C ASP A 135 -12.82 -5.43 -15.17
N ASN A 136 -11.88 -4.59 -14.73
CA ASN A 136 -12.16 -3.32 -14.09
C ASN A 136 -11.41 -2.20 -14.80
N GLN A 137 -11.45 -2.22 -16.13
CA GLN A 137 -10.69 -1.30 -16.96
C GLN A 137 -11.53 -0.14 -17.48
N TRP A 138 -12.68 0.12 -16.86
CA TRP A 138 -13.53 1.25 -17.23
C TRP A 138 -14.03 1.94 -15.97
N GLY A 139 -14.43 3.20 -16.12
CA GLY A 139 -14.95 3.93 -14.99
C GLY A 139 -15.56 5.26 -15.38
N MET A 140 -16.25 5.85 -14.40
CA MET A 140 -16.86 7.18 -14.51
C MET A 140 -15.74 8.21 -14.39
N PHE A 141 -15.31 8.79 -15.51
CA PHE A 141 -14.33 9.87 -15.51
C PHE A 141 -15.02 11.20 -15.80
N GLY A 142 -14.20 12.24 -15.88
CA GLY A 142 -14.71 13.59 -16.06
C GLY A 142 -15.68 13.98 -14.96
N GLY A 143 -16.89 14.36 -15.35
CA GLY A 143 -17.85 14.90 -14.41
C GLY A 143 -17.30 16.12 -13.69
N GLY A 144 -17.61 16.21 -12.40
CA GLY A 144 -17.19 17.33 -11.59
C GLY A 144 -18.32 18.34 -11.40
N ALA A 145 -18.02 19.62 -11.67
CA ALA A 145 -19.04 20.66 -11.61
C ALA A 145 -18.50 21.91 -12.26
N ARG A 146 -19.42 22.77 -12.72
CA ARG A 146 -19.07 24.08 -13.27
C ARG A 146 -19.23 25.13 -12.17
N SER A 147 -18.25 25.15 -11.26
CA SER A 147 -18.26 26.12 -10.17
C SER A 147 -18.37 27.55 -10.71
N ILE A 148 -19.17 28.37 -10.04
CA ILE A 148 -19.24 29.79 -10.36
C ILE A 148 -17.88 30.41 -10.09
N MET A 149 -17.32 31.07 -11.11
CA MET A 149 -15.95 31.57 -10.98
C MET A 149 -15.82 32.60 -9.87
N PHE A 150 -16.86 33.38 -9.62
CA PHE A 150 -16.76 34.46 -8.64
C PHE A 150 -17.08 34.01 -7.23
N GLN A 151 -17.77 32.88 -7.06
CA GLN A 151 -17.95 32.30 -5.75
C GLN A 151 -16.77 31.44 -5.32
N ARG A 152 -15.85 31.14 -6.23
CA ARG A 152 -14.65 30.38 -5.90
C ARG A 152 -13.49 31.32 -5.57
N ASP A 153 -13.14 32.19 -6.51
CA ASP A 153 -12.08 33.18 -6.34
C ASP A 153 -12.70 34.56 -6.19
N GLU A 154 -12.27 35.30 -5.16
CA GLU A 154 -12.70 36.68 -5.00
C GLU A 154 -11.77 37.66 -5.71
N SER A 155 -10.54 37.24 -6.04
CA SER A 155 -9.68 38.08 -6.86
C SER A 155 -10.34 38.46 -8.18
N LEU A 156 -11.23 37.62 -8.69
CA LEU A 156 -11.91 37.88 -9.96
C LEU A 156 -13.04 38.88 -9.83
N MET A 157 -13.35 39.35 -8.62
CA MET A 157 -14.35 40.38 -8.40
C MET A 157 -13.76 41.77 -8.30
N GLU A 158 -12.43 41.90 -8.30
CA GLU A 158 -11.79 43.20 -8.41
C GLU A 158 -11.69 43.67 -9.85
N PHE A 159 -12.22 42.91 -10.81
CA PHE A 159 -12.15 43.23 -12.23
C PHE A 159 -13.52 43.48 -12.84
N LEU A 160 -14.57 43.56 -12.03
CA LEU A 160 -15.93 43.77 -12.50
C LEU A 160 -16.44 45.09 -11.95
N GLU A 161 -17.08 45.88 -12.81
CA GLU A 161 -17.72 47.09 -12.35
C GLU A 161 -18.99 46.76 -11.58
N THR A 162 -19.49 47.72 -10.81
CA THR A 162 -20.68 47.49 -10.00
C THR A 162 -21.87 47.10 -10.86
N ASP A 163 -21.99 47.71 -12.05
CA ASP A 163 -23.08 47.37 -12.94
C ASP A 163 -23.04 45.90 -13.37
N GLN A 164 -21.89 45.24 -13.25
CA GLN A 164 -21.80 43.81 -13.50
C GLN A 164 -21.74 42.99 -12.23
N VAL A 165 -21.41 43.58 -11.08
CA VAL A 165 -21.56 42.85 -9.83
C VAL A 165 -23.03 42.72 -9.47
N ASP A 166 -23.86 43.61 -10.01
CA ASP A 166 -25.29 43.51 -9.78
C ASP A 166 -25.93 42.59 -10.80
N ARG A 167 -25.32 42.46 -11.98
CA ARG A 167 -25.78 41.45 -12.93
C ARG A 167 -25.36 40.06 -12.46
N LEU A 168 -24.24 39.96 -11.72
CA LEU A 168 -23.87 38.70 -11.09
C LEU A 168 -24.85 38.36 -9.96
N GLU A 169 -25.18 39.34 -9.13
CA GLU A 169 -26.14 39.08 -8.05
C GLU A 169 -27.49 38.70 -8.63
N ARG A 170 -27.87 39.30 -9.76
CA ARG A 170 -29.16 39.00 -10.37
C ARG A 170 -29.16 37.64 -11.02
N LEU A 171 -28.03 37.24 -11.61
CA LEU A 171 -27.97 35.93 -12.25
C LEU A 171 -27.91 34.82 -11.22
N LEU A 172 -27.30 35.08 -10.06
CA LEU A 172 -27.30 34.06 -9.03
C LEU A 172 -28.66 33.95 -8.35
N GLU A 173 -29.36 35.08 -8.17
CA GLU A 173 -30.71 34.99 -7.63
C GLU A 173 -31.64 34.31 -8.62
N GLU A 174 -31.47 34.57 -9.92
CA GLU A 174 -32.27 33.87 -10.92
C GLU A 174 -31.96 32.39 -10.92
N GLN A 175 -30.68 32.03 -10.77
CA GLN A 175 -30.32 30.62 -10.75
C GLN A 175 -30.92 29.91 -9.55
N ALA A 176 -30.90 30.55 -8.37
CA ALA A 176 -31.43 29.90 -7.19
C ALA A 176 -32.95 29.76 -7.27
N GLU A 177 -33.64 30.83 -7.65
CA GLU A 177 -35.07 30.76 -7.88
C GLU A 177 -35.42 29.64 -8.86
N ALA A 178 -34.77 29.64 -10.03
CA ALA A 178 -35.08 28.66 -11.05
C ALA A 178 -34.78 27.25 -10.57
N SER A 179 -33.71 27.07 -9.79
CA SER A 179 -33.37 25.73 -9.33
C SER A 179 -34.37 25.24 -8.30
N VAL A 180 -34.89 26.13 -7.47
CA VAL A 180 -35.93 25.76 -6.52
C VAL A 180 -37.19 25.34 -7.27
N ASP A 181 -37.63 26.18 -8.20
CA ASP A 181 -38.81 25.88 -8.99
C ASP A 181 -38.65 24.55 -9.72
N ILE A 182 -37.57 24.39 -10.49
CA ILE A 182 -37.30 23.13 -11.18
C ILE A 182 -37.24 21.97 -10.20
N SER A 183 -36.76 22.19 -8.97
CA SER A 183 -36.72 21.12 -7.99
C SER A 183 -38.13 20.65 -7.65
N GLN A 184 -39.03 21.58 -7.37
CA GLN A 184 -40.39 21.18 -7.02
C GLN A 184 -41.12 20.59 -8.23
N ILE A 185 -40.81 21.09 -9.43
CA ILE A 185 -41.43 20.55 -10.64
C ILE A 185 -40.96 19.12 -10.87
N LYS A 186 -39.66 18.86 -10.66
CA LYS A 186 -39.16 17.50 -10.77
C LYS A 186 -39.70 16.60 -9.69
N THR A 187 -39.98 17.15 -8.50
CA THR A 187 -40.60 16.34 -7.45
C THR A 187 -42.00 15.90 -7.87
N GLU A 188 -42.76 16.81 -8.47
CA GLU A 188 -44.09 16.45 -8.95
C GLU A 188 -43.96 15.45 -10.11
N GLN A 189 -42.97 15.66 -10.98
CA GLN A 189 -42.73 14.74 -12.09
C GLN A 189 -42.44 13.34 -11.58
N ASP A 190 -41.63 13.22 -10.52
CA ASP A 190 -41.32 11.89 -10.02
C ASP A 190 -42.53 11.25 -9.36
N ALA A 191 -43.32 12.04 -8.63
CA ALA A 191 -44.60 11.51 -8.14
C ALA A 191 -45.46 11.00 -9.29
N LEU A 192 -45.40 11.67 -10.44
CA LEU A 192 -46.13 11.18 -11.61
C LEU A 192 -45.50 9.90 -12.15
N LYS A 193 -44.17 9.79 -12.11
CA LYS A 193 -43.52 8.53 -12.43
C LYS A 193 -44.03 7.41 -11.53
N LYS A 194 -44.25 7.71 -10.25
CA LYS A 194 -44.82 6.73 -9.34
C LYS A 194 -46.22 6.35 -9.80
N ALA A 195 -47.01 7.32 -10.23
CA ALA A 195 -48.37 6.98 -10.67
C ALA A 195 -48.37 6.18 -11.98
N MET A 196 -47.39 6.40 -12.85
CA MET A 196 -47.13 5.47 -13.95
C MET A 196 -46.76 4.09 -13.43
N LYS A 197 -46.03 4.02 -12.32
CA LYS A 197 -45.74 2.72 -11.72
C LYS A 197 -47.03 2.03 -11.33
N SER A 198 -47.97 2.78 -10.74
CA SER A 198 -49.28 2.24 -10.46
C SER A 198 -49.95 1.75 -11.74
N ALA A 199 -49.98 2.59 -12.76
CA ALA A 199 -50.62 2.29 -14.04
C ALA A 199 -52.00 1.65 -13.85
N ASP A 200 -52.83 2.33 -13.04
CA ASP A 200 -54.19 1.88 -12.83
C ASP A 200 -55.01 1.90 -14.11
N LYS A 201 -54.55 2.62 -15.13
CA LYS A 201 -55.03 2.66 -16.51
C LYS A 201 -56.33 3.45 -16.64
N ASP A 202 -56.91 3.93 -15.55
CA ASP A 202 -58.04 4.85 -15.63
C ASP A 202 -57.67 6.06 -16.48
N THR A 203 -56.62 6.77 -16.10
CA THR A 203 -56.20 7.99 -16.79
C THR A 203 -54.69 8.01 -17.01
N LYS A 204 -54.09 6.86 -17.33
CA LYS A 204 -52.64 6.82 -17.51
C LYS A 204 -52.18 7.70 -18.66
N ALA A 205 -52.88 7.67 -19.80
CA ALA A 205 -52.49 8.49 -20.94
C ALA A 205 -52.51 9.98 -20.60
N GLU A 206 -53.56 10.43 -19.93
CA GLU A 206 -53.61 11.81 -19.43
C GLU A 206 -52.49 12.08 -18.44
N LEU A 207 -52.14 11.11 -17.59
CA LEU A 207 -51.00 11.35 -16.71
C LEU A 207 -49.72 11.55 -17.51
N GLN A 208 -49.55 10.81 -18.60
CA GLN A 208 -48.39 11.03 -19.46
C GLN A 208 -48.43 12.40 -20.11
N ILE A 209 -49.61 12.83 -20.59
CA ILE A 209 -49.66 14.11 -21.28
C ILE A 209 -49.44 15.26 -20.30
N LYS A 210 -49.86 15.10 -19.04
CA LYS A 210 -49.56 16.14 -18.07
C LYS A 210 -48.09 16.10 -17.66
N VAL A 211 -47.45 14.93 -17.70
CA VAL A 211 -46.00 14.90 -17.53
C VAL A 211 -45.33 15.70 -18.65
N ARG A 212 -45.82 15.54 -19.88
CA ARG A 212 -45.31 16.34 -20.99
C ARG A 212 -45.59 17.82 -20.77
N GLU A 213 -46.76 18.16 -20.23
CA GLU A 213 -47.01 19.56 -19.92
C GLU A 213 -46.00 20.05 -18.89
N LEU A 214 -45.65 19.18 -17.94
CA LEU A 214 -44.66 19.55 -16.93
C LEU A 214 -43.27 19.78 -17.51
N ASP A 215 -42.84 18.97 -18.48
CA ASP A 215 -41.54 19.26 -19.09
C ASP A 215 -41.60 20.62 -19.77
N GLU A 216 -42.72 20.90 -20.45
CA GLU A 216 -42.91 22.21 -21.05
C GLU A 216 -42.88 23.32 -20.00
N LYS A 217 -43.39 23.04 -18.79
CA LYS A 217 -43.33 24.03 -17.72
C LYS A 217 -41.90 24.19 -17.23
N ILE A 218 -41.11 23.11 -17.25
CA ILE A 218 -39.69 23.24 -16.96
C ILE A 218 -39.03 24.17 -17.96
N GLN A 219 -39.36 24.01 -19.25
CA GLN A 219 -38.78 24.86 -20.27
C GLN A 219 -39.29 26.28 -20.19
N ALA A 220 -40.46 26.47 -19.58
CA ALA A 220 -40.99 27.82 -19.43
C ALA A 220 -40.29 28.54 -18.29
N ARG A 221 -40.25 27.90 -17.11
CA ARG A 221 -39.43 28.42 -16.02
C ARG A 221 -37.98 28.67 -16.46
N LYS A 222 -37.45 27.82 -17.35
CA LYS A 222 -36.09 28.00 -17.84
C LYS A 222 -36.00 28.93 -19.03
N ASP A 223 -37.11 29.53 -19.45
CA ASP A 223 -37.08 30.68 -20.35
C ASP A 223 -37.38 31.98 -19.63
N GLN A 224 -38.03 31.92 -18.46
CA GLN A 224 -38.22 33.10 -17.63
C GLN A 224 -36.88 33.69 -17.18
N LYS A 225 -35.83 32.87 -17.13
CA LYS A 225 -34.52 33.34 -16.72
C LYS A 225 -33.96 34.23 -17.83
N GLN A 226 -33.96 35.55 -17.60
CA GLN A 226 -33.63 36.49 -18.66
C GLN A 226 -32.19 36.99 -18.61
N GLU A 227 -31.45 36.69 -17.55
CA GLU A 227 -30.01 36.97 -17.54
C GLU A 227 -29.22 35.80 -18.11
N SER A 228 -29.37 34.63 -17.50
CA SER A 228 -28.87 33.37 -18.05
C SER A 228 -30.04 32.52 -18.52
N ARG A 229 -29.72 31.48 -19.29
CA ARG A 229 -30.70 30.47 -19.68
C ARG A 229 -30.49 29.13 -19.00
N GLU A 230 -29.23 28.78 -18.70
CA GLU A 230 -28.89 27.52 -18.04
C GLU A 230 -28.20 27.82 -16.72
N SER A 231 -28.48 26.99 -15.71
CA SER A 231 -27.82 27.13 -14.43
C SER A 231 -26.32 26.90 -14.60
N ILE A 232 -25.52 27.88 -14.19
CA ILE A 232 -24.08 27.79 -14.41
C ILE A 232 -23.42 26.88 -13.38
N ARG A 233 -23.97 26.81 -12.17
CA ARG A 233 -23.43 25.94 -11.13
C ARG A 233 -23.97 24.52 -11.37
N ARG A 234 -23.50 23.92 -12.46
CA ARG A 234 -24.03 22.67 -12.96
C ARG A 234 -23.12 21.53 -12.56
N PRO A 235 -23.60 20.50 -11.84
CA PRO A 235 -22.79 19.29 -11.66
C PRO A 235 -22.71 18.52 -12.98
N ILE A 236 -21.49 18.29 -13.45
CA ILE A 236 -21.28 17.66 -14.75
C ILE A 236 -21.40 16.16 -14.58
N ASP A 237 -22.25 15.54 -15.40
CA ASP A 237 -22.39 14.09 -15.34
C ASP A 237 -21.10 13.43 -15.80
N PRO A 238 -20.58 12.44 -15.09
CA PRO A 238 -19.38 11.75 -15.57
C PRO A 238 -19.67 10.93 -16.81
N TYR A 239 -18.66 10.76 -17.64
CA TYR A 239 -18.75 9.89 -18.80
C TYR A 239 -17.93 8.63 -18.54
N GLU A 240 -18.37 7.52 -19.11
CA GLU A 240 -17.68 6.25 -18.91
C GLU A 240 -16.55 6.13 -19.92
N ALA A 241 -15.35 5.86 -19.42
CA ALA A 241 -14.17 5.73 -20.27
C ALA A 241 -13.32 4.57 -19.80
N PHE A 242 -12.45 4.10 -20.69
CA PHE A 242 -11.50 3.05 -20.35
C PHE A 242 -10.35 3.66 -19.55
N ILE A 243 -9.93 2.97 -18.50
CA ILE A 243 -8.98 3.55 -17.57
C ILE A 243 -7.66 3.85 -18.28
N THR A 244 -6.89 4.76 -17.67
CA THR A 244 -5.59 5.11 -18.21
C THR A 244 -4.66 3.91 -18.19
N GLY A 245 -4.07 3.60 -19.35
CA GLY A 245 -3.27 2.41 -19.47
C GLY A 245 -4.06 1.13 -19.62
N ALA A 246 -5.24 1.20 -20.23
CA ALA A 246 -6.06 0.02 -20.44
C ALA A 246 -5.62 -0.69 -21.71
N GLU A 247 -5.34 -1.98 -21.59
CA GLU A 247 -4.91 -2.80 -22.72
C GLU A 247 -6.16 -3.30 -23.45
N LEU A 248 -6.47 -2.68 -24.59
CA LEU A 248 -7.60 -3.07 -25.41
C LEU A 248 -7.07 -3.81 -26.63
N SER A 249 -7.63 -4.98 -26.91
CA SER A 249 -7.14 -5.79 -28.01
C SER A 249 -7.89 -5.39 -29.27
N HIS A 250 -7.14 -5.21 -30.36
CA HIS A 250 -7.66 -4.64 -31.59
C HIS A 250 -7.25 -5.53 -32.76
N ARG A 251 -8.24 -5.90 -33.58
CA ARG A 251 -8.02 -6.57 -34.85
C ARG A 251 -8.46 -5.64 -35.98
N MET A 252 -7.53 -5.32 -36.87
CA MET A 252 -7.82 -4.65 -38.13
C MET A 252 -7.33 -5.56 -39.25
N SER A 253 -7.88 -5.39 -40.44
CA SER A 253 -7.47 -6.23 -41.55
C SER A 253 -7.76 -5.55 -42.86
N ILE A 254 -6.79 -5.55 -43.78
CA ILE A 254 -7.04 -5.15 -45.15
C ILE A 254 -7.06 -6.44 -45.97
N LYS A 255 -8.19 -6.72 -46.60
CA LYS A 255 -8.36 -7.95 -47.36
C LYS A 255 -8.02 -7.71 -48.83
N ASN A 256 -7.27 -8.65 -49.41
CA ASN A 256 -6.91 -8.61 -50.83
C ASN A 256 -6.36 -7.24 -51.19
N ALA A 257 -5.27 -6.88 -50.52
CA ALA A 257 -4.76 -5.51 -50.56
C ALA A 257 -3.59 -5.40 -51.52
N THR A 258 -3.65 -4.40 -52.39
CA THR A 258 -2.49 -4.03 -53.17
C THR A 258 -1.47 -3.36 -52.27
N ASP A 259 -0.20 -3.32 -52.73
CA ASP A 259 0.82 -2.62 -51.98
C ASP A 259 0.47 -1.14 -51.84
N GLU A 260 -0.25 -0.58 -52.80
CA GLU A 260 -0.60 0.84 -52.75
C GLU A 260 -1.67 1.10 -51.68
N GLU A 261 -2.71 0.27 -51.65
CA GLU A 261 -3.74 0.44 -50.63
C GLU A 261 -3.18 0.22 -49.24
N ALA A 262 -2.36 -0.83 -49.07
CA ALA A 262 -1.75 -1.08 -47.78
C ALA A 262 -0.84 0.07 -47.38
N GLY A 263 -0.09 0.62 -48.33
CA GLY A 263 0.76 1.75 -48.02
C GLY A 263 -0.03 2.98 -47.63
N LEU A 264 -1.19 3.19 -48.27
CA LEU A 264 -2.06 4.28 -47.87
C LEU A 264 -2.56 4.07 -46.45
N PHE A 265 -2.93 2.84 -46.10
CA PHE A 265 -3.37 2.57 -44.74
C PHE A 265 -2.26 2.83 -43.74
N ILE A 266 -1.03 2.40 -44.04
CA ILE A 266 0.07 2.62 -43.11
C ILE A 266 0.37 4.11 -42.99
N SER A 267 0.24 4.87 -44.08
CA SER A 267 0.44 6.30 -43.99
C SER A 267 -0.66 6.96 -43.18
N ALA A 268 -1.88 6.45 -43.28
CA ALA A 268 -2.96 6.95 -42.44
C ALA A 268 -2.68 6.66 -40.97
N LEU A 269 -2.14 5.48 -40.67
CA LEU A 269 -1.75 5.16 -39.30
C LEU A 269 -0.64 6.08 -38.83
N ILE A 270 0.31 6.40 -39.71
CA ILE A 270 1.43 7.24 -39.33
C ILE A 270 0.95 8.65 -39.04
N ARG A 271 0.02 9.16 -39.85
CA ARG A 271 -0.50 10.50 -39.61
C ARG A 271 -1.42 10.53 -38.40
N PHE A 272 -2.16 9.45 -38.16
CA PHE A 272 -3.02 9.36 -36.99
C PHE A 272 -2.19 9.42 -35.71
N ALA A 273 -0.95 8.92 -35.75
CA ALA A 273 -0.12 8.97 -34.57
C ALA A 273 0.34 10.38 -34.24
N ALA A 274 0.21 11.32 -35.17
CA ALA A 274 0.44 12.72 -34.83
C ALA A 274 -0.57 13.20 -33.79
N GLU A 275 -1.83 12.83 -33.94
CA GLU A 275 -2.88 13.09 -32.97
C GLU A 275 -3.59 11.78 -32.70
N PRO A 276 -2.99 10.88 -31.92
CA PRO A 276 -3.61 9.56 -31.71
C PRO A 276 -4.83 9.63 -30.81
N ARG A 277 -5.89 10.29 -31.28
CA ARG A 277 -7.08 10.53 -30.47
C ARG A 277 -8.24 9.69 -31.00
N PHE A 278 -8.83 8.89 -30.12
CA PHE A 278 -10.03 8.13 -30.41
C PHE A 278 -11.18 8.63 -29.53
N GLY A 279 -12.35 8.78 -30.12
CA GLY A 279 -13.51 9.18 -29.36
C GLY A 279 -13.47 10.64 -28.95
N GLY A 280 -14.38 10.97 -28.03
CA GLY A 280 -14.67 12.33 -27.66
C GLY A 280 -14.09 12.75 -26.33
N HIS A 281 -14.68 13.80 -25.76
CA HIS A 281 -14.16 14.46 -24.56
C HIS A 281 -12.69 14.80 -24.71
N ALA A 282 -12.33 15.35 -25.87
CA ALA A 282 -10.97 15.81 -26.10
C ALA A 282 -10.61 17.01 -25.23
N ASN A 283 -11.59 17.63 -24.56
CA ASN A 283 -11.27 18.69 -23.61
C ASN A 283 -10.45 18.15 -22.46
N HIS A 284 -10.75 16.94 -22.00
CA HIS A 284 -9.97 16.26 -20.98
C HIS A 284 -8.88 15.38 -21.59
N ASN A 285 -8.44 15.68 -22.81
CA ASN A 285 -7.41 14.92 -23.50
C ASN A 285 -7.78 13.46 -23.69
N CYS A 286 -9.06 13.13 -23.56
CA CYS A 286 -9.49 11.75 -23.70
C CYS A 286 -9.24 11.26 -25.12
N GLY A 287 -8.85 10.00 -25.23
CA GLY A 287 -8.63 9.36 -26.51
C GLY A 287 -7.18 9.21 -26.91
N LEU A 288 -6.25 9.86 -26.19
CA LEU A 288 -4.84 9.67 -26.52
C LEU A 288 -4.47 8.21 -26.28
N VAL A 289 -4.00 7.55 -27.35
CA VAL A 289 -3.64 6.14 -27.30
C VAL A 289 -2.22 5.96 -27.83
N GLU A 290 -1.57 4.91 -27.36
CA GLU A 290 -0.40 4.35 -28.01
C GLU A 290 -0.70 2.90 -28.30
N ALA A 291 -0.42 2.44 -29.52
CA ALA A 291 -0.88 1.13 -29.94
C ALA A 291 0.18 0.43 -30.76
N HIS A 292 0.44 -0.83 -30.44
CA HIS A 292 1.34 -1.66 -31.22
C HIS A 292 0.51 -2.68 -31.99
N TRP A 293 0.76 -2.76 -33.29
CA TRP A 293 0.06 -3.68 -34.19
C TRP A 293 1.08 -4.61 -34.83
N THR A 294 0.91 -5.91 -34.58
CA THR A 294 1.66 -6.95 -35.28
C THR A 294 0.97 -7.21 -36.62
N VAL A 295 1.62 -6.80 -37.69
CA VAL A 295 1.13 -7.00 -39.06
C VAL A 295 1.52 -8.40 -39.50
N THR A 296 0.55 -9.30 -39.55
CA THR A 296 0.73 -10.63 -40.13
C THR A 296 0.01 -10.70 -41.46
N THR A 297 0.34 -11.72 -42.24
CA THR A 297 -0.32 -12.01 -43.51
C THR A 297 -0.51 -13.51 -43.60
N TRP A 298 -1.30 -13.95 -44.55
CA TRP A 298 -1.53 -15.38 -44.76
C TRP A 298 -0.53 -15.92 -45.75
N LYS A 299 0.11 -17.03 -45.41
CA LYS A 299 1.03 -17.68 -46.33
C LYS A 299 0.28 -18.03 -47.62
N PRO A 300 0.83 -17.73 -48.80
CA PRO A 300 0.16 -18.16 -50.03
C PRO A 300 -0.14 -19.65 -50.05
N GLY A 301 -1.42 -20.01 -50.06
CA GLY A 301 -1.84 -21.37 -50.29
C GLY A 301 -2.04 -22.21 -49.04
N GLU A 302 -1.78 -21.66 -47.85
CA GLU A 302 -1.99 -22.39 -46.60
C GLU A 302 -2.67 -21.49 -45.59
N LEU A 303 -3.20 -22.11 -44.54
CA LEU A 303 -3.84 -21.40 -43.43
C LEU A 303 -2.84 -21.16 -42.30
N VAL A 304 -1.76 -20.45 -42.62
CA VAL A 304 -0.73 -20.13 -41.62
C VAL A 304 -0.43 -18.64 -41.65
N PRO A 305 -0.30 -17.97 -40.50
CA PRO A 305 0.18 -16.58 -40.52
C PRO A 305 1.70 -16.49 -40.58
N VAL A 306 2.18 -15.58 -41.42
CA VAL A 306 3.57 -15.15 -41.44
C VAL A 306 3.62 -13.69 -41.02
N THR A 307 4.47 -13.38 -40.05
CA THR A 307 4.61 -12.02 -39.55
C THR A 307 5.46 -11.20 -40.51
N LEU A 308 4.92 -10.07 -40.96
CA LEU A 308 5.63 -9.17 -41.85
C LEU A 308 6.23 -7.97 -41.13
N GLY A 309 5.68 -7.59 -40.00
CA GLY A 309 6.28 -6.55 -39.19
C GLY A 309 5.32 -6.02 -38.15
N GLU A 310 5.78 -4.99 -37.45
CA GLU A 310 5.04 -4.39 -36.34
C GLU A 310 4.92 -2.89 -36.56
N ILE A 311 3.76 -2.34 -36.22
CA ILE A 311 3.53 -0.90 -36.27
C ILE A 311 3.32 -0.38 -34.85
N VAL A 312 4.39 0.11 -34.22
CA VAL A 312 4.36 0.55 -32.83
C VAL A 312 4.13 2.06 -32.82
N ILE A 313 2.90 2.48 -32.58
CA ILE A 313 2.57 3.90 -32.41
C ILE A 313 2.77 4.27 -30.95
N THR A 314 3.68 5.19 -30.68
CA THR A 314 3.94 5.67 -29.34
C THR A 314 4.07 7.19 -29.36
N PRO A 315 3.90 7.86 -28.23
CA PRO A 315 4.13 9.31 -28.19
C PRO A 315 5.55 9.68 -28.57
N ASN A 316 6.49 8.75 -28.43
CA ASN A 316 7.87 8.99 -28.82
C ASN A 316 8.07 8.86 -30.34
N GLY A 317 7.14 8.22 -31.03
CA GLY A 317 7.27 8.08 -32.47
C GLY A 317 6.54 6.85 -32.98
N VAL A 318 6.47 6.76 -34.30
CA VAL A 318 5.93 5.60 -34.99
C VAL A 318 7.11 4.73 -35.39
N GLU A 319 7.10 3.48 -34.94
CA GLU A 319 8.13 2.51 -35.23
C GLU A 319 7.51 1.48 -36.19
N ILE A 320 7.63 1.77 -37.48
CA ILE A 320 7.31 0.78 -38.50
C ILE A 320 8.46 -0.23 -38.54
N THR A 321 8.13 -1.50 -38.43
CA THR A 321 9.10 -2.59 -38.44
C THR A 321 8.73 -3.55 -39.56
N GLY A 322 9.75 -4.16 -40.16
CA GLY A 322 9.52 -5.07 -41.26
C GLY A 322 9.75 -4.41 -42.61
N ASP A 323 10.52 -5.09 -43.47
CA ASP A 323 10.86 -4.49 -44.75
C ASP A 323 9.67 -4.41 -45.69
N GLU A 324 8.71 -5.34 -45.54
CA GLU A 324 7.56 -5.32 -46.44
C GLU A 324 6.62 -4.16 -46.11
N LEU A 325 6.54 -3.76 -44.84
CA LEU A 325 5.74 -2.59 -44.51
C LEU A 325 6.34 -1.33 -45.12
N PHE A 326 7.67 -1.19 -45.05
CA PHE A 326 8.32 -0.06 -45.69
C PHE A 326 8.13 -0.10 -47.19
N ALA A 327 8.21 -1.30 -47.79
CA ALA A 327 7.96 -1.42 -49.21
C ALA A 327 6.55 -0.97 -49.58
N MET A 328 5.56 -1.35 -48.77
CA MET A 328 4.19 -0.92 -49.04
C MET A 328 4.07 0.60 -48.95
N VAL A 329 4.66 1.19 -47.91
CA VAL A 329 4.56 2.64 -47.74
C VAL A 329 5.23 3.35 -48.90
N LYS A 330 6.41 2.88 -49.32
CA LYS A 330 7.10 3.50 -50.43
C LYS A 330 6.31 3.33 -51.72
N ALA A 331 5.69 2.16 -51.92
CA ALA A 331 4.89 1.94 -53.11
C ALA A 331 3.72 2.91 -53.17
N PHE A 332 3.06 3.14 -52.03
CA PHE A 332 1.96 4.10 -52.03
C PHE A 332 2.47 5.52 -52.27
N ASN A 333 3.59 5.88 -51.65
CA ASN A 333 4.11 7.23 -51.81
C ASN A 333 4.52 7.51 -53.25
N GLU A 334 5.19 6.56 -53.90
CA GLU A 334 5.81 6.81 -55.19
C GLU A 334 4.85 6.73 -56.37
N ASN A 335 3.68 6.12 -56.20
CA ASN A 335 2.79 5.89 -57.33
C ASN A 335 2.12 7.20 -57.73
N GLN A 336 2.46 7.71 -58.90
CA GLN A 336 1.77 8.86 -59.49
C GLN A 336 0.68 8.39 -60.46
N SER A 337 -0.32 7.70 -59.92
CA SER A 337 -1.47 7.27 -60.70
C SER A 337 -2.81 7.55 -60.05
N PHE A 338 -2.84 8.00 -58.80
CA PHE A 338 -4.10 8.25 -58.11
C PHE A 338 -4.72 9.55 -58.59
N ASP A 339 -5.99 9.48 -58.98
CA ASP A 339 -6.80 10.66 -59.31
C ASP A 339 -8.00 10.66 -58.38
N PHE A 340 -7.84 11.31 -57.21
CA PHE A 340 -8.90 11.37 -56.21
C PHE A 340 -9.93 12.41 -56.64
N THR A 341 -10.69 12.05 -57.68
CA THR A 341 -11.66 12.93 -58.32
C THR A 341 -12.72 12.06 -58.97
N ALA A 342 -13.56 12.69 -59.78
CA ALA A 342 -14.65 12.00 -60.47
C ALA A 342 -14.10 10.97 -61.46
N MET B 1 0.11 25.93 -38.10
CA MET B 1 -0.58 25.25 -36.96
C MET B 1 0.16 23.97 -36.58
N ARG B 2 0.53 23.85 -35.31
CA ARG B 2 1.25 22.70 -34.79
C ARG B 2 0.43 22.01 -33.72
N THR B 3 0.63 20.70 -33.60
CA THR B 3 0.02 19.91 -32.53
C THR B 3 1.07 19.72 -31.44
N LEU B 4 0.86 20.35 -30.29
CA LEU B 4 1.82 20.32 -29.19
C LEU B 4 1.35 19.37 -28.11
N ASN B 5 2.20 18.42 -27.73
CA ASN B 5 1.94 17.51 -26.63
C ASN B 5 2.89 17.86 -25.48
N PHE B 6 2.33 18.32 -24.37
CA PHE B 6 3.08 18.54 -23.13
C PHE B 6 2.98 17.24 -22.34
N ASN B 7 4.06 16.46 -22.36
CA ASN B 7 4.16 15.23 -21.59
C ASN B 7 5.09 15.49 -20.41
N GLY B 8 4.65 15.18 -19.20
CA GLY B 8 5.46 15.58 -18.07
C GLY B 8 4.89 15.09 -16.76
N LYS B 9 5.51 15.56 -15.68
CA LYS B 9 5.16 15.11 -14.33
C LYS B 9 4.78 16.28 -13.44
N ILE B 10 3.77 16.06 -12.62
CA ILE B 10 3.36 16.96 -11.55
C ILE B 10 3.88 16.35 -10.26
N SER B 11 4.95 16.89 -9.72
CA SER B 11 5.38 16.57 -8.37
C SER B 11 4.57 17.38 -7.37
N THR B 12 4.28 16.78 -6.23
CA THR B 12 3.35 17.31 -5.25
C THR B 12 4.13 17.98 -4.12
N LEU B 13 3.91 19.27 -3.92
CA LEU B 13 4.53 20.00 -2.82
C LEU B 13 3.70 19.88 -1.55
N GLU B 14 2.38 20.00 -1.68
CA GLU B 14 1.44 19.74 -0.60
C GLU B 14 0.32 18.87 -1.15
N PRO B 15 -0.30 18.03 -0.32
CA PRO B 15 -1.20 16.99 -0.84
C PRO B 15 -2.20 17.51 -1.87
N LEU B 16 -2.39 16.72 -2.92
CA LEU B 16 -3.25 17.08 -4.05
C LEU B 16 -4.59 16.36 -3.89
N THR B 17 -5.64 17.10 -3.59
CA THR B 17 -6.96 16.52 -3.30
C THR B 17 -8.04 17.20 -4.14
N VAL B 18 -9.12 16.46 -4.36
CA VAL B 18 -10.29 16.98 -5.08
C VAL B 18 -11.53 16.19 -4.69
N THR B 19 -12.62 16.90 -4.43
CA THR B 19 -13.92 16.29 -4.16
C THR B 19 -14.76 16.34 -5.43
N VAL B 20 -14.94 15.19 -6.07
CA VAL B 20 -15.85 15.07 -7.20
C VAL B 20 -17.12 14.39 -6.72
N LYS B 21 -18.27 14.98 -7.06
CA LYS B 21 -19.54 14.45 -6.59
C LYS B 21 -19.72 12.97 -6.96
N ASN B 22 -19.19 12.56 -8.11
CA ASN B 22 -19.31 11.17 -8.54
C ASN B 22 -18.59 10.24 -7.57
N ALA B 23 -17.34 10.54 -7.23
CA ALA B 23 -16.52 9.59 -6.50
C ALA B 23 -16.96 9.46 -5.04
N VAL B 24 -17.21 10.59 -4.38
CA VAL B 24 -17.50 10.55 -2.96
C VAL B 24 -18.86 9.92 -2.70
N SER B 25 -19.01 9.32 -1.54
CA SER B 25 -20.24 8.67 -1.14
C SER B 25 -20.42 8.86 0.36
N THR B 26 -21.42 8.18 0.94
CA THR B 26 -21.61 8.26 2.38
C THR B 26 -20.51 7.53 3.15
N SER B 27 -19.78 6.63 2.50
CA SER B 27 -18.67 5.94 3.17
C SER B 27 -17.50 6.86 3.49
N GLY B 28 -17.47 8.06 2.91
CA GLY B 28 -16.41 9.02 3.19
C GLY B 28 -15.95 9.74 1.94
N HIS B 29 -14.92 10.56 2.07
CA HIS B 29 -14.34 11.26 0.92
C HIS B 29 -13.32 10.34 0.23
N ARG B 30 -13.50 10.16 -1.07
CA ARG B 30 -12.59 9.35 -1.88
C ARG B 30 -12.20 10.14 -3.13
N LEU B 31 -10.95 9.98 -3.55
CA LEU B 31 -10.50 10.62 -4.78
C LEU B 31 -11.19 9.97 -5.97
N PRO B 32 -11.34 10.69 -7.09
CA PRO B 32 -11.86 10.04 -8.30
C PRO B 32 -10.96 8.88 -8.71
N ARG B 33 -11.56 7.71 -8.88
CA ARG B 33 -10.80 6.48 -9.05
C ARG B 33 -10.68 6.09 -10.50
N ASN B 34 -9.54 5.48 -10.84
CA ASN B 34 -9.26 5.00 -12.19
C ASN B 34 -10.02 3.69 -12.42
N GLY B 35 -11.34 3.80 -12.45
CA GLY B 35 -12.19 2.68 -12.80
C GLY B 35 -12.22 1.55 -11.79
N GLY B 36 -12.74 1.82 -10.61
CA GLY B 36 -12.95 0.79 -9.60
C GLY B 36 -12.64 1.30 -8.21
N PHE B 37 -13.25 0.67 -7.21
CA PHE B 37 -12.99 1.04 -5.82
C PHE B 37 -11.53 0.78 -5.47
N ASN B 38 -11.01 -0.39 -5.82
CA ASN B 38 -9.61 -0.72 -5.58
C ASN B 38 -8.77 -0.40 -6.83
N ALA B 39 -8.73 0.89 -7.15
CA ALA B 39 -7.96 1.41 -8.27
C ALA B 39 -7.12 2.59 -7.78
N ALA B 40 -6.10 2.91 -8.56
CA ALA B 40 -5.29 4.08 -8.25
C ALA B 40 -6.12 5.35 -8.47
N PRO B 41 -6.32 6.20 -7.47
CA PRO B 41 -6.99 7.47 -7.74
C PRO B 41 -6.15 8.35 -8.64
N TYR B 42 -6.84 9.13 -9.47
CA TYR B 42 -6.23 10.09 -10.37
C TYR B 42 -6.77 11.48 -10.06
N PHE B 43 -5.95 12.49 -10.24
CA PHE B 43 -6.45 13.85 -10.15
C PHE B 43 -7.16 14.20 -11.45
N PRO B 44 -8.45 14.54 -11.42
CA PRO B 44 -9.20 14.67 -12.67
C PRO B 44 -8.64 15.73 -13.59
N GLY B 45 -8.68 15.45 -14.89
CA GLY B 45 -8.33 16.45 -15.88
C GLY B 45 -9.28 17.63 -15.90
N THR B 46 -10.47 17.48 -15.31
CA THR B 46 -11.43 18.58 -15.26
C THR B 46 -10.93 19.68 -14.35
N SER B 47 -10.44 19.33 -13.16
CA SER B 47 -9.95 20.34 -12.24
C SER B 47 -8.73 21.05 -12.79
N ILE B 48 -7.79 20.28 -13.37
CA ILE B 48 -6.60 20.92 -13.96
C ILE B 48 -7.01 21.82 -15.11
N ARG B 49 -7.94 21.36 -15.94
CA ARG B 49 -8.36 22.17 -17.08
C ARG B 49 -9.06 23.44 -16.64
N GLY B 50 -9.87 23.36 -15.59
CA GLY B 50 -10.52 24.55 -15.08
C GLY B 50 -9.54 25.53 -14.47
N THR B 51 -8.57 25.02 -13.71
CA THR B 51 -7.54 25.88 -13.15
C THR B 51 -6.76 26.59 -14.24
N LEU B 52 -6.37 25.85 -15.29
CA LEU B 52 -5.61 26.45 -16.37
C LEU B 52 -6.47 27.42 -17.18
N ARG B 53 -7.76 27.12 -17.35
CA ARG B 53 -8.64 28.04 -18.05
C ARG B 53 -8.83 29.34 -17.28
N HIS B 54 -8.95 29.26 -15.96
CA HIS B 54 -9.04 30.48 -15.16
C HIS B 54 -7.72 31.25 -15.18
N ALA B 55 -6.60 30.52 -15.20
CA ALA B 55 -5.30 31.19 -15.33
C ALA B 55 -5.20 31.92 -16.66
N ALA B 56 -5.69 31.30 -17.74
CA ALA B 56 -5.66 31.93 -19.04
C ALA B 56 -6.62 33.12 -19.10
N HIS B 57 -7.76 33.02 -18.41
CA HIS B 57 -8.69 34.14 -18.36
C HIS B 57 -8.05 35.32 -17.63
N LYS B 58 -7.34 35.06 -16.53
CA LYS B 58 -6.61 36.12 -15.86
C LYS B 58 -5.48 36.67 -16.71
N VAL B 59 -4.84 35.80 -17.50
CA VAL B 59 -3.80 36.25 -18.44
C VAL B 59 -4.40 37.23 -19.43
N ILE B 60 -5.58 36.91 -19.96
CA ILE B 60 -6.22 37.79 -20.94
C ILE B 60 -6.63 39.10 -20.29
N VAL B 61 -7.23 39.02 -19.09
CA VAL B 61 -7.64 40.23 -18.39
C VAL B 61 -6.44 41.14 -18.15
N ASP B 62 -5.31 40.56 -17.75
CA ASP B 62 -4.10 41.36 -17.57
C ASP B 62 -3.59 41.91 -18.89
N ARG B 63 -3.67 41.13 -19.96
CA ARG B 63 -3.05 41.51 -21.23
C ARG B 63 -3.82 42.64 -21.90
N VAL B 64 -5.15 42.60 -21.85
CA VAL B 64 -5.93 43.70 -22.42
C VAL B 64 -5.67 44.98 -21.64
N GLY B 65 -5.93 44.97 -20.33
CA GLY B 65 -5.54 46.05 -19.46
C GLY B 65 -6.56 46.33 -18.39
N LEU B 66 -6.11 46.45 -17.14
CA LEU B 66 -6.97 46.83 -16.03
C LEU B 66 -7.08 48.35 -16.02
N ASN B 67 -8.17 48.88 -16.58
CA ASN B 67 -8.39 50.32 -16.57
C ASN B 67 -9.19 50.70 -15.32
N ALA B 68 -9.63 51.96 -15.26
CA ALA B 68 -10.33 52.46 -14.09
C ALA B 68 -9.49 52.24 -12.83
N ASP B 69 -10.11 51.79 -11.73
CA ASP B 69 -9.39 51.44 -10.51
C ASP B 69 -9.15 49.93 -10.41
N GLY B 70 -9.00 49.25 -11.54
CA GLY B 70 -8.80 47.81 -11.58
C GLY B 70 -9.95 47.03 -12.18
N LYS B 71 -10.98 47.70 -12.68
CA LYS B 71 -12.09 47.02 -13.35
C LYS B 71 -11.67 46.68 -14.78
N SER B 72 -11.91 45.43 -15.18
CA SER B 72 -11.52 44.99 -16.51
C SER B 72 -12.59 45.36 -17.52
N PRO B 73 -12.22 45.76 -18.79
CA PRO B 73 -13.22 46.20 -19.76
C PRO B 73 -14.01 45.05 -20.41
N PHE B 74 -14.56 44.18 -19.57
CA PHE B 74 -15.29 43.00 -20.01
C PHE B 74 -16.55 42.85 -19.18
N ASP B 75 -17.65 42.49 -19.84
CA ASP B 75 -18.89 42.24 -19.13
C ASP B 75 -18.88 40.85 -18.51
N LEU B 76 -19.93 40.55 -17.75
CA LEU B 76 -19.99 39.27 -17.06
C LEU B 76 -20.17 38.11 -18.04
N ALA B 77 -20.89 38.35 -19.14
CA ALA B 77 -21.03 37.32 -20.16
C ALA B 77 -19.68 36.94 -20.73
N GLU B 78 -18.84 37.94 -21.01
CA GLU B 78 -17.51 37.66 -21.55
C GLU B 78 -16.66 36.88 -20.56
N HIS B 79 -16.67 37.28 -19.28
CA HIS B 79 -15.88 36.55 -18.30
C HIS B 79 -16.33 35.10 -18.19
N PHE B 80 -17.65 34.86 -18.25
CA PHE B 80 -18.13 33.49 -18.17
C PHE B 80 -17.76 32.70 -19.41
N MET B 81 -17.88 33.33 -20.58
CA MET B 81 -17.58 32.63 -21.82
C MET B 81 -16.09 32.31 -21.91
N LEU B 82 -15.23 33.19 -21.40
CA LEU B 82 -13.80 32.98 -21.47
C LEU B 82 -13.33 31.96 -20.44
N ALA B 83 -13.94 31.95 -19.24
CA ALA B 83 -13.43 31.12 -18.16
C ALA B 83 -14.18 29.80 -18.01
N GLN B 84 -15.44 29.73 -18.45
CA GLN B 84 -16.22 28.51 -18.32
C GLN B 84 -16.94 28.13 -19.61
N GLY B 85 -16.85 28.94 -20.66
CA GLY B 85 -17.45 28.59 -21.93
C GLY B 85 -18.96 28.63 -21.95
N VAL B 86 -19.58 29.22 -20.94
CA VAL B 86 -21.03 29.36 -20.88
C VAL B 86 -21.39 30.79 -21.26
N ASP B 87 -22.29 30.92 -22.23
CA ASP B 87 -22.80 32.24 -22.64
C ASP B 87 -24.13 32.47 -21.92
N ILE B 88 -24.13 33.38 -20.96
CA ILE B 88 -25.35 33.72 -20.25
C ILE B 88 -26.30 34.47 -21.18
N ASN B 89 -25.76 35.30 -22.07
CA ASN B 89 -26.60 36.06 -22.98
C ASN B 89 -27.31 35.16 -23.98
N GLY B 90 -26.66 34.09 -24.40
CA GLY B 90 -27.12 33.33 -25.54
C GLY B 90 -26.81 33.97 -26.88
N GLU B 91 -26.08 35.09 -26.88
CA GLU B 91 -25.71 35.78 -28.11
C GLU B 91 -24.46 35.20 -28.75
N ALA B 92 -23.71 34.37 -28.04
CA ALA B 92 -22.62 33.62 -28.64
C ALA B 92 -23.05 33.03 -29.97
N GLU B 93 -22.21 33.19 -30.99
CA GLU B 93 -22.61 32.79 -32.33
C GLU B 93 -22.59 31.28 -32.46
N THR B 94 -23.73 30.64 -32.25
CA THR B 94 -23.83 29.20 -32.38
C THR B 94 -23.58 28.79 -33.82
N PHE B 95 -22.60 27.92 -34.02
CA PHE B 95 -22.20 27.48 -35.35
C PHE B 95 -23.07 26.29 -35.73
N ALA B 96 -24.04 26.53 -36.62
CA ALA B 96 -24.92 25.46 -37.06
C ALA B 96 -24.10 24.34 -37.69
N PRO B 97 -24.44 23.07 -37.45
CA PRO B 97 -23.61 21.99 -37.99
C PRO B 97 -23.51 22.06 -39.51
N GLY B 98 -22.32 21.77 -40.01
CA GLY B 98 -22.03 21.89 -41.43
C GLY B 98 -21.39 23.20 -41.83
N GLU B 99 -21.09 24.08 -40.87
CA GLU B 99 -20.50 25.37 -41.18
C GLU B 99 -19.00 25.19 -41.41
N ILE B 100 -18.56 25.54 -42.62
CA ILE B 100 -17.16 25.34 -42.97
C ILE B 100 -16.29 26.32 -42.19
N ASN B 101 -15.17 25.83 -41.67
CA ASN B 101 -14.30 26.63 -40.80
C ASN B 101 -15.10 27.20 -39.63
N ALA B 102 -15.65 26.29 -38.83
CA ALA B 102 -16.57 26.66 -37.77
C ALA B 102 -15.81 27.44 -36.70
N GLY B 103 -16.09 28.74 -36.62
CA GLY B 103 -15.46 29.58 -35.63
C GLY B 103 -14.03 29.97 -35.95
N ALA B 104 -13.61 29.83 -37.21
CA ALA B 104 -12.23 30.19 -37.55
C ALA B 104 -11.97 31.66 -37.29
N GLU B 105 -12.94 32.53 -37.62
CA GLU B 105 -12.79 33.93 -37.30
C GLU B 105 -12.77 34.14 -35.78
N LEU B 106 -13.65 33.46 -35.06
CA LEU B 106 -13.65 33.56 -33.60
C LEU B 106 -12.36 33.00 -33.03
N ARG B 107 -11.87 31.90 -33.59
CA ARG B 107 -10.60 31.33 -33.13
C ARG B 107 -9.45 32.31 -33.35
N SER B 108 -9.44 32.99 -34.49
CA SER B 108 -8.38 33.94 -34.77
C SER B 108 -8.48 35.17 -33.88
N LYS B 109 -9.71 35.60 -33.54
CA LYS B 109 -9.90 36.79 -32.74
C LYS B 109 -9.94 36.51 -31.25
N ASN B 110 -10.26 35.28 -30.85
CA ASN B 110 -10.27 34.88 -29.44
C ASN B 110 -9.42 33.63 -29.29
N PRO B 111 -8.10 33.79 -29.13
CA PRO B 111 -7.24 32.61 -28.93
C PRO B 111 -7.63 31.79 -27.71
N LEU B 112 -8.16 32.43 -26.67
CA LEU B 112 -8.50 31.71 -25.44
C LEU B 112 -9.68 30.76 -25.68
N ILE B 113 -10.72 31.26 -26.35
CA ILE B 113 -11.88 30.42 -26.64
C ILE B 113 -11.48 29.28 -27.57
N SER B 114 -10.57 29.56 -28.50
CA SER B 114 -10.05 28.52 -29.37
C SER B 114 -9.33 27.45 -28.56
N LEU B 115 -8.53 27.88 -27.58
CA LEU B 115 -7.79 26.92 -26.77
C LEU B 115 -8.72 26.06 -25.93
N PHE B 116 -9.53 26.70 -25.08
CA PHE B 116 -10.35 25.99 -24.12
C PHE B 116 -11.78 25.77 -24.62
N GLY B 117 -12.08 26.11 -25.85
CA GLY B 117 -13.34 25.70 -26.44
C GLY B 117 -14.54 26.47 -25.92
N ARG B 118 -15.70 26.02 -26.38
CA ARG B 118 -16.99 26.60 -26.02
C ARG B 118 -18.07 25.60 -26.43
N TRP B 119 -19.33 26.00 -26.31
CA TRP B 119 -20.42 25.14 -26.75
C TRP B 119 -20.58 25.28 -28.27
N GLY B 120 -20.40 24.17 -28.98
CA GLY B 120 -20.42 24.17 -30.42
C GLY B 120 -19.08 24.48 -31.06
N LEU B 121 -18.06 24.81 -30.26
CA LEU B 121 -16.71 25.06 -30.76
C LEU B 121 -15.76 24.16 -30.00
N SER B 122 -15.01 23.33 -30.73
CA SER B 122 -14.11 22.39 -30.08
C SER B 122 -12.92 23.11 -29.49
N GLY B 123 -12.60 22.78 -28.23
CA GLY B 123 -11.42 23.34 -27.60
C GLY B 123 -10.16 22.64 -28.09
N LYS B 124 -9.21 23.42 -28.59
CA LYS B 124 -7.95 22.85 -29.03
C LYS B 124 -7.21 22.21 -27.86
N VAL B 125 -7.29 22.82 -26.68
CA VAL B 125 -6.62 22.31 -25.50
C VAL B 125 -7.38 21.10 -24.97
N GLY B 126 -6.66 20.01 -24.75
CA GLY B 126 -7.13 18.86 -24.00
C GLY B 126 -6.22 18.62 -22.82
N ILE B 127 -6.73 18.79 -21.61
CA ILE B 127 -5.94 18.65 -20.39
C ILE B 127 -6.25 17.28 -19.79
N GLY B 128 -5.29 16.36 -19.90
CA GLY B 128 -5.53 15.01 -19.44
C GLY B 128 -5.46 14.88 -17.93
N ASN B 129 -5.90 13.71 -17.45
CA ASN B 129 -5.85 13.43 -16.03
C ASN B 129 -4.41 13.21 -15.58
N ALA B 130 -4.16 13.50 -14.30
CA ALA B 130 -2.86 13.29 -13.68
C ALA B 130 -2.88 11.95 -12.96
N ILE B 131 -2.22 10.95 -13.54
CA ILE B 131 -2.23 9.59 -12.99
C ILE B 131 -1.00 9.45 -12.09
N PRO B 132 -1.14 8.95 -10.86
CA PRO B 132 0.03 8.85 -9.98
C PRO B 132 1.02 7.80 -10.48
N ASP B 133 2.26 7.96 -10.03
CA ASP B 133 3.35 7.06 -10.37
C ASP B 133 3.65 6.18 -9.16
N GLY B 134 3.35 4.89 -9.26
CA GLY B 134 3.67 3.95 -8.21
C GLY B 134 2.50 3.71 -7.27
N ASP B 135 2.52 2.54 -6.63
CA ASP B 135 1.49 2.19 -5.68
C ASP B 135 1.55 3.12 -4.48
N ASN B 136 0.46 3.14 -3.71
CA ASN B 136 0.29 4.14 -2.66
C ASN B 136 0.46 5.52 -3.30
N GLN B 137 1.08 6.46 -2.59
CA GLN B 137 1.12 7.88 -2.97
C GLN B 137 -0.23 8.56 -2.80
N TRP B 138 -1.20 7.91 -2.16
CA TRP B 138 -2.43 8.55 -1.73
C TRP B 138 -2.71 8.16 -0.29
N GLY B 139 -3.38 9.06 0.43
CA GLY B 139 -3.64 8.86 1.84
C GLY B 139 -4.77 9.74 2.31
N MET B 140 -5.26 9.44 3.52
CA MET B 140 -6.38 10.16 4.09
C MET B 140 -5.84 11.30 4.94
N PHE B 141 -5.60 12.44 4.28
CA PHE B 141 -5.07 13.63 4.94
C PHE B 141 -6.22 14.43 5.55
N GLY B 142 -5.92 15.63 6.03
CA GLY B 142 -6.89 16.42 6.75
C GLY B 142 -7.26 15.77 8.05
N GLY B 143 -8.56 15.49 8.21
CA GLY B 143 -8.98 14.81 9.41
C GLY B 143 -8.85 15.70 10.64
N GLY B 144 -8.53 15.07 11.76
CA GLY B 144 -8.48 15.79 13.03
C GLY B 144 -9.87 15.96 13.62
N ALA B 145 -10.03 17.00 14.42
CA ALA B 145 -11.28 17.19 15.14
C ALA B 145 -11.39 18.64 15.61
N ARG B 146 -12.59 19.20 15.45
CA ARG B 146 -12.90 20.47 16.10
C ARG B 146 -12.93 20.26 17.61
N SER B 147 -12.21 21.11 18.34
CA SER B 147 -12.27 21.15 19.79
C SER B 147 -12.70 22.54 20.23
N ILE B 148 -13.48 22.60 21.31
CA ILE B 148 -13.86 23.88 21.87
C ILE B 148 -12.59 24.64 22.25
N MET B 149 -12.45 25.85 21.74
CA MET B 149 -11.26 26.64 22.02
C MET B 149 -11.06 26.83 23.52
N PHE B 150 -12.15 27.04 24.26
CA PHE B 150 -12.07 27.37 25.67
C PHE B 150 -11.92 26.14 26.56
N GLN B 151 -12.19 24.94 26.05
CA GLN B 151 -11.88 23.72 26.77
C GLN B 151 -10.46 23.23 26.53
N ARG B 152 -9.74 23.84 25.58
CA ARG B 152 -8.38 23.44 25.28
C ARG B 152 -7.37 24.23 26.10
N ASP B 153 -7.46 25.56 26.06
CA ASP B 153 -6.68 26.44 26.91
C ASP B 153 -7.62 27.32 27.71
N GLU B 154 -7.35 27.45 29.01
CA GLU B 154 -8.24 28.22 29.88
C GLU B 154 -7.96 29.71 29.85
N SER B 155 -6.86 30.15 29.21
CA SER B 155 -6.55 31.58 29.24
C SER B 155 -7.58 32.39 28.47
N LEU B 156 -8.11 31.84 27.38
CA LEU B 156 -9.09 32.57 26.58
C LEU B 156 -10.35 32.87 27.37
N MET B 157 -10.57 32.16 28.48
CA MET B 157 -11.76 32.35 29.28
C MET B 157 -11.66 33.60 30.12
N GLU B 158 -10.45 34.12 30.32
CA GLU B 158 -10.32 35.44 30.93
C GLU B 158 -10.79 36.54 29.99
N PHE B 159 -10.99 36.24 28.71
CA PHE B 159 -11.50 37.21 27.75
C PHE B 159 -13.01 37.15 27.58
N LEU B 160 -13.71 36.31 28.34
CA LEU B 160 -15.16 36.12 28.21
C LEU B 160 -15.87 36.69 29.42
N GLU B 161 -16.90 37.50 29.18
CA GLU B 161 -17.71 38.01 30.27
C GLU B 161 -18.49 36.87 30.93
N THR B 162 -19.11 37.19 32.06
CA THR B 162 -19.92 36.21 32.78
C THR B 162 -21.05 35.66 31.92
N ASP B 163 -21.83 36.56 31.32
CA ASP B 163 -22.96 36.13 30.50
C ASP B 163 -22.49 35.22 29.37
N GLN B 164 -21.35 35.53 28.75
CA GLN B 164 -20.82 34.65 27.71
C GLN B 164 -20.37 33.32 28.29
N VAL B 165 -19.95 33.30 29.56
CA VAL B 165 -19.57 32.03 30.17
C VAL B 165 -20.80 31.16 30.38
N ASP B 166 -21.89 31.74 30.88
CA ASP B 166 -23.13 30.98 31.00
C ASP B 166 -23.66 30.58 29.64
N ARG B 167 -23.42 31.39 28.61
CA ARG B 167 -23.78 31.02 27.26
C ARG B 167 -23.01 29.79 26.82
N LEU B 168 -21.70 29.74 27.12
CA LEU B 168 -20.91 28.57 26.78
C LEU B 168 -21.39 27.35 27.54
N GLU B 169 -21.74 27.53 28.81
CA GLU B 169 -22.29 26.43 29.60
C GLU B 169 -23.55 25.86 28.93
N ARG B 170 -24.48 26.74 28.58
CA ARG B 170 -25.72 26.29 27.93
C ARG B 170 -25.41 25.65 26.58
N LEU B 171 -24.45 26.20 25.84
CA LEU B 171 -24.11 25.65 24.54
C LEU B 171 -23.56 24.24 24.68
N LEU B 172 -22.74 24.00 25.69
CA LEU B 172 -22.14 22.67 25.84
C LEU B 172 -23.15 21.66 26.36
N GLU B 173 -24.00 22.07 27.32
CA GLU B 173 -25.06 21.17 27.76
C GLU B 173 -25.99 20.82 26.61
N GLU B 174 -26.34 21.82 25.78
CA GLU B 174 -27.15 21.59 24.60
C GLU B 174 -26.45 20.63 23.64
N GLN B 175 -25.15 20.82 23.44
CA GLN B 175 -24.41 19.95 22.53
C GLN B 175 -24.42 18.52 23.04
N ALA B 176 -24.26 18.33 24.35
CA ALA B 176 -24.25 16.98 24.92
C ALA B 176 -25.62 16.32 24.78
N GLU B 177 -26.68 17.03 25.15
CA GLU B 177 -28.02 16.43 25.07
C GLU B 177 -28.40 16.14 23.62
N ALA B 178 -28.11 17.08 22.71
CA ALA B 178 -28.38 16.83 21.30
C ALA B 178 -27.54 15.67 20.79
N SER B 179 -26.28 15.57 21.23
CA SER B 179 -25.44 14.46 20.78
C SER B 179 -26.01 13.12 21.21
N VAL B 180 -26.44 13.00 22.46
CA VAL B 180 -27.00 11.73 22.90
C VAL B 180 -28.27 11.39 22.12
N ASP B 181 -29.17 12.37 21.96
CA ASP B 181 -30.42 12.10 21.27
C ASP B 181 -30.17 11.75 19.80
N ILE B 182 -29.35 12.55 19.12
CA ILE B 182 -29.03 12.31 17.72
C ILE B 182 -28.29 11.00 17.56
N SER B 183 -27.45 10.61 18.52
CA SER B 183 -26.73 9.37 18.41
C SER B 183 -27.65 8.17 18.58
N GLN B 184 -28.64 8.26 19.47
CA GLN B 184 -29.63 7.20 19.55
C GLN B 184 -30.42 7.10 18.25
N ILE B 185 -30.82 8.25 17.70
CA ILE B 185 -31.57 8.27 16.46
C ILE B 185 -30.74 7.68 15.33
N LYS B 186 -29.45 8.03 15.30
CA LYS B 186 -28.55 7.50 14.28
C LYS B 186 -28.29 6.02 14.46
N THR B 187 -28.28 5.52 15.70
CA THR B 187 -28.18 4.08 15.91
C THR B 187 -29.38 3.38 15.31
N GLU B 188 -30.58 3.93 15.52
CA GLU B 188 -31.75 3.38 14.85
C GLU B 188 -31.60 3.48 13.33
N GLN B 189 -31.08 4.60 12.84
CA GLN B 189 -30.95 4.82 11.41
C GLN B 189 -29.98 3.82 10.78
N ASP B 190 -28.87 3.54 11.44
CA ASP B 190 -27.89 2.61 10.90
C ASP B 190 -28.34 1.17 11.06
N ALA B 191 -29.13 0.85 12.09
CA ALA B 191 -29.78 -0.46 12.11
C ALA B 191 -30.72 -0.61 10.92
N LEU B 192 -31.45 0.45 10.60
CA LEU B 192 -32.31 0.43 9.42
C LEU B 192 -31.48 0.26 8.15
N LYS B 193 -30.35 0.94 8.07
CA LYS B 193 -29.48 0.83 6.90
C LYS B 193 -28.75 -0.51 6.86
N LYS B 194 -28.70 -1.21 8.00
CA LYS B 194 -28.29 -2.61 8.00
C LYS B 194 -29.39 -3.49 7.46
N ALA B 195 -30.65 -3.09 7.68
CA ALA B 195 -31.77 -3.83 7.11
C ALA B 195 -31.90 -3.63 5.60
N MET B 196 -31.18 -2.65 5.03
CA MET B 196 -31.07 -2.58 3.57
C MET B 196 -30.42 -3.84 3.02
N LYS B 197 -29.36 -4.32 3.68
CA LYS B 197 -28.59 -5.44 3.14
C LYS B 197 -29.48 -6.67 2.92
N SER B 198 -30.52 -6.84 3.73
CA SER B 198 -31.60 -7.76 3.40
C SER B 198 -32.48 -7.04 2.37
N ALA B 199 -31.98 -7.01 1.13
CA ALA B 199 -32.55 -6.16 0.09
C ALA B 199 -33.69 -6.88 -0.61
N ASP B 200 -34.87 -6.79 -0.01
CA ASP B 200 -36.12 -7.13 -0.69
C ASP B 200 -36.68 -5.86 -1.30
N LYS B 201 -36.81 -5.82 -2.62
CA LYS B 201 -37.15 -4.58 -3.32
C LYS B 201 -38.42 -3.96 -2.78
N ASP B 202 -39.41 -4.77 -2.41
CA ASP B 202 -40.66 -4.22 -1.90
C ASP B 202 -40.46 -3.50 -0.57
N THR B 203 -39.51 -3.97 0.24
CA THR B 203 -39.22 -3.31 1.51
C THR B 203 -38.39 -2.04 1.32
N LYS B 204 -37.52 -2.01 0.30
CA LYS B 204 -36.60 -0.89 0.12
C LYS B 204 -37.33 0.44 0.09
N ALA B 205 -38.49 0.52 -0.57
CA ALA B 205 -39.29 1.74 -0.53
C ALA B 205 -39.61 2.15 0.90
N GLU B 206 -40.15 1.21 1.69
CA GLU B 206 -40.52 1.53 3.07
C GLU B 206 -39.31 1.86 3.92
N LEU B 207 -38.13 1.41 3.51
CA LEU B 207 -36.93 1.68 4.28
C LEU B 207 -36.32 3.03 3.92
N GLN B 208 -36.34 3.38 2.63
CA GLN B 208 -35.92 4.72 2.22
C GLN B 208 -36.82 5.78 2.85
N ILE B 209 -38.13 5.54 2.87
CA ILE B 209 -39.01 6.49 3.56
C ILE B 209 -38.70 6.51 5.06
N LYS B 210 -38.57 5.33 5.69
CA LYS B 210 -38.38 5.26 7.13
C LYS B 210 -36.98 5.70 7.57
N VAL B 211 -36.07 5.95 6.62
CA VAL B 211 -34.76 6.50 6.94
C VAL B 211 -34.69 7.99 6.62
N ARG B 212 -35.34 8.44 5.53
CA ARG B 212 -35.36 9.87 5.25
C ARG B 212 -36.25 10.60 6.25
N GLU B 213 -37.24 9.91 6.82
CA GLU B 213 -38.03 10.51 7.88
C GLU B 213 -37.22 10.61 9.17
N LEU B 214 -36.37 9.61 9.44
CA LEU B 214 -35.53 9.67 10.62
C LEU B 214 -34.41 10.70 10.44
N ASP B 215 -34.02 10.98 9.20
CA ASP B 215 -33.07 12.05 8.97
C ASP B 215 -33.73 13.43 9.09
N GLU B 216 -35.02 13.51 8.77
CA GLU B 216 -35.74 14.75 9.07
C GLU B 216 -35.95 14.91 10.58
N LYS B 217 -36.13 13.80 11.29
CA LYS B 217 -36.14 13.87 12.75
C LYS B 217 -34.80 14.37 13.28
N ILE B 218 -33.70 13.91 12.69
CA ILE B 218 -32.38 14.42 13.07
C ILE B 218 -32.30 15.93 12.81
N GLN B 219 -32.77 16.36 11.64
CA GLN B 219 -32.71 17.78 11.31
C GLN B 219 -33.55 18.61 12.28
N ALA B 220 -34.73 18.11 12.64
CA ALA B 220 -35.59 18.84 13.57
C ALA B 220 -34.99 18.88 14.97
N ARG B 221 -34.35 17.78 15.38
CA ARG B 221 -33.68 17.77 16.68
C ARG B 221 -32.55 18.79 16.70
N LYS B 222 -31.79 18.89 15.60
CA LYS B 222 -30.77 19.92 15.53
C LYS B 222 -31.36 21.31 15.49
N ASP B 223 -32.55 21.47 14.88
CA ASP B 223 -33.14 22.79 14.70
C ASP B 223 -33.62 23.41 16.00
N GLN B 224 -33.88 22.61 17.03
CA GLN B 224 -34.34 23.13 18.31
C GLN B 224 -33.18 23.45 19.25
N LYS B 225 -31.94 23.32 18.79
CA LYS B 225 -30.77 23.68 19.58
C LYS B 225 -30.63 25.20 19.54
N GLN B 226 -30.99 25.86 20.63
CA GLN B 226 -31.03 27.33 20.63
C GLN B 226 -29.63 27.92 20.49
N GLU B 227 -28.64 27.35 21.17
CA GLU B 227 -27.32 27.96 21.21
C GLU B 227 -26.56 27.72 19.90
N SER B 228 -26.34 26.46 19.53
CA SER B 228 -25.63 26.10 18.32
C SER B 228 -26.45 25.11 17.53
N ARG B 229 -26.68 25.42 16.25
CA ARG B 229 -27.38 24.47 15.38
C ARG B 229 -26.58 23.20 15.19
N GLU B 230 -25.27 23.34 15.00
CA GLU B 230 -24.36 22.21 14.79
C GLU B 230 -23.48 22.03 16.02
N SER B 231 -23.10 20.79 16.28
CA SER B 231 -22.17 20.50 17.37
C SER B 231 -20.79 21.04 17.00
N ILE B 232 -20.25 21.91 17.86
CA ILE B 232 -19.01 22.59 17.52
C ILE B 232 -17.85 21.60 17.52
N ARG B 233 -17.79 20.74 18.54
CA ARG B 233 -16.73 19.74 18.65
C ARG B 233 -17.15 18.49 17.90
N ARG B 234 -16.39 18.14 16.86
CA ARG B 234 -16.75 16.99 16.03
C ARG B 234 -15.53 16.54 15.23
N PRO B 235 -15.30 15.24 15.08
CA PRO B 235 -14.17 14.80 14.24
C PRO B 235 -14.39 15.19 12.79
N ILE B 236 -13.33 15.68 12.16
CA ILE B 236 -13.38 16.01 10.74
C ILE B 236 -13.09 14.75 9.94
N ASP B 237 -13.98 14.41 9.02
CA ASP B 237 -13.75 13.27 8.14
C ASP B 237 -12.56 13.58 7.26
N PRO B 238 -11.52 12.75 7.21
CA PRO B 238 -10.36 13.07 6.38
C PRO B 238 -10.68 12.93 4.91
N TYR B 239 -9.90 13.63 4.09
CA TYR B 239 -10.05 13.62 2.64
C TYR B 239 -8.88 12.87 2.01
N GLU B 240 -9.17 12.16 0.92
CA GLU B 240 -8.14 11.41 0.23
C GLU B 240 -7.37 12.35 -0.69
N ALA B 241 -6.05 12.30 -0.61
CA ALA B 241 -5.19 13.19 -1.37
C ALA B 241 -3.92 12.45 -1.77
N PHE B 242 -3.31 12.91 -2.85
CA PHE B 242 -2.00 12.38 -3.24
C PHE B 242 -0.94 12.94 -2.32
N ILE B 243 -0.06 12.07 -1.81
CA ILE B 243 0.87 12.50 -0.77
C ILE B 243 1.85 13.52 -1.32
N THR B 244 2.50 14.23 -0.40
CA THR B 244 3.52 15.19 -0.78
C THR B 244 4.68 14.48 -1.47
N GLY B 245 5.13 15.07 -2.57
CA GLY B 245 6.15 14.46 -3.40
C GLY B 245 5.66 13.40 -4.35
N ALA B 246 4.34 13.19 -4.43
CA ALA B 246 3.81 12.21 -5.37
C ALA B 246 4.04 12.67 -6.80
N GLU B 247 4.42 11.73 -7.66
CA GLU B 247 4.68 11.98 -9.07
C GLU B 247 3.45 11.58 -9.87
N LEU B 248 2.78 12.56 -10.47
CA LEU B 248 1.57 12.33 -11.24
C LEU B 248 1.85 12.62 -12.71
N SER B 249 1.86 11.58 -13.53
CA SER B 249 2.11 11.76 -14.96
C SER B 249 0.95 12.50 -15.60
N HIS B 250 1.26 13.56 -16.33
CA HIS B 250 0.27 14.44 -16.93
C HIS B 250 0.56 14.59 -18.42
N ARG B 251 -0.51 14.53 -19.22
CA ARG B 251 -0.45 14.70 -20.66
C ARG B 251 -1.45 15.78 -21.06
N MET B 252 -0.97 16.81 -21.73
CA MET B 252 -1.79 17.90 -22.24
C MET B 252 -1.52 18.03 -23.73
N SER B 253 -2.55 18.35 -24.51
CA SER B 253 -2.40 18.46 -25.95
C SER B 253 -3.09 19.71 -26.45
N ILE B 254 -2.47 20.38 -27.42
CA ILE B 254 -3.11 21.45 -28.18
C ILE B 254 -3.12 21.00 -29.63
N LYS B 255 -4.30 20.74 -30.16
CA LYS B 255 -4.45 20.32 -31.55
C LYS B 255 -4.45 21.53 -32.47
N ASN B 256 -3.60 21.49 -33.50
CA ASN B 256 -3.53 22.55 -34.51
C ASN B 256 -3.36 23.92 -33.84
N ALA B 257 -2.37 24.00 -32.95
CA ALA B 257 -2.14 25.20 -32.17
C ALA B 257 -1.36 26.22 -32.99
N THR B 258 -1.95 27.40 -33.18
CA THR B 258 -1.20 28.51 -33.73
C THR B 258 -0.17 28.99 -32.70
N ASP B 259 0.84 29.72 -33.19
CA ASP B 259 1.82 30.28 -32.27
C ASP B 259 1.17 31.24 -31.28
N GLU B 260 0.09 31.89 -31.68
CA GLU B 260 -0.61 32.79 -30.78
C GLU B 260 -1.33 32.02 -29.69
N GLU B 261 -2.07 30.98 -30.07
CA GLU B 261 -2.79 30.16 -29.09
C GLU B 261 -1.81 29.45 -28.17
N ALA B 262 -0.73 28.90 -28.72
CA ALA B 262 0.23 28.21 -27.88
C ALA B 262 0.94 29.20 -26.96
N GLY B 263 1.20 30.42 -27.42
CA GLY B 263 1.75 31.43 -26.54
C GLY B 263 0.80 31.80 -25.42
N LEU B 264 -0.50 31.87 -25.72
CA LEU B 264 -1.48 32.12 -24.66
C LEU B 264 -1.46 30.99 -23.64
N PHE B 265 -1.35 29.75 -24.12
CA PHE B 265 -1.32 28.62 -23.20
C PHE B 265 -0.07 28.67 -22.32
N ILE B 266 1.07 28.99 -22.91
CA ILE B 266 2.30 29.06 -22.12
C ILE B 266 2.23 30.20 -21.12
N SER B 267 1.61 31.32 -21.51
CA SER B 267 1.42 32.39 -20.54
C SER B 267 0.46 31.99 -19.43
N ALA B 268 -0.54 31.17 -19.76
CA ALA B 268 -1.43 30.66 -18.72
C ALA B 268 -0.67 29.77 -17.75
N LEU B 269 0.22 28.92 -18.27
CA LEU B 269 1.06 28.11 -17.37
C LEU B 269 1.97 29.00 -16.53
N ILE B 270 2.44 30.10 -17.11
CA ILE B 270 3.31 31.01 -16.38
C ILE B 270 2.57 31.64 -15.21
N ARG B 271 1.35 32.11 -15.47
CA ARG B 271 0.58 32.75 -14.40
C ARG B 271 0.09 31.72 -13.39
N PHE B 272 -0.23 30.50 -13.85
CA PHE B 272 -0.56 29.44 -12.92
C PHE B 272 0.60 29.13 -11.98
N ALA B 273 1.83 29.23 -12.49
CA ALA B 273 2.99 28.95 -11.65
C ALA B 273 3.11 29.91 -10.48
N ALA B 274 2.51 31.09 -10.57
CA ALA B 274 2.50 32.00 -9.42
C ALA B 274 1.75 31.39 -8.25
N GLU B 275 0.60 30.77 -8.53
CA GLU B 275 -0.22 30.10 -7.53
C GLU B 275 -0.50 28.70 -8.05
N PRO B 276 0.49 27.81 -8.00
CA PRO B 276 0.36 26.48 -8.65
C PRO B 276 -0.52 25.54 -7.83
N ARG B 277 -1.79 25.90 -7.72
CA ARG B 277 -2.74 25.24 -6.84
C ARG B 277 -3.74 24.44 -7.67
N PHE B 278 -3.87 23.16 -7.34
CA PHE B 278 -4.81 22.27 -8.01
C PHE B 278 -5.68 21.61 -6.95
N GLY B 279 -7.00 21.71 -7.13
CA GLY B 279 -7.92 21.01 -6.26
C GLY B 279 -8.49 21.89 -5.17
N GLY B 280 -8.87 21.28 -4.06
CA GLY B 280 -9.39 22.03 -2.91
C GLY B 280 -8.57 21.87 -1.66
N HIS B 281 -9.25 21.94 -0.51
CA HIS B 281 -8.59 21.91 0.80
C HIS B 281 -7.39 22.85 0.84
N ALA B 282 -7.56 24.02 0.25
CA ALA B 282 -6.50 25.03 0.23
C ALA B 282 -6.30 25.67 1.60
N ASN B 283 -7.21 25.42 2.54
CA ASN B 283 -6.96 25.85 3.91
C ASN B 283 -5.78 25.10 4.50
N HIS B 284 -5.66 23.82 4.18
CA HIS B 284 -4.49 23.03 4.54
C HIS B 284 -3.39 23.11 3.48
N ASN B 285 -3.41 24.15 2.64
CA ASN B 285 -2.42 24.35 1.58
C ASN B 285 -2.38 23.21 0.58
N CYS B 286 -3.43 22.39 0.52
CA CYS B 286 -3.46 21.29 -0.43
C CYS B 286 -3.52 21.82 -1.85
N GLY B 287 -2.83 21.14 -2.76
CA GLY B 287 -2.86 21.46 -4.17
C GLY B 287 -1.60 22.11 -4.71
N LEU B 288 -0.71 22.58 -3.84
CA LEU B 288 0.53 23.19 -4.32
C LEU B 288 1.37 22.14 -5.02
N VAL B 289 1.67 22.39 -6.29
CA VAL B 289 2.41 21.44 -7.12
C VAL B 289 3.54 22.16 -7.83
N GLU B 290 4.60 21.41 -8.13
CA GLU B 290 5.63 21.82 -9.07
C GLU B 290 5.61 20.82 -10.22
N ALA B 291 5.50 21.32 -11.45
CA ALA B 291 5.29 20.46 -12.59
C ALA B 291 6.28 20.80 -13.70
N HIS B 292 6.81 19.77 -14.35
CA HIS B 292 7.69 19.94 -15.49
C HIS B 292 7.08 19.23 -16.69
N TRP B 293 6.99 19.96 -17.81
CA TRP B 293 6.41 19.47 -19.05
C TRP B 293 7.44 19.52 -20.16
N THR B 294 7.52 18.45 -20.94
CA THR B 294 8.30 18.40 -22.17
C THR B 294 7.33 18.62 -23.32
N VAL B 295 7.50 19.76 -24.01
CA VAL B 295 6.69 20.09 -25.18
C VAL B 295 7.28 19.41 -26.41
N THR B 296 6.51 18.52 -27.02
CA THR B 296 6.91 17.84 -28.25
C THR B 296 5.84 18.11 -29.31
N THR B 297 6.26 18.63 -30.46
CA THR B 297 5.37 18.84 -31.58
C THR B 297 5.55 17.69 -32.57
N TRP B 298 4.49 17.42 -33.33
CA TRP B 298 4.46 16.28 -34.25
C TRP B 298 3.89 16.75 -35.58
N LYS B 299 4.76 16.96 -36.55
CA LYS B 299 4.33 17.24 -37.91
C LYS B 299 3.64 16.00 -38.45
N PRO B 300 2.37 16.06 -38.86
CA PRO B 300 1.72 14.85 -39.39
C PRO B 300 2.45 14.33 -40.61
N GLY B 301 2.54 13.00 -40.70
CA GLY B 301 3.29 12.34 -41.73
C GLY B 301 4.76 12.10 -41.39
N GLU B 302 5.25 12.62 -40.27
CA GLU B 302 6.61 12.37 -39.80
C GLU B 302 6.57 11.29 -38.73
N LEU B 303 7.47 10.30 -38.86
CA LEU B 303 7.43 9.15 -37.97
C LEU B 303 7.81 9.50 -36.54
N VAL B 304 8.45 10.64 -36.30
CA VAL B 304 8.89 11.01 -34.96
C VAL B 304 8.50 12.46 -34.67
N PRO B 305 8.11 12.80 -33.45
CA PRO B 305 7.95 14.21 -33.09
C PRO B 305 9.26 14.84 -32.66
N VAL B 306 9.34 16.16 -32.86
CA VAL B 306 10.52 16.93 -32.48
C VAL B 306 10.20 17.69 -31.20
N THR B 307 11.20 17.84 -30.35
CA THR B 307 11.03 18.42 -29.02
C THR B 307 11.25 19.92 -29.09
N LEU B 308 10.19 20.69 -28.83
CA LEU B 308 10.28 22.14 -28.87
C LEU B 308 10.96 22.68 -27.61
N GLY B 309 10.70 22.06 -26.46
CA GLY B 309 11.41 22.42 -25.27
C GLY B 309 10.73 21.88 -24.03
N GLU B 310 11.11 22.44 -22.88
CA GLU B 310 10.68 21.97 -21.58
C GLU B 310 10.19 23.14 -20.74
N ILE B 311 9.01 22.98 -20.14
CA ILE B 311 8.44 23.95 -19.22
C ILE B 311 8.56 23.35 -17.82
N VAL B 312 9.35 23.98 -16.96
CA VAL B 312 9.50 23.56 -15.57
C VAL B 312 8.88 24.64 -14.69
N ILE B 313 7.84 24.27 -13.96
CA ILE B 313 7.24 25.14 -12.95
C ILE B 313 7.70 24.65 -11.59
N THR B 314 8.45 25.49 -10.88
CA THR B 314 8.99 25.14 -9.58
C THR B 314 8.81 26.33 -8.65
N PRO B 315 8.88 26.11 -7.34
CA PRO B 315 8.74 27.24 -6.40
C PRO B 315 9.81 28.29 -6.60
N ASN B 316 10.93 27.95 -7.23
CA ASN B 316 12.00 28.90 -7.49
C ASN B 316 11.86 29.60 -8.84
N GLY B 317 10.89 29.25 -9.64
CA GLY B 317 10.65 29.98 -10.88
C GLY B 317 10.09 29.09 -11.98
N VAL B 318 9.89 29.72 -13.13
CA VAL B 318 9.42 29.04 -14.33
C VAL B 318 10.57 29.04 -15.33
N GLU B 319 11.04 27.86 -15.68
CA GLU B 319 12.10 27.66 -16.67
C GLU B 319 11.46 27.16 -17.94
N ILE B 320 11.19 28.05 -18.88
CA ILE B 320 10.72 27.69 -20.21
C ILE B 320 11.94 27.66 -21.12
N THR B 321 12.50 26.48 -21.33
CA THR B 321 13.68 26.31 -22.17
C THR B 321 13.24 25.83 -23.54
N GLY B 322 13.64 26.55 -24.58
CA GLY B 322 13.31 26.18 -25.94
C GLY B 322 13.02 27.37 -26.82
N ASP B 323 13.62 27.39 -28.02
CA ASP B 323 13.45 28.53 -28.91
C ASP B 323 11.99 28.68 -29.32
N GLU B 324 11.30 27.56 -29.53
CA GLU B 324 9.93 27.64 -30.04
C GLU B 324 8.93 28.04 -28.97
N LEU B 325 9.19 27.70 -27.71
CA LEU B 325 8.30 28.15 -26.64
C LEU B 325 8.41 29.66 -26.46
N PHE B 326 9.63 30.18 -26.48
CA PHE B 326 9.80 31.63 -26.41
C PHE B 326 9.21 32.31 -27.63
N ALA B 327 9.38 31.72 -28.81
CA ALA B 327 8.74 32.26 -30.00
C ALA B 327 7.24 32.32 -29.83
N MET B 328 6.63 31.27 -29.28
CA MET B 328 5.18 31.27 -29.09
C MET B 328 4.76 32.34 -28.10
N VAL B 329 5.54 32.53 -27.04
CA VAL B 329 5.16 33.49 -26.01
C VAL B 329 5.29 34.90 -26.54
N LYS B 330 6.39 35.19 -27.23
CA LYS B 330 6.57 36.51 -27.83
C LYS B 330 5.49 36.78 -28.88
N ALA B 331 5.14 35.78 -29.69
CA ALA B 331 4.13 35.99 -30.71
C ALA B 331 2.78 36.28 -30.08
N PHE B 332 2.42 35.56 -29.01
CA PHE B 332 1.17 35.87 -28.32
C PHE B 332 1.21 37.26 -27.70
N ASN B 333 2.34 37.63 -27.10
CA ASN B 333 2.44 38.94 -26.45
C ASN B 333 2.49 40.08 -27.44
N GLU B 334 2.82 39.81 -28.71
CA GLU B 334 3.00 40.85 -29.72
C GLU B 334 1.84 40.94 -30.69
N ASN B 335 0.86 40.04 -30.61
CA ASN B 335 -0.28 40.05 -31.50
C ASN B 335 -1.38 40.91 -30.88
N GLN B 336 -1.71 42.02 -31.52
CA GLN B 336 -2.69 42.98 -31.02
C GLN B 336 -4.07 42.78 -31.62
N SER B 337 -4.29 41.70 -32.38
CA SER B 337 -5.51 41.51 -33.16
C SER B 337 -6.45 40.50 -32.52
N PHE B 338 -6.51 40.44 -31.19
CA PHE B 338 -7.42 39.56 -30.48
C PHE B 338 -8.60 40.36 -29.96
N ASP B 339 -9.81 39.95 -30.36
CA ASP B 339 -11.05 40.54 -29.87
C ASP B 339 -11.71 39.54 -28.92
N PHE B 340 -11.74 39.87 -27.64
CA PHE B 340 -12.34 39.02 -26.62
C PHE B 340 -13.74 39.48 -26.22
N THR B 341 -14.26 40.52 -26.85
CA THR B 341 -15.59 41.02 -26.53
C THR B 341 -16.65 40.18 -27.25
N ALA B 342 -17.91 40.52 -27.02
CA ALA B 342 -19.02 39.80 -27.64
C ALA B 342 -18.96 39.91 -29.16
N MET C 1 -2.37 43.12 -2.75
CA MET C 1 -3.02 41.78 -2.84
C MET C 1 -2.12 40.83 -3.63
N ARG C 2 -1.04 40.38 -2.97
CA ARG C 2 -0.04 39.54 -3.59
C ARG C 2 0.07 38.23 -2.83
N THR C 3 0.53 37.20 -3.53
CA THR C 3 0.67 35.88 -2.93
C THR C 3 1.98 35.78 -2.17
N LEU C 4 1.91 35.35 -0.90
CA LEU C 4 3.10 35.14 -0.07
C LEU C 4 3.26 33.65 0.21
N ASN C 5 4.43 33.10 -0.12
CA ASN C 5 4.76 31.71 0.19
C ASN C 5 5.83 31.69 1.27
N PHE C 6 5.46 31.16 2.44
CA PHE C 6 6.40 30.90 3.54
C PHE C 6 6.91 29.48 3.35
N ASN C 7 8.06 29.35 2.70
CA ASN C 7 8.73 28.07 2.56
C ASN C 7 9.86 27.98 3.56
N GLY C 8 9.91 26.93 4.36
CA GLY C 8 10.87 26.94 5.44
C GLY C 8 10.88 25.64 6.22
N LYS C 9 11.64 25.65 7.32
CA LYS C 9 11.87 24.46 8.11
C LYS C 9 11.48 24.67 9.57
N ILE C 10 10.83 23.66 10.14
CA ILE C 10 10.51 23.56 11.55
C ILE C 10 11.48 22.58 12.19
N SER C 11 12.30 23.04 13.13
CA SER C 11 13.17 22.17 13.90
C SER C 11 12.55 21.96 15.28
N THR C 12 12.48 20.71 15.72
CA THR C 12 11.72 20.37 16.92
C THR C 12 12.66 20.43 18.12
N LEU C 13 12.48 21.44 18.97
CA LEU C 13 13.27 21.52 20.20
C LEU C 13 12.84 20.44 21.19
N GLU C 14 11.58 20.04 21.15
CA GLU C 14 11.03 18.93 21.91
C GLU C 14 10.21 18.08 20.96
N PRO C 15 9.93 16.82 21.32
CA PRO C 15 9.21 15.96 20.39
C PRO C 15 7.87 16.56 19.99
N LEU C 16 7.50 16.37 18.73
CA LEU C 16 6.30 16.95 18.13
C LEU C 16 5.34 15.81 17.81
N THR C 17 4.20 15.78 18.51
CA THR C 17 3.26 14.69 18.43
C THR C 17 1.86 15.21 18.17
N VAL C 18 1.02 14.33 17.62
CA VAL C 18 -0.40 14.60 17.45
C VAL C 18 -1.12 13.27 17.35
N THR C 19 -2.35 13.23 17.87
CA THR C 19 -3.22 12.07 17.74
C THR C 19 -4.44 12.48 16.91
N VAL C 20 -4.39 12.21 15.62
CA VAL C 20 -5.52 12.49 14.72
C VAL C 20 -6.34 11.22 14.59
N LYS C 21 -7.66 11.36 14.71
CA LYS C 21 -8.51 10.22 15.02
C LYS C 21 -8.43 9.14 13.94
N ASN C 22 -8.42 9.53 12.67
CA ASN C 22 -8.36 8.53 11.61
C ASN C 22 -7.05 7.77 11.64
N ALA C 23 -5.93 8.48 11.80
CA ALA C 23 -4.62 7.82 11.81
C ALA C 23 -4.50 6.86 12.99
N VAL C 24 -4.96 7.27 14.17
CA VAL C 24 -4.79 6.44 15.35
C VAL C 24 -5.79 5.29 15.31
N SER C 25 -5.42 4.19 15.96
CA SER C 25 -6.19 2.95 15.88
C SER C 25 -6.02 2.21 17.20
N THR C 26 -6.42 0.93 17.21
CA THR C 26 -6.31 0.11 18.41
C THR C 26 -4.87 -0.03 18.88
N SER C 27 -3.89 0.19 18.00
CA SER C 27 -2.50 0.07 18.40
C SER C 27 -2.13 1.12 19.45
N GLY C 28 -2.49 2.37 19.19
CA GLY C 28 -2.20 3.45 20.11
C GLY C 28 -1.99 4.74 19.35
N HIS C 29 -1.43 5.73 20.05
CA HIS C 29 -1.18 7.03 19.45
C HIS C 29 -0.16 6.89 18.32
N ARG C 30 -0.56 7.30 17.13
CA ARG C 30 0.28 7.21 15.95
C ARG C 30 0.11 8.45 15.09
N LEU C 31 1.22 8.97 14.59
CA LEU C 31 1.16 10.13 13.71
C LEU C 31 0.47 9.75 12.39
N PRO C 32 -0.16 10.70 11.72
CA PRO C 32 -0.60 10.45 10.35
C PRO C 32 0.60 10.18 9.45
N ARG C 33 0.44 9.25 8.52
CA ARG C 33 1.58 8.55 7.92
C ARG C 33 1.96 9.07 6.54
N ASN C 34 1.24 10.03 5.98
CA ASN C 34 1.51 10.54 4.64
C ASN C 34 1.41 9.41 3.62
N GLY C 35 0.26 8.74 3.61
CA GLY C 35 0.02 7.68 2.64
C GLY C 35 -0.40 6.38 3.30
N GLY C 36 0.34 5.32 2.99
CA GLY C 36 0.06 4.00 3.50
C GLY C 36 0.56 3.83 4.93
N PHE C 37 0.55 2.57 5.37
CA PHE C 37 0.88 2.25 6.75
C PHE C 37 2.34 2.59 7.05
N ASN C 38 3.25 2.28 6.14
CA ASN C 38 4.68 2.42 6.38
C ASN C 38 5.25 3.72 5.83
N ALA C 39 4.42 4.61 5.32
CA ALA C 39 4.93 5.85 4.74
C ALA C 39 5.45 6.78 5.84
N ALA C 40 6.28 7.73 5.43
CA ALA C 40 6.92 8.64 6.38
C ALA C 40 5.87 9.54 7.03
N PRO C 41 5.79 9.58 8.36
CA PRO C 41 4.75 10.40 8.98
C PRO C 41 4.97 11.89 8.77
N TYR C 42 3.86 12.63 8.78
CA TYR C 42 3.88 14.08 8.68
C TYR C 42 3.09 14.68 9.84
N PHE C 43 3.48 15.88 10.23
CA PHE C 43 2.67 16.63 11.17
C PHE C 43 1.52 17.30 10.43
N PRO C 44 0.26 17.13 10.85
CA PRO C 44 -0.85 17.64 10.05
C PRO C 44 -0.78 19.15 9.88
N GLY C 45 -1.08 19.60 8.67
CA GLY C 45 -1.29 21.02 8.45
C GLY C 45 -2.50 21.56 9.15
N THR C 46 -3.42 20.67 9.54
CA THR C 46 -4.60 21.09 10.30
C THR C 46 -4.21 21.55 11.70
N SER C 47 -3.31 20.82 12.35
CA SER C 47 -2.87 21.21 13.69
C SER C 47 -2.09 22.51 13.65
N ILE C 48 -1.19 22.67 12.68
CA ILE C 48 -0.46 23.93 12.56
C ILE C 48 -1.42 25.07 12.27
N ARG C 49 -2.40 24.82 11.41
CA ARG C 49 -3.37 25.84 11.07
C ARG C 49 -4.19 26.24 12.30
N GLY C 50 -4.58 25.27 13.11
CA GLY C 50 -5.35 25.59 14.31
C GLY C 50 -4.53 26.37 15.33
N THR C 51 -3.27 25.97 15.53
CA THR C 51 -2.42 26.68 16.46
C THR C 51 -2.22 28.13 16.00
N LEU C 52 -1.95 28.33 14.71
CA LEU C 52 -1.74 29.67 14.22
C LEU C 52 -3.04 30.48 14.21
N ARG C 53 -4.17 29.84 13.95
CA ARG C 53 -5.44 30.53 14.00
C ARG C 53 -5.77 31.01 15.41
N HIS C 54 -5.48 30.17 16.42
CA HIS C 54 -5.73 30.60 17.79
C HIS C 54 -4.73 31.67 18.21
N ALA C 55 -3.49 31.59 17.71
CA ALA C 55 -2.54 32.66 17.97
C ALA C 55 -3.02 33.98 17.38
N ALA C 56 -3.54 33.93 16.15
CA ALA C 56 -4.06 35.14 15.53
C ALA C 56 -5.29 35.66 16.26
N HIS C 57 -6.14 34.75 16.73
CA HIS C 57 -7.30 35.16 17.50
C HIS C 57 -6.89 35.89 18.77
N LYS C 58 -5.88 35.37 19.47
CA LYS C 58 -5.39 36.07 20.66
C LYS C 58 -4.74 37.39 20.29
N VAL C 59 -4.05 37.44 19.15
CA VAL C 59 -3.46 38.70 18.68
C VAL C 59 -4.56 39.74 18.50
N ILE C 60 -5.67 39.34 17.88
CA ILE C 60 -6.76 40.28 17.63
C ILE C 60 -7.43 40.68 18.93
N VAL C 61 -7.55 39.73 19.87
CA VAL C 61 -8.15 40.04 21.17
C VAL C 61 -7.32 41.07 21.90
N ASP C 62 -6.00 40.92 21.86
CA ASP C 62 -5.13 41.92 22.46
C ASP C 62 -5.20 43.24 21.73
N ARG C 63 -5.25 43.20 20.39
CA ARG C 63 -5.24 44.44 19.61
C ARG C 63 -6.48 45.27 19.87
N VAL C 64 -7.66 44.64 19.88
CA VAL C 64 -8.86 45.35 20.32
C VAL C 64 -8.73 45.72 21.79
N GLY C 65 -8.10 44.88 22.58
CA GLY C 65 -7.87 45.14 23.98
C GLY C 65 -9.00 44.64 24.86
N LEU C 66 -8.79 44.77 26.17
CA LEU C 66 -9.70 44.27 27.18
C LEU C 66 -10.18 45.41 28.06
N ASN C 67 -11.33 45.19 28.70
CA ASN C 67 -11.86 46.14 29.66
C ASN C 67 -11.10 46.01 30.98
N ALA C 68 -11.53 46.76 31.99
CA ALA C 68 -10.75 46.87 33.22
C ALA C 68 -10.61 45.51 33.90
N ASP C 69 -11.71 44.77 34.03
CA ASP C 69 -11.63 43.43 34.62
C ASP C 69 -10.85 42.47 33.74
N GLY C 70 -10.74 42.75 32.44
CA GLY C 70 -9.97 41.94 31.53
C GLY C 70 -10.76 41.11 30.54
N LYS C 71 -12.07 41.32 30.44
CA LYS C 71 -12.85 40.65 29.41
C LYS C 71 -12.71 41.38 28.08
N SER C 72 -13.01 40.65 26.99
CA SER C 72 -12.86 41.20 25.65
C SER C 72 -14.23 41.63 25.11
N PRO C 73 -14.28 42.69 24.28
CA PRO C 73 -15.58 43.09 23.72
C PRO C 73 -16.23 42.04 22.84
N PHE C 74 -15.45 41.10 22.31
CA PHE C 74 -16.01 40.08 21.43
C PHE C 74 -17.00 39.19 22.18
N ASP C 75 -18.10 38.87 21.52
CA ASP C 75 -19.04 37.90 22.02
C ASP C 75 -18.48 36.49 21.84
N LEU C 76 -19.09 35.54 22.56
CA LEU C 76 -18.69 34.14 22.42
C LEU C 76 -18.78 33.70 20.97
N ALA C 77 -19.87 34.06 20.29
CA ALA C 77 -20.02 33.70 18.89
C ALA C 77 -18.93 34.34 18.05
N GLU C 78 -18.53 35.57 18.38
CA GLU C 78 -17.44 36.20 17.65
C GLU C 78 -16.13 35.46 17.85
N HIS C 79 -15.85 35.02 19.08
CA HIS C 79 -14.65 34.24 19.33
C HIS C 79 -14.65 32.94 18.52
N PHE C 80 -15.79 32.25 18.52
CA PHE C 80 -15.88 30.98 17.80
C PHE C 80 -15.72 31.21 16.31
N MET C 81 -16.33 32.26 15.77
CA MET C 81 -16.15 32.62 14.37
C MET C 81 -14.70 32.91 14.06
N LEU C 82 -14.03 33.68 14.92
CA LEU C 82 -12.66 34.10 14.63
C LEU C 82 -11.71 32.92 14.64
N ALA C 83 -11.76 32.08 15.67
CA ALA C 83 -10.73 31.07 15.85
C ALA C 83 -11.14 29.66 15.39
N GLN C 84 -12.40 29.46 15.00
CA GLN C 84 -12.82 28.18 14.43
C GLN C 84 -13.65 28.32 13.16
N GLY C 85 -14.13 29.52 12.84
CA GLY C 85 -14.97 29.70 11.66
C GLY C 85 -16.30 28.97 11.77
N VAL C 86 -16.92 28.99 12.94
CA VAL C 86 -18.22 28.39 13.17
C VAL C 86 -19.17 29.46 13.70
N ASP C 87 -20.30 29.63 13.03
CA ASP C 87 -21.38 30.48 13.53
C ASP C 87 -22.25 29.66 14.47
N ILE C 88 -22.10 29.90 15.78
CA ILE C 88 -23.00 29.27 16.74
C ILE C 88 -24.41 29.82 16.59
N ASN C 89 -24.53 31.11 16.27
CA ASN C 89 -25.84 31.70 16.01
C ASN C 89 -26.43 31.21 14.69
N GLY C 90 -25.64 30.54 13.85
CA GLY C 90 -26.16 29.94 12.64
C GLY C 90 -26.66 30.90 11.59
N GLU C 91 -25.98 32.04 11.44
CA GLU C 91 -26.32 33.02 10.41
C GLU C 91 -25.42 32.94 9.19
N ALA C 92 -24.55 31.93 9.12
CA ALA C 92 -23.63 31.76 7.99
C ALA C 92 -24.31 30.92 6.93
N GLU C 93 -24.81 31.57 5.89
CA GLU C 93 -25.44 30.88 4.76
C GLU C 93 -24.39 30.55 3.73
N THR C 94 -24.50 29.34 3.17
CA THR C 94 -23.40 28.79 2.37
C THR C 94 -23.22 29.56 1.06
N PHE C 95 -24.27 29.60 0.24
CA PHE C 95 -24.20 30.08 -1.14
C PHE C 95 -25.35 31.05 -1.41
N ALA C 96 -25.57 31.95 -0.48
CA ALA C 96 -26.63 32.94 -0.62
C ALA C 96 -26.23 33.96 -1.69
N PRO C 97 -27.07 34.24 -2.69
CA PRO C 97 -26.67 35.21 -3.72
C PRO C 97 -26.43 36.62 -3.21
N GLY C 98 -26.69 36.91 -1.93
CA GLY C 98 -26.46 38.24 -1.41
C GLY C 98 -25.09 38.44 -0.79
N GLU C 99 -24.29 37.39 -0.67
CA GLU C 99 -22.93 37.47 -0.19
C GLU C 99 -21.90 37.47 -1.31
N ILE C 100 -22.33 37.34 -2.57
CA ILE C 100 -21.42 37.33 -3.70
C ILE C 100 -20.37 38.44 -3.60
N ASN C 101 -20.80 39.66 -3.23
CA ASN C 101 -19.87 40.77 -3.02
C ASN C 101 -19.73 41.13 -1.55
N ALA C 102 -20.12 40.24 -0.64
CA ALA C 102 -19.77 40.37 0.76
C ALA C 102 -18.29 40.16 1.02
N GLY C 103 -17.54 39.67 0.04
CA GLY C 103 -16.16 39.32 0.28
C GLY C 103 -15.28 40.48 0.67
N ALA C 104 -15.07 41.45 -0.22
CA ALA C 104 -14.06 42.49 0.00
C ALA C 104 -14.31 43.25 1.30
N GLU C 105 -15.57 43.55 1.60
CA GLU C 105 -15.89 44.23 2.87
C GLU C 105 -15.48 43.37 4.05
N LEU C 106 -16.00 42.13 4.11
CA LEU C 106 -15.68 41.25 5.23
C LEU C 106 -14.19 40.99 5.34
N ARG C 107 -13.45 41.12 4.23
CA ARG C 107 -12.00 40.95 4.29
C ARG C 107 -11.35 42.16 4.92
N SER C 108 -11.59 43.34 4.35
CA SER C 108 -10.91 44.55 4.81
C SER C 108 -11.32 44.94 6.23
N LYS C 109 -12.51 44.54 6.69
CA LYS C 109 -12.89 44.81 8.07
C LYS C 109 -12.43 43.73 9.03
N ASN C 110 -12.26 42.50 8.55
CA ASN C 110 -11.89 41.35 9.38
C ASN C 110 -10.74 40.62 8.72
N PRO C 111 -9.51 41.13 8.86
CA PRO C 111 -8.36 40.43 8.25
C PRO C 111 -8.16 39.03 8.78
N LEU C 112 -8.59 38.75 10.02
CA LEU C 112 -8.42 37.42 10.58
C LEU C 112 -9.31 36.41 9.85
N ILE C 113 -10.60 36.75 9.69
CA ILE C 113 -11.52 35.85 9.01
C ILE C 113 -11.13 35.71 7.55
N SER C 114 -10.64 36.79 6.93
CA SER C 114 -10.14 36.68 5.57
C SER C 114 -8.97 35.70 5.51
N LEU C 115 -8.05 35.81 6.46
CA LEU C 115 -6.92 34.88 6.52
C LEU C 115 -7.42 33.45 6.73
N PHE C 116 -8.09 33.21 7.86
CA PHE C 116 -8.70 31.93 8.18
C PHE C 116 -10.19 32.02 7.89
N GLY C 117 -10.65 31.39 6.82
CA GLY C 117 -11.99 31.62 6.35
C GLY C 117 -13.04 31.03 7.29
N ARG C 118 -14.26 30.99 6.77
CA ARG C 118 -15.41 30.50 7.52
C ARG C 118 -16.24 29.62 6.59
N TRP C 119 -17.43 29.24 7.04
CA TRP C 119 -18.31 28.36 6.25
C TRP C 119 -18.99 29.23 5.21
N GLY C 120 -18.45 29.21 4.00
CA GLY C 120 -18.91 30.05 2.90
C GLY C 120 -17.86 31.02 2.40
N LEU C 121 -16.84 31.33 3.23
CA LEU C 121 -15.78 32.26 2.88
C LEU C 121 -14.46 31.50 2.81
N SER C 122 -13.82 31.55 1.64
CA SER C 122 -12.56 30.83 1.48
C SER C 122 -11.46 31.51 2.28
N GLY C 123 -10.72 30.72 3.05
CA GLY C 123 -9.61 31.26 3.81
C GLY C 123 -8.46 31.63 2.88
N LYS C 124 -7.94 32.84 3.04
CA LYS C 124 -6.82 33.27 2.20
C LYS C 124 -5.55 32.52 2.55
N VAL C 125 -5.42 32.04 3.79
CA VAL C 125 -4.24 31.34 4.24
C VAL C 125 -4.43 29.84 4.04
N GLY C 126 -3.43 29.20 3.45
CA GLY C 126 -3.30 27.76 3.38
C GLY C 126 -2.09 27.28 4.15
N ILE C 127 -2.31 26.55 5.24
CA ILE C 127 -1.23 26.11 6.13
C ILE C 127 -0.97 24.64 5.84
N GLY C 128 0.16 24.34 5.22
CA GLY C 128 0.43 23.00 4.75
C GLY C 128 1.03 22.10 5.82
N ASN C 129 1.21 20.84 5.43
CA ASN C 129 1.79 19.84 6.29
C ASN C 129 3.30 20.03 6.47
N ALA C 130 3.78 19.72 7.68
CA ALA C 130 5.20 19.71 7.99
C ALA C 130 5.74 18.32 7.71
N ILE C 131 6.58 18.21 6.68
CA ILE C 131 7.06 16.92 6.16
C ILE C 131 8.53 16.80 6.55
N PRO C 132 8.95 15.72 7.23
CA PRO C 132 10.35 15.63 7.64
C PRO C 132 11.30 15.56 6.46
N ASP C 133 12.48 16.12 6.64
CA ASP C 133 13.52 16.06 5.61
C ASP C 133 14.15 14.67 5.56
N GLY C 134 14.74 14.23 6.67
CA GLY C 134 15.40 12.95 6.73
C GLY C 134 14.44 11.81 7.05
N ASP C 135 15.01 10.61 7.09
CA ASP C 135 14.30 9.40 7.48
C ASP C 135 14.59 9.07 8.94
N ASN C 136 13.70 8.28 9.54
CA ASN C 136 13.83 7.88 10.94
C ASN C 136 13.92 9.09 11.86
N GLN C 137 13.18 10.15 11.51
CA GLN C 137 13.07 11.34 12.34
C GLN C 137 11.84 11.31 13.22
N TRP C 138 11.25 10.12 13.41
CA TRP C 138 10.12 9.92 14.31
C TRP C 138 10.41 8.72 15.20
N GLY C 139 9.66 8.63 16.28
CA GLY C 139 9.86 7.54 17.22
C GLY C 139 8.75 7.52 18.25
N MET C 140 8.75 6.45 19.03
CA MET C 140 7.75 6.25 20.08
C MET C 140 8.30 6.84 21.38
N PHE C 141 7.67 7.92 21.84
CA PHE C 141 8.06 8.64 23.05
C PHE C 141 7.00 8.47 24.12
N GLY C 142 7.28 9.04 25.29
CA GLY C 142 6.34 9.00 26.39
C GLY C 142 6.11 7.65 27.01
N GLY C 143 6.87 6.64 26.62
CA GLY C 143 6.72 5.34 27.24
C GLY C 143 7.00 5.41 28.72
N GLY C 144 6.03 5.01 29.53
CA GLY C 144 6.18 5.08 30.96
C GLY C 144 5.22 4.13 31.64
N ALA C 145 5.08 4.30 32.95
CA ALA C 145 4.18 3.45 33.72
C ALA C 145 3.82 4.16 35.01
N ARG C 146 2.53 4.43 35.20
CA ARG C 146 2.09 4.94 36.48
C ARG C 146 2.22 3.86 37.53
N SER C 147 2.83 4.22 38.67
CA SER C 147 3.07 3.30 39.76
C SER C 147 2.58 3.92 41.05
N ILE C 148 2.13 3.07 41.98
CA ILE C 148 1.61 3.54 43.25
C ILE C 148 2.67 4.42 43.92
N MET C 149 2.24 5.60 44.38
CA MET C 149 3.15 6.52 45.06
C MET C 149 3.75 5.85 46.31
N PHE C 150 2.92 5.17 47.10
CA PHE C 150 3.36 4.66 48.39
C PHE C 150 4.20 3.39 48.27
N GLN C 151 4.25 2.77 47.09
CA GLN C 151 5.15 1.65 46.87
C GLN C 151 6.50 2.10 46.34
N ARG C 152 6.52 3.14 45.50
CA ARG C 152 7.78 3.70 45.06
C ARG C 152 8.48 4.44 46.19
N ASP C 153 7.74 5.28 46.91
CA ASP C 153 8.24 6.00 48.08
C ASP C 153 7.48 5.52 49.31
N GLU C 154 8.22 5.07 50.31
CA GLU C 154 7.60 4.57 51.54
C GLU C 154 7.32 5.66 52.56
N SER C 155 7.88 6.86 52.39
CA SER C 155 7.67 7.92 53.36
C SER C 155 6.23 8.40 53.39
N LEU C 156 5.54 8.36 52.24
CA LEU C 156 4.20 8.92 52.18
C LEU C 156 3.22 8.14 53.04
N MET C 157 3.59 6.91 53.43
CA MET C 157 2.74 6.14 54.33
C MET C 157 2.62 6.83 55.68
N GLU C 158 3.71 7.45 56.13
CA GLU C 158 3.66 8.16 57.40
C GLU C 158 2.82 9.44 57.31
N PHE C 159 2.42 9.84 56.11
CA PHE C 159 1.53 10.99 55.95
C PHE C 159 0.06 10.61 55.96
N LEU C 160 -0.26 9.32 56.08
CA LEU C 160 -1.64 8.83 56.05
C LEU C 160 -2.04 8.28 57.40
N GLU C 161 -3.26 8.58 57.81
CA GLU C 161 -3.81 8.02 59.04
C GLU C 161 -4.01 6.50 58.87
N THR C 162 -4.33 5.86 59.99
CA THR C 162 -4.52 4.40 59.98
C THR C 162 -5.65 4.00 59.05
N ASP C 163 -6.78 4.72 59.11
CA ASP C 163 -7.91 4.38 58.25
C ASP C 163 -7.55 4.60 56.77
N GLN C 164 -6.75 5.62 56.48
CA GLN C 164 -6.34 5.84 55.10
C GLN C 164 -5.36 4.78 54.63
N VAL C 165 -4.52 4.27 55.52
CA VAL C 165 -3.65 3.16 55.15
C VAL C 165 -4.47 1.90 54.91
N ASP C 166 -5.53 1.69 55.70
CA ASP C 166 -6.41 0.56 55.44
C ASP C 166 -7.16 0.74 54.13
N ARG C 167 -7.46 1.98 53.76
CA ARG C 167 -8.10 2.23 52.48
C ARG C 167 -7.15 1.92 51.33
N LEU C 168 -5.88 2.34 51.45
CA LEU C 168 -4.88 1.96 50.46
C LEU C 168 -4.74 0.45 50.37
N GLU C 169 -4.81 -0.24 51.51
CA GLU C 169 -4.76 -1.70 51.51
C GLU C 169 -5.92 -2.29 50.71
N ARG C 170 -7.14 -1.81 50.99
CA ARG C 170 -8.31 -2.30 50.29
C ARG C 170 -8.22 -1.99 48.81
N LEU C 171 -7.68 -0.82 48.47
CA LEU C 171 -7.57 -0.43 47.06
C LEU C 171 -6.56 -1.31 46.33
N LEU C 172 -5.48 -1.71 47.03
CA LEU C 172 -4.48 -2.55 46.39
C LEU C 172 -5.01 -3.96 46.20
N GLU C 173 -5.66 -4.53 47.23
CA GLU C 173 -6.28 -5.84 47.07
C GLU C 173 -7.34 -5.81 45.98
N GLU C 174 -8.11 -4.72 45.92
CA GLU C 174 -9.13 -4.57 44.89
C GLU C 174 -8.50 -4.54 43.50
N GLN C 175 -7.42 -3.79 43.34
CA GLN C 175 -6.75 -3.75 42.05
C GLN C 175 -6.24 -5.13 41.69
N ALA C 176 -5.69 -5.86 42.67
CA ALA C 176 -5.11 -7.16 42.38
C ALA C 176 -6.17 -8.17 41.90
N GLU C 177 -7.21 -8.39 42.71
CA GLU C 177 -8.17 -9.43 42.32
C GLU C 177 -8.97 -8.99 41.11
N ALA C 178 -9.39 -7.71 41.05
CA ALA C 178 -10.11 -7.25 39.88
C ALA C 178 -9.26 -7.34 38.63
N SER C 179 -7.94 -7.13 38.75
CA SER C 179 -7.09 -7.19 37.57
C SER C 179 -6.87 -8.61 37.11
N VAL C 180 -6.77 -9.57 38.03
CA VAL C 180 -6.64 -10.96 37.57
C VAL C 180 -7.94 -11.42 36.92
N ASP C 181 -9.08 -10.99 37.45
CA ASP C 181 -10.36 -11.30 36.79
C ASP C 181 -10.42 -10.66 35.41
N ILE C 182 -9.98 -9.40 35.29
CA ILE C 182 -10.02 -8.69 34.03
C ILE C 182 -9.06 -9.34 33.04
N SER C 183 -7.91 -9.82 33.53
CA SER C 183 -6.96 -10.50 32.67
C SER C 183 -7.51 -11.82 32.17
N GLN C 184 -8.21 -12.57 33.02
CA GLN C 184 -8.80 -13.82 32.57
C GLN C 184 -9.84 -13.59 31.48
N ILE C 185 -10.74 -12.62 31.70
CA ILE C 185 -11.75 -12.37 30.67
C ILE C 185 -11.10 -11.72 29.44
N LYS C 186 -9.98 -11.04 29.61
CA LYS C 186 -9.29 -10.43 28.49
C LYS C 186 -8.62 -11.49 27.62
N THR C 187 -7.94 -12.46 28.25
CA THR C 187 -7.34 -13.52 27.45
C THR C 187 -8.41 -14.39 26.80
N GLU C 188 -9.60 -14.49 27.40
CA GLU C 188 -10.69 -15.16 26.70
C GLU C 188 -11.18 -14.33 25.52
N GLN C 189 -11.20 -13.00 25.69
CA GLN C 189 -11.73 -12.14 24.65
C GLN C 189 -10.78 -12.07 23.47
N ASP C 190 -9.47 -12.07 23.73
CA ASP C 190 -8.52 -12.11 22.62
C ASP C 190 -8.32 -13.52 22.08
N ALA C 191 -8.63 -14.56 22.85
CA ALA C 191 -8.67 -15.90 22.28
C ALA C 191 -9.76 -15.98 21.22
N LEU C 192 -10.91 -15.37 21.48
CA LEU C 192 -11.96 -15.43 20.45
C LEU C 192 -11.88 -14.27 19.47
N LYS C 193 -11.03 -13.27 19.76
CA LYS C 193 -10.63 -12.32 18.72
C LYS C 193 -9.73 -12.99 17.70
N LYS C 194 -8.86 -13.91 18.16
CA LYS C 194 -8.10 -14.73 17.23
C LYS C 194 -9.01 -15.77 16.57
N ALA C 195 -10.09 -16.18 17.24
CA ALA C 195 -10.95 -17.21 16.67
C ALA C 195 -11.87 -16.67 15.56
N MET C 196 -12.36 -15.44 15.68
CA MET C 196 -13.21 -14.91 14.60
C MET C 196 -12.47 -14.83 13.28
N LYS C 197 -11.14 -14.67 13.32
CA LYS C 197 -10.36 -14.43 12.10
C LYS C 197 -10.75 -15.41 10.98
N SER C 198 -10.72 -16.71 11.28
CA SER C 198 -11.18 -17.72 10.33
C SER C 198 -12.62 -18.07 10.68
N ALA C 199 -13.53 -17.17 10.31
CA ALA C 199 -14.95 -17.34 10.60
C ALA C 199 -15.78 -16.82 9.43
N ASP C 200 -16.86 -17.54 9.11
CA ASP C 200 -17.82 -17.06 8.13
C ASP C 200 -18.52 -15.81 8.67
N LYS C 201 -19.23 -15.12 7.79
CA LYS C 201 -19.76 -13.81 8.15
C LYS C 201 -20.78 -13.90 9.28
N ASP C 202 -21.69 -14.88 9.21
CA ASP C 202 -22.64 -15.06 10.31
C ASP C 202 -21.90 -15.30 11.63
N THR C 203 -21.01 -16.29 11.67
CA THR C 203 -20.24 -16.54 12.89
C THR C 203 -19.27 -15.40 13.18
N LYS C 204 -18.82 -14.67 12.14
CA LYS C 204 -18.04 -13.46 12.37
C LYS C 204 -18.82 -12.49 13.25
N ALA C 205 -20.04 -12.13 12.85
CA ALA C 205 -20.83 -11.19 13.64
C ALA C 205 -21.23 -11.79 14.98
N GLU C 206 -21.37 -13.12 15.05
CA GLU C 206 -21.67 -13.75 16.33
C GLU C 206 -20.50 -13.61 17.29
N LEU C 207 -19.27 -13.77 16.78
CA LEU C 207 -18.10 -13.59 17.63
C LEU C 207 -17.86 -12.12 17.95
N GLN C 208 -18.32 -11.22 17.09
CA GLN C 208 -18.21 -9.80 17.42
C GLN C 208 -19.22 -9.41 18.49
N ILE C 209 -20.37 -10.08 18.52
CA ILE C 209 -21.31 -9.89 19.62
C ILE C 209 -20.73 -10.48 20.90
N LYS C 210 -20.05 -11.63 20.79
CA LYS C 210 -19.38 -12.20 21.95
C LYS C 210 -18.30 -11.26 22.47
N VAL C 211 -17.60 -10.58 21.56
CA VAL C 211 -16.56 -9.63 21.98
C VAL C 211 -17.20 -8.43 22.66
N ARG C 212 -18.32 -7.93 22.13
CA ARG C 212 -18.92 -6.76 22.75
C ARG C 212 -19.55 -7.10 24.10
N GLU C 213 -20.00 -8.33 24.30
CA GLU C 213 -20.54 -8.69 25.61
C GLU C 213 -19.42 -9.01 26.59
N LEU C 214 -18.26 -9.48 26.12
CA LEU C 214 -17.12 -9.57 27.02
C LEU C 214 -16.54 -8.20 27.34
N ASP C 215 -16.77 -7.22 26.47
CA ASP C 215 -16.39 -5.85 26.78
C ASP C 215 -17.32 -5.25 27.83
N GLU C 216 -18.63 -5.48 27.68
CA GLU C 216 -19.54 -5.05 28.74
C GLU C 216 -19.27 -5.80 30.04
N LYS C 217 -18.78 -7.04 29.96
CA LYS C 217 -18.36 -7.75 31.17
C LYS C 217 -17.11 -7.11 31.79
N ILE C 218 -16.19 -6.63 30.95
CA ILE C 218 -15.05 -5.87 31.45
C ILE C 218 -15.54 -4.65 32.22
N GLN C 219 -16.47 -3.91 31.61
CA GLN C 219 -17.00 -2.71 32.25
C GLN C 219 -17.69 -3.05 33.57
N ALA C 220 -18.51 -4.10 33.57
CA ALA C 220 -19.20 -4.48 34.80
C ALA C 220 -18.22 -4.87 35.90
N ARG C 221 -17.16 -5.61 35.55
CA ARG C 221 -16.16 -5.96 36.54
C ARG C 221 -15.46 -4.72 37.08
N LYS C 222 -15.25 -3.72 36.22
CA LYS C 222 -14.67 -2.47 36.67
C LYS C 222 -15.61 -1.76 37.64
N ASP C 223 -16.90 -1.71 37.30
CA ASP C 223 -17.90 -1.10 38.18
C ASP C 223 -17.81 -1.65 39.60
N GLN C 224 -17.71 -2.97 39.73
CA GLN C 224 -17.71 -3.60 41.05
C GLN C 224 -16.57 -3.10 41.93
N LYS C 225 -15.51 -2.56 41.34
CA LYS C 225 -14.41 -2.00 42.13
C LYS C 225 -14.90 -0.73 42.80
N GLN C 226 -15.16 -0.81 44.10
CA GLN C 226 -15.70 0.34 44.82
C GLN C 226 -14.61 1.35 45.20
N GLU C 227 -13.43 0.87 45.58
CA GLU C 227 -12.34 1.77 45.93
C GLU C 227 -12.01 2.72 44.79
N SER C 228 -11.73 2.15 43.61
CA SER C 228 -11.43 2.93 42.42
C SER C 228 -12.06 2.28 41.20
N ARG C 229 -12.63 3.11 40.32
CA ARG C 229 -13.20 2.59 39.08
C ARG C 229 -12.12 2.22 38.08
N GLU C 230 -10.90 2.70 38.27
CA GLU C 230 -9.79 2.42 37.37
C GLU C 230 -8.58 1.96 38.17
N SER C 231 -7.71 1.20 37.52
CA SER C 231 -6.47 0.79 38.16
C SER C 231 -5.52 1.98 38.27
N ILE C 232 -4.62 1.88 39.25
CA ILE C 232 -3.74 3.01 39.58
C ILE C 232 -2.35 2.74 39.05
N ARG C 233 -1.95 1.48 39.04
CA ARG C 233 -0.70 1.05 38.42
C ARG C 233 -0.98 0.58 37.00
N ARG C 234 -0.33 1.19 36.02
CA ARG C 234 -0.58 0.75 34.65
C ARG C 234 0.52 1.23 33.71
N PRO C 235 0.94 0.44 32.72
CA PRO C 235 1.89 0.95 31.73
C PRO C 235 1.21 1.90 30.75
N ILE C 236 1.76 3.10 30.63
CA ILE C 236 1.23 4.10 29.71
C ILE C 236 1.70 3.76 28.30
N ASP C 237 0.75 3.68 27.38
CA ASP C 237 1.10 3.42 25.99
C ASP C 237 1.88 4.60 25.43
N PRO C 238 3.03 4.40 24.80
CA PRO C 238 3.74 5.53 24.20
C PRO C 238 3.03 6.08 22.98
N TYR C 239 3.36 7.32 22.65
CA TYR C 239 2.80 8.02 21.50
C TYR C 239 3.89 8.26 20.47
N GLU C 240 3.51 8.31 19.20
CA GLU C 240 4.45 8.52 18.12
C GLU C 240 4.65 10.02 17.89
N ALA C 241 5.92 10.45 17.86
CA ALA C 241 6.23 11.86 17.73
C ALA C 241 7.52 12.02 16.93
N PHE C 242 7.65 13.18 16.30
CA PHE C 242 8.88 13.53 15.61
C PHE C 242 10.00 13.79 16.63
N ILE C 243 11.22 13.38 16.28
CA ILE C 243 12.31 13.43 17.24
C ILE C 243 12.70 14.88 17.51
N THR C 244 13.46 15.08 18.58
CA THR C 244 14.02 16.39 18.86
C THR C 244 15.09 16.71 17.82
N GLY C 245 15.00 17.90 17.24
CA GLY C 245 15.89 18.31 16.17
C GLY C 245 15.46 17.86 14.79
N ALA C 246 14.31 17.21 14.67
CA ALA C 246 13.81 16.81 13.35
C ALA C 246 13.49 18.04 12.52
N GLU C 247 13.92 18.03 11.27
CA GLU C 247 13.69 19.13 10.34
C GLU C 247 12.49 18.79 9.47
N LEU C 248 11.44 19.58 9.58
CA LEU C 248 10.20 19.38 8.84
C LEU C 248 10.02 20.51 7.85
N SER C 249 10.01 20.18 6.56
CA SER C 249 9.74 21.19 5.55
C SER C 249 8.29 21.62 5.65
N HIS C 250 8.06 22.93 5.63
CA HIS C 250 6.73 23.50 5.77
C HIS C 250 6.50 24.54 4.68
N ARG C 251 5.26 24.55 4.19
CA ARG C 251 4.83 25.44 3.11
C ARG C 251 3.51 26.07 3.50
N MET C 252 3.52 27.38 3.71
CA MET C 252 2.31 28.15 4.00
C MET C 252 2.13 29.20 2.92
N SER C 253 0.88 29.47 2.55
CA SER C 253 0.58 30.39 1.47
C SER C 253 -0.51 31.35 1.91
N ILE C 254 -0.36 32.61 1.55
CA ILE C 254 -1.43 33.59 1.65
C ILE C 254 -1.71 34.03 0.23
N LYS C 255 -2.82 33.54 -0.33
CA LYS C 255 -3.22 33.90 -1.67
C LYS C 255 -3.79 35.31 -1.70
N ASN C 256 -3.28 36.15 -2.59
CA ASN C 256 -3.76 37.51 -2.76
C ASN C 256 -3.73 38.26 -1.44
N ALA C 257 -2.56 38.24 -0.80
CA ALA C 257 -2.42 38.81 0.53
C ALA C 257 -2.30 40.32 0.44
N THR C 258 -3.25 41.03 1.04
CA THR C 258 -3.10 42.46 1.24
C THR C 258 -2.11 42.72 2.38
N ASP C 259 -1.71 43.99 2.52
CA ASP C 259 -0.73 44.33 3.54
C ASP C 259 -1.23 44.02 4.94
N GLU C 260 -2.49 44.35 5.24
CA GLU C 260 -2.98 44.18 6.60
C GLU C 260 -3.15 42.70 6.96
N GLU C 261 -3.63 41.88 6.01
CA GLU C 261 -3.80 40.47 6.29
C GLU C 261 -2.46 39.79 6.51
N ALA C 262 -1.47 40.11 5.69
CA ALA C 262 -0.15 39.55 5.88
C ALA C 262 0.47 40.02 7.19
N GLY C 263 0.25 41.29 7.55
CA GLY C 263 0.73 41.77 8.83
C GLY C 263 0.09 41.05 9.99
N LEU C 264 -1.21 40.77 9.89
CA LEU C 264 -1.88 39.98 10.93
C LEU C 264 -1.29 38.59 11.00
N PHE C 265 -0.97 37.99 9.85
CA PHE C 265 -0.35 36.67 9.86
C PHE C 265 1.00 36.71 10.55
N ILE C 266 1.80 37.73 10.27
CA ILE C 266 3.12 37.81 10.88
C ILE C 266 2.98 38.06 12.39
N SER C 267 1.99 38.84 12.80
CA SER C 267 1.75 39.02 14.22
C SER C 267 1.32 37.72 14.88
N ALA C 268 0.52 36.92 14.17
CA ALA C 268 0.15 35.61 14.68
C ALA C 268 1.37 34.72 14.83
N LEU C 269 2.27 34.74 13.84
CA LEU C 269 3.49 33.96 13.93
C LEU C 269 4.33 34.40 15.13
N ILE C 270 4.39 35.71 15.38
CA ILE C 270 5.15 36.21 16.52
C ILE C 270 4.52 35.72 17.83
N ARG C 271 3.20 35.82 17.93
CA ARG C 271 2.55 35.44 19.18
C ARG C 271 2.64 33.95 19.40
N PHE C 272 2.57 33.15 18.33
CA PHE C 272 2.88 31.74 18.46
C PHE C 272 4.33 31.53 18.87
N ALA C 273 5.22 32.42 18.44
CA ALA C 273 6.63 32.29 18.82
C ALA C 273 6.84 32.61 20.29
N ALA C 274 5.90 33.31 20.91
CA ALA C 274 5.97 33.48 22.36
C ALA C 274 5.86 32.13 23.07
N GLU C 275 4.97 31.25 22.59
CA GLU C 275 4.85 29.87 23.09
C GLU C 275 4.83 28.96 21.87
N PRO C 276 6.01 28.59 21.34
CA PRO C 276 6.03 27.88 20.04
C PRO C 276 5.59 26.43 20.14
N ARG C 277 4.40 26.18 20.68
CA ARG C 277 3.91 24.83 20.94
C ARG C 277 3.00 24.39 19.80
N PHE C 278 3.35 23.27 19.18
CA PHE C 278 2.54 22.66 18.13
C PHE C 278 2.10 21.27 18.56
N GLY C 279 0.85 20.93 18.28
CA GLY C 279 0.34 19.61 18.55
C GLY C 279 -0.28 19.51 19.93
N GLY C 280 0.00 18.43 20.65
CA GLY C 280 -0.42 18.33 22.03
C GLY C 280 0.66 17.84 22.97
N HIS C 281 0.31 16.87 23.80
CA HIS C 281 1.16 16.35 24.86
C HIS C 281 1.92 17.48 25.55
N ALA C 282 1.13 18.42 26.09
CA ALA C 282 1.73 19.57 26.76
C ALA C 282 2.57 19.11 27.94
N ASN C 283 2.09 18.13 28.69
CA ASN C 283 3.00 17.40 29.57
C ASN C 283 4.04 16.72 28.70
N HIS C 284 5.26 16.64 29.22
CA HIS C 284 6.46 16.21 28.50
C HIS C 284 6.96 17.31 27.56
N ASN C 285 6.37 18.51 27.62
CA ASN C 285 6.80 19.67 26.85
C ASN C 285 6.83 19.42 25.35
N CYS C 286 6.08 18.44 24.86
CA CYS C 286 6.08 18.15 23.44
C CYS C 286 5.45 19.30 22.66
N GLY C 287 5.98 19.54 21.47
CA GLY C 287 5.43 20.53 20.58
C GLY C 287 6.24 21.80 20.42
N LEU C 288 7.33 21.98 21.16
CA LEU C 288 8.07 23.22 21.09
C LEU C 288 8.95 23.21 19.84
N VAL C 289 8.88 24.30 19.07
CA VAL C 289 9.51 24.36 17.76
C VAL C 289 10.36 25.62 17.62
N GLU C 290 11.33 25.53 16.71
CA GLU C 290 12.16 26.64 16.25
C GLU C 290 12.04 26.62 14.73
N ALA C 291 11.22 27.50 14.18
CA ALA C 291 10.90 27.46 12.75
C ALA C 291 11.39 28.72 12.07
N HIS C 292 11.99 28.55 10.89
CA HIS C 292 12.40 29.67 10.05
C HIS C 292 11.74 29.54 8.69
N TRP C 293 11.17 30.66 8.23
CA TRP C 293 10.44 30.70 6.96
C TRP C 293 11.02 31.77 6.05
N THR C 294 11.22 31.41 4.79
CA THR C 294 11.57 32.34 3.72
C THR C 294 10.28 32.73 3.01
N VAL C 295 9.86 33.97 3.23
CA VAL C 295 8.68 34.53 2.56
C VAL C 295 9.08 34.99 1.17
N THR C 296 8.48 34.41 0.15
CA THR C 296 8.69 34.76 -1.24
C THR C 296 7.38 35.19 -1.87
N THR C 297 7.43 36.20 -2.73
CA THR C 297 6.26 36.66 -3.46
C THR C 297 6.44 36.33 -4.93
N TRP C 298 5.32 36.20 -5.64
CA TRP C 298 5.34 35.85 -7.05
C TRP C 298 4.24 36.66 -7.74
N LYS C 299 4.64 37.74 -8.40
CA LYS C 299 3.70 38.48 -9.21
C LYS C 299 3.25 37.61 -10.37
N PRO C 300 1.94 37.39 -10.56
CA PRO C 300 1.51 36.55 -11.69
C PRO C 300 2.02 37.11 -13.01
N GLY C 301 2.54 36.21 -13.85
CA GLY C 301 3.16 36.57 -15.10
C GLY C 301 4.67 36.71 -15.02
N GLU C 302 5.23 36.83 -13.82
CA GLU C 302 6.67 36.86 -13.65
C GLU C 302 7.22 35.45 -13.62
N LEU C 303 8.42 35.27 -14.18
CA LEU C 303 9.04 33.96 -14.26
C LEU C 303 9.76 33.56 -12.99
N VAL C 304 9.99 34.49 -12.06
CA VAL C 304 10.74 34.18 -10.84
C VAL C 304 10.04 34.84 -9.66
N PRO C 305 10.16 34.24 -8.47
CA PRO C 305 9.73 34.93 -7.24
C PRO C 305 10.81 35.84 -6.68
N VAL C 306 10.36 36.74 -5.80
CA VAL C 306 11.24 37.67 -5.11
C VAL C 306 11.14 37.40 -3.62
N THR C 307 12.28 37.22 -2.97
CA THR C 307 12.32 36.86 -1.56
C THR C 307 12.14 38.12 -0.73
N LEU C 308 10.94 38.30 -0.18
CA LEU C 308 10.67 39.50 0.61
C LEU C 308 11.52 39.53 1.87
N GLY C 309 11.67 38.39 2.53
CA GLY C 309 12.48 38.31 3.72
C GLY C 309 12.36 36.95 4.38
N GLU C 310 12.89 36.87 5.60
CA GLU C 310 12.89 35.63 6.36
C GLU C 310 12.33 35.88 7.75
N ILE C 311 11.56 34.91 8.25
CA ILE C 311 10.97 34.95 9.59
C ILE C 311 11.58 33.79 10.36
N VAL C 312 12.57 34.08 11.21
CA VAL C 312 13.23 33.05 12.00
C VAL C 312 12.64 33.11 13.41
N ILE C 313 12.03 32.02 13.85
CA ILE C 313 11.50 31.87 15.21
C ILE C 313 12.44 30.95 15.96
N THR C 314 13.11 31.47 16.97
CA THR C 314 14.06 30.74 17.79
C THR C 314 13.72 30.97 19.25
N PRO C 315 14.17 30.09 20.14
CA PRO C 315 13.92 30.31 21.57
C PRO C 315 14.52 31.61 22.08
N ASN C 316 15.51 32.16 21.38
CA ASN C 316 16.13 33.42 21.76
C ASN C 316 15.42 34.63 21.16
N GLY C 317 14.46 34.44 20.26
CA GLY C 317 13.67 35.56 19.78
C GLY C 317 13.13 35.30 18.38
N VAL C 318 12.38 36.30 17.92
CA VAL C 318 11.84 36.32 16.56
C VAL C 318 12.62 37.36 15.77
N GLU C 319 13.21 36.93 14.66
CA GLU C 319 13.95 37.81 13.76
C GLU C 319 13.19 37.90 12.44
N ILE C 320 12.84 39.12 12.05
CA ILE C 320 12.16 39.38 10.78
C ILE C 320 13.11 40.16 9.91
N THR C 321 13.35 39.65 8.70
CA THR C 321 14.25 40.28 7.75
C THR C 321 13.46 40.82 6.57
N GLY C 322 14.08 41.74 5.85
CA GLY C 322 13.43 42.36 4.71
C GLY C 322 12.53 43.50 5.11
N ASP C 323 12.58 44.60 4.36
CA ASP C 323 11.72 45.75 4.66
C ASP C 323 10.25 45.44 4.42
N GLU C 324 9.94 44.48 3.55
CA GLU C 324 8.55 44.23 3.19
C GLU C 324 7.77 43.61 4.35
N LEU C 325 8.36 42.63 5.04
CA LEU C 325 7.66 42.03 6.17
C LEU C 325 7.41 43.05 7.27
N PHE C 326 8.40 43.91 7.55
CA PHE C 326 8.20 44.99 8.50
C PHE C 326 7.09 45.92 8.05
N ALA C 327 7.06 46.24 6.75
CA ALA C 327 6.02 47.12 6.25
C ALA C 327 4.64 46.50 6.42
N MET C 328 4.52 45.21 6.15
CA MET C 328 3.22 44.54 6.34
C MET C 328 2.82 44.54 7.80
N VAL C 329 3.76 44.25 8.70
CA VAL C 329 3.44 44.21 10.13
C VAL C 329 2.99 45.59 10.59
N LYS C 330 3.72 46.63 10.18
CA LYS C 330 3.35 47.99 10.58
C LYS C 330 2.00 48.39 9.98
N ALA C 331 1.73 47.98 8.73
CA ALA C 331 0.45 48.29 8.12
C ALA C 331 -0.69 47.64 8.89
N PHE C 332 -0.51 46.40 9.32
CA PHE C 332 -1.55 45.77 10.12
C PHE C 332 -1.70 46.47 11.47
N ASN C 333 -0.59 46.81 12.11
CA ASN C 333 -0.67 47.44 13.41
C ASN C 333 -1.27 48.84 13.35
N GLU C 334 -1.13 49.53 12.21
CA GLU C 334 -1.58 50.91 12.08
C GLU C 334 -2.89 51.04 11.30
N ASN C 335 -3.59 49.94 11.07
CA ASN C 335 -4.90 49.95 10.42
C ASN C 335 -5.96 49.81 11.50
N GLN C 336 -6.57 50.93 11.87
CA GLN C 336 -7.54 50.97 12.96
C GLN C 336 -8.97 50.66 12.51
N SER C 337 -9.19 50.33 11.23
CA SER C 337 -10.53 50.22 10.67
C SER C 337 -11.02 48.79 10.60
N PHE C 338 -10.60 47.93 11.53
CA PHE C 338 -11.05 46.55 11.57
C PHE C 338 -12.25 46.42 12.51
N ASP C 339 -13.38 46.00 11.96
CA ASP C 339 -14.57 45.63 12.73
C ASP C 339 -14.69 44.11 12.69
N PHE C 340 -14.30 43.46 13.78
CA PHE C 340 -14.29 42.01 13.85
C PHE C 340 -15.63 41.42 14.28
N THR C 341 -16.66 42.24 14.45
CA THR C 341 -17.99 41.76 14.80
C THR C 341 -18.75 41.35 13.53
N ALA C 342 -18.21 40.35 12.84
CA ALA C 342 -18.78 39.87 11.60
C ALA C 342 -19.78 38.75 11.85
N MET D 1 -0.54 35.31 34.90
CA MET D 1 -0.60 34.25 33.85
C MET D 1 0.53 34.45 32.85
N ARG D 2 1.75 34.15 33.28
CA ARG D 2 2.95 34.34 32.47
C ARG D 2 3.56 32.98 32.13
N THR D 3 4.04 32.85 30.90
CA THR D 3 4.66 31.60 30.44
C THR D 3 6.15 31.60 30.79
N LEU D 4 6.56 30.63 31.61
CA LEU D 4 7.97 30.51 32.00
C LEU D 4 8.63 29.37 31.24
N ASN D 5 9.70 29.66 30.51
CA ASN D 5 10.50 28.66 29.82
C ASN D 5 11.78 28.41 30.61
N PHE D 6 11.89 27.23 31.20
CA PHE D 6 13.10 26.78 31.89
C PHE D 6 13.97 26.06 30.88
N ASN D 7 14.86 26.81 30.23
CA ASN D 7 15.82 26.25 29.27
C ASN D 7 17.16 26.09 29.97
N GLY D 8 17.72 24.89 29.96
CA GLY D 8 18.92 24.70 30.74
C GLY D 8 19.54 23.34 30.54
N LYS D 9 20.52 23.02 31.37
CA LYS D 9 21.25 21.77 31.27
C LYS D 9 21.22 21.00 32.58
N ILE D 10 21.10 19.67 32.45
CA ILE D 10 21.28 18.73 33.54
C ILE D 10 22.64 18.05 33.36
N SER D 11 23.57 18.34 34.26
CA SER D 11 24.82 17.60 34.32
C SER D 11 24.66 16.43 35.27
N THR D 12 25.19 15.28 34.85
CA THR D 12 24.92 13.99 35.48
C THR D 12 25.99 13.71 36.52
N LEU D 13 25.65 13.92 37.79
CA LEU D 13 26.63 13.69 38.86
C LEU D 13 26.88 12.20 39.05
N GLU D 14 25.84 11.39 38.92
CA GLU D 14 25.94 9.94 38.96
C GLU D 14 25.11 9.37 37.81
N PRO D 15 25.52 8.25 37.23
CA PRO D 15 24.89 7.78 35.98
C PRO D 15 23.37 7.83 36.01
N LEU D 16 22.80 8.33 34.92
CA LEU D 16 21.36 8.58 34.81
C LEU D 16 20.74 7.51 33.93
N THR D 17 19.85 6.72 34.52
CA THR D 17 19.22 5.58 33.84
C THR D 17 17.71 5.63 34.01
N VAL D 18 17.01 4.94 33.11
CA VAL D 18 15.57 4.80 33.20
C VAL D 18 15.15 3.58 32.39
N THR D 19 14.21 2.81 32.95
CA THR D 19 13.70 1.61 32.30
C THR D 19 12.32 1.94 31.71
N VAL D 20 12.32 2.44 30.49
CA VAL D 20 11.07 2.67 29.76
C VAL D 20 10.60 1.35 29.19
N LYS D 21 9.33 1.01 29.43
CA LYS D 21 8.83 -0.32 29.11
C LYS D 21 8.92 -0.58 27.61
N ASN D 22 8.62 0.43 26.80
CA ASN D 22 8.80 0.30 25.36
C ASN D 22 10.27 0.07 25.05
N ALA D 23 11.14 0.91 25.60
CA ALA D 23 12.54 0.90 25.19
C ALA D 23 13.21 -0.44 25.52
N VAL D 24 12.91 -1.01 26.69
CA VAL D 24 13.51 -2.30 27.02
C VAL D 24 12.93 -3.37 26.11
N SER D 25 13.74 -4.38 25.83
CA SER D 25 13.32 -5.56 25.08
C SER D 25 14.03 -6.77 25.67
N THR D 26 13.81 -7.93 25.06
CA THR D 26 14.52 -9.12 25.49
C THR D 26 16.01 -9.05 25.16
N SER D 27 16.41 -8.15 24.24
CA SER D 27 17.82 -7.95 23.98
C SER D 27 18.54 -7.42 25.21
N GLY D 28 17.93 -6.49 25.93
CA GLY D 28 18.52 -5.93 27.13
C GLY D 28 17.94 -4.59 27.43
N HIS D 29 18.33 -4.06 28.59
CA HIS D 29 17.88 -2.74 29.01
C HIS D 29 18.54 -1.67 28.13
N ARG D 30 17.70 -0.90 27.43
CA ARG D 30 18.16 0.18 26.57
C ARG D 30 17.42 1.45 26.91
N LEU D 31 18.14 2.57 26.92
CA LEU D 31 17.51 3.84 27.19
C LEU D 31 16.53 4.18 26.06
N PRO D 32 15.47 4.95 26.36
CA PRO D 32 14.53 5.33 25.30
C PRO D 32 15.23 6.15 24.23
N ARG D 33 15.19 5.64 22.99
CA ARG D 33 15.91 6.27 21.90
C ARG D 33 15.10 7.39 21.28
N ASN D 34 15.79 8.44 20.85
CA ASN D 34 15.16 9.57 20.18
C ASN D 34 14.92 9.26 18.70
N GLY D 35 14.21 8.16 18.46
CA GLY D 35 13.77 7.78 17.13
C GLY D 35 14.66 6.72 16.50
N GLY D 36 14.19 5.49 16.41
CA GLY D 36 14.96 4.45 15.79
C GLY D 36 15.91 3.77 16.76
N PHE D 37 16.60 2.76 16.24
CA PHE D 37 17.56 2.03 17.07
C PHE D 37 18.79 2.87 17.37
N ASN D 38 19.32 3.58 16.37
CA ASN D 38 20.65 4.17 16.44
C ASN D 38 20.65 5.65 16.79
N ALA D 39 19.50 6.21 17.16
CA ALA D 39 19.47 7.63 17.50
C ALA D 39 20.14 7.88 18.85
N ALA D 40 20.19 9.14 19.24
CA ALA D 40 20.78 9.51 20.52
C ALA D 40 19.76 9.33 21.63
N PRO D 41 19.99 8.44 22.60
CA PRO D 41 19.00 8.26 23.66
C PRO D 41 18.81 9.53 24.49
N TYR D 42 17.57 9.71 24.94
CA TYR D 42 17.17 10.81 25.79
C TYR D 42 16.68 10.26 27.12
N PHE D 43 16.69 11.11 28.14
CA PHE D 43 16.01 10.78 29.38
C PHE D 43 14.56 11.24 29.28
N PRO D 44 13.57 10.36 29.48
CA PRO D 44 12.19 10.76 29.18
C PRO D 44 11.74 11.94 30.02
N GLY D 45 10.92 12.80 29.42
CA GLY D 45 10.28 13.87 30.17
C GLY D 45 9.24 13.36 31.16
N THR D 46 8.75 12.14 30.95
CA THR D 46 7.77 11.56 31.87
C THR D 46 8.39 11.31 33.24
N SER D 47 9.61 10.77 33.27
CA SER D 47 10.27 10.51 34.54
C SER D 47 10.58 11.79 35.29
N ILE D 48 11.12 12.80 34.58
CA ILE D 48 11.40 14.08 35.23
C ILE D 48 10.11 14.70 35.73
N ARG D 49 9.04 14.61 34.93
CA ARG D 49 7.77 15.20 35.35
C ARG D 49 7.22 14.50 36.58
N GLY D 50 7.33 13.18 36.64
CA GLY D 50 6.87 12.46 37.82
C GLY D 50 7.67 12.81 39.05
N THR D 51 9.00 12.88 38.90
CA THR D 51 9.85 13.24 40.04
C THR D 51 9.51 14.64 40.55
N LEU D 52 9.35 15.59 39.63
CA LEU D 52 9.02 16.96 40.05
C LEU D 52 7.62 17.04 40.63
N ARG D 53 6.69 16.22 40.13
CA ARG D 53 5.33 16.23 40.68
C ARG D 53 5.32 15.67 42.09
N HIS D 54 6.07 14.60 42.34
CA HIS D 54 6.15 14.08 43.69
C HIS D 54 6.88 15.07 44.61
N ALA D 55 7.87 15.78 44.09
CA ALA D 55 8.53 16.80 44.88
C ALA D 55 7.56 17.92 45.26
N ALA D 56 6.73 18.36 44.31
CA ALA D 56 5.75 19.40 44.60
C ALA D 56 4.69 18.90 45.57
N HIS D 57 4.32 17.62 45.47
CA HIS D 57 3.36 17.05 46.40
C HIS D 57 3.93 17.04 47.81
N LYS D 58 5.21 16.65 47.94
CA LYS D 58 5.84 16.68 49.26
C LYS D 58 5.95 18.11 49.77
N VAL D 59 6.22 19.07 48.86
CA VAL D 59 6.24 20.47 49.26
C VAL D 59 4.89 20.88 49.85
N ILE D 60 3.81 20.48 49.18
CA ILE D 60 2.49 20.92 49.60
C ILE D 60 2.08 20.27 50.92
N VAL D 61 2.40 18.98 51.09
CA VAL D 61 2.05 18.32 52.36
C VAL D 61 2.92 18.87 53.48
N ASP D 62 4.14 19.35 53.17
CA ASP D 62 4.97 19.95 54.21
C ASP D 62 4.46 21.34 54.57
N ARG D 63 3.97 22.09 53.59
CA ARG D 63 3.48 23.44 53.88
C ARG D 63 2.15 23.38 54.63
N VAL D 64 1.29 22.42 54.28
CA VAL D 64 0.06 22.26 55.03
C VAL D 64 0.36 21.76 56.44
N GLY D 65 1.39 20.93 56.58
CA GLY D 65 1.84 20.48 57.88
C GLY D 65 1.17 19.20 58.31
N LEU D 66 1.61 18.72 59.48
CA LEU D 66 1.21 17.42 60.00
C LEU D 66 0.66 17.59 61.42
N ASN D 67 -0.21 16.68 61.81
CA ASN D 67 -0.75 16.69 63.16
C ASN D 67 0.30 16.18 64.15
N ALA D 68 -0.11 16.07 65.42
CA ALA D 68 0.82 15.62 66.45
C ALA D 68 1.38 14.25 66.15
N ASP D 69 0.52 13.32 65.69
CA ASP D 69 0.99 11.98 65.34
C ASP D 69 1.79 11.99 64.04
N GLY D 70 1.67 13.04 63.24
CA GLY D 70 2.41 13.15 62.00
C GLY D 70 1.68 12.65 60.78
N LYS D 71 0.36 12.81 60.72
CA LYS D 71 -0.45 12.40 59.59
C LYS D 71 -0.98 13.64 58.87
N SER D 72 -0.83 13.67 57.55
CA SER D 72 -1.28 14.81 56.78
C SER D 72 -2.81 14.89 56.79
N PRO D 73 -3.38 16.09 56.75
CA PRO D 73 -4.85 16.20 56.74
C PRO D 73 -5.49 15.58 55.50
N PHE D 74 -4.76 15.48 54.40
CA PHE D 74 -5.33 14.95 53.17
C PHE D 74 -5.66 13.47 53.33
N ASP D 75 -6.57 13.00 52.47
CA ASP D 75 -6.91 11.59 52.40
C ASP D 75 -6.12 10.92 51.27
N LEU D 76 -6.37 9.62 51.09
CA LEU D 76 -5.72 8.88 50.02
C LEU D 76 -6.06 9.46 48.65
N ALA D 77 -7.33 9.81 48.46
CA ALA D 77 -7.75 10.40 47.19
C ALA D 77 -7.01 11.69 46.90
N GLU D 78 -6.86 12.54 47.92
CA GLU D 78 -6.21 13.83 47.71
C GLU D 78 -4.72 13.64 47.43
N HIS D 79 -4.07 12.70 48.11
CA HIS D 79 -2.67 12.42 47.81
C HIS D 79 -2.51 11.95 46.37
N PHE D 80 -3.36 11.00 45.95
CA PHE D 80 -3.25 10.49 44.59
C PHE D 80 -3.51 11.56 43.55
N MET D 81 -4.48 12.44 43.80
CA MET D 81 -4.73 13.54 42.88
C MET D 81 -3.55 14.50 42.85
N LEU D 82 -2.97 14.80 44.01
CA LEU D 82 -1.94 15.82 44.09
C LEU D 82 -0.66 15.37 43.39
N ALA D 83 -0.19 14.16 43.71
CA ALA D 83 1.05 13.67 43.11
C ALA D 83 0.82 12.68 41.98
N GLN D 84 -0.01 11.67 42.19
CA GLN D 84 -0.20 10.64 41.17
C GLN D 84 -1.10 11.12 40.03
N GLY D 85 -2.02 12.05 40.31
CA GLY D 85 -2.89 12.54 39.27
C GLY D 85 -4.02 11.61 38.88
N VAL D 86 -4.31 10.59 39.68
CA VAL D 86 -5.37 9.62 39.39
C VAL D 86 -6.47 9.80 40.43
N ASP D 87 -7.72 9.70 39.99
CA ASP D 87 -8.88 9.90 40.86
C ASP D 87 -9.30 8.56 41.45
N ILE D 88 -9.33 8.48 42.79
CA ILE D 88 -9.77 7.26 43.45
C ILE D 88 -11.28 7.17 43.50
N ASN D 89 -11.98 8.30 43.61
CA ASN D 89 -13.42 8.32 43.76
C ASN D 89 -14.15 8.60 42.45
N GLY D 90 -13.43 8.70 41.34
CA GLY D 90 -14.07 8.90 40.05
C GLY D 90 -14.51 10.32 39.77
N GLU D 91 -14.03 11.30 40.53
CA GLU D 91 -14.44 12.69 40.36
C GLU D 91 -13.50 13.40 39.38
N ALA D 92 -13.49 12.90 38.15
CA ALA D 92 -12.68 13.51 37.09
C ALA D 92 -13.30 13.10 35.75
N GLU D 93 -13.81 14.10 35.03
CA GLU D 93 -14.43 13.86 33.73
C GLU D 93 -13.93 14.90 32.74
N THR D 94 -13.77 14.49 31.48
CA THR D 94 -13.26 15.35 30.44
C THR D 94 -14.39 15.99 29.65
N PHE D 95 -14.24 17.27 29.34
CA PHE D 95 -15.15 17.98 28.44
C PHE D 95 -16.58 17.92 28.95
N ALA D 96 -16.76 17.99 30.27
CA ALA D 96 -18.08 17.92 30.86
C ALA D 96 -18.60 19.31 31.14
N PRO D 97 -19.85 19.64 30.82
CA PRO D 97 -20.38 20.96 31.19
C PRO D 97 -20.45 21.09 32.70
N GLY D 98 -20.27 22.33 33.18
CA GLY D 98 -20.24 22.61 34.60
C GLY D 98 -18.85 22.96 35.06
N GLU D 99 -17.85 22.27 34.52
CA GLU D 99 -16.46 22.61 34.81
C GLU D 99 -15.96 23.78 33.98
N ILE D 100 -16.75 24.27 33.04
CA ILE D 100 -16.41 25.49 32.32
C ILE D 100 -16.35 26.64 33.31
N ASN D 101 -15.21 27.33 33.34
CA ASN D 101 -14.92 28.46 34.23
C ASN D 101 -14.77 28.05 35.69
N ALA D 102 -14.91 26.78 36.02
CA ALA D 102 -14.48 26.28 37.32
C ALA D 102 -13.02 25.89 37.33
N GLY D 103 -12.41 25.73 36.15
CA GLY D 103 -11.00 25.36 36.10
C GLY D 103 -10.10 26.45 36.65
N ALA D 104 -10.40 27.71 36.34
CA ALA D 104 -9.58 28.81 36.86
C ALA D 104 -9.60 28.84 38.38
N GLU D 105 -10.79 28.74 38.97
CA GLU D 105 -10.88 28.78 40.43
C GLU D 105 -10.19 27.58 41.06
N LEU D 106 -10.37 26.39 40.48
CA LEU D 106 -9.70 25.22 41.00
C LEU D 106 -8.19 25.36 40.90
N ARG D 107 -7.71 25.93 39.79
CA ARG D 107 -6.28 26.14 39.63
C ARG D 107 -5.74 27.10 40.69
N SER D 108 -6.49 28.17 40.96
CA SER D 108 -6.07 29.10 42.00
C SER D 108 -6.07 28.43 43.37
N LYS D 109 -7.08 27.60 43.65
CA LYS D 109 -7.14 26.91 44.93
C LYS D 109 -6.16 25.74 45.01
N ASN D 110 -5.90 25.07 43.89
CA ASN D 110 -5.03 23.90 43.84
C ASN D 110 -3.92 24.16 42.82
N PRO D 111 -2.84 24.83 43.22
CA PRO D 111 -1.74 25.07 42.27
C PRO D 111 -1.11 23.79 41.74
N LEU D 112 -1.14 22.70 42.51
CA LEU D 112 -0.53 21.45 42.06
C LEU D 112 -1.24 20.90 40.83
N ILE D 113 -2.56 20.77 40.90
CA ILE D 113 -3.32 20.31 39.74
C ILE D 113 -3.21 21.32 38.61
N SER D 114 -3.12 22.61 38.95
CA SER D 114 -2.92 23.62 37.92
C SER D 114 -1.63 23.34 37.13
N LEU D 115 -0.54 23.10 37.85
CA LEU D 115 0.74 22.90 37.18
C LEU D 115 0.77 21.58 36.43
N PHE D 116 0.57 20.47 37.14
CA PHE D 116 0.74 19.15 36.57
C PHE D 116 -0.55 18.55 36.01
N GLY D 117 -1.68 19.23 36.14
CA GLY D 117 -2.90 18.78 35.51
C GLY D 117 -3.46 17.50 36.11
N ARG D 118 -4.67 17.14 35.68
CA ARG D 118 -5.30 15.88 36.05
C ARG D 118 -6.07 15.37 34.84
N TRP D 119 -6.89 14.35 35.04
CA TRP D 119 -7.73 13.83 33.97
C TRP D 119 -8.82 14.85 33.67
N GLY D 120 -8.66 15.57 32.56
CA GLY D 120 -9.61 16.59 32.15
C GLY D 120 -9.17 18.01 32.40
N LEU D 121 -8.18 18.21 33.27
CA LEU D 121 -7.62 19.52 33.55
C LEU D 121 -6.20 19.57 32.99
N SER D 122 -6.00 20.39 31.97
CA SER D 122 -4.70 20.45 31.30
C SER D 122 -3.64 20.92 32.28
N GLY D 123 -2.51 20.20 32.29
CA GLY D 123 -1.40 20.57 33.15
C GLY D 123 -0.65 21.74 32.55
N LYS D 124 -0.37 22.75 33.38
CA LYS D 124 0.30 23.94 32.87
C LYS D 124 1.79 23.70 32.63
N VAL D 125 2.40 22.77 33.36
CA VAL D 125 3.82 22.48 33.20
C VAL D 125 4.00 21.38 32.17
N GLY D 126 5.00 21.55 31.32
CA GLY D 126 5.46 20.54 30.41
C GLY D 126 6.94 20.32 30.63
N ILE D 127 7.32 19.10 30.96
CA ILE D 127 8.68 18.77 31.38
C ILE D 127 9.34 18.01 30.24
N GLY D 128 10.14 18.71 29.44
CA GLY D 128 10.66 18.13 28.22
C GLY D 128 11.65 17.01 28.47
N ASN D 129 11.91 16.27 27.41
CA ASN D 129 12.91 15.20 27.46
C ASN D 129 14.31 15.79 27.51
N ALA D 130 15.21 15.08 28.17
CA ALA D 130 16.60 15.50 28.30
C ALA D 130 17.40 14.91 27.15
N ILE D 131 17.89 15.77 26.27
CA ILE D 131 18.66 15.37 25.10
C ILE D 131 20.14 15.63 25.38
N PRO D 132 21.02 14.63 25.25
CA PRO D 132 22.45 14.90 25.46
C PRO D 132 22.97 15.90 24.43
N ASP D 133 23.94 16.72 24.88
CA ASP D 133 24.52 17.72 24.00
C ASP D 133 25.44 17.07 22.97
N GLY D 134 26.29 16.15 23.41
CA GLY D 134 27.34 15.59 22.59
C GLY D 134 27.18 14.10 22.36
N ASP D 135 27.87 13.56 21.37
CA ASP D 135 27.77 12.15 21.07
C ASP D 135 28.48 11.35 22.16
N ASN D 136 28.45 10.02 22.03
CA ASN D 136 28.73 9.13 23.16
C ASN D 136 27.80 9.58 24.27
N GLN D 137 28.27 9.76 25.51
CA GLN D 137 27.46 10.21 26.64
C GLN D 137 26.38 9.21 27.03
N TRP D 138 26.53 7.95 26.65
CA TRP D 138 25.65 6.88 27.08
C TRP D 138 26.41 5.57 27.00
N GLY D 139 26.12 4.67 27.94
CA GLY D 139 26.86 3.42 27.98
C GLY D 139 26.29 2.49 29.04
N MET D 140 26.87 1.30 29.09
CA MET D 140 26.36 0.21 29.91
C MET D 140 26.97 0.29 31.30
N PHE D 141 26.11 0.37 32.33
CA PHE D 141 26.56 0.45 33.70
C PHE D 141 25.90 -0.64 34.53
N GLY D 142 26.10 -0.61 35.84
CA GLY D 142 25.70 -1.71 36.70
C GLY D 142 26.38 -3.00 36.30
N GLY D 143 25.59 -3.94 35.78
CA GLY D 143 26.15 -5.25 35.49
C GLY D 143 26.60 -5.91 36.77
N GLY D 144 27.81 -6.46 36.74
CA GLY D 144 28.27 -7.25 37.85
C GLY D 144 27.55 -8.58 37.88
N ALA D 145 27.66 -9.26 39.03
CA ALA D 145 27.10 -10.59 39.15
C ALA D 145 26.90 -10.91 40.62
N ARG D 146 25.73 -11.44 40.96
CA ARG D 146 25.54 -12.01 42.28
C ARG D 146 26.45 -13.22 42.44
N SER D 147 26.92 -13.43 43.67
CA SER D 147 27.82 -14.53 43.96
C SER D 147 27.47 -15.14 45.30
N ILE D 148 27.97 -16.35 45.51
CA ILE D 148 27.84 -17.02 46.80
C ILE D 148 28.69 -16.30 47.81
N MET D 149 28.06 -15.84 48.91
CA MET D 149 28.80 -15.05 49.88
C MET D 149 29.99 -15.81 50.43
N PHE D 150 29.79 -17.09 50.76
CA PHE D 150 30.83 -17.86 51.43
C PHE D 150 31.91 -18.34 50.46
N GLN D 151 31.63 -18.37 49.16
CA GLN D 151 32.68 -18.68 48.19
C GLN D 151 33.60 -17.50 47.97
N ARG D 152 33.06 -16.28 48.06
CA ARG D 152 33.87 -15.09 47.88
C ARG D 152 34.82 -14.89 49.06
N ASP D 153 34.30 -15.00 50.28
CA ASP D 153 35.11 -15.00 51.49
C ASP D 153 34.74 -16.19 52.35
N GLU D 154 35.74 -16.80 52.98
CA GLU D 154 35.55 -18.00 53.79
C GLU D 154 35.37 -17.69 55.26
N SER D 155 35.53 -16.44 55.69
CA SER D 155 35.36 -16.10 57.09
C SER D 155 33.92 -16.31 57.55
N LEU D 156 32.96 -16.33 56.62
CA LEU D 156 31.55 -16.51 56.97
C LEU D 156 31.18 -17.96 57.26
N MET D 157 32.06 -18.93 56.96
CA MET D 157 31.81 -20.31 57.38
C MET D 157 31.80 -20.43 58.90
N GLU D 158 32.67 -19.69 59.58
CA GLU D 158 32.76 -19.78 61.03
C GLU D 158 31.57 -19.14 61.73
N PHE D 159 30.60 -18.61 60.98
CA PHE D 159 29.38 -18.06 61.53
C PHE D 159 28.17 -18.96 61.31
N LEU D 160 28.28 -19.98 60.45
CA LEU D 160 27.14 -20.78 60.03
C LEU D 160 27.21 -22.17 60.64
N GLU D 161 26.09 -22.62 61.19
CA GLU D 161 26.04 -23.89 61.91
C GLU D 161 26.13 -25.07 60.94
N THR D 162 26.65 -26.20 61.45
CA THR D 162 26.91 -27.36 60.61
C THR D 162 25.67 -27.79 59.84
N ASP D 163 24.48 -27.62 60.42
CA ASP D 163 23.26 -27.88 59.68
C ASP D 163 23.03 -26.80 58.63
N GLN D 164 23.32 -25.55 58.97
CA GLN D 164 23.27 -24.49 57.97
C GLN D 164 24.37 -24.65 56.93
N VAL D 165 25.53 -25.17 57.33
CA VAL D 165 26.58 -25.49 56.34
C VAL D 165 26.08 -26.57 55.39
N ASP D 166 25.39 -27.57 55.93
CA ASP D 166 24.79 -28.59 55.08
C ASP D 166 23.78 -27.98 54.11
N ARG D 167 22.93 -27.09 54.62
CA ARG D 167 21.98 -26.39 53.74
C ARG D 167 22.70 -25.61 52.66
N LEU D 168 23.81 -24.95 53.01
CA LEU D 168 24.63 -24.25 52.03
C LEU D 168 25.11 -25.21 50.94
N GLU D 169 25.72 -26.32 51.34
CA GLU D 169 26.27 -27.24 50.36
C GLU D 169 25.17 -27.83 49.47
N ARG D 170 24.03 -28.19 50.06
CA ARG D 170 22.90 -28.65 49.26
C ARG D 170 22.42 -27.57 48.30
N LEU D 171 22.37 -26.32 48.76
CA LEU D 171 22.03 -25.21 47.89
C LEU D 171 22.97 -25.13 46.71
N LEU D 172 24.26 -25.35 46.96
CA LEU D 172 25.25 -25.27 45.88
C LEU D 172 25.03 -26.40 44.88
N GLU D 173 25.10 -27.64 45.36
CA GLU D 173 24.87 -28.80 44.48
C GLU D 173 23.58 -28.67 43.67
N GLU D 174 22.46 -28.36 44.34
CA GLU D 174 21.18 -28.26 43.64
C GLU D 174 21.21 -27.12 42.63
N GLN D 175 21.73 -25.94 43.02
CA GLN D 175 21.81 -24.84 42.07
C GLN D 175 22.67 -25.19 40.87
N ALA D 176 23.66 -26.08 41.05
CA ALA D 176 24.55 -26.42 39.97
C ALA D 176 23.89 -27.40 39.00
N GLU D 177 23.24 -28.43 39.53
CA GLU D 177 22.59 -29.38 38.63
C GLU D 177 21.37 -28.73 37.98
N ALA D 178 20.68 -27.83 38.69
CA ALA D 178 19.64 -27.04 38.07
C ALA D 178 20.21 -26.11 37.01
N SER D 179 21.39 -25.55 37.25
CA SER D 179 21.99 -24.68 36.24
C SER D 179 22.28 -25.43 34.96
N VAL D 180 22.81 -26.65 35.07
CA VAL D 180 23.06 -27.41 33.84
C VAL D 180 21.74 -27.84 33.18
N ASP D 181 20.71 -28.13 33.98
CA ASP D 181 19.41 -28.48 33.39
C ASP D 181 18.83 -27.30 32.63
N ILE D 182 18.74 -26.14 33.28
CA ILE D 182 18.34 -24.92 32.61
C ILE D 182 19.24 -24.63 31.42
N SER D 183 20.53 -24.97 31.50
CA SER D 183 21.44 -24.77 30.38
C SER D 183 20.97 -25.55 29.15
N GLN D 184 20.65 -26.83 29.33
CA GLN D 184 20.24 -27.60 28.16
C GLN D 184 18.82 -27.24 27.72
N ILE D 185 17.99 -26.79 28.67
CA ILE D 185 16.68 -26.26 28.29
C ILE D 185 16.85 -25.01 27.43
N LYS D 186 17.78 -24.14 27.82
CA LYS D 186 18.11 -22.95 27.03
C LYS D 186 18.71 -23.32 25.68
N THR D 187 19.49 -24.40 25.61
CA THR D 187 20.01 -24.82 24.31
C THR D 187 18.87 -25.21 23.38
N GLU D 188 17.88 -25.95 23.91
CA GLU D 188 16.68 -26.24 23.11
C GLU D 188 15.96 -24.94 22.76
N GLN D 189 15.82 -24.04 23.73
CA GLN D 189 15.16 -22.76 23.52
C GLN D 189 15.78 -22.01 22.35
N ASP D 190 17.08 -21.72 22.41
CA ASP D 190 17.75 -21.00 21.33
C ASP D 190 17.64 -21.74 20.00
N ALA D 191 17.79 -23.07 20.02
CA ALA D 191 17.58 -23.83 18.78
C ALA D 191 16.22 -23.51 18.19
N LEU D 192 15.17 -23.55 19.02
CA LEU D 192 13.84 -23.11 18.59
C LEU D 192 13.87 -21.67 18.07
N LYS D 193 14.51 -20.76 18.83
CA LYS D 193 14.61 -19.36 18.46
C LYS D 193 15.09 -19.19 17.02
N LYS D 194 16.04 -20.03 16.60
CA LYS D 194 16.61 -19.90 15.27
C LYS D 194 15.53 -20.00 14.20
N ALA D 195 14.53 -20.86 14.43
CA ALA D 195 13.42 -21.02 13.49
C ALA D 195 12.24 -20.12 13.83
N MET D 196 12.13 -19.66 15.08
CA MET D 196 11.07 -18.72 15.45
C MET D 196 10.97 -17.56 14.45
N LYS D 197 12.11 -17.08 13.97
CA LYS D 197 12.11 -15.99 13.00
C LYS D 197 12.14 -16.51 11.56
N SER D 198 13.14 -17.30 11.22
CA SER D 198 13.16 -17.95 9.90
C SER D 198 12.06 -19.02 9.88
N ALA D 199 10.97 -18.74 9.17
CA ALA D 199 9.82 -19.63 9.13
C ALA D 199 8.81 -19.05 8.13
N ASP D 200 7.76 -19.81 7.89
CA ASP D 200 6.61 -19.34 7.12
C ASP D 200 5.59 -18.78 8.12
N LYS D 201 4.41 -18.39 7.64
CA LYS D 201 3.50 -17.60 8.46
C LYS D 201 2.50 -18.51 9.15
N ASP D 202 2.48 -18.42 10.49
CA ASP D 202 1.63 -19.17 11.42
C ASP D 202 2.16 -20.59 11.55
N THR D 203 3.18 -20.98 10.79
CA THR D 203 4.06 -22.06 11.21
C THR D 203 4.73 -21.69 12.52
N LYS D 204 5.18 -20.45 12.63
CA LYS D 204 5.92 -20.01 13.81
C LYS D 204 5.04 -19.96 15.05
N ALA D 205 3.74 -19.72 14.88
CA ALA D 205 2.79 -19.73 16.00
C ALA D 205 3.01 -20.95 16.90
N GLU D 206 3.10 -22.13 16.30
CA GLU D 206 3.37 -23.33 17.08
C GLU D 206 4.65 -23.18 17.87
N LEU D 207 5.69 -22.63 17.26
CA LEU D 207 6.96 -22.45 17.96
C LEU D 207 6.82 -21.47 19.12
N GLN D 208 6.03 -20.40 18.95
CA GLN D 208 5.69 -19.53 20.09
C GLN D 208 5.08 -20.33 21.23
N ILE D 209 4.17 -21.25 20.92
CA ILE D 209 3.56 -22.03 21.99
C ILE D 209 4.59 -22.96 22.60
N LYS D 210 5.48 -23.52 21.77
CA LYS D 210 6.55 -24.37 22.27
C LYS D 210 7.44 -23.63 23.25
N VAL D 211 7.88 -22.42 22.90
CA VAL D 211 8.71 -21.66 23.84
C VAL D 211 7.94 -21.32 25.10
N ARG D 212 6.65 -21.02 24.97
CA ARG D 212 5.86 -20.72 26.18
C ARG D 212 5.82 -21.92 27.11
N GLU D 213 5.62 -23.13 26.57
CA GLU D 213 5.57 -24.31 27.43
C GLU D 213 6.96 -24.68 27.93
N LEU D 214 8.01 -24.44 27.14
CA LEU D 214 9.36 -24.62 27.65
C LEU D 214 9.67 -23.67 28.79
N ASP D 215 9.04 -22.49 28.80
CA ASP D 215 9.25 -21.56 29.90
C ASP D 215 8.42 -21.97 31.12
N GLU D 216 7.27 -22.59 30.89
CA GLU D 216 6.55 -23.20 32.02
C GLU D 216 7.37 -24.36 32.59
N LYS D 217 8.05 -25.12 31.73
CA LYS D 217 8.98 -26.15 32.20
C LYS D 217 10.11 -25.53 33.01
N ILE D 218 10.64 -24.39 32.56
CA ILE D 218 11.65 -23.68 33.33
C ILE D 218 11.12 -23.36 34.72
N GLN D 219 9.93 -22.77 34.80
CA GLN D 219 9.30 -22.48 36.09
C GLN D 219 9.16 -23.74 36.93
N ALA D 220 8.75 -24.85 36.30
CA ALA D 220 8.66 -26.11 37.02
C ALA D 220 10.00 -26.49 37.62
N ARG D 221 11.07 -26.42 36.83
CA ARG D 221 12.40 -26.73 37.36
C ARG D 221 12.77 -25.78 38.51
N LYS D 222 12.43 -24.49 38.39
CA LYS D 222 12.56 -23.57 39.51
C LYS D 222 11.93 -24.15 40.77
N ASP D 223 10.67 -24.58 40.66
CA ASP D 223 9.99 -25.16 41.81
C ASP D 223 10.68 -26.43 42.29
N GLN D 224 11.28 -27.18 41.37
CA GLN D 224 11.93 -28.43 41.73
C GLN D 224 13.21 -28.18 42.52
N LYS D 225 13.96 -27.14 42.14
CA LYS D 225 15.25 -26.80 42.73
C LYS D 225 15.27 -26.95 44.25
N GLN D 226 14.19 -26.51 44.91
CA GLN D 226 14.10 -26.48 46.36
C GLN D 226 15.04 -25.39 46.88
N GLU D 227 14.93 -25.07 48.16
CA GLU D 227 15.75 -24.00 48.77
C GLU D 227 15.54 -22.75 47.94
N SER D 228 16.60 -22.09 47.46
CA SER D 228 16.48 -20.91 46.62
C SER D 228 15.57 -21.18 45.42
N ARG D 229 14.52 -20.37 45.28
CA ARG D 229 13.65 -20.43 44.12
C ARG D 229 14.30 -19.87 42.86
N GLU D 230 15.55 -19.40 42.93
CA GLU D 230 16.22 -18.78 41.80
C GLU D 230 17.68 -19.19 41.82
N SER D 231 18.47 -18.61 40.91
CA SER D 231 19.89 -18.91 40.78
C SER D 231 20.68 -17.87 41.56
N ILE D 232 21.38 -18.32 42.61
CA ILE D 232 22.07 -17.39 43.51
C ILE D 232 23.18 -16.67 42.76
N ARG D 233 24.13 -17.42 42.22
CA ARG D 233 25.31 -16.86 41.57
C ARG D 233 25.00 -16.64 40.10
N ARG D 234 24.40 -15.49 39.78
CA ARG D 234 23.93 -15.19 38.44
C ARG D 234 24.49 -13.86 37.96
N PRO D 235 24.74 -13.72 36.66
CA PRO D 235 25.21 -12.43 36.14
C PRO D 235 24.06 -11.44 36.02
N ILE D 236 24.36 -10.18 36.30
CA ILE D 236 23.37 -9.12 36.32
C ILE D 236 23.39 -8.41 34.96
N ASP D 237 22.21 -8.20 34.39
CA ASP D 237 22.11 -7.52 33.10
C ASP D 237 22.59 -6.08 33.23
N PRO D 238 23.58 -5.63 32.47
CA PRO D 238 23.91 -4.20 32.49
C PRO D 238 22.77 -3.33 32.01
N TYR D 239 22.65 -2.15 32.58
CA TYR D 239 21.60 -1.19 32.22
C TYR D 239 22.24 0.04 31.60
N GLU D 240 21.67 0.50 30.48
CA GLU D 240 22.22 1.66 29.82
C GLU D 240 21.88 2.92 30.59
N ALA D 241 22.86 3.82 30.70
CA ALA D 241 22.73 5.05 31.48
C ALA D 241 23.63 6.11 30.85
N PHE D 242 23.33 7.37 31.14
CA PHE D 242 24.19 8.45 30.67
C PHE D 242 25.41 8.55 31.58
N ILE D 243 26.58 8.73 30.96
CA ILE D 243 27.82 8.82 31.72
C ILE D 243 27.79 10.01 32.66
N THR D 244 28.57 9.92 33.75
CA THR D 244 28.66 11.02 34.69
C THR D 244 29.14 12.28 33.98
N GLY D 245 28.75 13.43 34.52
CA GLY D 245 29.04 14.70 33.89
C GLY D 245 28.35 14.94 32.56
N ALA D 246 27.47 14.05 32.12
CA ALA D 246 26.81 14.21 30.83
C ALA D 246 25.93 15.45 30.82
N GLU D 247 26.08 16.27 29.79
CA GLU D 247 25.27 17.48 29.61
C GLU D 247 24.02 17.13 28.82
N LEU D 248 22.86 17.27 29.46
CA LEU D 248 21.58 16.95 28.84
C LEU D 248 20.75 18.23 28.76
N SER D 249 20.57 18.74 27.55
CA SER D 249 19.75 19.94 27.36
C SER D 249 18.29 19.63 27.68
N HIS D 250 17.70 20.47 28.53
CA HIS D 250 16.34 20.29 29.03
C HIS D 250 15.54 21.55 28.80
N ARG D 251 14.35 21.40 28.24
CA ARG D 251 13.41 22.48 28.02
C ARG D 251 12.09 22.16 28.71
N MET D 252 11.81 22.84 29.82
CA MET D 252 10.50 22.79 30.45
C MET D 252 9.79 24.11 30.19
N SER D 253 8.47 24.07 30.16
CA SER D 253 7.70 25.30 30.01
C SER D 253 6.41 25.22 30.82
N ILE D 254 6.09 26.30 31.51
CA ILE D 254 4.84 26.44 32.23
C ILE D 254 4.00 27.45 31.46
N LYS D 255 2.85 26.99 30.98
CA LYS D 255 1.99 27.77 30.10
C LYS D 255 1.08 28.66 30.93
N ASN D 256 1.29 29.98 30.84
CA ASN D 256 0.44 30.95 31.50
C ASN D 256 0.39 30.69 33.01
N ALA D 257 1.56 30.77 33.62
CA ALA D 257 1.73 30.41 35.03
C ALA D 257 1.61 31.66 35.88
N THR D 258 0.70 31.62 36.85
CA THR D 258 0.64 32.68 37.84
C THR D 258 1.90 32.68 38.69
N ASP D 259 2.13 33.78 39.39
CA ASP D 259 3.27 33.84 40.30
C ASP D 259 3.18 32.75 41.36
N GLU D 260 1.97 32.36 41.75
CA GLU D 260 1.80 31.30 42.73
C GLU D 260 2.23 29.95 42.16
N GLU D 261 1.75 29.61 40.96
CA GLU D 261 2.14 28.34 40.34
C GLU D 261 3.64 28.31 40.07
N ALA D 262 4.20 29.42 39.60
CA ALA D 262 5.64 29.47 39.36
C ALA D 262 6.41 29.29 40.66
N GLY D 263 5.93 29.92 41.74
CA GLY D 263 6.57 29.71 43.03
C GLY D 263 6.49 28.28 43.50
N LEU D 264 5.34 27.63 43.28
CA LEU D 264 5.23 26.22 43.64
C LEU D 264 6.21 25.38 42.84
N PHE D 265 6.37 25.68 41.56
CA PHE D 265 7.35 24.95 40.74
C PHE D 265 8.76 25.15 41.27
N ILE D 266 9.10 26.39 41.63
CA ILE D 266 10.46 26.67 42.08
C ILE D 266 10.71 26.01 43.42
N SER D 267 9.75 26.09 44.34
CA SER D 267 9.88 25.36 45.60
C SER D 267 9.95 23.86 45.37
N ALA D 268 9.27 23.35 44.35
CA ALA D 268 9.38 21.93 44.02
C ALA D 268 10.79 21.58 43.58
N LEU D 269 11.42 22.46 42.80
CA LEU D 269 12.80 22.22 42.41
C LEU D 269 13.74 22.36 43.59
N ILE D 270 13.43 23.26 44.52
CA ILE D 270 14.23 23.42 45.72
C ILE D 270 14.18 22.14 46.55
N ARG D 271 12.99 21.56 46.71
CA ARG D 271 12.86 20.35 47.51
C ARG D 271 13.44 19.16 46.77
N PHE D 272 13.31 19.12 45.44
CA PHE D 272 13.95 18.09 44.66
C PHE D 272 15.47 18.16 44.79
N ALA D 273 16.01 19.34 44.99
CA ALA D 273 17.46 19.50 45.10
C ALA D 273 18.01 18.86 46.36
N ALA D 274 17.17 18.61 47.36
CA ALA D 274 17.63 17.89 48.55
C ALA D 274 18.03 16.47 48.20
N GLU D 275 17.25 15.82 47.33
CA GLU D 275 17.61 14.51 46.76
C GLU D 275 17.46 14.67 45.25
N PRO D 276 18.50 15.17 44.58
CA PRO D 276 18.37 15.48 43.14
C PRO D 276 18.42 14.23 42.26
N ARG D 277 17.50 13.30 42.50
CA ARG D 277 17.54 11.97 41.92
C ARG D 277 16.49 11.84 40.84
N PHE D 278 16.93 11.45 39.64
CA PHE D 278 16.06 11.18 38.51
C PHE D 278 16.31 9.76 38.00
N GLY D 279 15.24 9.04 37.70
CA GLY D 279 15.38 7.74 37.09
C GLY D 279 15.40 6.62 38.11
N GLY D 280 16.16 5.56 37.80
CA GLY D 280 16.22 4.41 38.69
C GLY D 280 17.60 4.03 39.16
N HIS D 281 17.74 2.76 39.52
CA HIS D 281 19.00 2.20 40.02
C HIS D 281 19.57 3.09 41.13
N ALA D 282 18.69 3.56 42.01
CA ALA D 282 19.10 4.36 43.15
C ALA D 282 20.00 3.57 44.08
N ASN D 283 19.95 2.23 44.00
CA ASN D 283 20.87 1.41 44.77
C ASN D 283 22.32 1.71 44.36
N HIS D 284 22.56 1.93 43.07
CA HIS D 284 23.86 2.35 42.58
C HIS D 284 24.01 3.87 42.57
N ASN D 285 23.22 4.58 43.37
CA ASN D 285 23.24 6.04 43.45
C ASN D 285 22.98 6.71 42.10
N CYS D 286 22.41 5.97 41.15
CA CYS D 286 22.09 6.55 39.86
C CYS D 286 21.00 7.61 40.00
N GLY D 287 21.08 8.63 39.15
CA GLY D 287 20.08 9.67 39.10
C GLY D 287 20.47 10.97 39.75
N LEU D 288 21.51 10.99 40.58
CA LEU D 288 21.94 12.24 41.18
C LEU D 288 22.46 13.17 40.11
N VAL D 289 21.90 14.38 40.02
CA VAL D 289 22.24 15.33 38.97
C VAL D 289 22.32 16.74 39.56
N GLU D 290 23.18 17.56 38.98
CA GLU D 290 23.16 19.00 39.20
C GLU D 290 22.66 19.67 37.94
N ALA D 291 21.77 20.65 38.08
CA ALA D 291 21.08 21.22 36.94
C ALA D 291 20.98 22.73 37.06
N HIS D 292 21.30 23.43 35.98
CA HIS D 292 21.11 24.87 35.92
C HIS D 292 20.09 25.19 34.82
N TRP D 293 19.04 25.90 35.19
CA TRP D 293 17.98 26.30 34.27
C TRP D 293 17.87 27.81 34.23
N THR D 294 17.93 28.37 33.02
CA THR D 294 17.66 29.78 32.78
C THR D 294 16.16 29.92 32.54
N VAL D 295 15.47 30.53 33.49
CA VAL D 295 14.04 30.82 33.37
C VAL D 295 13.89 32.10 32.57
N THR D 296 13.30 32.00 31.39
CA THR D 296 13.04 33.14 30.52
C THR D 296 11.56 33.21 30.21
N THR D 297 10.99 34.40 30.25
CA THR D 297 9.60 34.60 29.90
C THR D 297 9.51 35.33 28.56
N TRP D 298 8.35 35.19 27.93
CA TRP D 298 8.11 35.77 26.61
C TRP D 298 6.68 36.33 26.62
N LYS D 299 6.56 37.63 26.84
CA LYS D 299 5.27 38.27 26.78
C LYS D 299 4.71 38.14 25.36
N PRO D 300 3.53 37.56 25.17
CA PRO D 300 3.01 37.43 23.80
C PRO D 300 2.88 38.79 23.14
N GLY D 301 3.30 38.85 21.87
CA GLY D 301 3.40 40.09 21.15
C GLY D 301 4.80 40.68 21.13
N GLU D 302 5.67 40.27 22.04
CA GLU D 302 7.04 40.76 22.09
C GLU D 302 7.94 39.84 21.26
N LEU D 303 8.99 40.43 20.70
CA LEU D 303 9.85 39.71 19.77
C LEU D 303 10.92 38.90 20.48
N VAL D 304 11.35 39.32 21.66
CA VAL D 304 12.44 38.66 22.37
C VAL D 304 11.96 38.25 23.77
N PRO D 305 12.47 37.16 24.34
CA PRO D 305 12.16 36.85 25.74
C PRO D 305 13.17 37.45 26.70
N VAL D 306 12.67 37.86 27.86
CA VAL D 306 13.50 38.43 28.92
C VAL D 306 13.79 37.35 29.94
N THR D 307 15.01 37.36 30.49
CA THR D 307 15.46 36.32 31.41
C THR D 307 15.13 36.75 32.84
N LEU D 308 14.22 36.03 33.48
CA LEU D 308 13.83 36.34 34.85
C LEU D 308 14.84 35.82 35.87
N GLY D 309 15.75 34.96 35.47
CA GLY D 309 16.82 34.51 36.35
C GLY D 309 17.28 33.13 35.96
N GLU D 310 18.20 32.60 36.78
CA GLU D 310 18.73 31.26 36.62
C GLU D 310 18.58 30.51 37.93
N ILE D 311 18.07 29.27 37.86
CA ILE D 311 17.97 28.38 39.01
C ILE D 311 19.01 27.28 38.82
N VAL D 312 19.99 27.23 39.71
CA VAL D 312 21.08 26.27 39.66
C VAL D 312 20.93 25.32 40.84
N ILE D 313 20.75 24.04 40.55
CA ILE D 313 20.75 22.99 41.57
C ILE D 313 22.12 22.35 41.59
N THR D 314 22.77 22.36 42.75
CA THR D 314 24.11 21.86 42.91
C THR D 314 24.17 21.09 44.23
N PRO D 315 25.07 20.12 44.36
CA PRO D 315 25.24 19.49 45.67
C PRO D 315 25.58 20.48 46.76
N ASN D 316 26.23 21.59 46.42
CA ASN D 316 26.56 22.61 47.40
C ASN D 316 25.39 23.53 47.72
N GLY D 317 24.33 23.53 46.94
CA GLY D 317 23.15 24.30 47.29
C GLY D 317 22.28 24.63 46.10
N VAL D 318 21.21 25.35 46.39
CA VAL D 318 20.28 25.85 45.39
C VAL D 318 20.51 27.34 45.24
N GLU D 319 20.96 27.75 44.06
CA GLU D 319 21.24 29.14 43.73
C GLU D 319 20.08 29.69 42.91
N ILE D 320 19.42 30.73 43.42
CA ILE D 320 18.31 31.38 42.73
C ILE D 320 18.75 32.81 42.43
N THR D 321 18.72 33.17 41.16
CA THR D 321 19.08 34.50 40.69
C THR D 321 17.86 35.20 40.13
N GLY D 322 17.92 36.53 40.13
CA GLY D 322 16.83 37.34 39.62
C GLY D 322 15.77 37.54 40.67
N ASP D 323 15.31 38.79 40.85
CA ASP D 323 14.29 39.03 41.85
C ASP D 323 12.94 38.43 41.46
N GLU D 324 12.72 38.17 40.17
CA GLU D 324 11.42 37.62 39.75
C GLU D 324 11.19 36.24 40.35
N LEU D 325 12.20 35.37 40.34
CA LEU D 325 12.02 34.04 40.89
C LEU D 325 11.80 34.09 42.40
N PHE D 326 12.55 34.97 43.08
CA PHE D 326 12.35 35.13 44.52
C PHE D 326 10.93 35.61 44.81
N ALA D 327 10.46 36.60 44.05
CA ALA D 327 9.09 37.08 44.24
C ALA D 327 8.07 35.99 43.93
N MET D 328 8.38 35.09 43.00
CA MET D 328 7.47 33.99 42.72
C MET D 328 7.39 33.03 43.91
N VAL D 329 8.55 32.67 44.46
CA VAL D 329 8.58 31.77 45.60
C VAL D 329 7.88 32.41 46.80
N LYS D 330 8.17 33.69 47.05
CA LYS D 330 7.52 34.39 48.15
C LYS D 330 6.02 34.49 47.96
N ALA D 331 5.57 34.72 46.73
CA ALA D 331 4.14 34.76 46.45
C ALA D 331 3.49 33.41 46.73
N PHE D 332 4.14 32.33 46.31
CA PHE D 332 3.60 31.00 46.56
C PHE D 332 3.54 30.71 48.06
N ASN D 333 4.62 31.01 48.78
CA ASN D 333 4.66 30.73 50.20
C ASN D 333 3.63 31.54 50.97
N GLU D 334 3.47 32.83 50.61
CA GLU D 334 2.62 33.72 51.39
C GLU D 334 1.14 33.44 51.16
N ASN D 335 0.78 32.91 50.00
CA ASN D 335 -0.64 32.74 49.67
C ASN D 335 -1.25 31.63 50.53
N GLN D 336 -2.23 32.01 51.35
CA GLN D 336 -2.90 31.11 52.27
C GLN D 336 -4.25 30.64 51.73
N SER D 337 -4.54 30.91 50.47
CA SER D 337 -5.84 30.67 49.86
C SER D 337 -5.88 29.39 49.04
N PHE D 338 -5.13 28.36 49.46
CA PHE D 338 -4.94 27.14 48.69
C PHE D 338 -5.75 26.02 49.33
N ASP D 339 -6.75 25.53 48.60
CA ASP D 339 -7.61 24.42 49.02
C ASP D 339 -7.26 23.21 48.17
N PHE D 340 -6.61 22.21 48.79
CA PHE D 340 -6.14 21.03 48.10
C PHE D 340 -7.10 19.84 48.24
N THR D 341 -8.33 20.09 48.70
CA THR D 341 -9.33 19.04 48.87
C THR D 341 -10.44 19.10 47.84
N ALA D 342 -10.53 20.18 47.07
CA ALA D 342 -11.56 20.31 46.04
C ALA D 342 -11.40 19.23 44.98
N MET E 1 14.50 11.19 60.37
CA MET E 1 14.50 10.61 58.99
C MET E 1 15.16 11.60 58.02
N ARG E 2 16.48 11.52 57.89
CA ARG E 2 17.25 12.47 57.10
C ARG E 2 17.86 11.81 55.89
N THR E 3 18.19 12.64 54.90
CA THR E 3 18.93 12.23 53.71
C THR E 3 20.38 12.65 53.86
N LEU E 4 21.29 11.68 53.92
CA LEU E 4 22.71 11.93 54.15
C LEU E 4 23.48 11.59 52.87
N ASN E 5 24.08 12.60 52.24
CA ASN E 5 24.93 12.43 51.07
C ASN E 5 26.38 12.35 51.52
N PHE E 6 27.06 11.28 51.13
CA PHE E 6 28.47 11.07 51.46
C PHE E 6 29.26 11.43 50.21
N ASN E 7 29.84 12.63 50.17
CA ASN E 7 30.56 13.11 49.00
C ASN E 7 32.03 13.19 49.33
N GLY E 8 32.90 12.66 48.47
CA GLY E 8 34.31 12.67 48.84
C GLY E 8 35.15 11.89 47.86
N LYS E 9 36.41 11.71 48.25
CA LYS E 9 37.41 11.13 47.37
C LYS E 9 37.96 9.83 47.95
N ILE E 10 38.26 8.91 47.05
CA ILE E 10 38.99 7.68 47.36
C ILE E 10 40.38 7.80 46.73
N SER E 11 41.42 7.71 47.55
CA SER E 11 42.80 7.66 47.06
C SER E 11 43.28 6.23 47.20
N THR E 12 43.82 5.68 46.12
CA THR E 12 44.13 4.25 46.05
C THR E 12 45.55 4.02 46.51
N LEU E 13 45.72 3.22 47.56
CA LEU E 13 47.05 2.90 48.05
C LEU E 13 47.73 1.86 47.17
N GLU E 14 46.97 0.98 46.55
CA GLU E 14 47.44 0.01 45.57
C GLU E 14 46.53 0.10 44.36
N PRO E 15 46.86 -0.62 43.28
CA PRO E 15 45.95 -0.65 42.13
C PRO E 15 44.54 -1.10 42.52
N LEU E 16 43.61 -0.84 41.62
CA LEU E 16 42.19 -1.13 41.84
C LEU E 16 41.60 -1.65 40.54
N THR E 17 41.21 -2.92 40.51
CA THR E 17 40.64 -3.52 39.31
C THR E 17 39.30 -4.17 39.62
N VAL E 18 38.49 -4.31 38.57
CA VAL E 18 37.21 -4.98 38.63
C VAL E 18 36.96 -5.69 37.30
N THR E 19 36.80 -7.02 37.34
CA THR E 19 36.48 -7.76 36.11
C THR E 19 34.97 -7.77 35.94
N VAL E 20 34.47 -6.70 35.32
CA VAL E 20 33.08 -6.62 34.89
C VAL E 20 32.96 -7.30 33.54
N LYS E 21 32.14 -8.35 33.47
CA LYS E 21 32.06 -9.15 32.25
C LYS E 21 31.60 -8.33 31.05
N ASN E 22 30.92 -7.20 31.28
CA ASN E 22 30.46 -6.37 30.17
C ASN E 22 31.63 -5.76 29.42
N ALA E 23 32.60 -5.19 30.15
CA ALA E 23 33.70 -4.46 29.52
C ALA E 23 34.77 -5.41 29.01
N VAL E 24 35.22 -6.35 29.86
CA VAL E 24 36.27 -7.30 29.49
C VAL E 24 35.99 -7.90 28.13
N SER E 25 37.02 -7.93 27.28
CA SER E 25 36.91 -8.38 25.90
C SER E 25 38.11 -9.26 25.60
N THR E 26 38.28 -9.60 24.32
CA THR E 26 39.37 -10.48 23.91
C THR E 26 40.74 -9.92 24.29
N SER E 27 40.83 -8.60 24.48
CA SER E 27 42.09 -8.01 24.94
C SER E 27 42.46 -8.54 26.33
N GLY E 28 41.49 -8.63 27.22
CA GLY E 28 41.72 -9.07 28.58
C GLY E 28 40.78 -8.34 29.53
N HIS E 29 41.21 -8.21 30.78
CA HIS E 29 40.35 -7.63 31.81
C HIS E 29 40.37 -6.12 31.64
N ARG E 30 39.45 -5.63 30.79
CA ARG E 30 39.27 -4.20 30.59
C ARG E 30 38.43 -3.61 31.71
N LEU E 31 38.87 -2.46 32.22
CA LEU E 31 38.08 -1.78 33.24
C LEU E 31 36.80 -1.23 32.63
N PRO E 32 35.69 -1.21 33.38
CA PRO E 32 34.51 -0.46 32.94
C PRO E 32 34.90 0.96 32.58
N ARG E 33 34.29 1.49 31.51
CA ARG E 33 34.87 2.61 30.78
C ARG E 33 34.06 3.91 30.87
N ASN E 34 32.84 3.88 31.39
CA ASN E 34 32.05 5.10 31.55
C ASN E 34 31.82 5.81 30.23
N GLY E 35 31.51 5.04 29.19
CA GLY E 35 31.19 5.66 27.91
C GLY E 35 31.42 4.76 26.72
N GLY E 36 32.12 5.30 25.73
CA GLY E 36 32.55 4.56 24.56
C GLY E 36 33.95 4.02 24.75
N PHE E 37 34.64 3.80 23.63
CA PHE E 37 35.92 3.11 23.72
C PHE E 37 36.96 3.97 24.42
N ASN E 38 36.92 5.29 24.21
CA ASN E 38 37.90 6.21 24.79
C ASN E 38 37.31 7.08 25.90
N ALA E 39 36.38 6.56 26.69
CA ALA E 39 35.87 7.31 27.85
C ALA E 39 36.82 7.11 29.04
N ALA E 40 36.42 7.61 30.21
CA ALA E 40 37.25 7.57 31.40
C ALA E 40 36.83 6.40 32.29
N PRO E 41 37.67 5.38 32.52
CA PRO E 41 37.27 4.27 33.40
C PRO E 41 36.63 4.73 34.71
N TYR E 42 35.63 3.97 35.16
CA TYR E 42 34.91 4.23 36.39
C TYR E 42 34.84 2.95 37.21
N PHE E 43 35.09 3.08 38.51
CA PHE E 43 34.95 1.91 39.38
C PHE E 43 33.47 1.74 39.70
N PRO E 44 32.81 0.67 39.24
CA PRO E 44 31.37 0.53 39.42
C PRO E 44 30.93 0.76 40.86
N GLY E 45 29.76 1.38 41.02
CA GLY E 45 29.15 1.48 42.32
C GLY E 45 28.65 0.14 42.83
N THR E 46 28.46 -0.84 41.94
CA THR E 46 28.02 -2.16 42.39
C THR E 46 29.09 -2.84 43.24
N SER E 47 30.37 -2.67 42.89
CA SER E 47 31.44 -3.31 43.64
C SER E 47 31.56 -2.71 45.02
N ILE E 48 31.60 -1.38 45.11
CA ILE E 48 31.66 -0.71 46.41
C ILE E 48 30.40 -1.02 47.20
N ARG E 49 29.26 -1.11 46.53
CA ARG E 49 28.01 -1.41 47.21
C ARG E 49 28.04 -2.79 47.82
N GLY E 50 28.55 -3.77 47.08
CA GLY E 50 28.70 -5.11 47.64
C GLY E 50 29.66 -5.13 48.82
N THR E 51 30.79 -4.43 48.69
CA THR E 51 31.76 -4.40 49.78
C THR E 51 31.14 -3.80 51.04
N LEU E 52 30.41 -2.70 50.91
CA LEU E 52 29.81 -2.06 52.08
C LEU E 52 28.64 -2.87 52.60
N ARG E 53 27.89 -3.55 51.73
CA ARG E 53 26.82 -4.41 52.18
C ARG E 53 27.36 -5.57 52.99
N HIS E 54 28.48 -6.15 52.56
CA HIS E 54 29.05 -7.25 53.32
C HIS E 54 29.70 -6.75 54.61
N ALA E 55 30.22 -5.52 54.61
CA ALA E 55 30.69 -4.93 55.86
C ALA E 55 29.53 -4.75 56.83
N ALA E 56 28.39 -4.28 56.33
CA ALA E 56 27.22 -4.12 57.18
C ALA E 56 26.73 -5.48 57.69
N HIS E 57 26.77 -6.49 56.83
CA HIS E 57 26.41 -7.84 57.26
C HIS E 57 27.31 -8.33 58.37
N LYS E 58 28.63 -8.12 58.22
CA LYS E 58 29.57 -8.58 59.23
C LYS E 58 29.37 -7.85 60.55
N VAL E 59 29.15 -6.54 60.51
CA VAL E 59 28.92 -5.81 61.76
C VAL E 59 27.60 -6.24 62.39
N ILE E 60 26.59 -6.56 61.57
CA ILE E 60 25.32 -7.00 62.12
C ILE E 60 25.48 -8.34 62.83
N VAL E 61 26.15 -9.30 62.19
CA VAL E 61 26.33 -10.59 62.83
C VAL E 61 27.26 -10.50 64.03
N ASP E 62 28.14 -9.49 64.06
CA ASP E 62 28.97 -9.29 65.24
C ASP E 62 28.18 -8.68 66.39
N ARG E 63 27.30 -7.72 66.07
CA ARG E 63 26.54 -7.04 67.12
C ARG E 63 25.43 -7.94 67.66
N VAL E 64 24.90 -8.84 66.84
CA VAL E 64 23.93 -9.82 67.34
C VAL E 64 24.61 -10.74 68.34
N GLY E 65 25.83 -11.14 68.06
CA GLY E 65 26.63 -11.94 68.96
C GLY E 65 26.88 -13.34 68.42
N LEU E 66 27.85 -14.00 69.05
CA LEU E 66 28.27 -15.34 68.66
C LEU E 66 28.14 -16.26 69.87
N ASN E 67 27.62 -17.46 69.65
CA ASN E 67 27.44 -18.41 70.74
C ASN E 67 28.80 -18.89 71.24
N ALA E 68 28.77 -19.72 72.27
CA ALA E 68 30.02 -20.23 72.84
C ALA E 68 30.81 -21.02 71.81
N ASP E 69 30.12 -21.72 70.91
CA ASP E 69 30.78 -22.40 69.81
C ASP E 69 31.37 -21.44 68.79
N GLY E 70 31.06 -20.15 68.87
CA GLY E 70 31.57 -19.20 67.91
C GLY E 70 30.78 -19.13 66.62
N LYS E 71 29.46 -19.18 66.71
CA LYS E 71 28.59 -19.28 65.55
C LYS E 71 27.43 -18.30 65.68
N SER E 72 26.90 -17.87 64.53
CA SER E 72 25.89 -16.83 64.47
C SER E 72 24.48 -17.45 64.49
N PRO E 73 23.54 -16.89 65.23
CA PRO E 73 22.21 -17.51 65.32
C PRO E 73 21.45 -17.48 64.01
N PHE E 74 21.79 -16.59 63.09
CA PHE E 74 21.08 -16.51 61.82
C PHE E 74 21.27 -17.79 61.02
N ASP E 75 20.27 -18.12 60.22
CA ASP E 75 20.29 -19.27 59.34
C ASP E 75 20.69 -18.82 57.94
N LEU E 76 20.81 -19.78 57.03
CA LEU E 76 21.31 -19.47 55.69
C LEU E 76 20.38 -18.51 54.96
N ALA E 77 19.07 -18.74 55.03
CA ALA E 77 18.12 -17.83 54.41
C ALA E 77 18.32 -16.40 54.90
N GLU E 78 18.49 -16.22 56.21
CA GLU E 78 18.62 -14.88 56.76
C GLU E 78 19.96 -14.26 56.38
N HIS E 79 21.02 -15.06 56.34
CA HIS E 79 22.32 -14.54 55.91
C HIS E 79 22.24 -14.06 54.47
N PHE E 80 21.69 -14.89 53.59
CA PHE E 80 21.56 -14.51 52.19
C PHE E 80 20.65 -13.29 52.03
N MET E 81 19.61 -13.19 52.86
CA MET E 81 18.77 -11.99 52.84
C MET E 81 19.56 -10.75 53.22
N LEU E 82 20.42 -10.87 54.24
CA LEU E 82 21.10 -9.68 54.73
C LEU E 82 22.21 -9.24 53.78
N ALA E 83 23.01 -10.18 53.27
CA ALA E 83 24.11 -9.78 52.39
C ALA E 83 23.71 -9.73 50.92
N GLN E 84 22.99 -10.74 50.43
CA GLN E 84 22.65 -10.80 49.01
C GLN E 84 21.21 -10.43 48.70
N GLY E 85 20.34 -10.35 49.70
CA GLY E 85 18.95 -10.02 49.44
C GLY E 85 18.26 -11.01 48.54
N VAL E 86 18.63 -12.28 48.60
CA VAL E 86 18.08 -13.33 47.75
C VAL E 86 17.17 -14.21 48.60
N ASP E 87 15.96 -14.47 48.10
CA ASP E 87 14.91 -15.11 48.89
C ASP E 87 15.10 -16.61 48.83
N ILE E 88 16.08 -17.10 49.60
CA ILE E 88 16.37 -18.53 49.63
C ILE E 88 15.13 -19.33 49.97
N ASN E 89 14.40 -18.90 51.02
CA ASN E 89 13.18 -19.61 51.39
C ASN E 89 12.08 -19.37 50.37
N GLY E 90 11.97 -18.14 49.86
CA GLY E 90 10.98 -17.83 48.84
C GLY E 90 9.58 -17.66 49.38
N GLU E 91 9.42 -16.87 50.44
CA GLU E 91 8.11 -16.58 51.00
C GLU E 91 7.93 -15.08 51.26
N ALA E 96 3.79 -7.93 47.99
CA ALA E 96 2.40 -8.33 48.16
C ALA E 96 1.56 -7.16 48.67
N PRO E 97 0.26 -7.15 48.36
CA PRO E 97 -0.59 -6.05 48.86
C PRO E 97 -0.57 -5.92 50.37
N GLY E 98 -0.52 -7.04 51.09
CA GLY E 98 -0.34 -7.01 52.54
C GLY E 98 1.00 -6.43 52.98
N GLU E 99 1.94 -6.28 52.04
CA GLU E 99 3.27 -5.76 52.35
C GLU E 99 3.36 -4.24 52.19
N ILE E 100 2.25 -3.58 51.84
CA ILE E 100 2.31 -2.15 51.57
C ILE E 100 2.79 -1.38 52.80
N ASN E 101 2.30 -1.77 53.98
CA ASN E 101 2.73 -1.14 55.23
C ASN E 101 3.67 -2.01 56.05
N ALA E 102 3.83 -3.29 55.70
CA ALA E 102 4.80 -4.11 56.41
C ALA E 102 6.22 -3.64 56.19
N GLY E 103 6.45 -2.83 55.16
CA GLY E 103 7.79 -2.28 54.94
C GLY E 103 8.23 -1.36 56.05
N ALA E 104 7.28 -0.68 56.70
CA ALA E 104 7.64 0.27 57.74
C ALA E 104 8.30 -0.42 58.92
N GLU E 105 7.65 -1.46 59.44
CA GLU E 105 8.21 -2.14 60.60
C GLU E 105 9.27 -3.16 60.21
N LEU E 106 9.24 -3.68 58.99
CA LEU E 106 10.35 -4.50 58.53
C LEU E 106 11.63 -3.68 58.46
N ARG E 107 11.54 -2.44 57.97
CA ARG E 107 12.67 -1.53 58.01
C ARG E 107 13.04 -1.18 59.45
N SER E 108 12.04 -0.95 60.31
CA SER E 108 12.31 -0.48 61.66
C SER E 108 13.05 -1.53 62.48
N LYS E 109 12.68 -2.81 62.32
CA LYS E 109 13.28 -3.88 63.10
C LYS E 109 14.49 -4.52 62.41
N ASN E 110 14.67 -4.27 61.11
CA ASN E 110 15.84 -4.77 60.37
C ASN E 110 16.46 -3.59 59.65
N PRO E 111 17.30 -2.81 60.33
CA PRO E 111 17.91 -1.65 59.68
C PRO E 111 18.77 -1.99 58.47
N LEU E 112 19.43 -3.14 58.47
CA LEU E 112 20.30 -3.49 57.34
C LEU E 112 19.49 -3.66 56.07
N ILE E 113 18.43 -4.46 56.12
CA ILE E 113 17.65 -4.74 54.93
C ILE E 113 16.90 -3.48 54.48
N SER E 114 16.66 -2.54 55.39
CA SER E 114 16.17 -1.23 54.98
C SER E 114 17.25 -0.47 54.21
N LEU E 115 18.46 -0.43 54.77
CA LEU E 115 19.55 0.31 54.13
C LEU E 115 19.85 -0.26 52.75
N PHE E 116 20.26 -1.52 52.69
CA PHE E 116 20.42 -2.25 51.43
C PHE E 116 19.18 -3.10 51.24
N GLY E 117 18.36 -2.75 50.25
CA GLY E 117 17.08 -3.38 50.10
C GLY E 117 17.19 -4.82 49.63
N ARG E 118 16.02 -5.41 49.39
CA ARG E 118 15.88 -6.73 48.81
C ARG E 118 14.99 -6.63 47.58
N TRP E 119 14.74 -7.76 46.94
CA TRP E 119 13.83 -7.79 45.81
C TRP E 119 12.45 -7.31 46.23
N GLY E 120 12.03 -6.17 45.69
CA GLY E 120 10.74 -5.58 46.02
C GLY E 120 10.78 -4.58 47.17
N LEU E 121 11.88 -4.51 47.91
CA LEU E 121 12.06 -3.56 49.02
C LEU E 121 13.13 -2.56 48.63
N SER E 122 12.74 -1.30 48.46
CA SER E 122 13.68 -0.28 48.02
C SER E 122 14.73 -0.03 49.09
N GLY E 123 16.00 -0.07 48.70
CA GLY E 123 17.09 0.19 49.63
C GLY E 123 17.30 1.67 49.83
N LYS E 124 17.54 2.06 51.09
CA LYS E 124 17.70 3.47 51.40
C LYS E 124 19.04 4.02 50.94
N VAL E 125 20.08 3.19 50.94
CA VAL E 125 21.41 3.63 50.54
C VAL E 125 21.59 3.45 49.05
N GLY E 126 22.25 4.42 48.43
CA GLY E 126 22.69 4.33 47.05
C GLY E 126 24.17 4.60 46.98
N ILE E 127 24.96 3.61 46.55
CA ILE E 127 26.40 3.70 46.53
C ILE E 127 26.85 3.87 45.09
N GLY E 128 27.40 5.05 44.78
CA GLY E 128 27.66 5.43 43.41
C GLY E 128 28.99 4.92 42.89
N ASN E 129 29.26 5.28 41.63
CA ASN E 129 30.51 4.90 40.97
C ASN E 129 31.62 5.88 41.34
N ALA E 130 32.78 5.32 41.71
CA ALA E 130 33.98 6.14 41.88
C ALA E 130 34.55 6.49 40.51
N ILE E 131 34.89 7.76 40.32
CA ILE E 131 35.30 8.28 39.01
C ILE E 131 36.60 9.06 39.18
N PRO E 132 37.64 8.80 38.38
CA PRO E 132 38.91 9.51 38.59
C PRO E 132 38.77 11.01 38.34
N ASP E 133 39.54 11.78 39.10
CA ASP E 133 39.55 13.23 38.93
C ASP E 133 40.37 13.63 37.72
N GLY E 134 41.66 13.28 37.70
CA GLY E 134 42.55 13.61 36.62
C GLY E 134 42.47 12.63 35.48
N ASP E 135 43.52 12.62 34.66
CA ASP E 135 43.62 11.76 33.49
C ASP E 135 44.86 10.89 33.66
N ASN E 136 44.93 9.81 32.88
CA ASN E 136 46.05 8.87 32.90
C ASN E 136 46.27 8.32 34.30
N GLN E 137 45.18 8.03 35.01
CA GLN E 137 45.24 7.37 36.30
C GLN E 137 44.86 5.89 36.22
N TRP E 138 44.90 5.31 35.03
CA TRP E 138 44.60 3.90 34.82
C TRP E 138 45.64 3.29 33.91
N GLY E 139 46.05 2.06 34.24
CA GLY E 139 46.98 1.32 33.41
C GLY E 139 46.82 -0.17 33.56
N MET E 140 47.64 -0.89 32.80
CA MET E 140 47.71 -2.35 32.86
C MET E 140 48.67 -2.78 33.95
N PHE E 141 48.24 -3.77 34.74
CA PHE E 141 49.04 -4.34 35.81
C PHE E 141 48.93 -5.85 35.73
N GLY E 142 49.93 -6.54 36.30
CA GLY E 142 49.88 -7.98 36.38
C GLY E 142 50.83 -8.67 35.43
N GLY E 143 51.99 -8.07 35.18
CA GLY E 143 52.93 -8.65 34.23
C GLY E 143 53.59 -9.89 34.82
N GLY E 144 53.63 -10.96 34.03
CA GLY E 144 54.21 -12.22 34.48
C GLY E 144 54.61 -13.11 33.32
N PRO E 235 53.00 -15.72 28.65
CA PRO E 235 51.71 -15.28 28.14
C PRO E 235 50.63 -15.22 29.22
N ILE E 236 50.60 -14.12 29.96
CA ILE E 236 49.65 -13.94 31.06
C ILE E 236 48.89 -12.64 30.82
N ASP E 237 47.57 -12.71 30.98
CA ASP E 237 46.70 -11.59 30.62
C ASP E 237 46.99 -10.44 31.59
N PRO E 238 47.39 -9.27 31.12
CA PRO E 238 47.49 -8.10 32.01
C PRO E 238 46.13 -7.47 32.21
N TYR E 239 45.78 -7.22 33.47
CA TYR E 239 44.47 -6.70 33.84
C TYR E 239 44.52 -5.19 34.00
N GLU E 240 43.42 -4.53 33.67
CA GLU E 240 43.33 -3.09 33.77
C GLU E 240 42.99 -2.69 35.20
N ALA E 241 43.47 -1.52 35.62
CA ALA E 241 43.34 -1.12 37.00
C ALA E 241 43.76 0.34 37.12
N PHE E 242 43.44 0.94 38.26
CA PHE E 242 43.86 2.30 38.55
C PHE E 242 45.24 2.29 39.19
N ILE E 243 45.80 3.49 39.36
CA ILE E 243 47.17 3.63 39.85
C ILE E 243 47.15 4.02 41.32
N THR E 244 48.29 3.83 41.97
CA THR E 244 48.45 4.28 43.35
C THR E 244 48.26 5.79 43.43
N GLY E 245 47.46 6.23 44.39
CA GLY E 245 47.21 7.64 44.60
C GLY E 245 46.18 8.26 43.69
N ALA E 246 45.55 7.47 42.81
CA ALA E 246 44.52 8.00 41.94
C ALA E 246 43.35 8.52 42.77
N GLU E 247 42.91 9.74 42.47
CA GLU E 247 41.80 10.36 43.18
C GLU E 247 40.51 10.04 42.43
N LEU E 248 39.66 9.21 43.03
CA LEU E 248 38.37 8.84 42.47
C LEU E 248 37.29 9.59 43.24
N SER E 249 36.52 10.42 42.54
CA SER E 249 35.44 11.17 43.17
C SER E 249 34.24 10.24 43.34
N HIS E 250 33.89 9.94 44.58
CA HIS E 250 32.77 9.06 44.90
C HIS E 250 31.68 9.82 45.63
N ARG E 251 30.47 9.28 45.56
CA ARG E 251 29.30 9.93 46.12
C ARG E 251 28.25 8.86 46.43
N MET E 252 28.03 8.59 47.71
CA MET E 252 26.89 7.80 48.15
C MET E 252 25.78 8.72 48.64
N SER E 253 24.61 8.12 48.88
CA SER E 253 23.47 8.90 49.38
C SER E 253 22.49 7.96 50.04
N ILE E 254 22.24 8.16 51.34
CA ILE E 254 21.22 7.42 52.07
C ILE E 254 19.97 8.29 52.10
N LYS E 255 18.84 7.72 51.68
CA LYS E 255 17.63 8.48 51.43
C LYS E 255 16.65 8.16 52.55
N ASN E 256 16.27 9.19 53.32
CA ASN E 256 15.34 9.06 54.44
C ASN E 256 15.79 7.96 55.40
N ALA E 257 16.97 8.15 55.98
CA ALA E 257 17.47 7.22 56.98
C ALA E 257 17.26 7.78 58.37
N THR E 258 17.10 6.86 59.32
CA THR E 258 16.89 7.19 60.72
C THR E 258 18.24 7.25 61.41
N ASP E 259 18.22 7.34 62.74
CA ASP E 259 19.47 7.40 63.48
C ASP E 259 20.15 6.04 63.51
N GLU E 260 19.38 4.98 63.71
CA GLU E 260 19.94 3.63 63.64
C GLU E 260 20.44 3.30 62.24
N GLU E 261 19.66 3.65 61.20
CA GLU E 261 20.08 3.34 59.83
C GLU E 261 21.42 4.00 59.50
N ALA E 262 21.55 5.29 59.81
CA ALA E 262 22.78 6.00 59.48
C ALA E 262 23.93 5.51 60.35
N GLY E 263 23.65 5.19 61.62
CA GLY E 263 24.69 4.61 62.44
C GLY E 263 25.14 3.25 61.92
N LEU E 264 24.20 2.47 61.38
CA LEU E 264 24.57 1.19 60.78
C LEU E 264 25.48 1.40 59.58
N PHE E 265 25.18 2.40 58.75
CA PHE E 265 26.04 2.64 57.59
C PHE E 265 27.43 3.11 58.04
N ILE E 266 27.46 3.99 59.04
CA ILE E 266 28.75 4.47 59.53
C ILE E 266 29.56 3.32 60.12
N SER E 267 28.91 2.46 60.92
CA SER E 267 29.59 1.30 61.46
C SER E 267 30.07 0.37 60.36
N ALA E 268 29.29 0.24 59.29
CA ALA E 268 29.72 -0.57 58.16
C ALA E 268 30.97 0.03 57.52
N LEU E 269 31.05 1.35 57.47
CA LEU E 269 32.26 1.98 56.94
C LEU E 269 33.43 1.80 57.89
N ILE E 270 33.16 1.82 59.19
CA ILE E 270 34.22 1.59 60.18
C ILE E 270 34.79 0.19 60.02
N ARG E 271 33.91 -0.80 59.85
CA ARG E 271 34.36 -2.18 59.74
C ARG E 271 35.01 -2.45 58.39
N PHE E 272 34.51 -1.81 57.32
CA PHE E 272 35.18 -1.89 56.03
C PHE E 272 36.57 -1.28 56.10
N ALA E 273 36.75 -0.24 56.92
CA ALA E 273 38.05 0.40 57.02
C ALA E 273 39.10 -0.49 57.68
N ALA E 274 38.67 -1.56 58.35
CA ALA E 274 39.62 -2.56 58.82
C ALA E 274 40.30 -3.26 57.64
N GLU E 275 39.54 -3.58 56.61
CA GLU E 275 40.07 -4.15 55.36
C GLU E 275 39.53 -3.32 54.21
N PRO E 276 40.06 -2.11 54.01
CA PRO E 276 39.47 -1.20 53.01
C PRO E 276 39.77 -1.62 51.58
N ARG E 277 39.41 -2.85 51.22
CA ARG E 277 39.76 -3.43 49.92
C ARG E 277 38.54 -3.45 49.01
N PHE E 278 38.71 -2.98 47.79
CA PHE E 278 37.64 -2.89 46.81
C PHE E 278 38.00 -3.71 45.57
N GLY E 279 36.96 -4.15 44.87
CA GLY E 279 37.16 -4.85 43.61
C GLY E 279 37.50 -6.30 43.86
N GLY E 280 38.57 -6.77 43.23
CA GLY E 280 39.13 -8.06 43.55
C GLY E 280 40.64 -8.02 43.72
N HIS E 281 41.32 -8.91 43.00
CA HIS E 281 42.77 -9.02 43.01
C HIS E 281 43.33 -8.88 44.43
N ALA E 282 42.83 -9.76 45.32
CA ALA E 282 43.34 -9.80 46.68
C ALA E 282 44.83 -10.13 46.67
N ASN E 283 45.21 -11.13 45.90
CA ASN E 283 46.61 -11.30 45.55
C ASN E 283 47.03 -10.15 44.66
N HIS E 284 48.30 -9.74 44.80
CA HIS E 284 48.85 -8.49 44.30
C HIS E 284 48.39 -7.29 45.12
N ASN E 285 47.58 -7.50 46.17
CA ASN E 285 47.16 -6.47 47.10
C ASN E 285 46.41 -5.32 46.41
N CYS E 286 45.90 -5.55 45.20
CA CYS E 286 45.10 -4.54 44.53
C CYS E 286 43.73 -4.44 45.19
N GLY E 287 43.25 -3.21 45.39
CA GLY E 287 41.94 -2.95 45.95
C GLY E 287 41.96 -2.08 47.19
N LEU E 288 43.06 -2.09 47.93
CA LEU E 288 43.08 -1.36 49.20
C LEU E 288 43.12 0.14 48.91
N VAL E 289 42.22 0.88 49.58
CA VAL E 289 42.08 2.32 49.39
C VAL E 289 42.05 3.02 50.74
N GLU E 290 42.43 4.29 50.74
CA GLU E 290 42.17 5.21 51.84
C GLU E 290 41.27 6.31 51.30
N ALA E 291 40.12 6.51 51.93
CA ALA E 291 39.10 7.39 51.38
C ALA E 291 38.55 8.28 52.48
N HIS E 292 37.99 9.42 52.06
CA HIS E 292 37.39 10.37 52.97
C HIS E 292 36.12 10.93 52.34
N TRP E 293 35.06 10.99 53.14
CA TRP E 293 33.76 11.48 52.72
C TRP E 293 33.27 12.55 53.68
N THR E 294 32.80 13.66 53.15
CA THR E 294 32.05 14.65 53.92
C THR E 294 30.57 14.25 53.84
N VAL E 295 30.05 13.79 54.98
CA VAL E 295 28.64 13.49 55.14
C VAL E 295 27.90 14.81 55.31
N THR E 296 27.20 15.25 54.27
CA THR E 296 26.36 16.43 54.33
C THR E 296 24.90 16.01 54.18
N THR E 297 24.04 16.52 55.04
CA THR E 297 22.62 16.27 54.92
C THR E 297 21.92 17.48 54.32
N TRP E 298 20.65 17.30 54.00
CA TRP E 298 19.87 18.35 53.34
C TRP E 298 18.42 18.14 53.73
N LYS E 299 17.93 18.95 54.65
CA LYS E 299 16.52 18.90 55.00
C LYS E 299 15.75 19.39 53.77
N PRO E 300 14.82 18.59 53.22
CA PRO E 300 14.08 19.08 52.04
C PRO E 300 13.34 20.37 52.36
N GLY E 301 13.44 21.32 51.43
CA GLY E 301 12.95 22.67 51.62
C GLY E 301 14.05 23.70 51.82
N GLU E 302 15.15 23.30 52.46
CA GLU E 302 16.26 24.20 52.71
C GLU E 302 17.09 24.40 51.43
N LEU E 303 17.57 25.63 51.25
CA LEU E 303 18.27 25.96 50.01
C LEU E 303 19.67 25.37 49.97
N VAL E 304 20.31 25.18 51.12
CA VAL E 304 21.70 24.74 51.18
C VAL E 304 21.83 23.57 52.16
N PRO E 305 22.59 22.52 51.83
CA PRO E 305 22.79 21.43 52.79
C PRO E 305 23.74 21.83 53.90
N VAL E 306 23.68 21.07 54.99
CA VAL E 306 24.49 21.30 56.18
C VAL E 306 25.39 20.09 56.38
N THR E 307 26.68 20.33 56.55
CA THR E 307 27.65 19.26 56.71
C THR E 307 27.60 18.75 58.15
N LEU E 308 27.27 17.46 58.32
CA LEU E 308 27.31 16.85 59.64
C LEU E 308 28.74 16.48 60.04
N GLY E 309 29.66 16.44 59.10
CA GLY E 309 31.07 16.27 59.39
C GLY E 309 31.73 15.46 58.30
N GLU E 310 32.97 15.07 58.57
CA GLU E 310 33.79 14.30 57.65
C GLU E 310 34.16 12.95 58.27
N ILE E 311 34.04 11.90 57.47
CA ILE E 311 34.56 10.58 57.83
C ILE E 311 35.76 10.29 56.93
N VAL E 312 36.89 9.95 57.55
CA VAL E 312 38.15 9.73 56.86
C VAL E 312 38.64 8.33 57.18
N ILE E 313 38.94 7.56 56.14
CA ILE E 313 39.45 6.20 56.27
C ILE E 313 40.90 6.21 55.80
N THR E 314 41.83 5.97 56.70
CA THR E 314 43.26 5.93 56.41
C THR E 314 43.84 4.69 57.04
N PRO E 315 44.97 4.19 56.54
CA PRO E 315 45.54 2.96 57.10
C PRO E 315 45.90 3.07 58.57
N ASN E 316 46.06 4.28 59.09
CA ASN E 316 46.37 4.48 60.50
C ASN E 316 45.15 4.73 61.36
N GLY E 317 43.95 4.68 60.80
CA GLY E 317 42.74 4.81 61.59
C GLY E 317 41.59 5.37 60.79
N VAL E 318 40.44 5.45 61.46
CA VAL E 318 39.23 6.03 60.89
C VAL E 318 38.86 7.22 61.77
N GLU E 319 38.95 8.41 61.20
CA GLU E 319 38.61 9.64 61.90
C GLU E 319 37.17 10.02 61.58
N ILE E 320 36.34 10.11 62.62
CA ILE E 320 34.95 10.51 62.47
C ILE E 320 34.82 11.89 63.11
N THR E 321 34.63 12.91 62.28
CA THR E 321 34.47 14.27 62.73
C THR E 321 33.00 14.66 62.67
N GLY E 322 32.60 15.54 63.59
CA GLY E 322 31.20 15.89 63.69
C GLY E 322 30.48 15.07 64.74
N ASP E 323 30.01 15.73 65.80
CA ASP E 323 29.35 15.01 66.89
C ASP E 323 28.09 14.32 66.40
N GLU E 324 27.59 14.67 65.22
CA GLU E 324 26.36 14.07 64.73
C GLU E 324 26.60 12.65 64.20
N LEU E 325 27.75 12.41 63.58
CA LEU E 325 28.03 11.05 63.12
C LEU E 325 28.21 10.11 64.30
N PHE E 326 28.86 10.60 65.37
CA PHE E 326 28.94 9.83 66.59
C PHE E 326 27.56 9.59 67.19
N ALA E 327 26.70 10.61 67.15
CA ALA E 327 25.36 10.44 67.71
C ALA E 327 24.57 9.37 66.97
N MET E 328 24.67 9.35 65.63
CA MET E 328 23.96 8.30 64.90
C MET E 328 24.61 6.94 65.11
N VAL E 329 25.93 6.91 65.34
CA VAL E 329 26.60 5.64 65.55
C VAL E 329 26.16 5.03 66.87
N LYS E 330 26.20 5.80 67.95
CA LYS E 330 25.81 5.27 69.24
C LYS E 330 24.29 5.05 69.30
N ALA E 331 23.52 5.81 68.53
CA ALA E 331 22.10 5.52 68.41
C ALA E 331 21.87 4.14 67.80
N PHE E 332 22.64 3.80 66.77
CA PHE E 332 22.53 2.47 66.18
C PHE E 332 23.00 1.40 67.16
N ASN E 333 24.11 1.66 67.85
CA ASN E 333 24.69 0.65 68.72
C ASN E 333 23.77 0.31 69.88
N GLU E 334 23.15 1.31 70.50
CA GLU E 334 22.38 1.10 71.70
C GLU E 334 20.94 0.68 71.45
N ASN E 335 20.48 0.73 70.21
CA ASN E 335 19.11 0.32 69.90
C ASN E 335 19.00 -1.20 69.97
N GLN E 336 18.37 -1.70 71.04
CA GLN E 336 18.29 -3.12 71.33
C GLN E 336 17.01 -3.76 70.77
N SER E 337 16.41 -3.18 69.73
CA SER E 337 15.07 -3.50 69.29
C SER E 337 15.05 -3.90 67.81
N PHE E 338 16.11 -4.59 67.37
CA PHE E 338 16.25 -5.00 65.98
C PHE E 338 16.13 -6.51 65.88
N ASP E 339 15.07 -6.96 65.19
CA ASP E 339 14.87 -8.36 64.88
C ASP E 339 15.33 -8.57 63.44
N PHE E 340 16.39 -9.35 63.26
CA PHE E 340 16.95 -9.63 61.94
C PHE E 340 16.48 -10.98 61.40
N THR E 341 15.28 -11.40 61.80
CA THR E 341 14.70 -12.67 61.37
C THR E 341 13.31 -12.45 60.79
N ALA E 342 13.05 -11.26 60.26
CA ALA E 342 11.78 -10.90 59.64
C ALA E 342 12.00 -10.55 58.18
N ARG E 343 10.93 -10.67 57.40
CA ARG E 343 11.00 -10.39 55.97
C ARG E 343 9.61 -10.46 55.34
N MET F 1 -10.54 -31.77 -49.47
CA MET F 1 -10.30 -33.22 -49.24
C MET F 1 -9.62 -33.36 -47.88
N LEU F 2 -10.38 -33.78 -46.88
CA LEU F 2 -9.87 -34.08 -45.56
C LEU F 2 -10.98 -34.73 -44.76
N ASN F 3 -10.59 -35.51 -43.76
CA ASN F 3 -11.57 -36.09 -42.85
C ASN F 3 -12.27 -34.99 -42.09
N PHE F 4 -13.56 -35.18 -41.84
CA PHE F 4 -14.39 -34.16 -41.21
C PHE F 4 -15.17 -34.80 -40.07
N LYS F 5 -15.12 -34.15 -38.91
CA LYS F 5 -15.79 -34.56 -37.69
C LYS F 5 -16.84 -33.52 -37.32
N PRO F 6 -17.94 -33.92 -36.67
CA PRO F 6 -18.92 -32.93 -36.21
C PRO F 6 -18.43 -32.18 -34.98
N TYR F 7 -18.18 -30.88 -35.16
CA TYR F 7 -17.69 -29.99 -34.13
C TYR F 7 -18.73 -28.91 -33.85
N ARG F 8 -18.73 -28.41 -32.62
CA ARG F 8 -19.52 -27.26 -32.22
C ARG F 8 -18.55 -26.19 -31.76
N VAL F 9 -18.69 -24.98 -32.29
CA VAL F 9 -17.79 -23.88 -31.99
C VAL F 9 -18.58 -22.82 -31.25
N ILE F 10 -18.09 -22.42 -30.09
CA ILE F 10 -18.72 -21.44 -29.21
C ILE F 10 -17.73 -20.31 -28.97
N MET F 11 -18.15 -19.09 -29.22
CA MET F 11 -17.30 -17.92 -29.10
C MET F 11 -17.94 -16.88 -28.20
N SER F 12 -17.11 -16.21 -27.41
CA SER F 12 -17.58 -15.15 -26.52
C SER F 12 -17.93 -13.90 -27.32
N SER F 13 -19.19 -13.48 -27.24
CA SER F 13 -19.65 -12.35 -28.03
C SER F 13 -19.14 -11.05 -27.41
N LEU F 14 -18.38 -10.30 -28.19
CA LEU F 14 -17.86 -9.01 -27.76
C LEU F 14 -18.71 -7.83 -28.21
N THR F 15 -19.38 -7.95 -29.36
CA THR F 15 -20.18 -6.88 -29.94
C THR F 15 -21.59 -7.37 -30.23
N PRO F 16 -22.58 -6.48 -30.24
CA PRO F 16 -23.92 -6.90 -30.69
C PRO F 16 -23.91 -7.37 -32.14
N VAL F 17 -24.78 -8.35 -32.42
CA VAL F 17 -24.79 -9.07 -33.69
C VAL F 17 -25.99 -8.60 -34.49
N VAL F 18 -25.74 -7.93 -35.61
CA VAL F 18 -26.80 -7.51 -36.52
C VAL F 18 -27.14 -8.67 -37.44
N ILE F 19 -28.35 -9.22 -37.30
CA ILE F 19 -28.79 -10.35 -38.10
C ILE F 19 -29.50 -9.82 -39.34
N SER F 20 -29.01 -10.22 -40.52
CA SER F 20 -29.57 -9.75 -41.78
C SER F 20 -30.75 -10.62 -42.23
N GLY F 21 -31.73 -10.74 -41.35
CA GLY F 21 -32.95 -11.45 -41.68
C GLY F 21 -32.79 -12.93 -41.52
N ILE F 22 -31.96 -13.53 -42.36
CA ILE F 22 -31.56 -14.92 -42.20
C ILE F 22 -30.41 -14.96 -41.20
N ALA F 23 -30.39 -15.99 -40.37
CA ALA F 23 -29.33 -16.08 -39.38
C ALA F 23 -27.99 -16.28 -40.07
N PRO F 24 -26.93 -15.62 -39.62
CA PRO F 24 -25.61 -15.83 -40.24
C PRO F 24 -25.16 -17.27 -40.04
N SER F 25 -24.83 -17.93 -41.15
CA SER F 25 -24.37 -19.30 -41.12
C SER F 25 -22.85 -19.34 -40.97
N LEU F 26 -22.35 -20.41 -40.35
CA LEU F 26 -20.92 -20.53 -40.13
C LEU F 26 -20.18 -20.70 -41.44
N ASP F 27 -20.84 -21.25 -42.46
CA ASP F 27 -20.20 -21.37 -43.77
C ASP F 27 -19.94 -20.00 -44.38
N GLY F 28 -20.83 -19.04 -44.15
CA GLY F 28 -20.56 -17.69 -44.63
C GLY F 28 -19.38 -17.04 -43.94
N ILE F 29 -19.27 -17.22 -42.62
CA ILE F 29 -18.12 -16.73 -41.90
C ILE F 29 -16.84 -17.38 -42.43
N LEU F 30 -16.88 -18.70 -42.64
CA LEU F 30 -15.71 -19.39 -43.17
C LEU F 30 -15.42 -18.97 -44.60
N TYR F 31 -16.43 -18.54 -45.34
CA TYR F 31 -16.21 -18.12 -46.71
C TYR F 31 -15.57 -16.74 -46.75
N GLU F 32 -15.95 -15.86 -45.82
CA GLU F 32 -15.25 -14.59 -45.68
C GLU F 32 -13.82 -14.83 -45.24
N ALA F 33 -13.62 -15.78 -44.33
CA ALA F 33 -12.28 -16.01 -43.80
C ALA F 33 -11.37 -16.60 -44.86
N LEU F 34 -11.87 -17.53 -45.67
CA LEU F 34 -11.08 -18.04 -46.79
C LEU F 34 -10.97 -17.04 -47.93
N SER F 35 -11.93 -16.12 -48.06
CA SER F 35 -11.80 -15.05 -49.03
C SER F 35 -10.67 -14.11 -48.65
N GLN F 36 -10.34 -14.06 -47.36
CA GLN F 36 -9.19 -13.31 -46.91
C GLN F 36 -7.91 -14.15 -46.99
N ALA F 37 -7.93 -15.34 -46.39
CA ALA F 37 -6.73 -16.18 -46.30
C ALA F 37 -6.06 -16.37 -47.65
N ILE F 38 -6.78 -16.96 -48.61
CA ILE F 38 -6.40 -16.88 -50.00
C ILE F 38 -7.12 -15.66 -50.57
N PRO F 39 -6.46 -14.51 -50.76
CA PRO F 39 -7.20 -13.34 -51.27
C PRO F 39 -7.91 -13.69 -52.56
N SER F 40 -9.24 -13.64 -52.52
CA SER F 40 -10.04 -14.01 -53.67
C SER F 40 -11.44 -13.44 -53.49
N ASN F 41 -11.89 -12.63 -54.44
CA ASN F 41 -13.30 -12.29 -54.52
C ASN F 41 -14.07 -13.19 -55.48
N GLU F 42 -13.38 -14.04 -56.23
CA GLU F 42 -14.04 -14.99 -57.11
C GLU F 42 -14.69 -16.08 -56.27
N PRO F 43 -16.02 -16.29 -56.37
CA PRO F 43 -16.64 -17.28 -55.47
C PRO F 43 -16.14 -18.70 -55.67
N GLY F 44 -15.77 -19.09 -56.89
CA GLY F 44 -15.51 -20.50 -57.14
C GLY F 44 -14.32 -21.03 -56.37
N VAL F 45 -13.22 -20.27 -56.36
CA VAL F 45 -12.01 -20.75 -55.68
C VAL F 45 -12.22 -20.79 -54.18
N VAL F 46 -12.88 -19.77 -53.63
CA VAL F 46 -13.12 -19.74 -52.19
C VAL F 46 -14.04 -20.90 -51.80
N LEU F 47 -15.07 -21.16 -52.60
CA LEU F 47 -15.94 -22.31 -52.35
C LEU F 47 -15.15 -23.61 -52.41
N ALA F 48 -14.27 -23.75 -53.40
CA ALA F 48 -13.47 -24.96 -53.53
C ALA F 48 -12.61 -25.18 -52.30
N ARG F 49 -11.98 -24.11 -51.80
CA ARG F 49 -11.12 -24.26 -50.63
C ARG F 49 -11.94 -24.45 -49.36
N LEU F 50 -13.15 -23.88 -49.32
CA LEU F 50 -14.04 -24.13 -48.19
C LEU F 50 -14.46 -25.58 -48.12
N LYS F 51 -14.66 -26.21 -49.28
CA LYS F 51 -14.99 -27.63 -49.29
C LYS F 51 -13.85 -28.48 -48.74
N GLU F 52 -12.61 -27.98 -48.77
CA GLU F 52 -11.49 -28.71 -48.21
C GLU F 52 -11.46 -28.68 -46.69
N ILE F 53 -12.14 -27.74 -46.06
CA ILE F 53 -12.17 -27.63 -44.61
C ILE F 53 -13.57 -27.79 -44.03
N LEU F 54 -14.62 -27.78 -44.85
CA LEU F 54 -15.99 -27.93 -44.39
C LEU F 54 -16.68 -28.97 -45.25
N LEU F 55 -17.50 -29.80 -44.61
CA LEU F 55 -18.26 -30.79 -45.35
C LEU F 55 -19.39 -30.12 -46.13
N PHE F 56 -19.63 -30.61 -47.34
CA PHE F 56 -20.62 -30.03 -48.25
C PHE F 56 -21.62 -31.10 -48.64
N ASN F 57 -22.90 -30.81 -48.41
CA ASN F 57 -23.98 -31.76 -48.69
C ASN F 57 -24.34 -31.66 -50.17
N ASP F 58 -23.93 -32.67 -50.94
CA ASP F 58 -24.21 -32.64 -52.38
C ASP F 58 -25.70 -32.83 -52.66
N GLU F 59 -26.36 -33.72 -51.92
CA GLU F 59 -27.78 -33.97 -52.15
C GLU F 59 -28.65 -32.79 -51.75
N LEU F 60 -28.12 -31.83 -50.99
CA LEU F 60 -28.83 -30.63 -50.61
C LEU F 60 -28.20 -29.36 -51.16
N GLY F 61 -26.91 -29.37 -51.50
CA GLY F 61 -26.26 -28.18 -51.98
C GLY F 61 -25.86 -27.20 -50.91
N VAL F 62 -25.84 -27.63 -49.65
CA VAL F 62 -25.57 -26.76 -48.52
C VAL F 62 -24.37 -27.29 -47.74
N PHE F 63 -23.70 -26.38 -47.05
CA PHE F 63 -22.59 -26.73 -46.19
C PHE F 63 -23.08 -27.24 -44.84
N HIS F 64 -22.35 -28.21 -44.28
CA HIS F 64 -22.65 -28.73 -42.95
C HIS F 64 -22.16 -27.70 -41.94
N ALA F 65 -22.96 -26.62 -41.81
CA ALA F 65 -22.61 -25.50 -40.95
C ALA F 65 -23.91 -24.85 -40.51
N SER F 66 -24.32 -25.12 -39.27
CA SER F 66 -25.59 -24.63 -38.78
C SER F 66 -25.60 -23.12 -38.69
N SER F 67 -26.80 -22.55 -38.64
CA SER F 67 -26.92 -21.11 -38.51
C SER F 67 -26.54 -20.69 -37.10
N LEU F 68 -26.44 -19.38 -36.91
CA LEU F 68 -26.09 -18.84 -35.60
C LEU F 68 -27.15 -19.24 -34.58
N ARG F 69 -26.68 -19.67 -33.41
CA ARG F 69 -27.56 -19.93 -32.27
C ARG F 69 -26.93 -19.27 -31.06
N PHE F 70 -27.65 -18.36 -30.43
CA PHE F 70 -27.09 -17.61 -29.32
C PHE F 70 -27.04 -18.49 -28.06
N GLY F 71 -25.86 -18.55 -27.45
CA GLY F 71 -25.69 -19.22 -26.18
C GLY F 71 -25.85 -18.22 -25.07
N ILE F 72 -26.94 -18.37 -24.32
CA ILE F 72 -27.32 -17.46 -23.23
C ILE F 72 -27.07 -18.17 -21.91
N THR F 73 -26.42 -17.47 -20.99
CA THR F 73 -26.12 -17.96 -19.67
C THR F 73 -27.15 -17.48 -18.65
N PRO F 74 -27.16 -18.05 -17.45
CA PRO F 74 -28.10 -17.56 -16.43
C PRO F 74 -27.83 -16.13 -15.99
N GLU F 75 -26.64 -15.59 -16.26
CA GLU F 75 -26.31 -14.22 -15.91
C GLU F 75 -26.66 -13.24 -17.04
N GLN F 76 -26.29 -13.57 -18.28
CA GLN F 76 -26.56 -12.71 -19.42
C GLN F 76 -27.32 -13.49 -20.48
N GLY F 77 -28.36 -12.86 -21.03
CA GLY F 77 -29.19 -13.46 -22.05
C GLY F 77 -29.25 -12.66 -23.33
N ILE F 78 -30.10 -13.07 -24.26
CA ILE F 78 -30.24 -12.37 -25.52
C ILE F 78 -30.85 -10.99 -25.26
N GLY F 79 -30.21 -9.96 -25.79
CA GLY F 79 -30.66 -8.60 -25.56
C GLY F 79 -30.84 -7.85 -26.86
N ALA F 80 -31.74 -6.87 -26.82
CA ALA F 80 -32.10 -6.05 -27.98
C ALA F 80 -31.29 -4.76 -27.93
N THR F 81 -30.23 -4.69 -28.73
CA THR F 81 -29.38 -3.52 -28.84
C THR F 81 -29.52 -2.96 -30.25
N THR F 82 -29.05 -1.73 -30.45
CA THR F 82 -29.10 -1.09 -31.76
C THR F 82 -27.67 -0.78 -32.20
N SER F 83 -27.26 -1.39 -33.31
CA SER F 83 -25.99 -1.08 -33.95
C SER F 83 -26.19 0.19 -34.74
N MET F 84 -25.54 1.27 -34.30
CA MET F 84 -25.86 2.63 -34.72
C MET F 84 -24.63 3.22 -35.41
N ARG F 85 -24.73 3.42 -36.72
CA ARG F 85 -23.72 4.12 -37.49
C ARG F 85 -24.16 5.57 -37.66
N CYS F 86 -23.32 6.50 -37.21
CA CYS F 86 -23.61 7.92 -37.33
C CYS F 86 -22.46 8.61 -38.05
N ASP F 87 -22.80 9.47 -39.01
CA ASP F 87 -21.79 10.28 -39.66
C ASP F 87 -21.35 11.39 -38.72
N TYR F 88 -20.03 11.51 -38.53
CA TYR F 88 -19.46 12.54 -37.67
C TYR F 88 -18.76 13.55 -38.56
N LEU F 89 -19.43 14.69 -38.78
CA LEU F 89 -18.86 15.77 -39.58
C LEU F 89 -18.09 16.67 -38.62
N SER F 90 -16.84 16.31 -38.40
CA SER F 90 -16.01 17.02 -37.44
C SER F 90 -15.70 18.42 -37.95
N PRO F 91 -15.34 19.35 -37.05
CA PRO F 91 -14.93 20.67 -37.51
C PRO F 91 -13.76 20.63 -38.49
N GLU F 92 -12.92 19.59 -38.40
CA GLU F 92 -11.85 19.44 -39.38
C GLU F 92 -12.38 18.90 -40.71
N LYS F 93 -13.43 18.09 -40.68
CA LYS F 93 -14.04 17.64 -41.92
C LYS F 93 -14.78 18.80 -42.59
N LEU F 94 -15.38 19.68 -41.80
CA LEU F 94 -16.02 20.88 -42.31
C LEU F 94 -15.03 22.06 -42.27
N SER F 95 -13.94 21.90 -43.02
CA SER F 95 -12.89 22.90 -43.07
C SER F 95 -12.37 23.01 -44.48
N THR F 96 -11.82 24.18 -44.81
CA THR F 96 -11.27 24.40 -46.14
C THR F 96 -9.96 23.65 -46.36
N ALA F 97 -9.35 23.11 -45.30
CA ALA F 97 -8.10 22.37 -45.47
C ALA F 97 -8.31 21.11 -46.29
N MET F 98 -9.47 20.47 -46.19
CA MET F 98 -9.72 19.22 -46.88
C MET F 98 -10.38 19.41 -48.24
N PHE F 99 -11.23 20.41 -48.39
CA PHE F 99 -12.00 20.58 -49.62
C PHE F 99 -12.26 22.06 -49.85
N SER F 100 -12.63 22.37 -51.09
CA SER F 100 -12.99 23.73 -51.47
C SER F 100 -14.51 23.83 -51.53
N PRO F 101 -15.17 24.32 -50.47
CA PRO F 101 -16.62 24.50 -50.55
C PRO F 101 -16.99 25.62 -51.51
N ARG F 102 -18.20 25.53 -52.04
CA ARG F 102 -18.69 26.61 -52.89
C ARG F 102 -18.76 27.89 -52.08
N THR F 103 -18.34 28.99 -52.69
CA THR F 103 -18.15 30.25 -51.99
C THR F 103 -19.09 31.31 -52.55
N ARG F 104 -19.62 32.13 -51.66
CA ARG F 104 -20.38 33.32 -52.04
C ARG F 104 -20.02 34.43 -51.07
N ARG F 105 -19.57 35.56 -51.61
CA ARG F 105 -19.23 36.73 -50.80
C ARG F 105 -18.19 36.38 -49.75
N GLY F 106 -17.22 35.55 -50.12
CA GLY F 106 -16.23 35.05 -49.19
C GLY F 106 -16.76 34.10 -48.13
N LEU F 107 -18.07 33.89 -48.04
CA LEU F 107 -18.64 32.97 -47.07
C LEU F 107 -18.74 31.58 -47.68
N PHE F 108 -18.34 30.58 -46.91
CA PHE F 108 -18.34 29.19 -47.36
C PHE F 108 -19.71 28.58 -47.10
N THR F 109 -20.34 28.08 -48.16
CA THR F 109 -21.69 27.54 -48.07
C THR F 109 -21.72 26.32 -47.15
N ARG F 110 -22.40 26.46 -46.01
CA ARG F 110 -22.40 25.38 -45.03
C ARG F 110 -23.08 24.14 -45.60
N VAL F 111 -22.59 22.98 -45.18
CA VAL F 111 -23.17 21.71 -45.59
C VAL F 111 -24.47 21.49 -44.85
N LEU F 112 -25.53 21.13 -45.58
CA LEU F 112 -26.83 20.89 -44.97
C LEU F 112 -26.80 19.48 -44.38
N LEU F 113 -26.41 19.39 -43.12
CA LEU F 113 -26.32 18.09 -42.45
C LEU F 113 -27.67 17.60 -41.95
N THR F 114 -28.66 18.48 -41.84
CA THR F 114 -29.98 18.07 -41.37
C THR F 114 -30.63 17.10 -42.35
N GLY F 115 -30.83 17.56 -43.59
CA GLY F 115 -31.39 16.72 -44.63
C GLY F 115 -30.56 16.80 -45.90
N GLY F 116 -30.97 15.98 -46.88
CA GLY F 116 -30.37 16.04 -48.19
C GLY F 116 -29.34 14.94 -48.42
N PRO F 117 -28.73 14.94 -49.60
CA PRO F 117 -27.69 13.94 -49.88
C PRO F 117 -26.43 14.12 -49.06
N THR F 118 -26.30 15.22 -48.32
CA THR F 118 -25.17 15.49 -47.47
C THR F 118 -25.62 15.62 -46.02
N LYS F 119 -26.53 14.75 -45.60
CA LYS F 119 -27.05 14.75 -44.24
C LYS F 119 -26.19 13.86 -43.35
N ARG F 120 -26.40 13.99 -42.05
CA ARG F 120 -25.74 13.13 -41.06
C ARG F 120 -26.56 11.84 -40.97
N ARG F 121 -26.14 10.84 -41.72
CA ARG F 121 -26.85 9.57 -41.73
C ARG F 121 -26.81 8.93 -40.35
N MET F 122 -27.99 8.61 -39.81
CA MET F 122 -28.12 7.94 -38.53
C MET F 122 -28.78 6.59 -38.81
N THR F 123 -27.97 5.58 -39.09
CA THR F 123 -28.45 4.25 -39.44
C THR F 123 -28.48 3.38 -38.19
N THR F 124 -29.68 3.15 -37.68
CA THR F 124 -29.90 2.22 -36.58
C THR F 124 -30.30 0.87 -37.14
N ARG F 125 -29.71 -0.20 -36.60
CA ARG F 125 -29.99 -1.55 -37.07
C ARG F 125 -30.20 -2.45 -35.86
N PRO F 126 -31.31 -3.19 -35.79
CA PRO F 126 -31.45 -4.20 -34.72
C PRO F 126 -30.24 -5.11 -34.63
N ALA F 127 -29.75 -5.29 -33.40
CA ALA F 127 -28.66 -6.19 -33.09
C ALA F 127 -29.03 -6.98 -31.85
N TYR F 128 -28.51 -8.19 -31.77
CA TYR F 128 -28.78 -9.08 -30.65
C TYR F 128 -27.48 -9.32 -29.89
N SER F 129 -27.48 -9.00 -28.60
CA SER F 129 -26.29 -9.03 -27.76
C SER F 129 -26.46 -10.14 -26.73
N ALA F 130 -26.03 -11.34 -27.10
CA ALA F 130 -26.02 -12.49 -26.21
C ALA F 130 -24.59 -12.83 -25.82
N PRO F 131 -24.37 -13.40 -24.63
CA PRO F 131 -22.99 -13.61 -24.19
C PRO F 131 -22.18 -14.51 -25.10
N TYR F 132 -22.80 -15.48 -25.78
CA TYR F 132 -22.06 -16.43 -26.60
C TYR F 132 -22.78 -16.65 -27.92
N LEU F 133 -21.99 -16.91 -28.96
CA LEU F 133 -22.51 -17.35 -30.25
C LEU F 133 -22.00 -18.76 -30.49
N THR F 134 -22.90 -19.68 -30.86
CA THR F 134 -22.54 -21.06 -31.10
C THR F 134 -23.04 -21.49 -32.46
N PHE F 135 -22.17 -22.22 -33.17
CA PHE F 135 -22.47 -22.82 -34.45
C PHE F 135 -22.11 -24.29 -34.41
N ASP F 136 -22.82 -25.09 -35.19
CA ASP F 136 -22.51 -26.50 -35.35
C ASP F 136 -22.12 -26.76 -36.80
N PHE F 137 -21.11 -27.57 -37.00
CA PHE F 137 -20.58 -27.79 -38.35
C PHE F 137 -19.86 -29.12 -38.36
N VAL F 138 -19.65 -29.66 -39.55
CA VAL F 138 -18.88 -30.88 -39.74
C VAL F 138 -17.70 -30.52 -40.61
N GLY F 139 -16.50 -30.59 -40.04
CA GLY F 139 -15.32 -30.15 -40.78
C GLY F 139 -14.06 -30.27 -39.97
N SER F 140 -12.98 -29.79 -40.57
CA SER F 140 -11.66 -29.82 -39.95
C SER F 140 -11.57 -28.78 -38.83
N SER F 141 -11.34 -29.25 -37.61
CA SER F 141 -11.34 -28.34 -36.47
C SER F 141 -10.16 -27.37 -36.50
N GLU F 142 -8.96 -27.85 -36.83
CA GLU F 142 -7.79 -26.97 -36.80
C GLU F 142 -7.95 -25.81 -37.79
N ALA F 143 -8.41 -26.10 -39.01
CA ALA F 143 -8.53 -25.05 -40.02
C ALA F 143 -9.57 -24.01 -39.60
N VAL F 144 -10.73 -24.47 -39.14
CA VAL F 144 -11.78 -23.52 -38.75
C VAL F 144 -11.35 -22.73 -37.53
N GLU F 145 -10.64 -23.35 -36.60
CA GLU F 145 -10.13 -22.63 -35.45
C GLU F 145 -9.15 -21.55 -35.88
N ILE F 146 -8.23 -21.89 -36.79
CA ILE F 146 -7.26 -20.91 -37.27
C ILE F 146 -7.97 -19.75 -37.95
N LEU F 147 -8.96 -20.05 -38.78
CA LEU F 147 -9.68 -18.99 -39.48
C LEU F 147 -10.41 -18.09 -38.48
N LEU F 148 -11.21 -18.69 -37.59
CA LEU F 148 -12.01 -17.90 -36.66
C LEU F 148 -11.15 -17.10 -35.69
N ASN F 149 -9.94 -17.56 -35.40
CA ASN F 149 -9.10 -16.87 -34.42
C ASN F 149 -8.20 -15.82 -35.06
N HIS F 150 -7.64 -16.10 -36.23
CA HIS F 150 -6.67 -15.23 -36.87
C HIS F 150 -7.15 -14.77 -38.24
N ALA F 151 -8.44 -14.49 -38.36
CA ALA F 151 -8.97 -13.80 -39.52
C ALA F 151 -9.98 -12.76 -39.06
N HIS F 152 -10.21 -11.77 -39.92
CA HIS F 152 -11.14 -10.68 -39.61
C HIS F 152 -12.54 -11.05 -40.06
N VAL F 153 -13.13 -12.00 -39.34
CA VAL F 153 -14.50 -12.43 -39.57
C VAL F 153 -15.28 -12.26 -38.27
N GLY F 154 -16.50 -11.72 -38.40
CA GLY F 154 -17.42 -11.62 -37.29
C GLY F 154 -18.71 -12.32 -37.64
N VAL F 155 -19.71 -12.19 -36.79
CA VAL F 155 -21.02 -12.78 -37.06
C VAL F 155 -22.03 -11.64 -37.23
N GLY F 156 -23.04 -11.92 -38.04
CA GLY F 156 -24.13 -10.97 -38.27
C GLY F 156 -23.95 -10.23 -39.58
N TYR F 157 -24.06 -8.90 -39.52
CA TYR F 157 -23.93 -8.05 -40.70
C TYR F 157 -22.83 -7.01 -40.45
N ASP F 158 -22.25 -6.53 -41.55
CA ASP F 158 -21.22 -5.48 -41.63
C ASP F 158 -20.20 -5.61 -40.50
N TYR F 159 -19.56 -6.78 -40.43
CA TYR F 159 -18.45 -6.83 -39.49
C TYR F 159 -17.21 -6.23 -40.10
N PHE F 160 -17.04 -6.37 -41.43
CA PHE F 160 -15.93 -5.74 -42.11
C PHE F 160 -16.02 -4.22 -42.10
N SER F 161 -17.19 -3.63 -41.85
CA SER F 161 -17.29 -2.18 -41.69
C SER F 161 -17.69 -1.77 -40.28
N ALA F 162 -18.80 -2.30 -39.76
CA ALA F 162 -19.31 -1.86 -38.46
C ALA F 162 -18.73 -2.63 -37.29
N ALA F 163 -17.84 -3.59 -37.54
CA ALA F 163 -17.28 -4.44 -36.49
C ALA F 163 -18.37 -5.01 -35.59
N ASN F 164 -19.51 -5.34 -36.20
CA ASN F 164 -20.60 -5.95 -35.46
C ASN F 164 -20.34 -7.44 -35.29
N GLY F 165 -20.67 -7.97 -34.13
CA GLY F 165 -20.46 -9.38 -33.88
C GLY F 165 -19.00 -9.78 -33.78
N GLU F 166 -18.14 -8.93 -33.22
CA GLU F 166 -16.79 -9.37 -32.93
C GLU F 166 -16.84 -10.42 -31.83
N PHE F 167 -16.03 -11.47 -32.00
CA PHE F 167 -15.98 -12.56 -31.05
C PHE F 167 -14.53 -12.90 -30.74
N ASN F 168 -14.31 -13.47 -29.56
CA ASN F 168 -13.02 -14.01 -29.17
C ASN F 168 -13.25 -15.25 -28.33
N ASN F 169 -12.16 -15.83 -27.84
CA ASN F 169 -12.22 -17.06 -27.06
C ASN F 169 -12.99 -18.14 -27.82
N VAL F 170 -12.58 -18.38 -29.05
CA VAL F 170 -13.21 -19.42 -29.88
C VAL F 170 -12.84 -20.78 -29.30
N THR F 171 -13.84 -21.51 -28.85
CA THR F 171 -13.66 -22.87 -28.33
C THR F 171 -14.39 -23.85 -29.23
N ILE F 172 -13.66 -24.84 -29.74
CA ILE F 172 -14.22 -25.88 -30.59
C ILE F 172 -14.24 -27.17 -29.79
N LEU F 173 -15.41 -27.79 -29.69
CA LEU F 173 -15.60 -29.02 -28.94
C LEU F 173 -16.25 -30.08 -29.83
N PRO F 174 -15.80 -31.32 -29.78
CA PRO F 174 -16.36 -32.33 -30.70
C PRO F 174 -17.76 -32.74 -30.29
N LEU F 175 -18.59 -32.97 -31.30
CA LEU F 175 -19.97 -33.39 -31.10
C LEU F 175 -20.11 -34.87 -31.42
N ASP F 176 -21.15 -35.48 -30.86
CA ASP F 176 -21.42 -36.90 -31.10
C ASP F 176 -22.36 -37.12 -32.27
N ILE F 177 -23.29 -36.20 -32.51
CA ILE F 177 -24.26 -36.31 -33.59
C ILE F 177 -24.18 -35.06 -34.43
N ASP F 178 -24.30 -35.23 -35.75
CA ASP F 178 -24.25 -34.11 -36.68
C ASP F 178 -25.53 -33.29 -36.54
N THR F 179 -25.41 -32.12 -35.90
CA THR F 179 -26.51 -31.18 -35.74
C THR F 179 -26.27 -29.92 -36.56
N SER F 180 -25.68 -30.09 -37.75
CA SER F 180 -25.31 -28.94 -38.57
C SER F 180 -26.38 -28.59 -39.60
N ILE F 181 -27.05 -29.59 -40.18
CA ILE F 181 -28.11 -29.38 -41.16
C ILE F 181 -29.48 -29.55 -40.54
N SER F 182 -29.69 -30.64 -39.80
CA SER F 182 -31.01 -31.04 -39.35
C SER F 182 -30.95 -31.50 -37.91
N ASN F 183 -32.08 -31.36 -37.22
CA ASN F 183 -32.21 -31.78 -35.83
C ASN F 183 -33.68 -32.11 -35.60
N GLU F 184 -33.98 -33.41 -35.54
CA GLU F 184 -35.35 -33.90 -35.30
C GLU F 184 -36.33 -33.28 -36.29
N GLY F 185 -35.89 -33.14 -37.53
CA GLY F 185 -36.70 -32.54 -38.57
C GLY F 185 -36.69 -31.03 -38.61
N MET F 186 -36.14 -30.38 -37.60
CA MET F 186 -36.06 -28.92 -37.56
C MET F 186 -34.78 -28.46 -38.23
N ALA F 187 -34.91 -27.65 -39.29
CA ALA F 187 -33.74 -27.18 -40.01
C ALA F 187 -32.90 -26.29 -39.10
N LEU F 188 -31.59 -26.50 -39.13
CA LEU F 188 -30.64 -25.68 -38.38
C LEU F 188 -29.82 -24.76 -39.29
N ARG F 189 -30.20 -24.63 -40.56
CA ARG F 189 -29.45 -23.85 -41.53
C ARG F 189 -30.37 -23.53 -42.69
N PRO F 190 -30.03 -22.54 -43.51
CA PRO F 190 -30.73 -22.41 -44.80
C PRO F 190 -30.61 -23.69 -45.62
N VAL F 191 -31.75 -24.31 -45.87
CA VAL F 191 -31.83 -25.52 -46.70
C VAL F 191 -32.86 -25.29 -47.78
N PRO F 192 -32.76 -26.00 -48.90
CA PRO F 192 -33.80 -25.89 -49.93
C PRO F 192 -35.12 -26.44 -49.41
N VAL F 193 -36.20 -25.97 -50.03
CA VAL F 193 -37.54 -26.39 -49.61
C VAL F 193 -37.73 -27.87 -49.87
N ASN F 194 -37.19 -28.38 -50.98
CA ASN F 194 -37.36 -29.79 -51.33
C ASN F 194 -36.68 -30.74 -50.33
N SER F 195 -35.82 -30.23 -49.44
CA SER F 195 -35.19 -31.09 -48.46
C SER F 195 -36.19 -31.73 -47.50
N GLY F 196 -37.39 -31.18 -47.40
CA GLY F 196 -38.39 -31.67 -46.47
C GLY F 196 -38.19 -31.23 -45.03
N LEU F 197 -37.16 -30.43 -44.76
CA LEU F 197 -36.98 -29.86 -43.44
C LEU F 197 -37.90 -28.67 -43.26
N ASN F 198 -38.58 -28.62 -42.11
CA ASN F 198 -39.56 -27.57 -41.84
C ASN F 198 -38.91 -26.44 -41.08
N GLY F 199 -39.37 -25.22 -41.36
CA GLY F 199 -38.80 -24.03 -40.75
C GLY F 199 -39.49 -22.77 -41.21
N ILE F 200 -38.71 -21.73 -41.51
CA ILE F 200 -39.24 -20.45 -41.98
C ILE F 200 -38.89 -20.31 -43.45
N LYS F 201 -39.91 -20.13 -44.28
CA LYS F 201 -39.70 -19.96 -45.71
C LYS F 201 -39.02 -18.63 -45.99
N GLY F 202 -38.14 -18.63 -46.99
CA GLY F 202 -37.45 -17.41 -47.34
C GLY F 202 -36.79 -17.55 -48.70
N VAL F 203 -36.15 -16.46 -49.13
CA VAL F 203 -35.51 -16.38 -50.44
C VAL F 203 -34.05 -16.04 -50.21
N SER F 204 -33.16 -16.93 -50.66
CA SER F 204 -31.73 -16.76 -50.43
C SER F 204 -30.98 -17.78 -51.28
N PRO F 205 -29.71 -17.52 -51.60
CA PRO F 205 -28.85 -18.58 -52.11
C PRO F 205 -28.45 -19.53 -50.99
N LEU F 206 -28.15 -20.77 -51.36
CA LEU F 206 -27.75 -21.77 -50.37
C LEU F 206 -26.29 -21.63 -49.97
N ILE F 207 -25.39 -21.54 -50.95
CA ILE F 207 -23.96 -21.53 -50.69
C ILE F 207 -23.48 -20.09 -50.57
N PRO F 208 -22.45 -19.81 -49.76
CA PRO F 208 -21.99 -18.43 -49.63
C PRO F 208 -21.25 -17.97 -50.87
N PRO F 209 -21.11 -16.66 -51.08
CA PRO F 209 -21.63 -15.56 -50.24
C PRO F 209 -23.12 -15.41 -50.45
N TYR F 210 -23.86 -15.09 -49.39
CA TYR F 210 -25.31 -15.16 -49.43
C TYR F 210 -25.96 -13.93 -50.05
N PHE F 211 -25.18 -13.09 -50.75
CA PHE F 211 -25.73 -11.94 -51.45
C PHE F 211 -25.50 -11.97 -52.95
N VAL F 212 -24.97 -13.07 -53.49
CA VAL F 212 -24.77 -13.23 -54.92
C VAL F 212 -25.57 -14.44 -55.39
N GLY F 213 -25.67 -14.57 -56.71
CA GLY F 213 -26.32 -15.71 -57.30
C GLY F 213 -27.83 -15.63 -57.18
N GLU F 214 -28.53 -16.50 -57.88
CA GLU F 214 -29.99 -16.53 -57.80
C GLU F 214 -30.42 -16.88 -56.38
N LYS F 215 -31.39 -16.13 -55.88
CA LYS F 215 -31.93 -16.32 -54.52
C LYS F 215 -33.15 -17.22 -54.63
N LEU F 216 -32.99 -18.49 -54.25
CA LEU F 216 -34.06 -19.47 -54.41
C LEU F 216 -34.81 -19.65 -53.10
N ASN F 217 -35.96 -20.31 -53.19
CA ASN F 217 -36.75 -20.59 -52.02
C ASN F 217 -36.02 -21.58 -51.12
N ILE F 218 -35.90 -21.22 -49.85
CA ILE F 218 -35.20 -22.03 -48.85
C ILE F 218 -36.05 -22.08 -47.58
N VAL F 219 -35.67 -23.00 -46.71
CA VAL F 219 -36.22 -23.09 -45.36
C VAL F 219 -35.06 -22.84 -44.40
N HIS F 220 -35.20 -21.82 -43.56
CA HIS F 220 -34.16 -21.42 -42.64
C HIS F 220 -34.73 -21.34 -41.23
N PRO F 221 -33.90 -21.57 -40.20
CA PRO F 221 -34.43 -21.57 -38.83
C PRO F 221 -34.82 -20.18 -38.36
N ALA F 222 -35.29 -20.09 -37.12
CA ALA F 222 -35.60 -18.80 -36.55
C ALA F 222 -34.35 -17.93 -36.55
N PRO F 223 -34.41 -16.69 -37.06
CA PRO F 223 -33.18 -15.87 -37.12
C PRO F 223 -32.49 -15.73 -35.77
N VAL F 224 -33.25 -15.58 -34.70
CA VAL F 224 -32.72 -15.53 -33.34
C VAL F 224 -33.12 -16.82 -32.65
N ARG F 225 -32.13 -17.68 -32.40
CA ARG F 225 -32.31 -18.90 -31.63
C ARG F 225 -31.41 -18.84 -30.40
N THR F 226 -31.96 -19.25 -29.26
CA THR F 226 -31.25 -19.19 -27.99
C THR F 226 -31.23 -20.57 -27.34
N GLN F 227 -30.08 -20.92 -26.78
CA GLN F 227 -29.92 -22.13 -25.99
C GLN F 227 -29.10 -21.81 -24.75
N LEU F 228 -29.39 -22.53 -23.67
CA LEU F 228 -28.56 -22.40 -22.47
C LEU F 228 -27.14 -22.87 -22.77
N ILE F 229 -26.16 -22.15 -22.22
CA ILE F 229 -24.78 -22.52 -22.45
C ILE F 229 -24.48 -23.91 -21.90
N SER F 230 -25.16 -24.29 -20.80
CA SER F 230 -25.00 -25.64 -20.29
C SER F 230 -25.47 -26.68 -21.29
N SER F 231 -26.62 -26.43 -21.93
CA SER F 231 -27.13 -27.38 -22.91
C SER F 231 -26.26 -27.44 -24.15
N LEU F 232 -25.61 -26.31 -24.50
CA LEU F 232 -24.72 -26.33 -25.65
C LEU F 232 -23.43 -27.07 -25.33
N LEU F 233 -22.93 -26.93 -24.10
CA LEU F 233 -21.73 -27.65 -23.70
C LEU F 233 -22.00 -29.10 -23.31
N ARG F 234 -23.26 -29.49 -23.18
CA ARG F 234 -23.56 -30.89 -22.90
C ARG F 234 -23.09 -31.80 -24.03
N GLY F 235 -23.29 -31.37 -25.28
CA GLY F 235 -22.87 -32.14 -26.42
C GLY F 235 -23.63 -33.44 -26.57
N MET G 1 -45.67 -1.38 -62.37
CA MET G 1 -47.09 -1.85 -62.41
C MET G 1 -47.36 -2.78 -61.23
N ASN G 2 -46.65 -3.90 -61.19
CA ASN G 2 -46.82 -4.89 -60.11
C ASN G 2 -45.77 -4.62 -59.04
N HIS G 3 -46.02 -3.56 -58.27
CA HIS G 3 -45.13 -3.15 -57.19
C HIS G 3 -45.97 -2.51 -56.09
N PRO G 4 -45.50 -2.53 -54.84
CA PRO G 4 -46.31 -1.97 -53.76
C PRO G 4 -46.62 -0.49 -53.95
N VAL G 5 -45.73 0.26 -54.59
CA VAL G 5 -46.00 1.70 -54.71
C VAL G 5 -47.17 1.92 -55.65
N GLU G 6 -47.33 1.07 -56.65
CA GLU G 6 -48.51 1.16 -57.51
C GLU G 6 -49.77 0.84 -56.71
N SER G 7 -49.69 -0.11 -55.78
CA SER G 7 -50.86 -0.47 -54.99
C SER G 7 -51.29 0.70 -54.11
N VAL G 8 -50.34 1.30 -53.39
CA VAL G 8 -50.72 2.42 -52.54
C VAL G 8 -51.18 3.61 -53.38
N TYR G 9 -50.55 3.82 -54.54
CA TYR G 9 -51.00 4.88 -55.44
C TYR G 9 -52.45 4.69 -55.84
N SER G 10 -52.79 3.51 -56.37
CA SER G 10 -54.15 3.27 -56.84
C SER G 10 -55.14 3.33 -55.69
N ALA G 11 -54.76 2.81 -54.53
CA ALA G 11 -55.68 2.79 -53.40
C ALA G 11 -55.83 4.15 -52.75
N LEU G 12 -54.74 4.87 -52.53
CA LEU G 12 -54.75 6.04 -51.66
C LEU G 12 -54.42 7.34 -52.38
N THR G 13 -53.36 7.38 -53.19
CA THR G 13 -52.96 8.63 -53.81
C THR G 13 -53.53 8.81 -55.20
N SER G 14 -54.31 7.85 -55.70
CA SER G 14 -55.01 8.09 -56.95
C SER G 14 -56.13 9.09 -56.79
N ILE G 15 -56.34 9.60 -55.56
CA ILE G 15 -57.27 10.67 -55.33
C ILE G 15 -56.73 12.02 -55.76
N LEU G 16 -55.41 12.14 -55.99
CA LEU G 16 -54.84 13.44 -56.39
C LEU G 16 -54.36 13.45 -57.84
N LEU G 17 -54.92 12.59 -58.68
CA LEU G 17 -54.64 12.67 -60.11
C LEU G 17 -55.03 14.02 -60.71
N PRO G 18 -56.20 14.59 -60.42
CA PRO G 18 -56.60 15.84 -61.12
C PRO G 18 -55.72 17.03 -60.81
N TYR G 19 -54.87 16.96 -59.79
CA TYR G 19 -53.89 18.00 -59.50
C TYR G 19 -52.47 17.51 -59.70
N MET G 20 -52.30 16.40 -60.42
CA MET G 20 -51.01 15.75 -60.55
C MET G 20 -50.28 16.24 -61.79
N GLY G 21 -50.90 16.11 -62.94
CA GLY G 21 -50.39 16.63 -64.19
C GLY G 21 -49.91 15.54 -65.12
N GLU G 22 -49.69 15.95 -66.36
CA GLU G 22 -49.31 15.04 -67.43
C GLU G 22 -47.82 14.69 -67.31
N PRO G 23 -47.45 13.40 -67.29
CA PRO G 23 -46.02 13.06 -67.21
C PRO G 23 -45.26 13.47 -68.45
N VAL G 24 -43.95 13.63 -68.27
CA VAL G 24 -43.02 14.06 -69.31
C VAL G 24 -42.12 12.88 -69.65
N PRO G 25 -42.08 12.40 -70.90
CA PRO G 25 -41.44 11.11 -71.15
C PRO G 25 -39.96 11.14 -70.84
N VAL G 26 -39.47 10.04 -70.26
CA VAL G 26 -38.15 9.97 -69.67
C VAL G 26 -37.45 8.73 -70.18
N GLN G 27 -36.13 8.67 -69.93
CA GLN G 27 -35.29 7.57 -70.39
C GLN G 27 -34.50 6.91 -69.26
N ARG G 28 -34.63 7.37 -68.02
CA ARG G 28 -33.86 6.86 -66.90
C ARG G 28 -34.80 6.29 -65.84
N ASN G 29 -34.30 5.31 -65.10
CA ASN G 29 -35.10 4.67 -64.06
C ASN G 29 -35.47 5.68 -62.98
N CYS G 30 -36.67 5.53 -62.43
CA CYS G 30 -37.14 6.45 -61.41
C CYS G 30 -36.20 6.44 -60.22
N SER G 31 -35.74 7.63 -59.83
CA SER G 31 -34.78 7.75 -58.73
C SER G 31 -35.41 7.49 -57.37
N CYS G 32 -36.74 7.51 -57.27
CA CYS G 32 -37.39 7.44 -55.96
C CYS G 32 -37.64 5.99 -55.53
N CYS G 33 -38.37 5.22 -56.34
CA CYS G 33 -38.45 3.79 -56.10
C CYS G 33 -37.18 3.07 -56.51
N GLY G 34 -36.50 3.55 -57.55
CA GLY G 34 -35.33 2.90 -58.09
C GLY G 34 -35.60 1.86 -59.14
N ARG G 35 -36.86 1.53 -59.40
CA ARG G 35 -37.18 0.49 -60.37
C ARG G 35 -36.94 0.99 -61.80
N ALA G 36 -36.69 0.05 -62.71
CA ALA G 36 -36.39 0.40 -64.08
C ALA G 36 -37.64 0.93 -64.79
N PRO G 37 -37.46 1.72 -65.86
CA PRO G 37 -38.64 2.28 -66.55
C PRO G 37 -39.46 1.26 -67.33
N SER G 38 -39.11 -0.02 -67.31
CA SER G 38 -39.81 -0.98 -68.16
C SER G 38 -41.29 -1.09 -67.78
N GLU G 39 -41.64 -0.80 -66.53
CA GLU G 39 -43.03 -0.86 -66.09
C GLU G 39 -43.72 0.50 -66.06
N PHE G 40 -42.99 1.60 -66.27
CA PHE G 40 -43.59 2.92 -66.33
C PHE G 40 -44.12 3.25 -67.72
N ASP G 41 -44.12 2.30 -68.64
CA ASP G 41 -44.52 2.51 -70.03
C ASP G 41 -43.67 3.58 -70.72
N GLY G 42 -42.45 3.82 -70.22
CA GLY G 42 -41.54 4.73 -70.86
C GLY G 42 -41.72 6.19 -70.50
N VAL G 43 -42.65 6.51 -69.60
CA VAL G 43 -42.97 7.89 -69.27
C VAL G 43 -42.59 8.14 -67.81
N GLY G 44 -42.56 9.42 -67.44
CA GLY G 44 -42.21 9.77 -66.06
C GLY G 44 -42.46 11.24 -65.80
N PHE G 45 -42.26 11.61 -64.55
CA PHE G 45 -42.38 12.99 -64.07
C PHE G 45 -41.00 13.51 -63.73
N GLU G 46 -40.60 14.60 -64.38
CA GLU G 46 -39.34 15.27 -64.10
C GLU G 46 -39.57 16.34 -63.04
N LEU G 47 -38.68 16.40 -62.06
CA LEU G 47 -38.93 17.17 -60.86
C LEU G 47 -37.60 17.54 -60.22
N VAL G 48 -37.60 18.64 -59.48
CA VAL G 48 -36.43 19.07 -58.71
C VAL G 48 -36.86 19.19 -57.26
N ASN G 49 -36.11 18.57 -56.36
CA ASN G 49 -36.44 18.58 -54.95
C ASN G 49 -35.84 19.81 -54.28
N ALA G 50 -36.02 19.91 -52.96
CA ALA G 50 -35.53 21.08 -52.25
C ALA G 50 -34.01 21.12 -52.13
N TYR G 51 -33.32 20.04 -52.50
CA TYR G 51 -31.86 20.02 -52.56
C TYR G 51 -31.32 20.23 -53.96
N ARG G 52 -32.18 20.61 -54.90
CA ARG G 52 -31.78 20.90 -56.29
C ARG G 52 -31.16 19.67 -56.93
N GLU G 53 -31.88 18.55 -56.91
CA GLU G 53 -31.45 17.31 -57.52
C GLU G 53 -32.48 16.93 -58.58
N ARG G 54 -32.01 16.66 -59.79
CA ARG G 54 -32.87 16.25 -60.91
C ARG G 54 -33.39 14.85 -60.67
N VAL G 55 -34.69 14.73 -60.36
CA VAL G 55 -35.28 13.49 -59.90
C VAL G 55 -36.43 13.11 -60.85
N VAL G 56 -36.47 11.84 -61.23
CA VAL G 56 -37.56 11.29 -62.00
C VAL G 56 -38.43 10.48 -61.06
N HIS G 57 -39.75 10.69 -61.13
CA HIS G 57 -40.72 9.92 -60.36
C HIS G 57 -41.67 9.24 -61.33
N CYS G 58 -42.11 8.04 -60.98
CA CYS G 58 -43.14 7.39 -61.78
C CYS G 58 -44.51 7.86 -61.32
N ARG G 59 -45.54 7.42 -62.02
CA ARG G 59 -46.91 7.80 -61.66
C ARG G 59 -47.21 7.53 -60.20
N PRO G 60 -46.85 6.37 -59.61
CA PRO G 60 -47.08 6.21 -58.18
C PRO G 60 -46.16 7.05 -57.32
N CYS G 61 -44.89 7.17 -57.70
CA CYS G 61 -43.93 7.87 -56.84
C CYS G 61 -44.19 9.37 -56.81
N GLN G 62 -44.60 9.95 -57.94
CA GLN G 62 -44.79 11.40 -58.00
C GLN G 62 -45.92 11.85 -57.08
N THR G 63 -46.89 10.98 -56.81
CA THR G 63 -48.03 11.38 -55.98
C THR G 63 -47.59 11.84 -54.59
N PHE G 64 -46.45 11.34 -54.10
CA PHE G 64 -45.99 11.72 -52.77
C PHE G 64 -45.42 13.12 -52.73
N PHE G 65 -45.10 13.71 -53.89
CA PHE G 65 -44.48 15.02 -53.97
C PHE G 65 -45.43 16.07 -54.55
N VAL G 66 -46.73 15.78 -54.58
CA VAL G 66 -47.71 16.68 -55.21
C VAL G 66 -48.31 17.58 -54.14
N SER G 67 -48.41 18.86 -54.46
CA SER G 67 -49.04 19.85 -53.59
C SER G 67 -50.48 20.04 -54.04
N ALA G 68 -51.42 19.62 -53.21
CA ALA G 68 -52.86 19.73 -53.50
C ALA G 68 -53.54 20.39 -52.31
N PRO G 69 -53.31 21.69 -52.10
CA PRO G 69 -53.93 22.36 -50.95
C PRO G 69 -55.45 22.33 -50.97
N GLU G 70 -56.06 22.32 -52.15
CA GLU G 70 -57.52 22.30 -52.23
C GLU G 70 -58.09 20.95 -51.84
N LEU G 71 -57.30 19.89 -51.90
CA LEU G 71 -57.73 18.55 -51.52
C LEU G 71 -57.17 18.11 -50.18
N MET G 72 -55.88 18.34 -49.94
CA MET G 72 -55.22 17.86 -48.72
C MET G 72 -55.05 18.96 -47.68
N GLY G 73 -55.57 20.15 -47.90
CA GLY G 73 -55.41 21.22 -46.93
C GLY G 73 -54.02 21.82 -46.99
N VAL G 74 -53.82 22.84 -46.15
CA VAL G 74 -52.53 23.52 -46.07
C VAL G 74 -51.74 22.89 -44.94
N GLU G 75 -50.53 22.43 -45.26
CA GLU G 75 -49.69 21.76 -44.26
C GLU G 75 -49.09 22.76 -43.27
N ASN G 76 -48.63 23.91 -43.77
CA ASN G 76 -48.01 24.93 -42.95
C ASN G 76 -48.62 26.28 -43.34
N PRO G 77 -49.24 27.02 -42.40
CA PRO G 77 -49.83 28.30 -42.79
C PRO G 77 -48.82 29.29 -43.35
N LYS G 78 -47.55 29.19 -42.95
CA LYS G 78 -46.53 30.11 -43.43
C LYS G 78 -46.27 29.96 -44.92
N LYS G 79 -46.62 28.82 -45.51
CA LYS G 79 -46.49 28.57 -46.94
C LYS G 79 -47.85 28.11 -47.46
N PRO G 80 -48.80 29.04 -47.63
CA PRO G 80 -50.17 28.62 -47.99
C PRO G 80 -50.27 27.88 -49.31
N THR G 81 -49.45 28.21 -50.30
CA THR G 81 -49.67 27.71 -51.65
C THR G 81 -49.21 26.28 -51.85
N THR G 82 -48.54 25.67 -50.87
CA THR G 82 -48.21 24.26 -50.88
C THR G 82 -49.04 23.56 -49.81
N GLY G 83 -49.67 22.44 -50.16
CA GLY G 83 -50.51 21.71 -49.25
C GLY G 83 -49.83 20.47 -48.69
N GLN G 84 -50.62 19.71 -47.92
CA GLN G 84 -50.16 18.46 -47.35
C GLN G 84 -49.73 17.50 -48.44
N LYS G 85 -48.54 16.91 -48.29
CA LYS G 85 -48.01 15.94 -49.22
C LYS G 85 -47.93 14.58 -48.55
N PHE G 86 -48.33 13.54 -49.30
CA PHE G 86 -48.23 12.19 -48.76
C PHE G 86 -46.79 11.82 -48.40
N GLY G 87 -45.83 12.37 -49.13
CA GLY G 87 -44.43 12.10 -48.85
C GLY G 87 -43.81 12.94 -47.75
N MET G 88 -44.54 13.93 -47.23
CA MET G 88 -44.06 14.81 -46.17
C MET G 88 -44.83 14.62 -44.88
N TRP G 89 -45.73 13.63 -44.82
CA TRP G 89 -46.55 13.38 -43.64
C TRP G 89 -45.76 12.54 -42.65
N SER G 90 -45.62 13.05 -41.43
CA SER G 90 -44.97 12.34 -40.35
C SER G 90 -45.99 12.10 -39.24
N GLY G 91 -45.94 10.90 -38.66
CA GLY G 91 -46.95 10.48 -37.71
C GLY G 91 -48.28 10.08 -38.32
N VAL G 92 -48.33 9.97 -39.65
CA VAL G 92 -49.55 9.60 -40.37
C VAL G 92 -49.36 8.19 -40.93
N GLY G 93 -50.29 7.30 -40.60
CA GLY G 93 -50.26 5.93 -41.08
C GLY G 93 -51.37 5.69 -42.10
N ALA G 94 -51.27 4.52 -42.75
CA ALA G 94 -52.23 4.16 -43.77
C ALA G 94 -52.21 2.65 -43.98
N VAL G 95 -53.40 2.06 -44.05
CA VAL G 95 -53.55 0.65 -44.37
C VAL G 95 -54.23 0.55 -45.73
N ILE G 96 -53.52 -0.07 -46.68
CA ILE G 96 -53.94 -0.21 -48.06
C ILE G 96 -54.39 -1.64 -48.28
N ASN G 97 -55.67 -1.84 -48.57
CA ASN G 97 -56.17 -3.15 -48.98
C ASN G 97 -55.89 -3.34 -50.46
N VAL G 98 -54.92 -4.18 -50.79
CA VAL G 98 -54.46 -4.30 -52.17
C VAL G 98 -55.53 -4.93 -53.05
N GLU G 99 -56.15 -6.01 -52.57
CA GLU G 99 -57.16 -6.70 -53.38
C GLU G 99 -58.40 -5.83 -53.53
N ASP G 100 -58.85 -5.19 -52.46
CA ASP G 100 -60.04 -4.35 -52.51
C ASP G 100 -59.74 -2.96 -53.07
N ASN G 101 -58.47 -2.55 -53.08
CA ASN G 101 -58.03 -1.22 -53.49
C ASN G 101 -58.54 -0.11 -52.58
N SER G 102 -59.18 -0.45 -51.47
CA SER G 102 -59.61 0.53 -50.50
C SER G 102 -58.48 0.81 -49.51
N SER G 103 -58.52 2.01 -48.92
CA SER G 103 -57.48 2.45 -48.01
C SER G 103 -58.11 3.18 -46.82
N VAL G 104 -57.49 3.04 -45.66
CA VAL G 104 -57.89 3.76 -44.46
C VAL G 104 -56.68 4.55 -43.96
N LEU G 105 -56.90 5.83 -43.68
CA LEU G 105 -55.84 6.77 -43.34
C LEU G 105 -55.89 7.04 -41.84
N LEU G 106 -54.89 6.54 -41.13
CA LEU G 106 -54.77 6.71 -39.68
C LEU G 106 -53.99 8.00 -39.42
N ALA G 107 -54.70 9.12 -39.33
CA ALA G 107 -54.06 10.42 -39.16
C ALA G 107 -54.30 10.95 -37.75
N PRO G 108 -53.39 11.76 -37.21
CA PRO G 108 -53.66 12.37 -35.90
C PRO G 108 -54.73 13.44 -36.01
N GLN G 109 -55.14 13.96 -34.85
CA GLN G 109 -56.26 14.89 -34.82
C GLN G 109 -55.92 16.19 -35.54
N GLY G 110 -54.68 16.68 -35.39
CA GLY G 110 -54.30 17.88 -36.12
C GLY G 110 -54.36 17.70 -37.63
N VAL G 111 -53.86 16.56 -38.12
CA VAL G 111 -53.91 16.27 -39.54
C VAL G 111 -55.36 16.19 -40.02
N VAL G 112 -56.20 15.51 -39.24
CA VAL G 112 -57.62 15.41 -39.59
C VAL G 112 -58.23 16.80 -39.67
N ASN G 113 -57.87 17.68 -38.74
CA ASN G 113 -58.39 19.05 -38.77
C ASN G 113 -57.93 19.78 -40.03
N LYS G 114 -56.65 19.60 -40.40
CA LYS G 114 -56.14 20.29 -41.59
C LYS G 114 -56.78 19.79 -42.87
N LEU G 115 -57.31 18.58 -42.89
CA LEU G 115 -57.87 18.02 -44.12
C LEU G 115 -59.22 18.67 -44.41
N PRO G 116 -59.46 19.14 -45.64
CA PRO G 116 -60.80 19.62 -45.98
C PRO G 116 -61.80 18.48 -46.05
N GLU G 117 -63.08 18.83 -45.97
CA GLU G 117 -64.13 17.83 -45.97
C GLU G 117 -64.20 17.07 -47.29
N HIS G 118 -63.74 17.68 -48.39
CA HIS G 118 -63.72 16.97 -49.67
C HIS G 118 -62.80 15.75 -49.61
N PHE G 119 -61.77 15.79 -48.78
CA PHE G 119 -60.83 14.68 -48.70
C PHE G 119 -61.50 13.44 -48.12
N PHE G 120 -62.37 13.61 -47.12
CA PHE G 120 -62.96 12.46 -46.46
C PHE G 120 -63.89 11.68 -47.38
N ASP G 121 -64.39 12.30 -48.45
CA ASP G 121 -65.21 11.57 -49.41
C ASP G 121 -64.40 10.49 -50.12
N HIS G 122 -63.22 10.85 -50.62
CA HIS G 122 -62.40 9.90 -51.36
C HIS G 122 -61.73 8.89 -50.45
N VAL G 123 -61.26 9.33 -49.29
CA VAL G 123 -60.47 8.52 -48.37
C VAL G 123 -61.17 8.50 -47.02
N GLU G 124 -61.34 7.31 -46.46
CA GLU G 124 -61.92 7.16 -45.13
C GLU G 124 -60.82 7.38 -44.11
N VAL G 125 -60.93 8.47 -43.34
CA VAL G 125 -59.88 8.91 -42.42
C VAL G 125 -60.37 8.67 -41.00
N ILE G 126 -59.58 7.93 -40.23
CA ILE G 126 -59.85 7.68 -38.82
C ILE G 126 -58.83 8.45 -38.00
N THR G 127 -59.29 9.10 -36.94
CA THR G 127 -58.43 9.93 -36.11
C THR G 127 -57.64 9.01 -35.19
N ALA G 128 -56.34 8.88 -35.45
CA ALA G 128 -55.48 8.03 -34.64
C ALA G 128 -54.04 8.51 -34.81
N THR G 129 -53.30 8.55 -33.72
CA THR G 129 -51.91 8.96 -33.76
C THR G 129 -51.02 7.73 -33.93
N SER G 130 -49.70 7.96 -33.97
CA SER G 130 -48.78 6.85 -34.18
C SER G 130 -48.90 5.79 -33.09
N GLY G 131 -49.38 6.17 -31.91
CA GLY G 131 -49.56 5.20 -30.85
C GLY G 131 -50.78 4.33 -31.01
N GLN G 132 -51.80 4.81 -31.71
CA GLN G 132 -53.04 4.07 -31.89
C GLN G 132 -53.11 3.30 -33.19
N HIS G 133 -52.04 3.29 -33.99
CA HIS G 133 -52.04 2.47 -35.20
C HIS G 133 -52.15 0.99 -34.85
N LEU G 134 -51.40 0.54 -33.84
CA LEU G 134 -51.46 -0.85 -33.43
C LEU G 134 -52.83 -1.19 -32.87
N GLU G 135 -53.48 -0.22 -32.21
CA GLU G 135 -54.84 -0.46 -31.72
C GLU G 135 -55.78 -0.74 -32.90
N TYR G 136 -55.67 0.06 -33.96
CA TYR G 136 -56.54 -0.14 -35.11
C TYR G 136 -56.25 -1.48 -35.77
N LEU G 137 -54.98 -1.83 -35.94
CA LEU G 137 -54.64 -3.12 -36.52
C LEU G 137 -55.18 -4.26 -35.68
N PHE G 138 -55.08 -4.14 -34.35
CA PHE G 138 -55.52 -5.22 -33.48
C PHE G 138 -57.03 -5.39 -33.54
N ASN G 139 -57.78 -4.30 -33.37
CA ASN G 139 -59.23 -4.45 -33.26
C ASN G 139 -59.88 -4.74 -34.61
N THR G 140 -59.46 -4.04 -35.66
CA THR G 140 -60.10 -4.19 -36.96
C THR G 140 -59.74 -5.51 -37.61
N GLU G 141 -60.70 -6.05 -38.37
CA GLU G 141 -60.51 -7.25 -39.19
C GLU G 141 -59.79 -6.85 -40.47
N LEU G 142 -58.48 -7.07 -40.51
CA LEU G 142 -57.69 -6.73 -41.68
C LEU G 142 -57.95 -7.71 -42.82
N LYS G 143 -57.92 -7.18 -44.04
CA LYS G 143 -58.10 -7.96 -45.26
C LYS G 143 -56.76 -8.01 -46.00
N PHE G 144 -56.30 -9.22 -46.29
CA PHE G 144 -54.97 -9.44 -46.84
C PHE G 144 -55.06 -9.83 -48.31
N PRO G 145 -54.04 -9.51 -49.13
CA PRO G 145 -52.78 -8.81 -48.78
C PRO G 145 -52.99 -7.32 -48.57
N LEU G 146 -52.16 -6.68 -47.74
CA LEU G 146 -52.29 -5.26 -47.48
C LEU G 146 -50.91 -4.65 -47.28
N ILE G 147 -50.85 -3.33 -47.43
CA ILE G 147 -49.64 -2.54 -47.22
C ILE G 147 -49.90 -1.61 -46.04
N TYR G 148 -49.10 -1.77 -44.98
CA TYR G 148 -49.29 -1.01 -43.75
C TYR G 148 -48.14 -0.02 -43.61
N ILE G 149 -48.38 1.20 -44.10
CA ILE G 149 -47.42 2.29 -43.98
C ILE G 149 -47.62 2.90 -42.59
N GLN G 150 -46.81 2.47 -41.63
CA GLN G 150 -46.99 2.92 -40.26
C GLN G 150 -46.78 4.43 -40.14
N ASN G 151 -45.74 4.94 -40.79
CA ASN G 151 -45.40 6.36 -40.73
C ASN G 151 -45.00 6.82 -42.12
N PHE G 152 -45.81 7.69 -42.73
CA PHE G 152 -45.46 8.20 -44.05
C PHE G 152 -44.13 8.94 -44.02
N GLY G 153 -43.89 9.71 -42.96
CA GLY G 153 -42.60 10.32 -42.78
C GLY G 153 -42.31 11.38 -43.83
N VAL G 154 -41.05 11.80 -43.85
CA VAL G 154 -40.57 12.74 -44.85
C VAL G 154 -39.58 12.09 -45.82
N LYS G 155 -38.93 11.00 -45.43
CA LYS G 155 -37.98 10.30 -46.31
C LYS G 155 -38.79 9.45 -47.29
N THR G 156 -39.29 10.11 -48.33
CA THR G 156 -40.17 9.43 -49.28
C THR G 156 -39.44 8.30 -50.02
N TYR G 157 -38.16 8.50 -50.33
CA TYR G 157 -37.42 7.46 -51.03
C TYR G 157 -37.32 6.19 -50.19
N GLU G 158 -37.08 6.35 -48.89
CA GLU G 158 -37.00 5.20 -48.01
C GLU G 158 -38.38 4.61 -47.72
N LEU G 159 -39.43 5.42 -47.82
CA LEU G 159 -40.77 4.89 -47.66
C LEU G 159 -41.15 4.02 -48.85
N VAL G 160 -40.87 4.49 -50.07
CA VAL G 160 -41.20 3.69 -51.24
C VAL G 160 -40.34 2.44 -51.29
N ARG G 161 -39.04 2.56 -50.99
CA ARG G 161 -38.20 1.38 -50.99
C ARG G 161 -38.48 0.47 -49.81
N SER G 162 -39.20 0.94 -48.79
CA SER G 162 -39.58 0.12 -47.65
C SER G 162 -40.92 -0.57 -47.83
N LEU G 163 -41.68 -0.26 -48.88
CA LEU G 163 -43.02 -0.78 -49.01
C LEU G 163 -42.98 -2.29 -49.28
N ARG G 164 -43.54 -3.06 -48.35
CA ARG G 164 -43.67 -4.51 -48.50
C ARG G 164 -45.12 -4.88 -48.27
N VAL G 165 -45.67 -5.70 -49.16
CA VAL G 165 -47.05 -6.14 -49.05
C VAL G 165 -47.15 -7.22 -47.98
N SER G 166 -48.05 -7.01 -47.02
CA SER G 166 -48.25 -7.95 -45.92
C SER G 166 -49.26 -9.01 -46.37
N LEU G 167 -48.77 -10.22 -46.63
CA LEU G 167 -49.62 -11.25 -47.21
C LEU G 167 -50.57 -11.87 -46.19
N SER G 168 -50.20 -11.88 -44.92
CA SER G 168 -51.05 -12.45 -43.88
C SER G 168 -50.69 -11.79 -42.55
N ALA G 169 -51.45 -12.15 -41.51
CA ALA G 169 -51.26 -11.57 -40.19
C ALA G 169 -49.98 -12.05 -39.51
N ASP G 170 -49.36 -13.11 -40.01
CA ASP G 170 -48.13 -13.60 -39.39
C ASP G 170 -47.01 -12.57 -39.51
N ALA G 171 -46.93 -11.90 -40.65
CA ALA G 171 -45.88 -10.91 -40.90
C ALA G 171 -46.50 -9.69 -41.55
N ILE G 172 -46.77 -8.66 -40.75
CA ILE G 172 -47.28 -7.38 -41.22
C ILE G 172 -46.13 -6.39 -41.22
N TYR G 173 -45.78 -5.89 -42.41
CA TYR G 173 -44.60 -5.02 -42.56
C TYR G 173 -45.01 -3.58 -42.23
N THR G 174 -44.49 -3.07 -41.11
CA THR G 174 -44.76 -1.70 -40.69
C THR G 174 -43.75 -0.78 -41.37
N CYS G 175 -44.15 -0.22 -42.52
CA CYS G 175 -43.29 0.70 -43.26
C CYS G 175 -43.40 2.07 -42.62
N ALA G 176 -42.28 2.62 -42.17
CA ALA G 176 -42.24 3.89 -41.44
C ALA G 176 -41.15 4.79 -41.98
N ASP G 177 -41.06 4.88 -43.30
CA ASP G 177 -40.17 5.80 -44.03
C ASP G 177 -38.69 5.61 -43.66
N GLN G 178 -38.34 4.49 -43.04
CA GLN G 178 -36.96 4.09 -42.81
C GLN G 178 -36.63 2.95 -43.76
N LEU G 179 -35.46 3.02 -44.40
CA LEU G 179 -35.15 2.05 -45.44
C LEU G 179 -35.22 0.65 -44.89
N LEU G 180 -36.07 -0.17 -45.51
CA LEU G 180 -36.36 -1.53 -45.03
C LEU G 180 -35.32 -2.49 -45.60
N THR G 181 -34.12 -2.43 -45.05
CA THR G 181 -33.13 -3.44 -45.37
C THR G 181 -33.49 -4.74 -44.65
N ARG G 182 -32.87 -5.83 -45.09
CA ARG G 182 -33.13 -7.10 -44.43
C ARG G 182 -32.61 -7.14 -43.00
N GLN G 183 -31.81 -6.16 -42.60
CA GLN G 183 -31.23 -6.12 -41.27
C GLN G 183 -32.11 -5.45 -40.25
N ASN G 184 -33.09 -4.65 -40.68
CA ASN G 184 -33.97 -3.93 -39.78
C ASN G 184 -35.44 -4.23 -40.04
N GLU G 185 -35.74 -5.26 -40.82
CA GLU G 185 -37.12 -5.66 -41.01
C GLU G 185 -37.69 -6.33 -39.77
N VAL G 186 -36.85 -6.72 -38.81
CA VAL G 186 -37.37 -7.31 -37.57
C VAL G 186 -38.04 -6.23 -36.73
N LEU G 187 -37.51 -5.01 -36.76
CA LEU G 187 -38.18 -3.90 -36.09
C LEU G 187 -39.45 -3.49 -36.81
N TYR G 188 -39.57 -3.80 -38.10
CA TYR G 188 -40.71 -3.41 -38.91
C TYR G 188 -41.59 -4.60 -39.30
N MET G 189 -41.47 -5.71 -38.57
CA MET G 189 -42.33 -6.87 -38.75
C MET G 189 -43.26 -6.96 -37.55
N LEU G 190 -44.55 -6.88 -37.81
CA LEU G 190 -45.57 -6.95 -36.78
C LEU G 190 -46.29 -8.28 -36.91
N ASP G 191 -46.04 -9.17 -35.96
CA ASP G 191 -46.55 -10.55 -36.03
C ASP G 191 -47.88 -10.55 -35.28
N LEU G 192 -48.90 -10.07 -35.98
CA LEU G 192 -50.18 -9.77 -35.34
C LEU G 192 -50.92 -11.05 -34.92
N LYS G 193 -50.73 -12.15 -35.64
CA LYS G 193 -51.36 -13.40 -35.21
C LYS G 193 -50.87 -13.82 -33.83
N LYS G 194 -49.55 -13.83 -33.63
CA LYS G 194 -48.98 -14.20 -32.35
C LYS G 194 -49.33 -13.17 -31.28
N ALA G 195 -49.32 -11.89 -31.64
CA ALA G 195 -49.69 -10.86 -30.67
C ALA G 195 -51.13 -11.03 -30.24
N LYS G 196 -52.03 -11.35 -31.18
CA LYS G 196 -53.44 -11.53 -30.83
C LYS G 196 -53.63 -12.75 -29.95
N GLU G 197 -52.94 -13.86 -30.24
CA GLU G 197 -53.10 -15.03 -29.39
C GLU G 197 -52.49 -14.80 -28.01
N LEU G 198 -51.40 -14.02 -27.93
CA LEU G 198 -50.81 -13.71 -26.64
C LEU G 198 -51.70 -12.80 -25.84
N HIS G 199 -52.37 -11.84 -26.50
CA HIS G 199 -53.33 -11.01 -25.79
C HIS G 199 -54.53 -11.81 -25.33
N GLN G 200 -54.97 -12.77 -26.15
CA GLN G 200 -56.06 -13.66 -25.73
C GLN G 200 -55.68 -14.45 -24.48
N GLU G 201 -54.43 -14.90 -24.40
CA GLU G 201 -54.01 -15.68 -23.24
C GLU G 201 -53.62 -14.82 -22.06
N ILE G 202 -53.35 -13.52 -22.28
CA ILE G 202 -53.09 -12.60 -21.17
C ILE G 202 -54.33 -12.41 -20.30
N LYS G 203 -55.51 -12.71 -20.83
CA LYS G 203 -56.75 -12.50 -20.07
C LYS G 203 -56.80 -13.39 -18.84
N ASN G 204 -56.23 -14.60 -18.94
CA ASN G 204 -56.26 -15.55 -17.83
C ASN G 204 -55.40 -15.10 -16.65
N TYR G 205 -54.57 -14.07 -16.82
CA TYR G 205 -53.63 -13.65 -15.79
C TYR G 205 -54.04 -12.29 -15.23
N SER G 206 -53.81 -12.10 -13.93
CA SER G 206 -54.19 -10.89 -13.24
C SER G 206 -53.45 -9.68 -13.81
N LYS G 207 -53.95 -8.50 -13.47
CA LYS G 207 -53.30 -7.25 -13.88
C LYS G 207 -51.89 -7.18 -13.33
N LYS G 208 -51.70 -7.51 -12.05
CA LYS G 208 -50.37 -7.50 -11.47
C LYS G 208 -49.48 -8.54 -12.14
N GLU G 209 -50.03 -9.72 -12.42
CA GLU G 209 -49.24 -10.77 -13.05
C GLU G 209 -48.82 -10.35 -14.45
N MET G 210 -49.70 -9.65 -15.18
CA MET G 210 -49.36 -9.25 -16.54
C MET G 210 -48.38 -8.10 -16.54
N ASP G 211 -48.51 -7.18 -15.57
CA ASP G 211 -47.51 -6.13 -15.44
C ASP G 211 -46.15 -6.73 -15.13
N ILE G 212 -46.10 -7.70 -14.22
CA ILE G 212 -44.83 -8.35 -13.88
C ILE G 212 -44.25 -9.04 -15.10
N PHE G 213 -45.10 -9.75 -15.87
CA PHE G 213 -44.62 -10.43 -17.06
C PHE G 213 -44.03 -9.44 -18.07
N ILE G 214 -44.77 -8.35 -18.31
CA ILE G 214 -44.31 -7.37 -19.30
C ILE G 214 -43.00 -6.74 -18.85
N ARG G 215 -42.91 -6.35 -17.57
CA ARG G 215 -41.70 -5.71 -17.08
C ARG G 215 -40.52 -6.66 -17.13
N THR G 216 -40.74 -7.93 -16.75
CA THR G 216 -39.66 -8.91 -16.79
C THR G 216 -39.17 -9.12 -18.22
N VAL G 217 -40.09 -9.20 -19.18
CA VAL G 217 -39.68 -9.46 -20.56
C VAL G 217 -38.99 -8.24 -21.13
N THR G 218 -39.47 -7.04 -20.82
CA THR G 218 -38.83 -5.84 -21.31
C THR G 218 -37.42 -5.68 -20.73
N LEU G 219 -37.27 -5.90 -19.42
CA LEU G 219 -35.95 -5.81 -18.81
C LEU G 219 -35.00 -6.85 -19.38
N LEU G 220 -35.48 -8.09 -19.57
CA LEU G 220 -34.63 -9.13 -20.12
C LEU G 220 -34.22 -8.80 -21.55
N ALA G 221 -35.17 -8.31 -22.37
CA ALA G 221 -34.85 -7.96 -23.74
C ALA G 221 -33.82 -6.83 -23.80
N TYR G 222 -33.81 -5.94 -22.82
CA TYR G 222 -32.78 -4.92 -22.71
C TYR G 222 -31.61 -5.38 -21.86
N SER G 223 -31.58 -6.64 -21.45
CA SER G 223 -30.50 -7.19 -20.64
C SER G 223 -30.29 -6.38 -19.37
N ARG G 224 -31.40 -6.00 -18.73
CA ARG G 224 -31.33 -5.33 -17.43
C ARG G 224 -31.44 -6.30 -16.27
N ILE G 225 -32.07 -7.45 -16.49
CA ILE G 225 -32.18 -8.51 -15.49
C ILE G 225 -31.54 -9.77 -16.05
N THR G 226 -30.90 -10.54 -15.18
CA THR G 226 -30.29 -11.78 -15.62
C THR G 226 -31.37 -12.77 -16.04
N PRO G 227 -31.08 -13.66 -17.00
CA PRO G 227 -32.06 -14.68 -17.36
C PRO G 227 -32.48 -15.55 -16.18
N GLU G 228 -31.58 -15.80 -15.24
CA GLU G 228 -31.94 -16.58 -14.06
C GLU G 228 -33.01 -15.85 -13.25
N ALA G 229 -32.82 -14.55 -13.01
CA ALA G 229 -33.80 -13.78 -12.27
C ALA G 229 -35.14 -13.73 -13.00
N ALA G 230 -35.10 -13.52 -14.31
CA ALA G 230 -36.34 -13.47 -15.08
C ALA G 230 -37.07 -14.80 -15.03
N SER G 231 -36.32 -15.91 -15.14
CA SER G 231 -36.94 -17.22 -15.06
C SER G 231 -37.54 -17.45 -13.68
N ASN G 232 -36.85 -17.00 -12.63
CA ASN G 232 -37.39 -17.12 -11.29
C ASN G 232 -38.70 -16.36 -11.17
N GLU G 233 -38.75 -15.13 -11.69
CA GLU G 233 -39.98 -14.35 -11.62
C GLU G 233 -41.09 -15.03 -12.40
N PHE G 234 -40.79 -15.55 -13.59
CA PHE G 234 -41.80 -16.21 -14.40
C PHE G 234 -42.35 -17.44 -13.70
N LYS G 235 -41.47 -18.25 -13.11
CA LYS G 235 -41.92 -19.47 -12.44
C LYS G 235 -42.71 -19.12 -11.18
N LYS G 236 -42.26 -18.12 -10.42
CA LYS G 236 -42.97 -17.76 -9.19
C LYS G 236 -44.34 -17.18 -9.50
N ASN G 237 -44.47 -16.41 -10.58
CA ASN G 237 -45.75 -15.87 -10.99
C ASN G 237 -46.51 -16.77 -11.95
N ASN G 238 -45.95 -17.94 -12.30
CA ASN G 238 -46.63 -18.89 -13.18
C ASN G 238 -46.94 -18.26 -14.53
N LEU G 239 -45.90 -17.73 -15.18
CA LEU G 239 -46.03 -17.06 -16.46
C LEU G 239 -45.43 -17.87 -17.61
N ILE G 240 -45.11 -19.14 -17.38
CA ILE G 240 -44.48 -19.95 -18.42
C ILE G 240 -45.36 -20.08 -19.65
N PRO G 241 -46.67 -20.35 -19.54
CA PRO G 241 -47.48 -20.46 -20.76
C PRO G 241 -47.51 -19.18 -21.57
N LEU G 242 -47.37 -18.02 -20.93
CA LEU G 242 -47.20 -16.79 -21.69
C LEU G 242 -45.88 -16.82 -22.43
N LEU G 243 -44.80 -17.27 -21.78
CA LEU G 243 -43.49 -17.25 -22.40
C LEU G 243 -43.43 -18.17 -23.60
N LEU G 244 -44.16 -19.28 -23.58
CA LEU G 244 -44.11 -20.20 -24.72
C LEU G 244 -44.64 -19.55 -25.98
N LEU G 245 -45.47 -18.51 -25.87
CA LEU G 245 -45.97 -17.77 -27.01
C LEU G 245 -45.02 -16.67 -27.47
N LEU G 246 -43.93 -16.42 -26.75
CA LEU G 246 -43.05 -15.31 -27.13
C LEU G 246 -42.10 -15.76 -28.25
N PRO G 247 -41.86 -14.91 -29.26
CA PRO G 247 -40.76 -15.21 -30.18
C PRO G 247 -39.43 -15.16 -29.46
N THR G 248 -38.50 -16.01 -29.89
CA THR G 248 -37.17 -16.00 -29.30
C THR G 248 -36.42 -14.71 -29.60
N ASP G 249 -36.77 -14.01 -30.66
CA ASP G 249 -36.12 -12.75 -31.00
C ASP G 249 -36.48 -11.69 -29.97
N PRO G 250 -35.51 -11.07 -29.29
CA PRO G 250 -35.86 -10.04 -28.30
C PRO G 250 -36.52 -8.81 -28.92
N HIS G 251 -36.15 -8.44 -30.15
CA HIS G 251 -36.78 -7.28 -30.76
C HIS G 251 -38.24 -7.57 -31.10
N GLN G 252 -38.53 -8.79 -31.57
CA GLN G 252 -39.92 -9.18 -31.76
C GLN G 252 -40.67 -9.18 -30.44
N ARG G 253 -40.01 -9.63 -29.37
CA ARG G 253 -40.62 -9.58 -28.05
C ARG G 253 -40.98 -8.16 -27.67
N LEU G 254 -40.06 -7.22 -27.91
CA LEU G 254 -40.33 -5.82 -27.58
C LEU G 254 -41.47 -5.26 -28.44
N SER G 255 -41.51 -5.64 -29.71
CA SER G 255 -42.58 -5.16 -30.58
C SER G 255 -43.94 -5.64 -30.09
N ILE G 256 -44.05 -6.93 -29.76
CA ILE G 256 -45.34 -7.45 -29.35
C ILE G 256 -45.70 -6.94 -27.96
N LEU G 257 -44.70 -6.71 -27.11
CA LEU G 257 -44.98 -6.12 -25.80
C LEU G 257 -45.48 -4.69 -25.95
N HIS G 258 -44.89 -3.90 -26.84
CA HIS G 258 -45.45 -2.59 -27.15
C HIS G 258 -46.89 -2.72 -27.64
N LEU G 259 -47.17 -3.76 -28.42
CA LEU G 259 -48.53 -3.97 -28.90
C LEU G 259 -49.47 -4.26 -27.75
N LEU G 260 -49.04 -5.10 -26.81
CA LEU G 260 -49.87 -5.44 -25.66
C LEU G 260 -50.09 -4.22 -24.76
N LYS G 261 -49.02 -3.47 -24.49
CA LYS G 261 -49.13 -2.28 -23.65
C LYS G 261 -49.87 -1.15 -24.35
N LYS G 262 -50.14 -1.27 -25.65
CA LYS G 262 -51.04 -0.34 -26.31
C LYS G 262 -52.50 -0.76 -26.18
N VAL G 263 -52.80 -2.04 -26.37
CA VAL G 263 -54.17 -2.53 -26.24
C VAL G 263 -54.53 -2.65 -24.77
N MET K 1 42.83 -14.93 63.53
CA MET K 1 41.77 -14.41 62.64
C MET K 1 42.06 -12.95 62.27
N ARG K 2 43.01 -12.35 62.98
CA ARG K 2 43.43 -10.98 62.72
C ARG K 2 43.87 -10.80 61.27
N THR K 3 43.38 -9.73 60.63
CA THR K 3 43.83 -9.35 59.29
C THR K 3 45.03 -8.42 59.43
N LEU K 4 46.19 -8.89 58.99
CA LEU K 4 47.46 -8.19 59.21
C LEU K 4 47.83 -7.33 58.00
N ASN K 5 48.11 -6.05 58.22
CA ASN K 5 48.65 -5.20 57.16
C ASN K 5 50.12 -4.88 57.46
N PHE K 6 50.98 -5.19 56.51
CA PHE K 6 52.42 -4.90 56.59
C PHE K 6 52.66 -3.66 55.74
N ASN K 7 52.50 -2.49 56.36
CA ASN K 7 52.83 -1.22 55.72
C ASN K 7 54.29 -0.90 56.01
N GLY K 8 55.05 -0.51 55.00
CA GLY K 8 56.47 -0.35 55.28
C GLY K 8 57.26 0.09 54.08
N LYS K 9 58.57 0.17 54.27
CA LYS K 9 59.48 0.68 53.25
C LYS K 9 60.45 -0.40 52.81
N ILE K 10 60.81 -0.35 51.54
CA ILE K 10 61.89 -1.15 50.97
C ILE K 10 63.00 -0.19 50.56
N SER K 11 64.17 -0.33 51.18
CA SER K 11 65.38 0.39 50.80
C SER K 11 66.24 -0.54 49.94
N THR K 12 66.84 0.02 48.89
CA THR K 12 67.55 -0.77 47.90
C THR K 12 69.02 -0.35 47.87
N LEU K 13 69.91 -1.32 48.01
CA LEU K 13 71.34 -1.11 47.97
C LEU K 13 71.94 -1.50 46.62
N GLU K 14 71.11 -1.71 45.60
CA GLU K 14 71.56 -2.22 44.31
C GLU K 14 70.48 -1.93 43.28
N PRO K 15 70.84 -1.78 41.99
CA PRO K 15 69.80 -1.50 40.99
C PRO K 15 68.90 -2.70 40.69
N LEU K 16 67.64 -2.58 41.10
CA LEU K 16 66.66 -3.65 40.88
C LEU K 16 66.12 -3.59 39.47
N THR K 17 66.08 -4.74 38.80
CA THR K 17 65.65 -4.85 37.42
C THR K 17 64.54 -5.89 37.33
N VAL K 18 63.47 -5.55 36.63
CA VAL K 18 62.28 -6.38 36.53
C VAL K 18 61.90 -6.51 35.06
N THR K 19 60.80 -7.23 34.80
CA THR K 19 60.38 -7.58 33.45
C THR K 19 61.44 -8.42 32.74
N VAL K 20 62.16 -9.25 33.50
CA VAL K 20 63.09 -10.20 32.89
C VAL K 20 62.33 -11.20 32.03
N LYS K 21 61.15 -11.60 32.47
CA LYS K 21 60.33 -12.55 31.74
C LYS K 21 59.45 -11.85 30.72
N SER K 27 59.21 -1.79 23.51
CA SER K 27 59.93 -3.00 23.14
C SER K 27 61.18 -3.18 24.00
N GLY K 28 61.79 -2.07 24.39
CA GLY K 28 62.98 -2.12 25.20
C GLY K 28 62.68 -2.53 26.63
N HIS K 29 63.75 -2.82 27.37
CA HIS K 29 63.63 -3.26 28.76
C HIS K 29 63.33 -2.05 29.63
N ARG K 30 62.05 -1.78 29.83
CA ARG K 30 61.58 -0.73 30.72
C ARG K 30 60.82 -1.35 31.87
N LEU K 31 60.61 -0.56 32.91
CA LEU K 31 59.78 -0.99 34.03
C LEU K 31 58.30 -0.80 33.69
N PRO K 32 57.41 -1.52 34.36
CA PRO K 32 55.98 -1.33 34.12
C PRO K 32 55.55 0.09 34.43
N ARG K 33 54.69 0.63 33.56
CA ARG K 33 54.28 2.03 33.64
C ARG K 33 53.07 2.18 34.54
N ASN K 34 53.19 3.06 35.54
CA ASN K 34 52.11 3.28 36.51
C ASN K 34 51.14 4.30 35.92
N GLY K 35 50.42 3.85 34.88
CA GLY K 35 49.51 4.69 34.15
C GLY K 35 50.20 5.52 33.09
N GLY K 36 49.60 5.59 31.90
CA GLY K 36 50.17 6.36 30.81
C GLY K 36 51.52 5.82 30.39
N PHE K 37 52.39 6.73 29.95
CA PHE K 37 53.76 6.39 29.60
C PHE K 37 54.74 7.26 30.38
N ASN K 38 54.36 8.52 30.62
CA ASN K 38 55.24 9.51 31.22
C ASN K 38 55.11 9.58 32.74
N ALA K 39 54.32 8.72 33.36
CA ALA K 39 54.15 8.75 34.81
C ALA K 39 55.27 7.97 35.48
N ALA K 40 55.22 7.92 36.81
CA ALA K 40 56.27 7.25 37.55
C ALA K 40 56.27 5.74 37.24
N PRO K 41 57.40 5.07 37.45
CA PRO K 41 57.41 3.62 37.34
C PRO K 41 57.14 2.96 38.69
N TYR K 42 57.00 1.64 38.66
CA TYR K 42 56.78 0.87 39.88
C TYR K 42 57.39 -0.51 39.69
N PHE K 43 57.73 -1.14 40.81
CA PHE K 43 58.33 -2.46 40.79
C PHE K 43 57.21 -3.48 41.01
N PRO K 44 56.91 -4.34 40.03
CA PRO K 44 55.64 -5.07 40.08
C PRO K 44 55.57 -6.06 41.23
N GLY K 45 54.42 -6.05 41.91
CA GLY K 45 54.16 -6.99 43.00
C GLY K 45 54.12 -8.43 42.56
N THR K 46 54.00 -8.70 41.26
CA THR K 46 54.03 -10.08 40.79
C THR K 46 55.35 -10.75 41.16
N SER K 47 56.47 -10.05 40.98
CA SER K 47 57.76 -10.61 41.32
C SER K 47 57.93 -10.73 42.83
N ILE K 48 57.38 -9.79 43.59
CA ILE K 48 57.49 -9.85 45.04
C ILE K 48 56.71 -11.05 45.57
N ARG K 49 55.50 -11.26 45.07
CA ARG K 49 54.72 -12.41 45.53
C ARG K 49 55.31 -13.71 44.99
N GLY K 50 55.98 -13.69 43.85
CA GLY K 50 56.73 -14.86 43.42
C GLY K 50 57.85 -15.20 44.36
N THR K 51 58.59 -14.19 44.81
CA THR K 51 59.66 -14.43 45.78
C THR K 51 59.10 -14.98 47.09
N LEU K 52 57.96 -14.42 47.54
CA LEU K 52 57.34 -14.93 48.75
C LEU K 52 56.82 -16.34 48.56
N ARG K 53 56.36 -16.67 47.35
CA ARG K 53 55.93 -18.04 47.04
C ARG K 53 57.10 -18.99 47.16
N HIS K 54 58.25 -18.62 46.58
CA HIS K 54 59.44 -19.45 46.66
C HIS K 54 59.89 -19.60 48.12
N ALA K 55 59.83 -18.51 48.88
CA ALA K 55 60.24 -18.55 50.28
C ALA K 55 59.36 -19.51 51.07
N ALA K 56 58.03 -19.37 50.96
CA ALA K 56 57.14 -20.26 51.69
C ALA K 56 57.32 -21.70 51.22
N HIS K 57 57.55 -21.90 49.92
CA HIS K 57 57.75 -23.24 49.39
C HIS K 57 58.98 -23.89 50.02
N LYS K 58 60.08 -23.14 50.12
CA LYS K 58 61.31 -23.77 50.56
C LYS K 58 61.48 -23.74 52.07
N VAL K 59 60.67 -22.96 52.79
CA VAL K 59 60.61 -23.15 54.24
C VAL K 59 59.80 -24.39 54.57
N ILE K 60 58.66 -24.61 53.89
CA ILE K 60 57.93 -25.84 54.19
C ILE K 60 58.72 -27.06 53.71
N VAL K 61 59.53 -26.91 52.65
CA VAL K 61 60.43 -28.00 52.28
C VAL K 61 61.47 -28.23 53.36
N ASP K 62 62.04 -27.15 53.92
CA ASP K 62 63.06 -27.30 54.95
C ASP K 62 62.47 -28.00 56.18
N ARG K 63 61.24 -27.64 56.57
CA ARG K 63 60.63 -28.27 57.73
C ARG K 63 60.21 -29.70 57.42
N VAL K 64 59.55 -29.90 56.28
CA VAL K 64 59.09 -31.23 55.87
C VAL K 64 59.36 -31.42 54.39
N ALA K 104 38.37 -23.57 53.57
CA ALA K 104 38.51 -23.46 55.01
C ALA K 104 39.18 -24.70 55.58
N GLU K 105 38.62 -25.87 55.25
CA GLU K 105 39.20 -27.12 55.74
C GLU K 105 40.57 -27.37 55.15
N LEU K 106 40.76 -27.02 53.88
CA LEU K 106 42.09 -27.11 53.26
C LEU K 106 43.07 -26.17 53.96
N ARG K 107 42.59 -25.05 54.48
CA ARG K 107 43.49 -24.02 54.99
C ARG K 107 44.28 -24.53 56.19
N SER K 108 43.63 -25.27 57.09
CA SER K 108 44.34 -25.85 58.23
C SER K 108 45.39 -26.85 57.76
N LYS K 109 45.07 -27.63 56.74
CA LYS K 109 46.00 -28.67 56.29
C LYS K 109 47.26 -28.05 55.67
N ASN K 110 47.09 -27.12 54.74
CA ASN K 110 48.21 -26.50 54.04
C ASN K 110 48.24 -25.00 54.33
N PRO K 111 49.07 -24.54 55.27
CA PRO K 111 49.19 -23.09 55.48
C PRO K 111 49.73 -22.35 54.27
N LEU K 112 50.60 -22.98 53.47
CA LEU K 112 51.11 -22.33 52.27
C LEU K 112 49.97 -21.99 51.30
N ILE K 113 49.11 -22.97 51.02
CA ILE K 113 48.01 -22.75 50.09
C ILE K 113 46.98 -21.83 50.72
N SER K 114 46.84 -21.86 52.04
CA SER K 114 45.95 -20.91 52.69
C SER K 114 46.44 -19.48 52.47
N LEU K 115 47.74 -19.25 52.62
CA LEU K 115 48.30 -17.93 52.36
C LEU K 115 48.08 -17.51 50.91
N PHE K 116 48.63 -18.28 49.97
CA PHE K 116 48.70 -17.86 48.57
C PHE K 116 47.58 -18.43 47.71
N GLY K 117 47.25 -19.70 47.88
CA GLY K 117 46.08 -20.28 47.23
C GLY K 117 46.35 -20.82 45.85
N ARG K 118 45.55 -21.81 45.47
CA ARG K 118 45.50 -22.32 44.11
C ARG K 118 44.51 -21.47 43.31
N TRP K 119 44.18 -21.91 42.10
CA TRP K 119 43.21 -21.18 41.29
C TRP K 119 41.84 -21.21 41.96
N GLY K 120 41.35 -22.39 42.29
CA GLY K 120 40.05 -22.51 42.93
C GLY K 120 39.98 -21.84 44.28
N LEU K 121 41.09 -21.85 45.04
CA LEU K 121 41.09 -21.42 46.43
C LEU K 121 41.59 -19.99 46.55
N SER K 122 40.89 -19.18 47.34
CA SER K 122 41.29 -17.81 47.60
C SER K 122 42.44 -17.77 48.60
N GLY K 123 43.54 -17.14 48.20
CA GLY K 123 44.69 -16.99 49.07
C GLY K 123 44.58 -15.74 49.94
N LYS K 124 44.91 -15.90 51.21
CA LYS K 124 44.81 -14.78 52.15
C LYS K 124 45.80 -13.68 51.81
N VAL K 125 47.02 -14.04 51.41
CA VAL K 125 48.09 -13.07 51.27
C VAL K 125 47.93 -12.29 49.96
N GLY K 126 48.33 -11.02 50.00
CA GLY K 126 48.44 -10.18 48.83
C GLY K 126 49.61 -9.23 48.97
N ILE K 127 50.50 -9.21 48.00
CA ILE K 127 51.72 -8.42 48.03
C ILE K 127 51.62 -7.34 46.96
N GLY K 128 51.45 -6.10 47.38
CA GLY K 128 51.35 -5.00 46.45
C GLY K 128 52.70 -4.67 45.81
N ASN K 129 52.68 -3.61 45.01
CA ASN K 129 53.89 -3.16 44.32
C ASN K 129 54.66 -2.18 45.19
N ALA K 130 55.89 -1.89 44.75
CA ALA K 130 56.76 -0.92 45.40
C ALA K 130 56.76 0.36 44.57
N ILE K 131 56.29 1.45 45.16
CA ILE K 131 56.12 2.72 44.46
C ILE K 131 57.24 3.66 44.90
N PRO K 132 57.93 4.35 43.99
CA PRO K 132 58.91 5.34 44.41
C PRO K 132 58.25 6.52 45.10
N ASP K 133 59.00 7.13 46.02
CA ASP K 133 58.48 8.24 46.82
C ASP K 133 58.64 9.58 46.12
N GLY K 134 59.85 9.89 45.66
CA GLY K 134 60.16 11.19 45.10
C GLY K 134 60.14 11.19 43.57
N ASP K 135 60.35 12.38 43.02
CA ASP K 135 60.50 12.54 41.59
C ASP K 135 61.86 12.00 41.13
N ASN K 136 61.95 11.74 39.82
CA ASN K 136 63.14 11.15 39.16
C ASN K 136 63.52 9.89 39.93
N GLN K 137 64.79 9.65 40.25
CA GLN K 137 65.29 8.56 41.10
C GLN K 137 65.33 7.22 40.35
N TRP K 138 65.01 7.19 39.06
CA TRP K 138 65.13 5.97 38.27
C TRP K 138 65.84 6.28 36.97
N GLY K 139 66.59 5.31 36.45
CA GLY K 139 67.45 5.57 35.31
C GLY K 139 67.71 4.36 34.46
N MET K 140 68.15 4.65 33.24
CA MET K 140 68.62 3.64 32.29
C MET K 140 70.02 3.23 32.73
N PHE K 141 70.14 2.08 33.37
CA PHE K 141 71.42 1.52 33.80
C PHE K 141 71.82 0.37 32.89
N GLY K 142 73.00 -0.17 33.14
CA GLY K 142 73.51 -1.28 32.35
C GLY K 142 73.78 -0.89 30.91
N ILE K 236 74.94 -5.24 24.47
CA ILE K 236 74.05 -5.50 25.59
C ILE K 236 73.04 -4.37 25.73
N ASP K 237 71.76 -4.73 25.76
CA ASP K 237 70.71 -3.73 25.90
C ASP K 237 70.66 -3.23 27.35
N PRO K 238 70.77 -1.92 27.58
CA PRO K 238 70.62 -1.42 28.96
C PRO K 238 69.19 -1.63 29.47
N TYR K 239 69.09 -1.79 30.79
CA TYR K 239 67.82 -2.03 31.45
C TYR K 239 67.52 -0.87 32.41
N GLU K 240 66.25 -0.75 32.78
CA GLU K 240 65.79 0.36 33.60
C GLU K 240 65.74 -0.08 35.06
N ALA K 241 66.25 0.78 35.95
CA ALA K 241 66.36 0.37 37.35
C ALA K 241 66.30 1.60 38.26
N PHE K 242 65.97 1.35 39.52
CA PHE K 242 65.99 2.38 40.54
C PHE K 242 67.40 2.53 41.07
N ILE K 243 67.77 3.77 41.41
CA ILE K 243 69.14 4.04 41.84
C ILE K 243 69.40 3.39 43.19
N THR K 244 70.68 3.19 43.48
CA THR K 244 71.08 2.68 44.78
C THR K 244 70.70 3.67 45.87
N GLY K 245 70.14 3.15 46.96
CA GLY K 245 69.57 4.00 47.99
C GLY K 245 68.09 4.26 47.85
N ALA K 246 67.42 3.65 46.86
CA ALA K 246 66.01 3.92 46.64
C ALA K 246 65.18 3.46 47.81
N GLU K 247 64.19 4.27 48.18
CA GLU K 247 63.22 3.90 49.20
C GLU K 247 61.83 3.90 48.55
N LEU K 248 61.14 2.78 48.67
CA LEU K 248 59.83 2.56 48.07
C LEU K 248 58.82 2.23 49.16
N SER K 249 57.61 2.75 49.00
CA SER K 249 56.53 2.50 49.92
C SER K 249 55.77 1.25 49.47
N HIS K 250 55.65 0.27 50.37
CA HIS K 250 55.18 -1.05 50.02
C HIS K 250 54.13 -1.51 51.03
N ARG K 251 53.15 -2.24 50.51
CA ARG K 251 51.98 -2.70 51.26
C ARG K 251 51.78 -4.19 51.00
N MET K 252 51.68 -4.96 52.07
CA MET K 252 51.32 -6.36 51.99
C MET K 252 50.24 -6.63 53.01
N SER K 253 49.39 -7.62 52.75
CA SER K 253 48.27 -7.84 53.65
C SER K 253 47.88 -9.31 53.64
N ILE K 254 47.45 -9.79 54.80
CA ILE K 254 46.86 -11.10 54.93
C ILE K 254 45.44 -10.90 55.45
N LYS K 255 44.46 -11.31 54.65
CA LYS K 255 43.07 -11.26 55.03
C LYS K 255 42.76 -12.35 56.05
N ASN K 256 42.04 -11.98 57.11
CA ASN K 256 41.50 -12.92 58.09
C ASN K 256 42.53 -14.00 58.44
N ALA K 257 43.75 -13.56 58.72
CA ALA K 257 44.82 -14.50 59.02
C ALA K 257 44.64 -15.11 60.40
N THR K 258 44.81 -16.43 60.50
CA THR K 258 45.00 -17.08 61.79
C THR K 258 46.49 -17.13 62.12
N ASP K 259 46.79 -17.13 63.42
CA ASP K 259 48.18 -17.09 63.84
C ASP K 259 48.97 -18.27 63.30
N GLU K 260 48.32 -19.42 63.13
CA GLU K 260 49.01 -20.62 62.66
C GLU K 260 49.62 -20.39 61.28
N GLU K 261 48.77 -20.09 60.30
CA GLU K 261 49.25 -19.87 58.94
C GLU K 261 49.90 -18.50 58.78
N ALA K 262 49.50 -17.51 59.58
CA ALA K 262 50.09 -16.20 59.45
C ALA K 262 51.53 -16.17 59.94
N GLY K 263 51.89 -17.08 60.84
CA GLY K 263 53.29 -17.25 61.19
C GLY K 263 54.14 -17.70 60.03
N LEU K 264 53.54 -18.46 59.10
CA LEU K 264 54.29 -18.96 57.95
C LEU K 264 54.79 -17.81 57.09
N PHE K 265 53.98 -16.76 56.93
CA PHE K 265 54.43 -15.62 56.13
C PHE K 265 55.65 -14.95 56.75
N ILE K 266 55.63 -14.76 58.08
CA ILE K 266 56.77 -14.12 58.73
C ILE K 266 57.99 -15.03 58.66
N SER K 267 57.81 -16.33 58.86
CA SER K 267 58.92 -17.26 58.68
C SER K 267 59.44 -17.24 57.25
N ALA K 268 58.55 -17.00 56.28
CA ALA K 268 58.99 -16.88 54.90
C ALA K 268 59.84 -15.63 54.72
N LEU K 269 59.53 -14.57 55.47
CA LEU K 269 60.34 -13.36 55.35
C LEU K 269 61.66 -13.49 56.10
N ILE K 270 61.70 -14.23 57.20
CA ILE K 270 62.96 -14.41 57.91
C ILE K 270 63.89 -15.29 57.10
N ARG K 271 63.36 -16.35 56.47
CA ARG K 271 64.23 -17.19 55.65
C ARG K 271 64.54 -16.53 54.31
N PHE K 272 63.65 -15.68 53.80
CA PHE K 272 64.03 -14.75 52.74
C PHE K 272 65.27 -13.95 53.10
N ALA K 273 65.33 -13.45 54.34
CA ALA K 273 66.40 -12.56 54.74
C ALA K 273 67.77 -13.21 54.58
N ALA K 274 67.84 -14.54 54.57
CA ALA K 274 69.09 -15.22 54.23
C ALA K 274 69.51 -14.91 52.80
N GLU K 275 68.55 -14.85 51.87
CA GLU K 275 68.82 -14.65 50.45
C GLU K 275 67.90 -13.54 49.95
N PRO K 276 68.23 -12.28 50.25
CA PRO K 276 67.32 -11.17 49.91
C PRO K 276 67.32 -10.82 48.43
N ARG K 277 66.59 -11.59 47.62
CA ARG K 277 66.54 -11.43 46.17
C ARG K 277 65.22 -10.78 45.78
N PHE K 278 65.28 -9.50 45.40
CA PHE K 278 64.14 -8.75 44.87
C PHE K 278 64.40 -8.23 43.47
N GLY K 279 65.25 -8.93 42.70
CA GLY K 279 65.55 -8.57 41.33
C GLY K 279 65.21 -9.69 40.36
N GLY K 280 65.53 -9.43 39.10
CA GLY K 280 65.31 -10.39 38.03
C GLY K 280 66.58 -10.90 37.38
N HIS K 281 67.73 -10.51 37.91
CA HIS K 281 69.03 -10.94 37.38
C HIS K 281 69.73 -11.81 38.40
N ALA K 282 70.23 -12.96 37.95
CA ALA K 282 71.00 -13.87 38.79
C ALA K 282 72.49 -13.78 38.54
N ASN K 283 72.89 -13.56 37.28
CA ASN K 283 74.31 -13.36 36.98
C ASN K 283 74.82 -12.05 37.56
N HIS K 284 74.04 -10.98 37.44
CA HIS K 284 74.39 -9.67 37.96
C HIS K 284 73.89 -9.45 39.38
N ASN K 285 73.37 -10.50 40.02
CA ASN K 285 72.90 -10.47 41.41
C ASN K 285 72.14 -9.18 41.75
N CYS K 286 71.20 -8.84 40.88
CA CYS K 286 70.26 -7.76 41.16
C CYS K 286 69.18 -8.26 42.11
N GLY K 287 68.94 -7.51 43.18
CA GLY K 287 67.88 -7.86 44.12
C GLY K 287 68.24 -7.68 45.57
N LEU K 288 69.47 -7.31 45.87
CA LEU K 288 69.88 -7.09 47.26
C LEU K 288 69.13 -5.89 47.82
N VAL K 289 68.21 -6.15 48.75
CA VAL K 289 67.42 -5.08 49.37
C VAL K 289 67.39 -5.26 50.87
N GLU K 290 67.06 -4.17 51.55
CA GLU K 290 66.70 -4.14 52.96
C GLU K 290 65.27 -3.61 53.03
N ALA K 291 64.50 -4.06 54.01
CA ALA K 291 63.10 -3.66 54.07
C ALA K 291 62.60 -3.73 55.49
N HIS K 292 61.91 -2.69 55.94
CA HIS K 292 61.37 -2.63 57.29
C HIS K 292 59.86 -2.43 57.19
N TRP K 293 59.11 -3.39 57.72
CA TRP K 293 57.66 -3.46 57.62
C TRP K 293 57.04 -3.32 59.01
N THR K 294 56.16 -2.33 59.16
CA THR K 294 55.36 -2.14 60.36
C THR K 294 54.09 -2.96 60.18
N VAL K 295 54.04 -4.08 60.90
CA VAL K 295 52.83 -4.90 60.97
C VAL K 295 51.79 -4.20 61.83
N THR K 296 50.60 -4.00 61.27
CA THR K 296 49.49 -3.30 61.89
C THR K 296 48.26 -4.19 61.72
N THR K 297 47.91 -4.94 62.75
CA THR K 297 46.64 -5.65 62.67
C THR K 297 45.49 -4.70 62.97
N TRP K 298 44.28 -5.16 62.65
CA TRP K 298 43.07 -4.38 62.90
C TRP K 298 41.93 -5.37 63.11
N LYS K 299 41.54 -5.56 64.36
CA LYS K 299 40.32 -6.30 64.63
C LYS K 299 39.14 -5.48 64.12
N PRO K 300 38.30 -6.01 63.22
CA PRO K 300 37.27 -5.16 62.60
C PRO K 300 36.31 -4.58 63.64
N GLY K 301 35.87 -3.35 63.36
CA GLY K 301 34.92 -2.67 64.23
C GLY K 301 35.52 -1.48 64.96
N GLU K 302 36.77 -1.60 65.38
CA GLU K 302 37.41 -0.51 66.11
C GLU K 302 37.92 0.56 65.15
N LEU K 303 38.12 1.76 65.70
CA LEU K 303 38.45 2.92 64.89
C LEU K 303 39.92 2.97 64.47
N VAL K 304 40.80 2.27 65.18
CA VAL K 304 42.24 2.39 64.96
C VAL K 304 42.85 0.99 64.89
N PRO K 305 43.92 0.78 64.12
CA PRO K 305 44.64 -0.49 64.18
C PRO K 305 45.76 -0.47 65.22
N VAL K 306 46.12 -1.67 65.67
CA VAL K 306 47.17 -1.86 66.68
C VAL K 306 48.40 -2.44 66.00
N THR K 307 49.56 -1.86 66.30
CA THR K 307 50.82 -2.25 65.68
C THR K 307 51.37 -3.47 66.39
N LEU K 308 51.42 -4.60 65.70
CA LEU K 308 51.95 -5.83 66.28
C LEU K 308 53.45 -5.71 66.50
N GLY K 309 54.17 -5.17 65.54
CA GLY K 309 55.60 -5.01 65.66
C GLY K 309 56.23 -4.62 64.35
N GLU K 310 57.56 -4.68 64.33
CA GLU K 310 58.36 -4.22 63.20
C GLU K 310 59.24 -5.36 62.71
N ILE K 311 59.13 -5.66 61.41
CA ILE K 311 59.89 -6.73 60.77
C ILE K 311 60.87 -6.07 59.80
N VAL K 312 62.17 -6.25 60.05
CA VAL K 312 63.22 -5.66 59.23
C VAL K 312 64.04 -6.79 58.65
N ILE K 313 64.28 -6.73 57.33
CA ILE K 313 65.15 -7.66 56.62
C ILE K 313 66.31 -6.87 56.05
N THR K 314 67.51 -7.40 56.19
CA THR K 314 68.72 -6.70 55.77
C THR K 314 69.81 -7.75 55.58
N PRO K 315 70.85 -7.46 54.79
CA PRO K 315 71.93 -8.45 54.64
C PRO K 315 72.60 -8.81 55.96
N ASN K 316 72.53 -7.96 56.97
CA ASN K 316 73.04 -8.34 58.28
C ASN K 316 72.21 -9.45 58.92
N GLY K 317 70.94 -9.54 58.57
CA GLY K 317 70.07 -10.60 59.04
C GLY K 317 68.62 -10.13 59.11
N VAL K 318 67.87 -10.79 59.98
CA VAL K 318 66.45 -10.54 60.17
C VAL K 318 66.23 -10.06 61.60
N GLU K 319 65.53 -8.94 61.75
CA GLU K 319 65.26 -8.32 63.03
C GLU K 319 63.75 -8.25 63.23
N ILE K 320 63.28 -8.66 64.41
CA ILE K 320 61.87 -8.81 64.69
C ILE K 320 61.57 -8.14 66.02
N THR K 321 60.44 -7.43 66.08
CA THR K 321 60.00 -6.76 67.30
C THR K 321 58.55 -7.15 67.58
N GLY K 322 58.18 -7.03 68.84
CA GLY K 322 56.82 -7.35 69.27
C GLY K 322 56.74 -8.78 69.80
N ASP K 323 56.44 -8.92 71.09
CA ASP K 323 56.37 -10.25 71.67
C ASP K 323 55.23 -11.06 71.08
N GLU K 324 54.14 -10.40 70.66
CA GLU K 324 53.02 -11.13 70.12
C GLU K 324 53.30 -11.62 68.71
N LEU K 325 54.20 -10.95 67.98
CA LEU K 325 54.61 -11.47 66.69
C LEU K 325 55.48 -12.72 66.86
N PHE K 326 56.36 -12.72 67.87
CA PHE K 326 57.12 -13.91 68.18
C PHE K 326 56.19 -15.05 68.56
N ALA K 327 55.19 -14.77 69.40
CA ALA K 327 54.24 -15.81 69.78
C ALA K 327 53.45 -16.29 68.57
N MET K 328 53.14 -15.40 67.63
CA MET K 328 52.46 -15.79 66.40
C MET K 328 53.30 -16.79 65.61
N VAL K 329 54.60 -16.50 65.47
CA VAL K 329 55.43 -17.41 64.68
C VAL K 329 55.67 -18.71 65.45
N LYS K 330 55.63 -18.65 66.78
CA LYS K 330 55.70 -19.89 67.55
C LYS K 330 54.45 -20.74 67.33
N ALA K 331 53.28 -20.09 67.35
CA ALA K 331 52.03 -20.75 66.97
C ALA K 331 52.20 -21.50 65.65
N PHE K 332 52.66 -20.78 64.62
CA PHE K 332 53.01 -21.46 63.36
C PHE K 332 53.89 -22.67 63.61
N ASN K 333 55.00 -22.49 64.34
CA ASN K 333 55.96 -23.58 64.50
C ASN K 333 55.35 -24.80 65.20
N GLU K 334 54.59 -24.56 66.27
CA GLU K 334 54.18 -25.65 67.16
C GLU K 334 53.18 -26.62 66.55
N ASN K 335 52.65 -26.37 65.36
CA ASN K 335 51.47 -27.09 64.88
C ASN K 335 51.81 -28.26 63.96
N GLN K 336 52.74 -28.10 63.02
CA GLN K 336 53.24 -29.11 62.08
C GLN K 336 52.25 -29.43 60.97
N SER K 337 51.05 -28.85 60.95
CA SER K 337 50.13 -29.05 59.84
C SER K 337 50.79 -28.65 58.53
N PHE K 338 50.96 -29.61 57.63
CA PHE K 338 51.59 -29.33 56.35
C PHE K 338 51.11 -30.31 55.29
N ASP K 339 51.28 -29.90 54.04
CA ASP K 339 51.01 -30.73 52.88
C ASP K 339 51.85 -30.22 51.72
N PHE K 340 52.19 -31.12 50.80
CA PHE K 340 53.06 -30.76 49.69
C PHE K 340 52.23 -30.23 48.53
N THR K 341 52.92 -29.81 47.47
CA THR K 341 52.27 -29.24 46.29
C THR K 341 52.97 -29.70 45.01
N MET L 1 13.54 -40.95 -41.77
CA MET L 1 14.67 -41.69 -42.41
C MET L 1 15.02 -42.93 -41.58
N ASN L 2 16.32 -43.22 -41.40
CA ASN L 2 16.72 -44.41 -40.67
C ASN L 2 16.16 -44.42 -39.25
N THR L 3 16.04 -43.24 -38.63
CA THR L 3 15.67 -43.14 -37.21
C THR L 3 14.45 -43.98 -36.88
N SER L 4 13.41 -43.92 -37.72
CA SER L 4 12.16 -44.60 -37.40
C SER L 4 12.35 -46.11 -37.40
N ALA L 5 12.94 -46.65 -38.47
CA ALA L 5 13.16 -48.09 -38.53
C ALA L 5 14.10 -48.57 -37.42
N VAL L 6 15.25 -47.91 -37.27
CA VAL L 6 16.18 -48.29 -36.20
C VAL L 6 15.54 -48.15 -34.83
N PHE L 7 14.46 -47.38 -34.70
CA PHE L 7 13.74 -47.31 -33.45
C PHE L 7 12.81 -48.50 -33.28
N GLU L 8 11.89 -48.70 -34.23
CA GLU L 8 10.93 -49.79 -34.12
C GLU L 8 11.59 -51.14 -34.36
N SER L 9 12.56 -51.21 -35.28
CA SER L 9 13.28 -52.45 -35.49
C SER L 9 14.16 -52.84 -34.32
N ALA L 10 14.43 -51.90 -33.41
CA ALA L 10 15.15 -52.18 -32.18
C ALA L 10 14.27 -52.75 -31.09
N GLY L 11 12.97 -52.89 -31.33
CA GLY L 11 12.03 -53.34 -30.32
C GLY L 11 11.42 -52.24 -29.49
N LEU L 12 11.94 -51.01 -29.56
CA LEU L 12 11.45 -49.94 -28.71
C LEU L 12 10.05 -49.52 -29.14
N SER L 13 9.22 -49.16 -28.16
CA SER L 13 7.83 -48.81 -28.39
C SER L 13 7.72 -47.38 -28.90
N LEU L 14 7.92 -47.22 -30.21
CA LEU L 14 7.64 -45.94 -30.84
C LEU L 14 6.15 -45.63 -30.76
N ARG L 15 5.83 -44.37 -30.51
CA ARG L 15 4.45 -43.90 -30.50
C ARG L 15 4.25 -42.90 -31.63
N LYS L 16 2.98 -42.68 -31.98
CA LYS L 16 2.66 -41.69 -33.00
C LYS L 16 3.07 -40.30 -32.54
N VAL L 17 2.82 -39.97 -31.27
CA VAL L 17 3.24 -38.69 -30.73
C VAL L 17 4.76 -38.56 -30.70
N GLN L 18 5.48 -39.68 -30.71
CA GLN L 18 6.94 -39.62 -30.66
C GLN L 18 7.55 -39.19 -31.99
N GLN L 19 6.98 -39.65 -33.11
CA GLN L 19 7.61 -39.41 -34.41
C GLN L 19 7.57 -37.93 -34.78
N ASP L 20 6.43 -37.28 -34.54
CA ASP L 20 6.31 -35.86 -34.89
C ASP L 20 7.27 -35.02 -34.05
N TYR L 21 7.45 -35.39 -32.78
CA TYR L 21 8.39 -34.64 -31.95
C TYR L 21 9.83 -34.90 -32.37
N ILE L 22 10.15 -36.14 -32.72
CA ILE L 22 11.50 -36.46 -33.20
C ILE L 22 11.82 -35.61 -34.44
N GLU L 23 10.89 -35.58 -35.39
CA GLU L 23 11.16 -34.89 -36.65
C GLU L 23 11.20 -33.38 -36.44
N ALA L 24 10.28 -32.83 -35.65
CA ALA L 24 10.27 -31.39 -35.42
C ALA L 24 11.53 -30.96 -34.68
N ALA L 25 11.93 -31.70 -33.65
CA ALA L 25 13.14 -31.37 -32.91
C ALA L 25 14.36 -31.43 -33.81
N ALA L 26 14.49 -32.49 -34.63
CA ALA L 26 15.65 -32.60 -35.49
C ALA L 26 15.68 -31.47 -36.52
N GLY L 27 14.54 -31.18 -37.14
CA GLY L 27 14.50 -30.12 -38.14
C GLY L 27 14.79 -28.76 -37.55
N ALA L 28 14.32 -28.51 -36.32
CA ALA L 28 14.64 -27.26 -35.66
C ALA L 28 16.13 -27.19 -35.31
N LEU L 29 16.70 -28.30 -34.85
CA LEU L 29 18.12 -28.32 -34.52
C LEU L 29 18.99 -28.22 -35.77
N THR L 30 18.42 -28.45 -36.96
CA THR L 30 19.19 -28.21 -38.18
C THR L 30 19.48 -26.72 -38.35
N GLN L 31 18.45 -25.89 -38.22
CA GLN L 31 18.63 -24.44 -38.33
C GLN L 31 19.68 -23.96 -37.34
N ASP L 32 20.78 -23.41 -37.87
CA ASP L 32 21.83 -22.88 -37.01
C ASP L 32 21.43 -21.53 -36.43
N HIS L 33 21.77 -21.33 -35.16
CA HIS L 33 21.57 -20.10 -34.40
C HIS L 33 20.10 -19.81 -34.12
N LYS L 34 19.18 -20.66 -34.55
CA LYS L 34 17.76 -20.51 -34.24
C LYS L 34 17.45 -21.22 -32.92
N VAL L 35 16.23 -21.00 -32.43
CA VAL L 35 15.81 -21.52 -31.13
C VAL L 35 14.49 -22.28 -31.30
N ALA L 36 14.44 -23.48 -30.71
CA ALA L 36 13.27 -24.35 -30.78
C ALA L 36 12.44 -24.24 -29.51
N LEU L 37 11.11 -24.13 -29.66
CA LEU L 37 10.17 -24.01 -28.56
C LEU L 37 9.13 -25.13 -28.62
N ILE L 38 9.16 -26.05 -27.64
CA ILE L 38 8.28 -27.21 -27.67
C ILE L 38 7.61 -27.41 -26.32
N SER L 39 6.30 -27.67 -26.36
CA SER L 39 5.57 -28.25 -25.25
C SER L 39 5.35 -29.72 -25.58
N ALA L 40 5.80 -30.61 -24.72
CA ALA L 40 5.61 -32.05 -24.87
C ALA L 40 5.14 -32.58 -23.51
N GLU L 41 3.84 -32.86 -23.40
CA GLU L 41 3.29 -33.27 -22.13
C GLU L 41 3.71 -34.70 -21.81
N THR L 42 3.43 -35.12 -20.58
CA THR L 42 3.59 -36.52 -20.19
C THR L 42 2.99 -37.44 -21.23
N GLY L 43 3.76 -38.45 -21.63
CA GLY L 43 3.35 -39.39 -22.67
C GLY L 43 4.19 -39.33 -23.92
N VAL L 44 4.94 -38.24 -24.13
CA VAL L 44 5.81 -38.12 -25.29
C VAL L 44 7.25 -38.50 -24.98
N GLY L 45 7.57 -38.75 -23.71
CA GLY L 45 8.93 -39.02 -23.32
C GLY L 45 9.91 -38.00 -23.86
N LYS L 46 9.76 -36.76 -23.40
CA LYS L 46 10.54 -35.66 -23.94
C LYS L 46 12.04 -35.94 -23.87
N THR L 47 12.50 -36.64 -22.83
CA THR L 47 13.87 -37.15 -22.82
C THR L 47 14.23 -37.80 -24.15
N LEU L 48 13.48 -38.83 -24.54
CA LEU L 48 13.70 -39.44 -25.85
C LEU L 48 13.42 -38.44 -26.96
N GLY L 49 12.39 -37.61 -26.78
CA GLY L 49 12.04 -36.64 -27.78
C GLY L 49 13.20 -35.77 -28.23
N TYR L 50 14.01 -35.30 -27.28
CA TYR L 50 15.22 -34.54 -27.57
C TYR L 50 16.49 -35.38 -27.39
N LEU L 51 16.39 -36.70 -27.52
CA LEU L 51 17.56 -37.57 -27.59
C LEU L 51 17.70 -38.25 -28.94
N VAL L 52 16.62 -38.84 -29.46
CA VAL L 52 16.67 -39.41 -30.81
C VAL L 52 17.04 -38.38 -31.87
N PRO L 53 16.53 -37.14 -31.84
CA PRO L 53 17.05 -36.14 -32.79
C PRO L 53 18.54 -35.90 -32.66
N ALA L 54 19.07 -35.97 -31.43
CA ALA L 54 20.50 -35.79 -31.25
C ALA L 54 21.28 -36.88 -31.98
N LEU L 55 20.72 -38.08 -32.07
CA LEU L 55 21.41 -39.16 -32.76
C LEU L 55 21.17 -39.10 -34.25
N LEU L 56 20.01 -38.60 -34.68
CA LEU L 56 19.82 -38.32 -36.11
C LEU L 56 20.86 -37.32 -36.59
N ILE L 57 21.05 -36.22 -35.85
CA ILE L 57 22.03 -35.23 -36.26
C ILE L 57 23.45 -35.77 -36.11
N LEU L 58 23.68 -36.67 -35.14
CA LEU L 58 25.04 -37.19 -34.94
C LEU L 58 25.57 -37.85 -36.21
N LEU L 59 24.69 -38.50 -36.98
CA LEU L 59 25.09 -39.04 -38.28
C LEU L 59 25.88 -38.03 -39.10
N LYS L 60 25.50 -36.75 -39.01
CA LYS L 60 26.21 -35.67 -39.68
C LYS L 60 27.15 -35.02 -38.68
N ASN L 61 28.46 -35.11 -38.96
CA ASN L 61 29.54 -34.50 -38.18
C ASN L 61 29.44 -34.98 -36.74
N PRO L 62 29.66 -36.28 -36.48
CA PRO L 62 29.41 -36.80 -35.12
C PRO L 62 30.23 -36.14 -34.03
N GLU L 63 31.30 -35.41 -34.36
CA GLU L 63 32.06 -34.71 -33.33
C GLU L 63 31.17 -33.83 -32.47
N ALA L 64 30.15 -33.22 -33.07
CA ALA L 64 29.22 -32.38 -32.34
C ALA L 64 28.69 -33.07 -31.09
N LYS L 65 28.97 -32.47 -29.94
CA LYS L 65 28.47 -32.94 -28.66
C LYS L 65 27.32 -32.04 -28.20
N PHE L 66 26.40 -32.62 -27.44
CA PHE L 66 25.15 -31.95 -27.08
C PHE L 66 25.00 -31.84 -25.56
N VAL L 67 24.68 -30.64 -25.10
CA VAL L 67 24.43 -30.38 -23.68
C VAL L 67 22.95 -30.52 -23.40
N ILE L 68 22.61 -31.24 -22.33
CA ILE L 68 21.23 -31.40 -21.87
C ILE L 68 21.13 -30.74 -20.51
N ALA L 69 20.61 -29.52 -20.46
CA ALA L 69 20.39 -28.86 -19.19
C ALA L 69 19.16 -29.46 -18.50
N THR L 70 19.21 -29.50 -17.17
CA THR L 70 18.15 -30.11 -16.38
C THR L 70 17.88 -29.23 -15.16
N ASN L 71 16.71 -29.43 -14.56
CA ASN L 71 16.40 -28.70 -13.33
C ASN L 71 17.05 -29.33 -12.12
N SER L 72 16.73 -30.60 -11.84
CA SER L 72 17.08 -31.21 -10.56
C SER L 72 17.01 -32.71 -10.69
N HIS L 73 17.28 -33.40 -9.56
CA HIS L 73 17.13 -34.84 -9.50
C HIS L 73 15.70 -35.31 -9.75
N ALA L 74 14.73 -34.41 -9.81
CA ALA L 74 13.39 -34.79 -10.24
C ALA L 74 13.40 -35.32 -11.67
N LEU L 75 14.14 -34.66 -12.57
CA LEU L 75 14.24 -35.04 -13.97
C LEU L 75 15.58 -35.62 -14.34
N MET L 76 16.66 -35.12 -13.76
CA MET L 76 17.94 -35.82 -13.84
C MET L 76 17.84 -37.10 -13.01
N HIS L 77 18.51 -38.14 -13.49
CA HIS L 77 18.53 -39.50 -12.97
C HIS L 77 17.24 -40.23 -13.33
N GLN L 78 16.30 -39.57 -13.99
CA GLN L 78 15.39 -40.28 -14.89
C GLN L 78 16.07 -40.51 -16.23
N ILE L 79 16.66 -39.45 -16.79
CA ILE L 79 17.42 -39.58 -18.03
C ILE L 79 18.57 -40.59 -17.87
N PHE L 80 19.18 -40.66 -16.69
CA PHE L 80 20.20 -41.70 -16.49
C PHE L 80 19.59 -43.09 -16.62
N ARG L 81 18.40 -43.28 -16.07
CA ARG L 81 17.73 -44.58 -16.07
C ARG L 81 16.91 -44.83 -17.34
N SER L 82 16.94 -43.90 -18.29
CA SER L 82 16.25 -44.03 -19.57
C SER L 82 17.22 -44.09 -20.73
N ASP L 83 18.15 -43.16 -20.81
CA ASP L 83 19.06 -43.08 -21.95
C ASP L 83 20.02 -44.26 -21.97
N ARG L 84 20.42 -44.76 -20.80
CA ARG L 84 21.32 -45.91 -20.80
C ARG L 84 20.61 -47.18 -21.27
N PRO L 85 19.48 -47.61 -20.69
CA PRO L 85 18.84 -48.83 -21.17
C PRO L 85 17.82 -48.67 -22.29
N LEU L 86 17.57 -47.47 -22.81
CA LEU L 86 16.70 -47.31 -23.98
C LEU L 86 17.45 -46.77 -25.20
N LEU L 87 18.18 -45.67 -25.05
CA LEU L 87 18.82 -45.06 -26.21
C LEU L 87 19.97 -45.90 -26.72
N GLU L 88 20.84 -46.37 -25.83
CA GLU L 88 22.00 -47.15 -26.25
C GLU L 88 21.62 -48.30 -27.18
N GLN L 89 20.40 -48.82 -27.07
CA GLN L 89 19.97 -49.90 -27.94
C GLN L 89 19.90 -49.43 -29.40
N ILE L 90 19.10 -48.39 -29.67
CA ILE L 90 19.02 -47.90 -31.04
C ILE L 90 20.35 -47.34 -31.49
N ALA L 91 21.12 -46.73 -30.57
CA ALA L 91 22.46 -46.27 -30.93
C ALA L 91 23.32 -47.42 -31.44
N GLU L 92 23.29 -48.55 -30.75
CA GLU L 92 23.94 -49.75 -31.25
C GLU L 92 23.42 -50.12 -32.63
N GLN L 93 22.10 -50.22 -32.77
CA GLN L 93 21.53 -50.55 -34.07
C GLN L 93 21.87 -49.49 -35.12
N CYS L 94 22.02 -48.23 -34.71
CA CYS L 94 22.46 -47.17 -35.59
C CYS L 94 23.98 -47.04 -35.65
N GLY L 95 24.71 -47.98 -35.06
CA GLY L 95 26.17 -47.94 -35.06
C GLY L 95 26.80 -46.81 -34.27
N ILE L 96 26.00 -45.89 -33.72
CA ILE L 96 26.58 -44.69 -33.10
C ILE L 96 27.38 -45.08 -31.86
N LYS L 97 26.77 -45.84 -30.94
CA LYS L 97 27.46 -46.38 -29.76
C LYS L 97 28.25 -45.31 -29.02
N VAL L 98 27.71 -44.09 -28.96
CA VAL L 98 28.46 -42.96 -28.42
C VAL L 98 28.44 -43.01 -26.89
N THR L 99 29.37 -42.26 -26.29
CA THR L 99 29.58 -42.27 -24.85
C THR L 99 28.75 -41.19 -24.16
N PHE L 100 28.28 -41.51 -22.96
CA PHE L 100 27.48 -40.57 -22.18
C PHE L 100 28.39 -39.61 -21.40
N SER L 101 27.77 -38.62 -20.74
CA SER L 101 28.50 -37.66 -19.92
C SER L 101 27.73 -37.40 -18.63
N ARG L 102 28.48 -37.14 -17.56
CA ARG L 102 27.93 -36.56 -16.35
C ARG L 102 28.76 -35.33 -15.98
N LEU L 103 28.08 -34.20 -15.75
CA LEU L 103 28.74 -32.94 -15.39
C LEU L 103 28.01 -32.28 -14.24
N MET L 104 27.61 -33.06 -13.24
CA MET L 104 26.83 -32.56 -12.13
C MET L 104 27.76 -32.02 -11.04
N GLY L 105 27.60 -30.74 -10.72
CA GLY L 105 28.40 -30.07 -9.72
C GLY L 105 29.88 -30.39 -9.79
N LYS L 106 30.49 -30.56 -8.62
CA LYS L 106 31.88 -30.98 -8.49
C LYS L 106 31.88 -32.34 -7.81
N ALA L 107 32.03 -33.41 -8.59
CA ALA L 107 31.79 -34.78 -8.13
C ALA L 107 30.39 -34.80 -7.52
N ASN L 108 30.19 -35.31 -6.31
CA ASN L 108 28.92 -35.09 -5.60
C ASN L 108 29.01 -33.84 -4.73
N TYR L 109 29.39 -32.74 -5.38
CA TYR L 109 29.61 -31.47 -4.70
C TYR L 109 30.58 -31.66 -3.53
N VAL L 110 31.77 -32.14 -3.85
CA VAL L 110 32.79 -32.47 -2.86
C VAL L 110 34.15 -32.02 -3.38
N SER L 111 35.16 -32.25 -2.56
CA SER L 111 36.56 -31.99 -2.88
C SER L 111 37.36 -33.28 -2.76
N LEU L 112 38.67 -33.15 -2.96
CA LEU L 112 39.58 -34.30 -2.95
C LEU L 112 40.78 -34.12 -2.03
N GLU L 113 41.18 -32.88 -1.72
CA GLU L 113 42.27 -32.67 -0.79
C GLU L 113 41.92 -33.14 0.62
N LYS L 114 40.65 -33.00 1.02
CA LYS L 114 40.24 -33.16 2.41
C LYS L 114 39.30 -34.36 2.59
N VAL L 115 39.40 -35.36 1.71
CA VAL L 115 38.64 -36.58 1.92
C VAL L 115 39.08 -37.32 3.19
N ARG L 116 40.27 -36.98 3.72
CA ARG L 116 40.85 -37.75 4.80
C ARG L 116 40.03 -37.61 6.08
N GLY L 117 39.16 -36.60 6.15
CA GLY L 117 38.25 -36.50 7.27
C GLY L 117 37.36 -37.72 7.41
N LEU L 118 36.83 -38.23 6.29
CA LEU L 118 35.85 -39.31 6.31
C LEU L 118 36.49 -40.65 5.94
N LEU L 119 37.79 -40.78 6.20
CA LEU L 119 38.49 -42.07 6.14
C LEU L 119 38.29 -42.79 7.46
N LEU L 120 38.65 -44.08 7.48
CA LEU L 120 38.64 -44.83 8.73
C LEU L 120 39.33 -44.05 9.84
N MET L 121 38.63 -43.88 10.96
CA MET L 121 39.23 -43.61 12.26
C MET L 121 38.11 -43.65 13.29
N ASP L 122 38.50 -43.54 14.56
CA ASP L 122 37.57 -43.75 15.67
C ASP L 122 36.45 -42.72 15.72
N GLU L 123 36.66 -41.52 15.15
CA GLU L 123 35.71 -40.42 15.30
C GLU L 123 34.28 -40.85 15.06
N PHE L 124 34.05 -41.69 14.05
CA PHE L 124 32.72 -42.25 13.76
C PHE L 124 32.85 -43.74 13.54
N THR L 125 32.16 -44.52 14.35
CA THR L 125 32.15 -45.98 14.19
C THR L 125 31.03 -46.42 13.24
N ASP L 126 31.00 -45.86 12.04
CA ASP L 126 30.04 -46.32 11.03
C ASP L 126 30.31 -47.77 10.66
N LEU L 127 31.58 -48.13 10.43
CA LEU L 127 31.96 -49.46 9.99
C LEU L 127 31.14 -49.88 8.77
N ASP L 128 30.11 -50.72 8.97
CA ASP L 128 29.25 -51.27 7.92
C ASP L 128 29.98 -51.45 6.58
N THR L 129 29.65 -50.65 5.57
CA THR L 129 30.24 -50.78 4.23
C THR L 129 31.61 -50.10 4.19
N VAL L 130 32.52 -50.63 5.01
CA VAL L 130 33.84 -50.01 5.20
C VAL L 130 34.52 -49.74 3.87
N LYS L 131 34.27 -50.58 2.86
CA LYS L 131 34.93 -50.43 1.57
C LYS L 131 34.74 -49.04 1.00
N VAL L 132 33.53 -48.49 1.13
CA VAL L 132 33.25 -47.19 0.54
C VAL L 132 34.26 -46.16 1.04
N LEU L 133 34.55 -46.17 2.34
CA LEU L 133 35.47 -45.20 2.92
C LEU L 133 36.78 -45.14 2.14
N GLU L 134 37.32 -46.30 1.76
CA GLU L 134 38.60 -46.26 1.05
C GLU L 134 38.42 -46.03 -0.46
N LYS L 135 37.30 -46.45 -1.05
CA LYS L 135 37.12 -46.21 -2.48
C LYS L 135 36.74 -44.76 -2.76
N LEU L 136 35.95 -44.15 -1.87
CA LEU L 136 35.41 -42.82 -2.15
C LEU L 136 36.51 -41.78 -2.23
N ALA L 137 37.63 -42.00 -1.54
CA ALA L 137 38.77 -41.11 -1.68
C ALA L 137 39.14 -40.88 -3.13
N ASN L 138 39.10 -41.94 -3.95
CA ASN L 138 39.40 -41.81 -5.38
C ASN L 138 38.16 -42.00 -6.25
N TRP L 139 36.96 -41.76 -5.71
CA TRP L 139 35.73 -41.80 -6.48
C TRP L 139 35.44 -40.42 -7.07
N SER L 140 36.15 -40.11 -8.16
CA SER L 140 35.94 -38.84 -8.85
C SER L 140 34.49 -38.66 -9.28
N LYS L 141 33.77 -39.75 -9.51
CA LYS L 141 32.51 -39.69 -10.24
C LYS L 141 31.41 -39.01 -9.41
N PRO L 142 30.31 -38.57 -10.08
CA PRO L 142 29.26 -37.82 -9.38
C PRO L 142 28.36 -38.64 -8.47
N LEU L 143 27.36 -37.95 -7.91
CA LEU L 143 26.59 -38.48 -6.78
C LEU L 143 25.87 -39.79 -7.11
N VAL L 144 25.25 -39.88 -8.29
CA VAL L 144 24.19 -40.87 -8.50
C VAL L 144 24.66 -42.28 -8.18
N GLU L 145 25.83 -42.67 -8.71
CA GLU L 145 26.20 -44.08 -8.61
C GLU L 145 26.49 -44.49 -7.17
N PHE L 146 26.86 -43.54 -6.30
CA PHE L 146 26.96 -43.78 -4.87
C PHE L 146 25.78 -44.62 -4.38
N GLU L 147 24.58 -44.29 -4.86
CA GLU L 147 23.40 -45.03 -4.45
C GLU L 147 23.37 -46.41 -5.10
N GLU L 148 23.61 -46.47 -6.41
CA GLU L 148 23.63 -47.76 -7.10
C GLU L 148 24.58 -48.75 -6.45
N GLU L 149 25.68 -48.26 -5.89
CA GLU L 149 26.60 -49.14 -5.16
C GLU L 149 25.95 -49.66 -3.89
N TYR L 150 25.50 -48.76 -3.02
CA TYR L 150 25.00 -49.14 -1.70
C TYR L 150 23.93 -48.17 -1.26
N GLY L 151 22.97 -48.67 -0.49
CA GLY L 151 21.96 -47.85 0.14
C GLY L 151 22.30 -47.41 1.55
N GLU L 152 23.31 -48.05 2.15
CA GLU L 152 23.67 -47.79 3.54
C GLU L 152 23.75 -46.30 3.85
N LEU L 153 24.50 -45.55 3.04
CA LEU L 153 24.76 -44.14 3.30
C LEU L 153 25.24 -43.92 4.73
N PRO L 154 26.42 -44.44 5.07
CA PRO L 154 26.94 -44.30 6.43
C PRO L 154 27.50 -42.89 6.64
N ALA L 155 28.07 -42.67 7.82
CA ALA L 155 28.54 -41.34 8.22
C ALA L 155 27.42 -40.31 8.11
N GLN L 156 26.28 -40.67 8.69
CA GLN L 156 25.03 -39.89 8.69
C GLN L 156 24.75 -39.41 7.26
N ILE L 157 24.09 -38.26 7.11
CA ILE L 157 23.53 -37.89 5.81
C ILE L 157 24.62 -37.76 4.76
N THR L 158 25.67 -37.00 5.08
CA THR L 158 26.69 -36.57 4.12
C THR L 158 26.02 -36.09 2.83
N PRO L 159 25.13 -35.09 2.91
CA PRO L 159 24.50 -34.60 1.67
C PRO L 159 25.51 -33.99 0.72
N GLU L 160 26.34 -33.07 1.22
CA GLU L 160 27.48 -32.55 0.52
C GLU L 160 28.78 -33.02 1.17
N MET L 161 28.75 -34.21 1.77
CA MET L 161 29.93 -34.83 2.39
C MET L 161 30.50 -33.94 3.50
N VAL L 162 29.66 -33.68 4.50
CA VAL L 162 29.96 -32.83 5.66
C VAL L 162 30.67 -31.56 5.21
N THR L 163 30.07 -30.89 4.23
CA THR L 163 30.51 -29.60 3.71
C THR L 163 31.67 -29.79 2.74
N TYR L 164 31.65 -29.05 1.63
CA TYR L 164 32.81 -28.97 0.76
C TYR L 164 32.67 -27.75 -0.13
N SER L 165 33.64 -26.84 -0.06
CA SER L 165 33.90 -25.84 -1.10
C SER L 165 32.62 -25.24 -1.66
N ILE L 166 31.81 -24.67 -0.76
CA ILE L 166 30.54 -24.08 -1.20
C ILE L 166 30.82 -22.97 -2.21
N TRP L 167 31.78 -22.10 -1.90
CA TRP L 167 32.29 -21.14 -2.88
C TRP L 167 33.81 -21.07 -2.84
N ASP L 168 34.49 -21.92 -2.05
CA ASP L 168 35.93 -21.86 -1.88
C ASP L 168 36.68 -22.59 -3.00
N ASP L 169 36.00 -23.36 -3.84
CA ASP L 169 36.60 -24.03 -4.97
C ASP L 169 37.50 -25.18 -4.53
N ILE L 170 37.77 -26.10 -5.44
CA ILE L 170 38.65 -27.25 -5.20
C ILE L 170 39.82 -27.14 -6.17
N GLN L 171 40.82 -28.00 -5.98
CA GLN L 171 41.94 -28.09 -6.91
C GLN L 171 41.69 -29.20 -7.91
N ASP L 172 42.31 -29.05 -9.09
CA ASP L 172 42.15 -29.99 -10.20
C ASP L 172 40.70 -30.36 -10.42
N ILE L 173 39.77 -29.40 -10.27
CA ILE L 173 38.40 -29.63 -10.67
C ILE L 173 38.25 -29.63 -12.17
N ASP L 174 39.18 -28.97 -12.88
CA ASP L 174 39.13 -28.90 -14.33
C ASP L 174 38.92 -30.28 -14.96
N ASP L 175 39.60 -31.31 -14.43
CA ASP L 175 39.53 -32.63 -15.05
C ASP L 175 38.09 -33.12 -15.19
N ILE L 176 37.23 -32.80 -14.21
CA ILE L 176 35.83 -33.19 -14.33
C ILE L 176 35.16 -32.45 -15.48
N ARG L 177 35.49 -31.17 -15.63
CA ARG L 177 34.93 -30.40 -16.74
C ARG L 177 35.38 -30.98 -18.08
N LEU L 178 36.67 -31.33 -18.20
CA LEU L 178 37.14 -31.99 -19.41
C LEU L 178 36.42 -33.31 -19.65
N ASN L 179 36.20 -34.10 -18.60
CA ASN L 179 35.50 -35.36 -18.77
C ASN L 179 34.07 -35.15 -19.24
N ALA L 180 33.46 -34.05 -18.81
CA ALA L 180 32.17 -33.64 -19.37
C ALA L 180 32.31 -33.27 -20.84
N LEU L 181 33.26 -32.38 -21.14
CA LEU L 181 33.33 -31.77 -22.46
C LEU L 181 33.60 -32.81 -23.53
N SER L 182 34.65 -33.63 -23.36
CA SER L 182 34.95 -34.64 -24.36
C SER L 182 33.86 -35.71 -24.41
N ALA L 183 33.14 -35.91 -23.32
CA ALA L 183 31.99 -36.80 -23.31
C ALA L 183 30.85 -36.22 -24.14
N ASN L 184 30.17 -37.09 -24.90
CA ASN L 184 29.27 -36.63 -25.95
C ASN L 184 28.05 -35.90 -25.40
N PHE L 185 27.33 -36.51 -24.46
CA PHE L 185 26.02 -36.03 -24.05
C PHE L 185 26.14 -35.38 -22.68
N ILE L 186 26.41 -34.08 -22.66
CA ILE L 186 26.64 -33.37 -21.41
C ILE L 186 25.31 -33.18 -20.71
N VAL L 187 25.23 -33.64 -19.46
CA VAL L 187 24.05 -33.50 -18.63
C VAL L 187 24.43 -32.61 -17.45
N THR L 188 23.74 -31.48 -17.32
CA THR L 188 24.00 -30.52 -16.27
C THR L 188 22.69 -30.11 -15.64
N THR L 189 22.78 -29.15 -14.72
CA THR L 189 21.63 -28.51 -14.09
C THR L 189 21.41 -27.16 -14.76
N HIS L 190 20.20 -26.61 -14.57
CA HIS L 190 19.95 -25.27 -15.10
C HIS L 190 20.91 -24.25 -14.48
N ALA L 191 21.40 -24.56 -13.28
CA ALA L 191 22.32 -23.69 -12.57
C ALA L 191 23.58 -23.45 -13.40
N MET L 192 24.15 -24.52 -13.95
CA MET L 192 25.39 -24.36 -14.72
C MET L 192 25.17 -23.56 -15.99
N VAL L 193 24.00 -23.68 -16.61
CA VAL L 193 23.80 -23.02 -17.89
C VAL L 193 23.53 -21.55 -17.67
N MET L 194 22.98 -21.16 -16.50
CA MET L 194 22.87 -19.72 -16.28
C MET L 194 24.13 -19.11 -15.68
N VAL L 195 24.84 -19.81 -14.79
CA VAL L 195 26.08 -19.24 -14.26
C VAL L 195 27.03 -18.98 -15.42
N ASP L 196 27.01 -19.88 -16.43
CA ASP L 196 27.91 -19.72 -17.57
C ASP L 196 27.71 -18.38 -18.25
N CYS L 197 26.46 -17.91 -18.35
CA CYS L 197 26.17 -16.72 -19.15
C CYS L 197 26.00 -15.45 -18.32
N MET L 198 25.75 -15.54 -17.02
CA MET L 198 25.69 -14.35 -16.17
C MET L 198 26.99 -14.15 -15.40
N CYS L 199 27.42 -15.16 -14.64
CA CYS L 199 28.68 -15.13 -13.92
C CYS L 199 29.83 -15.31 -14.88
N ASN L 200 30.60 -14.24 -15.10
CA ASN L 200 31.76 -14.29 -15.98
C ASN L 200 31.31 -14.51 -17.42
N HIS L 201 32.23 -14.29 -18.37
CA HIS L 201 31.85 -14.33 -19.79
C HIS L 201 31.30 -15.70 -20.18
N ARG L 202 32.05 -16.75 -19.90
CA ARG L 202 31.60 -18.11 -20.24
C ARG L 202 32.33 -19.11 -19.35
N ILE L 203 31.59 -19.76 -18.45
CA ILE L 203 32.18 -20.81 -17.63
C ILE L 203 32.66 -21.97 -18.50
N LEU L 204 31.88 -22.34 -19.51
CA LEU L 204 32.12 -23.53 -20.32
C LEU L 204 32.23 -23.11 -21.78
N GLY L 205 33.45 -23.13 -22.31
CA GLY L 205 33.64 -22.73 -23.69
C GLY L 205 32.92 -23.65 -24.66
N ASP L 206 32.49 -23.08 -25.78
CA ASP L 206 31.77 -23.83 -26.80
C ASP L 206 31.94 -23.15 -28.15
N LYS L 207 32.26 -23.93 -29.18
CA LYS L 207 32.17 -23.45 -30.55
C LYS L 207 31.98 -24.66 -31.45
N GLU L 208 30.78 -24.77 -32.01
CA GLU L 208 30.33 -25.90 -32.80
C GLU L 208 30.81 -27.22 -32.20
N ASN L 209 30.61 -27.36 -30.88
CA ASN L 209 30.65 -28.66 -30.24
C ASN L 209 29.56 -28.85 -29.20
N MET L 210 28.66 -27.89 -29.03
CA MET L 210 27.70 -27.92 -27.93
C MET L 210 26.33 -27.47 -28.41
N TYR L 211 25.28 -27.97 -27.75
CA TYR L 211 23.90 -27.76 -28.19
C TYR L 211 23.01 -27.75 -26.96
N LEU L 212 22.62 -26.57 -26.47
CA LEU L 212 21.73 -26.53 -25.32
C LEU L 212 20.44 -27.26 -25.63
N ILE L 213 20.02 -28.12 -24.71
CA ILE L 213 18.68 -28.68 -24.68
C ILE L 213 18.15 -28.37 -23.29
N ILE L 214 17.42 -27.26 -23.15
CA ILE L 214 16.84 -26.91 -21.87
C ILE L 214 15.53 -27.63 -21.69
N ASP L 215 15.56 -28.81 -21.07
CA ASP L 215 14.32 -29.46 -20.68
C ASP L 215 13.67 -28.78 -19.47
N GLU L 216 12.37 -29.00 -19.34
CA GLU L 216 11.48 -28.25 -18.44
C GLU L 216 11.82 -26.75 -18.45
N ALA L 217 11.95 -26.20 -19.66
CA ALA L 217 12.39 -24.81 -19.79
C ALA L 217 11.41 -23.83 -19.15
N ASP L 218 10.19 -24.27 -18.85
CA ASP L 218 9.22 -23.40 -18.21
C ASP L 218 9.73 -22.92 -16.86
N ILE L 219 10.26 -23.83 -16.06
CA ILE L 219 10.82 -23.42 -14.77
C ILE L 219 12.22 -22.86 -14.93
N PHE L 220 12.87 -23.08 -16.08
CA PHE L 220 14.13 -22.40 -16.35
C PHE L 220 13.91 -20.92 -16.57
N VAL L 221 12.73 -20.54 -17.06
CA VAL L 221 12.38 -19.13 -17.15
C VAL L 221 11.80 -18.65 -15.82
N ASP L 222 10.93 -19.44 -15.20
CA ASP L 222 10.23 -18.96 -14.01
C ASP L 222 11.20 -18.68 -12.86
N MET L 223 12.36 -19.35 -12.83
CA MET L 223 13.37 -19.03 -11.84
C MET L 223 14.30 -17.91 -12.30
N LEU L 224 14.32 -17.63 -13.60
CA LEU L 224 15.28 -16.68 -14.14
C LEU L 224 15.06 -15.30 -13.54
N GLU L 225 13.80 -14.91 -13.37
CA GLU L 225 13.44 -13.61 -12.82
C GLU L 225 13.74 -13.49 -11.32
N VAL L 226 14.20 -14.55 -10.65
CA VAL L 226 14.56 -14.43 -9.24
C VAL L 226 16.03 -14.06 -9.05
N TRP L 227 16.90 -14.43 -9.99
CA TRP L 227 18.33 -14.13 -9.86
C TRP L 227 18.52 -12.63 -10.01
N ILE L 333 18.83 -11.95 -8.90
CA ILE L 333 18.71 -10.50 -8.85
C ILE L 333 17.24 -10.24 -9.15
N ALA L 334 16.92 -9.89 -10.39
CA ALA L 334 15.54 -9.97 -10.87
C ALA L 334 15.53 -9.69 -12.36
N VAL L 335 14.35 -9.79 -12.96
CA VAL L 335 14.13 -9.45 -14.36
C VAL L 335 13.62 -8.02 -14.44
N ASN L 336 13.73 -7.28 -13.33
CA ASN L 336 13.44 -5.85 -13.35
C ASN L 336 14.13 -5.12 -14.49
N PRO L 337 15.41 -5.34 -14.77
CA PRO L 337 16.03 -4.73 -15.96
C PRO L 337 15.86 -5.53 -17.25
N PHE L 338 14.97 -6.53 -17.25
CA PHE L 338 14.77 -7.41 -18.40
C PHE L 338 16.01 -8.27 -18.64
N ILE L 339 16.60 -8.76 -17.54
CA ILE L 339 17.74 -9.67 -17.61
C ILE L 339 17.51 -10.78 -18.64
N GLY L 340 16.27 -11.23 -18.78
CA GLY L 340 15.90 -12.20 -19.79
C GLY L 340 16.54 -11.99 -21.15
N MET L 341 16.48 -10.75 -21.67
CA MET L 341 17.13 -10.44 -22.94
C MET L 341 18.50 -11.08 -23.04
N ASN L 342 19.33 -10.91 -22.00
CA ASN L 342 20.65 -11.52 -21.96
C ASN L 342 20.59 -13.00 -22.32
N VAL L 343 19.84 -13.79 -21.55
CA VAL L 343 19.85 -15.23 -21.79
C VAL L 343 19.31 -15.54 -23.18
N GLY L 344 18.51 -14.63 -23.74
CA GLY L 344 17.98 -14.90 -25.07
C GLY L 344 19.08 -14.90 -26.10
N ARG L 345 19.97 -13.91 -26.04
CA ARG L 345 21.10 -13.91 -26.95
C ARG L 345 21.91 -15.18 -26.77
N TYR L 346 21.98 -15.67 -25.52
CA TYR L 346 22.78 -16.85 -25.24
C TYR L 346 22.24 -18.03 -26.05
N CYS L 347 20.92 -18.21 -26.07
CA CYS L 347 20.37 -19.30 -26.86
C CYS L 347 20.69 -19.11 -28.33
N THR L 348 20.58 -17.86 -28.82
CA THR L 348 20.99 -17.58 -30.19
C THR L 348 22.45 -17.92 -30.40
N GLN L 349 23.31 -17.58 -29.43
CA GLN L 349 24.74 -17.63 -29.70
C GLN L 349 25.23 -19.05 -29.95
N TRP L 350 24.58 -20.03 -29.34
CA TRP L 350 24.91 -21.43 -29.62
C TRP L 350 24.41 -21.81 -31.01
N ARG L 351 24.73 -23.03 -31.43
CA ARG L 351 24.25 -23.51 -32.72
C ARG L 351 22.74 -23.62 -32.73
N SER L 352 22.17 -24.18 -31.67
CA SER L 352 20.72 -24.24 -31.52
C SER L 352 20.34 -24.58 -30.08
N ALA L 353 19.42 -23.82 -29.49
CA ALA L 353 18.92 -24.08 -28.15
C ALA L 353 17.51 -24.62 -28.23
N LEU L 354 17.27 -25.74 -27.57
CA LEU L 354 15.99 -26.45 -27.59
C LEU L 354 15.34 -26.28 -26.22
N LEU L 355 14.34 -25.39 -26.14
CA LEU L 355 13.59 -25.17 -24.91
C LEU L 355 12.32 -26.00 -24.96
N THR L 356 12.24 -27.01 -24.11
CA THR L 356 11.10 -27.91 -24.06
C THR L 356 10.54 -27.92 -22.64
N SER L 357 9.28 -28.31 -22.53
CA SER L 357 8.71 -28.57 -21.22
C SER L 357 7.37 -29.26 -21.39
N ALA L 358 6.92 -29.94 -20.33
CA ALA L 358 5.56 -30.47 -20.33
C ALA L 358 4.53 -29.36 -20.22
N THR L 359 4.92 -28.21 -19.69
CA THR L 359 4.02 -27.08 -19.48
C THR L 359 4.43 -25.84 -20.26
N LEU L 360 5.16 -26.00 -21.37
CA LEU L 360 5.61 -24.86 -22.16
C LEU L 360 4.48 -24.37 -23.06
N SER L 361 3.36 -24.04 -22.44
CA SER L 361 2.20 -23.51 -23.15
C SER L 361 1.20 -23.00 -22.12
N ILE L 362 0.55 -21.90 -22.45
CA ILE L 362 -0.60 -21.43 -21.66
C ILE L 362 -1.91 -21.94 -22.25
N THR L 363 -2.03 -21.87 -23.57
CA THR L 363 -3.15 -22.41 -24.31
C THR L 363 -2.70 -23.61 -25.14
N SER L 364 -3.67 -24.28 -25.75
CA SER L 364 -3.35 -25.41 -26.61
C SER L 364 -2.82 -24.98 -27.97
N THR L 365 -2.91 -23.69 -28.30
CA THR L 365 -2.38 -23.17 -29.55
C THR L 365 -0.91 -22.78 -29.36
N PRO L 366 -0.01 -23.16 -30.27
CA PRO L 366 1.40 -22.79 -30.07
C PRO L 366 1.63 -21.29 -30.02
N GLU L 367 1.15 -20.55 -31.03
CA GLU L 367 1.60 -19.17 -31.21
C GLU L 367 0.88 -18.20 -30.27
N THR L 368 -0.24 -18.61 -29.70
CA THR L 368 -0.91 -17.80 -28.67
C THR L 368 -0.41 -18.10 -27.27
N GLY L 369 0.03 -19.33 -27.01
CA GLY L 369 0.36 -19.76 -25.67
C GLY L 369 1.84 -19.68 -25.34
N MET L 370 2.69 -19.81 -26.34
CA MET L 370 4.14 -19.70 -26.14
C MET L 370 4.61 -18.25 -26.25
N GLU L 371 3.70 -17.30 -26.40
CA GLU L 371 4.15 -15.92 -26.52
C GLU L 371 4.80 -15.39 -25.24
N TRP L 372 4.60 -16.06 -24.10
CA TRP L 372 5.38 -15.67 -22.92
C TRP L 372 6.85 -16.04 -23.09
N LEU L 373 7.15 -17.10 -23.85
CA LEU L 373 8.52 -17.38 -24.23
C LEU L 373 8.98 -16.42 -25.31
N CYS L 374 8.05 -16.06 -26.21
CA CYS L 374 8.34 -15.08 -27.25
C CYS L 374 8.54 -13.67 -26.71
N LYS L 375 8.21 -13.43 -25.44
CA LYS L 375 8.22 -12.10 -24.85
C LYS L 375 9.11 -11.96 -23.63
N ALA L 376 9.58 -13.07 -23.05
CA ALA L 376 10.40 -13.00 -21.85
C ALA L 376 11.89 -13.15 -22.14
N LEU L 377 12.27 -14.19 -22.89
CA LEU L 377 13.66 -14.31 -23.33
C LEU L 377 14.00 -13.36 -24.46
N GLY L 378 13.01 -12.80 -25.14
CA GLY L 378 13.25 -11.92 -26.26
C GLY L 378 13.39 -12.60 -27.59
N LEU L 379 13.31 -13.94 -27.64
CA LEU L 379 13.39 -14.64 -28.90
C LEU L 379 12.07 -14.53 -29.63
N THR L 380 12.14 -14.24 -30.93
CA THR L 380 10.97 -13.90 -31.72
C THR L 380 10.83 -14.89 -32.87
N SER L 381 9.62 -14.91 -33.44
CA SER L 381 9.26 -15.84 -34.51
C SER L 381 10.36 -15.98 -35.55
N ASP L 382 10.90 -14.86 -36.01
CA ASP L 382 11.97 -14.89 -37.02
C ASP L 382 13.12 -15.80 -36.59
N THR L 383 13.58 -15.65 -35.34
CA THR L 383 14.67 -16.48 -34.84
C THR L 383 14.19 -17.75 -34.16
N ILE L 384 12.90 -17.88 -33.87
CA ILE L 384 12.37 -19.11 -33.29
C ILE L 384 12.32 -20.19 -34.37
N SER L 385 13.12 -21.25 -34.18
CA SER L 385 13.08 -22.38 -35.09
C SER L 385 11.66 -22.91 -35.25
N ILE L 386 11.03 -23.33 -34.14
CA ILE L 386 9.68 -23.87 -34.17
C ILE L 386 8.95 -23.47 -32.89
N ARG L 387 7.62 -23.46 -32.98
CA ARG L 387 6.74 -23.26 -31.83
C ARG L 387 5.66 -24.34 -31.92
N LYS L 388 5.78 -25.42 -31.14
CA LYS L 388 4.79 -26.48 -31.29
C LYS L 388 4.46 -27.15 -29.97
N ILE L 389 3.25 -27.72 -29.92
CA ILE L 389 2.77 -28.53 -28.81
C ILE L 389 2.49 -29.94 -29.35
N PHE L 390 3.10 -30.95 -28.73
CA PHE L 390 2.84 -32.34 -29.02
C PHE L 390 2.19 -32.98 -27.80
N SER L 391 0.91 -33.33 -27.92
CA SER L 391 0.20 -34.05 -26.87
C SER L 391 -0.25 -35.41 -27.40
N PRO L 392 0.01 -36.52 -26.69
CA PRO L 392 -0.62 -37.79 -27.07
C PRO L 392 -2.13 -37.68 -26.98
N ASP L 393 -2.83 -38.54 -27.72
CA ASP L 393 -4.28 -38.58 -27.61
C ASP L 393 -4.75 -39.62 -26.58
N VAL L 394 -4.38 -40.89 -26.81
CA VAL L 394 -4.60 -41.94 -25.81
C VAL L 394 -3.35 -42.02 -24.94
N TYR L 395 -3.31 -41.20 -23.89
CA TYR L 395 -2.34 -41.36 -22.80
C TYR L 395 -3.07 -41.30 -21.46
N GLY L 396 -3.43 -42.45 -20.90
CA GLY L 396 -3.99 -42.47 -19.57
C GLY L 396 -5.46 -42.12 -19.57
N SER L 397 -6.05 -42.20 -18.39
CA SER L 397 -7.45 -41.84 -18.19
C SER L 397 -7.58 -40.92 -17.00
N MET L 398 -8.69 -40.19 -16.94
CA MET L 398 -8.77 -39.12 -15.96
C MET L 398 -10.24 -38.75 -15.76
N LYS L 399 -10.70 -38.84 -14.51
CA LYS L 399 -12.00 -38.32 -14.11
C LYS L 399 -11.79 -37.00 -13.38
N LEU L 400 -12.52 -35.97 -13.79
CA LEU L 400 -12.35 -34.64 -13.23
C LEU L 400 -13.54 -34.30 -12.34
N THR L 401 -13.27 -33.88 -11.11
CA THR L 401 -14.25 -33.34 -10.19
C THR L 401 -13.76 -31.97 -9.74
N ILE L 402 -14.52 -30.92 -10.03
CA ILE L 402 -14.12 -29.55 -9.72
C ILE L 402 -15.15 -28.91 -8.79
N ALA L 403 -14.67 -28.10 -7.86
CA ALA L 403 -15.56 -27.28 -7.06
C ALA L 403 -16.16 -26.16 -7.90
N GLY L 404 -17.46 -25.94 -7.74
CA GLY L 404 -18.15 -24.90 -8.47
C GLY L 404 -17.96 -23.52 -7.86
N ALA L 405 -18.76 -22.58 -8.37
CA ALA L 405 -18.75 -21.22 -7.83
C ALA L 405 -19.24 -21.20 -6.40
N ASP L 406 -20.28 -21.98 -6.10
CA ASP L 406 -20.91 -21.91 -4.79
C ASP L 406 -19.97 -22.37 -3.67
N PHE L 407 -19.01 -23.25 -3.99
CA PHE L 407 -18.07 -23.81 -3.05
C PHE L 407 -17.50 -22.72 -2.13
N PRO L 408 -17.30 -22.98 -0.84
CA PRO L 408 -16.87 -21.92 0.07
C PRO L 408 -15.54 -21.29 -0.35
N LYS L 409 -15.47 -19.97 -0.18
CA LYS L 409 -14.29 -19.22 -0.59
C LYS L 409 -13.05 -19.72 0.16
N VAL L 410 -11.96 -19.90 -0.58
CA VAL L 410 -10.75 -20.48 0.00
C VAL L 410 -10.20 -19.58 1.09
N PHE L 411 -10.07 -18.29 0.82
CA PHE L 411 -9.50 -17.33 1.76
C PHE L 411 -10.59 -16.39 2.25
N ASN L 412 -10.90 -16.45 3.54
CA ASN L 412 -11.74 -15.43 4.14
C ASN L 412 -11.12 -14.05 3.97
N ASP L 413 -9.80 -13.95 4.15
CA ASP L 413 -9.05 -12.74 3.93
C ASP L 413 -7.65 -13.11 3.46
N PRO L 414 -7.31 -12.92 2.17
CA PRO L 414 -6.02 -13.45 1.70
C PRO L 414 -4.82 -12.68 2.22
N LYS L 415 -4.92 -11.35 2.35
CA LYS L 415 -3.77 -10.52 2.66
C LYS L 415 -2.99 -11.06 3.87
N GLU L 416 -3.66 -11.20 5.02
CA GLU L 416 -3.01 -11.75 6.20
C GLU L 416 -3.09 -13.28 6.24
N GLN L 417 -3.38 -13.92 5.11
CA GLN L 417 -3.28 -15.37 4.95
C GLN L 417 -4.10 -16.12 6.02
N ILE L 418 -5.41 -15.88 6.00
CA ILE L 418 -6.35 -16.66 6.81
C ILE L 418 -7.23 -17.47 5.87
N PHE L 419 -7.28 -18.77 6.11
CA PHE L 419 -8.09 -19.69 5.31
C PHE L 419 -9.47 -19.83 5.94
N SER L 420 -10.52 -19.58 5.15
CA SER L 420 -11.88 -19.63 5.69
C SER L 420 -12.21 -21.02 6.19
N GLY L 421 -12.80 -21.09 7.38
CA GLY L 421 -13.07 -22.38 8.01
C GLY L 421 -14.04 -23.24 7.22
N GLN L 422 -15.01 -22.63 6.54
CA GLN L 422 -15.95 -23.40 5.73
C GLN L 422 -15.22 -24.17 4.63
N TRP L 423 -14.26 -23.52 3.97
CA TRP L 423 -13.48 -24.19 2.95
C TRP L 423 -12.65 -25.32 3.56
N LEU L 424 -12.10 -25.11 4.75
CA LEU L 424 -11.35 -26.18 5.41
C LEU L 424 -12.25 -27.38 5.68
N LYS L 425 -13.46 -27.12 6.18
CA LYS L 425 -14.38 -28.23 6.46
C LYS L 425 -14.75 -28.97 5.19
N ALA L 426 -15.02 -28.24 4.11
CA ALA L 426 -15.35 -28.88 2.85
C ALA L 426 -14.17 -29.72 2.34
N VAL L 427 -12.96 -29.17 2.44
CA VAL L 427 -11.79 -29.87 1.91
C VAL L 427 -11.54 -31.15 2.69
N VAL L 428 -11.57 -31.08 4.03
CA VAL L 428 -11.39 -32.30 4.82
C VAL L 428 -12.50 -33.29 4.52
N GLU L 429 -13.73 -32.80 4.32
CA GLU L 429 -14.84 -33.70 4.01
C GLU L 429 -14.57 -34.46 2.72
N GLN L 430 -14.14 -33.76 1.68
CA GLN L 430 -13.88 -34.43 0.40
C GLN L 430 -12.63 -35.30 0.48
N LEU L 431 -11.65 -34.92 1.30
CA LEU L 431 -10.47 -35.75 1.48
C LEU L 431 -10.81 -37.07 2.14
N SER L 432 -11.68 -37.04 3.16
CA SER L 432 -12.04 -38.25 3.89
C SER L 432 -12.94 -39.15 3.06
N CYS L 433 -13.69 -38.59 2.10
CA CYS L 433 -14.55 -39.40 1.26
C CYS L 433 -13.77 -40.25 0.27
N ILE L 434 -12.46 -40.05 0.14
CA ILE L 434 -11.65 -40.85 -0.76
C ILE L 434 -11.43 -42.21 -0.13
N GLN L 435 -11.59 -43.27 -0.94
CA GLN L 435 -11.51 -44.64 -0.47
C GLN L 435 -10.17 -45.31 -0.79
N GLY L 436 -9.19 -44.56 -1.28
CA GLY L 436 -7.93 -45.12 -1.69
C GLY L 436 -6.79 -44.15 -1.52
N PRO L 437 -5.57 -44.59 -1.86
CA PRO L 437 -4.41 -43.70 -1.75
C PRO L 437 -4.58 -42.49 -2.65
N ALA L 438 -4.16 -41.32 -2.14
CA ALA L 438 -4.32 -40.08 -2.87
C ALA L 438 -3.12 -39.18 -2.65
N LEU L 439 -2.94 -38.25 -3.59
CA LEU L 439 -1.87 -37.27 -3.54
C LEU L 439 -2.51 -35.89 -3.53
N VAL L 440 -2.41 -35.19 -2.41
CA VAL L 440 -2.96 -33.85 -2.25
C VAL L 440 -1.84 -32.85 -2.47
N LEU L 441 -1.96 -32.04 -3.52
CA LEU L 441 -0.99 -31.00 -3.83
C LEU L 441 -1.58 -29.67 -3.39
N THR L 442 -1.31 -29.31 -2.14
CA THR L 442 -1.60 -27.97 -1.67
C THR L 442 -0.58 -26.99 -2.25
N ALA L 443 -0.81 -25.71 -2.02
CA ALA L 443 0.03 -24.66 -2.60
C ALA L 443 1.14 -24.21 -1.67
N SER L 444 0.86 -24.04 -0.38
CA SER L 444 1.85 -23.60 0.60
C SER L 444 2.02 -24.67 1.66
N HIS L 445 3.24 -24.74 2.22
CA HIS L 445 3.46 -25.60 3.38
C HIS L 445 2.61 -25.14 4.55
N TYR L 446 2.22 -23.87 4.57
CA TYR L 446 1.27 -23.38 5.57
C TYR L 446 -0.10 -24.01 5.33
N GLU L 447 -0.51 -24.12 4.07
CA GLU L 447 -1.74 -24.83 3.75
C GLU L 447 -1.59 -26.31 4.11
N THR L 448 -0.41 -26.88 3.88
CA THR L 448 -0.17 -28.26 4.27
C THR L 448 -0.39 -28.44 5.76
N ARG L 449 0.07 -27.47 6.57
CA ARG L 449 -0.02 -27.63 8.01
C ARG L 449 -1.44 -27.41 8.50
N MET L 450 -2.16 -26.44 7.94
CA MET L 450 -3.54 -26.24 8.34
C MET L 450 -4.42 -27.41 7.92
N ILE L 451 -4.22 -27.94 6.72
CA ILE L 451 -5.03 -29.07 6.29
C ILE L 451 -4.72 -30.30 7.13
N ALA L 452 -3.44 -30.52 7.48
CA ALA L 452 -3.12 -31.63 8.36
C ALA L 452 -3.76 -31.45 9.73
N ASN L 453 -3.73 -30.23 10.27
CA ASN L 453 -4.35 -29.97 11.55
C ASN L 453 -5.85 -30.24 11.52
N GLN L 454 -6.52 -29.80 10.45
CA GLN L 454 -7.97 -29.95 10.38
C GLN L 454 -8.38 -31.39 10.12
N LEU L 455 -7.48 -32.21 9.57
CA LEU L 455 -7.80 -33.60 9.31
C LEU L 455 -7.72 -34.43 10.58
N GLY L 456 -8.67 -35.34 10.75
CA GLY L 456 -8.73 -36.22 11.89
C GLY L 456 -8.08 -37.56 11.67
N GLU L 457 -7.30 -37.72 10.60
CA GLU L 457 -6.62 -38.97 10.26
C GLU L 457 -7.57 -40.16 10.31
N VAL L 458 -8.83 -39.95 9.93
CA VAL L 458 -9.76 -41.06 9.82
C VAL L 458 -9.35 -41.99 8.69
N SER L 459 -8.70 -41.45 7.66
CA SER L 459 -8.24 -42.23 6.53
C SER L 459 -6.90 -42.89 6.83
N GLN L 460 -6.48 -43.78 5.93
CA GLN L 460 -5.18 -44.43 5.97
C GLN L 460 -4.08 -43.39 6.09
N PRO L 461 -2.88 -43.77 6.60
CA PRO L 461 -1.90 -42.78 7.10
C PRO L 461 -1.73 -41.51 6.27
N VAL L 462 -1.82 -40.38 6.97
CA VAL L 462 -1.65 -39.05 6.38
C VAL L 462 -0.18 -38.66 6.50
N TYR L 463 0.48 -38.43 5.37
CA TYR L 463 1.89 -38.06 5.33
C TYR L 463 2.02 -36.60 4.94
N ILE L 464 2.73 -35.83 5.76
CA ILE L 464 2.74 -34.37 5.68
C ILE L 464 4.15 -33.89 5.39
N GLN L 465 4.26 -32.91 4.49
CA GLN L 465 5.53 -32.29 4.15
C GLN L 465 5.75 -31.08 5.07
N LYS L 466 6.60 -31.25 6.06
CA LYS L 466 6.95 -30.15 6.95
C LYS L 466 7.60 -29.02 6.16
N ALA L 467 7.39 -27.80 6.62
CA ALA L 467 7.94 -26.62 5.97
C ALA L 467 9.45 -26.75 5.80
N GLY L 468 9.91 -26.78 4.56
CA GLY L 468 11.32 -26.91 4.27
C GLY L 468 11.87 -28.30 4.47
N GLN L 469 11.05 -29.34 4.30
CA GLN L 469 11.49 -30.72 4.41
C GLN L 469 11.98 -31.19 3.04
N ALA L 470 12.28 -32.48 2.92
CA ALA L 470 12.65 -33.10 1.66
C ALA L 470 11.57 -34.09 1.25
N LEU L 471 11.06 -33.94 0.02
CA LEU L 471 9.94 -34.75 -0.41
C LEU L 471 10.30 -36.23 -0.47
N SER L 472 11.51 -36.55 -0.95
CA SER L 472 11.83 -37.95 -1.24
C SER L 472 11.76 -38.82 0.00
N GLU L 473 11.99 -38.25 1.18
CA GLU L 473 11.83 -39.03 2.41
C GLU L 473 10.39 -39.45 2.59
N ILE L 474 9.44 -38.54 2.33
CA ILE L 474 8.03 -38.91 2.41
C ILE L 474 7.65 -39.84 1.27
N ILE L 475 8.30 -39.69 0.10
CA ILE L 475 8.07 -40.62 -0.99
C ILE L 475 8.34 -42.04 -0.53
N LYS L 476 9.54 -42.28 0.02
CA LYS L 476 9.88 -43.64 0.44
C LYS L 476 9.17 -44.05 1.72
N GLN L 477 8.68 -43.08 2.50
CA GLN L 477 7.74 -43.38 3.57
C GLN L 477 6.40 -43.87 3.01
N TYR L 478 6.06 -43.41 1.81
CA TYR L 478 4.76 -43.69 1.22
C TYR L 478 4.75 -44.95 0.38
N GLN L 479 5.90 -45.33 -0.19
CA GLN L 479 5.94 -46.57 -0.98
C GLN L 479 5.68 -47.80 -0.11
N GLU L 480 6.24 -47.81 1.11
CA GLU L 480 6.06 -48.97 1.98
C GLU L 480 4.60 -49.13 2.40
N LYS L 481 3.85 -48.03 2.51
CA LYS L 481 2.46 -48.07 2.93
C LYS L 481 1.72 -46.94 2.21
N PRO L 482 1.16 -47.20 1.03
CA PRO L 482 0.43 -46.15 0.34
C PRO L 482 -0.70 -45.60 1.19
N GLY L 483 -0.93 -44.29 1.05
CA GLY L 483 -2.02 -43.64 1.75
C GLY L 483 -2.33 -42.27 1.18
N ILE L 484 -2.64 -41.32 2.07
CA ILE L 484 -2.97 -39.95 1.69
C ILE L 484 -1.73 -39.10 1.96
N LEU L 485 -1.21 -38.45 0.91
CA LEU L 485 0.03 -37.69 0.98
C LEU L 485 -0.24 -36.22 0.68
N ILE L 486 -0.22 -35.37 1.72
CA ILE L 486 -0.43 -33.93 1.55
C ILE L 486 0.96 -33.29 1.48
N SER L 487 1.35 -32.86 0.28
CA SER L 487 2.70 -32.36 0.00
C SER L 487 2.62 -31.08 -0.84
N ALA L 488 2.61 -29.92 -0.18
CA ALA L 488 2.67 -28.68 -0.94
C ALA L 488 4.06 -28.48 -1.53
N GLY L 489 4.19 -27.47 -2.37
CA GLY L 489 5.41 -27.29 -3.13
C GLY L 489 5.70 -28.55 -3.91
N ALA L 490 6.79 -29.24 -3.55
CA ALA L 490 7.07 -30.57 -4.07
C ALA L 490 7.03 -30.56 -5.60
N SER L 491 6.52 -31.65 -6.20
CA SER L 491 6.40 -31.73 -7.65
C SER L 491 7.76 -31.55 -8.32
N VAL L 492 8.04 -30.34 -8.83
CA VAL L 492 9.21 -30.05 -9.65
C VAL L 492 9.55 -31.21 -10.58
N GLY L 493 8.53 -31.83 -11.15
CA GLY L 493 8.72 -32.98 -12.04
C GLY L 493 9.04 -34.28 -11.33
N VAL L 494 8.34 -34.58 -10.24
CA VAL L 494 8.54 -35.79 -9.47
C VAL L 494 7.22 -36.55 -9.41
N SER L 495 7.29 -37.82 -9.01
CA SER L 495 6.08 -38.62 -8.94
C SER L 495 6.26 -39.71 -7.89
N PRO L 496 5.30 -39.87 -6.95
CA PRO L 496 5.39 -41.00 -6.00
C PRO L 496 5.05 -42.33 -6.65
N ARG L 497 5.86 -42.75 -7.62
CA ARG L 497 5.66 -44.03 -8.28
C ARG L 497 6.22 -45.15 -7.43
N GLY L 498 5.62 -46.33 -7.58
CA GLY L 498 6.01 -47.49 -6.80
C GLY L 498 7.36 -48.04 -7.21
N GLU L 499 7.66 -49.27 -6.84
CA GLU L 499 9.00 -49.80 -7.01
C GLU L 499 9.22 -50.27 -8.45
N ASN L 500 8.40 -51.21 -8.93
CA ASN L 500 8.50 -51.60 -10.34
C ASN L 500 7.95 -50.53 -11.27
N GLY L 501 7.07 -49.66 -10.77
CA GLY L 501 6.50 -48.58 -11.54
C GLY L 501 5.02 -48.81 -11.80
N GLU L 502 4.17 -48.11 -11.05
CA GLU L 502 2.72 -48.23 -11.20
C GLU L 502 2.07 -47.07 -10.47
N GLN L 503 0.90 -46.68 -10.96
CA GLN L 503 0.14 -45.58 -10.38
C GLN L 503 -0.43 -46.03 -9.03
N ILE L 504 0.17 -45.54 -7.94
CA ILE L 504 -0.21 -45.96 -6.60
C ILE L 504 -1.04 -44.90 -5.89
N PHE L 505 -1.66 -43.99 -6.64
CA PHE L 505 -2.58 -43.01 -6.05
C PHE L 505 -3.62 -42.69 -7.11
N GLN L 506 -4.78 -43.33 -7.00
CA GLN L 506 -5.83 -43.15 -7.99
C GLN L 506 -6.44 -41.76 -7.95
N ASP L 507 -6.21 -40.99 -6.88
CA ASP L 507 -6.78 -39.67 -6.71
C ASP L 507 -5.68 -38.64 -6.51
N LEU L 508 -5.93 -37.43 -7.01
CA LEU L 508 -4.99 -36.32 -6.89
C LEU L 508 -5.81 -35.06 -6.62
N ILE L 509 -5.65 -34.52 -5.41
CA ILE L 509 -6.47 -33.41 -4.93
C ILE L 509 -5.64 -32.14 -4.98
N ILE L 510 -5.94 -31.26 -5.92
CA ILE L 510 -5.36 -29.93 -5.97
C ILE L 510 -6.33 -29.02 -5.20
N THR L 511 -6.00 -28.75 -3.93
CA THR L 511 -6.94 -28.03 -3.07
C THR L 511 -7.25 -26.66 -3.62
N ARG L 512 -6.21 -25.89 -3.93
CA ARG L 512 -6.36 -24.57 -4.53
C ARG L 512 -5.34 -24.40 -5.64
N ILE L 513 -5.72 -23.66 -6.67
CA ILE L 513 -4.74 -23.34 -7.71
C ILE L 513 -3.62 -22.52 -7.09
N PRO L 514 -2.35 -22.87 -7.28
CA PRO L 514 -1.29 -22.21 -6.51
C PRO L 514 -1.05 -20.79 -6.98
N PHE L 515 -1.98 -19.91 -6.64
CA PHE L 515 -1.92 -18.53 -7.11
C PHE L 515 -0.78 -17.79 -6.43
N LEU L 516 0.10 -17.21 -7.23
CA LEU L 516 1.28 -16.56 -6.69
C LEU L 516 0.87 -15.27 -5.97
N PRO L 517 1.50 -14.95 -4.84
CA PRO L 517 1.13 -13.74 -4.11
C PRO L 517 1.35 -12.51 -4.96
N PRO L 518 0.74 -11.39 -4.62
CA PRO L 518 1.08 -10.14 -5.32
C PRO L 518 2.41 -9.61 -4.81
N ASP L 519 3.25 -9.16 -5.75
CA ASP L 519 4.64 -8.83 -5.46
C ASP L 519 4.83 -7.35 -5.77
N ARG L 520 4.67 -6.51 -4.75
CA ARG L 520 4.85 -5.08 -4.92
C ARG L 520 6.29 -4.76 -5.30
N MET L 521 7.26 -5.54 -4.80
CA MET L 521 8.64 -5.33 -5.19
C MET L 521 8.80 -5.38 -6.70
N LYS L 522 8.24 -6.43 -7.33
CA LYS L 522 8.34 -6.55 -8.78
C LYS L 522 7.60 -5.43 -9.49
N ALA L 523 6.44 -5.04 -8.97
CA ALA L 523 5.67 -3.98 -9.61
C ALA L 523 6.45 -2.67 -9.60
N GLU L 524 6.98 -2.31 -8.43
CA GLU L 524 7.68 -1.03 -8.32
C GLU L 524 9.00 -1.06 -9.07
N SER L 525 9.67 -2.21 -9.12
CA SER L 525 10.92 -2.28 -9.85
C SER L 525 10.67 -2.15 -11.35
N LEU L 526 9.69 -2.89 -11.87
CA LEU L 526 9.40 -2.80 -13.29
C LEU L 526 8.90 -1.41 -13.66
N TYR L 527 8.08 -0.80 -12.80
CA TYR L 527 7.67 0.58 -13.05
C TYR L 527 8.86 1.52 -13.06
N GLY L 528 9.84 1.28 -12.19
CA GLY L 528 11.05 2.09 -12.20
C GLY L 528 11.81 1.95 -13.50
N TYR L 529 11.91 0.71 -14.00
CA TYR L 529 12.70 0.48 -15.20
C TYR L 529 11.98 1.03 -16.43
N LEU L 530 10.65 0.93 -16.47
CA LEU L 530 9.90 1.51 -17.57
C LEU L 530 9.76 3.02 -17.47
N LYS L 531 10.00 3.59 -16.29
CA LYS L 531 10.02 5.04 -16.13
C LYS L 531 11.38 5.65 -16.44
N GLU L 532 12.46 4.91 -16.20
CA GLU L 532 13.78 5.38 -16.61
C GLU L 532 14.02 5.10 -18.09
N ARG L 533 13.45 4.02 -18.61
CA ARG L 533 13.59 3.73 -20.04
C ARG L 533 12.74 4.68 -20.88
N GLY L 534 11.64 5.19 -20.33
CA GLY L 534 10.84 6.20 -20.99
C GLY L 534 9.47 5.75 -21.44
N TYR L 535 9.15 4.47 -21.34
CA TYR L 535 7.82 4.01 -21.73
C TYR L 535 6.77 4.66 -20.84
N SER L 536 5.72 5.19 -21.47
CA SER L 536 4.66 5.91 -20.76
C SER L 536 3.51 4.94 -20.51
N ARG L 537 3.70 4.08 -19.52
CA ARG L 537 2.70 3.14 -19.04
C ARG L 537 2.40 3.44 -17.59
N THR L 538 1.12 3.39 -17.21
CA THR L 538 0.76 3.65 -15.82
C THR L 538 1.22 2.49 -14.94
N PHE L 539 1.32 2.77 -13.65
CA PHE L 539 1.67 1.72 -12.70
C PHE L 539 0.61 0.62 -12.68
N GLU L 540 -0.67 1.01 -12.84
CA GLU L 540 -1.75 0.02 -12.89
C GLU L 540 -1.58 -0.91 -14.08
N ALA L 541 -1.15 -0.38 -15.23
CA ALA L 541 -0.92 -1.24 -16.39
C ALA L 541 0.18 -2.26 -16.09
N VAL L 542 1.25 -1.83 -15.41
CA VAL L 542 2.31 -2.75 -15.06
C VAL L 542 1.81 -3.78 -14.05
N ASN L 543 0.96 -3.35 -13.11
CA ASN L 543 0.36 -4.29 -12.17
C ASN L 543 -0.46 -5.34 -12.91
N ARG L 544 -1.21 -4.92 -13.92
CA ARG L 544 -1.98 -5.89 -14.69
C ARG L 544 -1.06 -6.82 -15.47
N ASN L 545 0.03 -6.29 -16.03
CA ASN L 545 0.95 -7.13 -16.78
C ASN L 545 1.60 -8.18 -15.90
N ILE L 546 2.06 -7.78 -14.71
CA ILE L 546 2.64 -8.74 -13.79
C ILE L 546 1.58 -9.73 -13.32
N TYR L 547 0.34 -9.27 -13.12
CA TYR L 547 -0.73 -10.19 -12.73
C TYR L 547 -0.98 -11.23 -13.82
N LEU L 548 -1.00 -10.81 -15.08
CA LEU L 548 -1.18 -11.77 -16.18
C LEU L 548 -0.01 -12.73 -16.26
N GLU L 549 1.22 -12.24 -16.07
CA GLU L 549 2.39 -13.11 -16.11
C GLU L 549 2.34 -14.12 -14.97
N ASN L 550 1.92 -13.68 -13.79
CA ASN L 550 1.75 -14.57 -12.66
C ASN L 550 0.64 -15.59 -12.94
N LEU L 551 -0.43 -15.16 -13.60
CA LEU L 551 -1.49 -16.10 -13.99
C LEU L 551 -0.94 -17.15 -14.94
N ARG L 552 -0.08 -16.75 -15.88
CA ARG L 552 0.53 -17.71 -16.78
C ARG L 552 1.40 -18.71 -16.01
N LYS L 553 2.17 -18.22 -15.03
CA LYS L 553 2.99 -19.14 -14.24
C LYS L 553 2.11 -20.02 -13.36
N VAL L 554 0.94 -19.52 -12.97
CA VAL L 554 -0.03 -20.32 -12.23
C VAL L 554 -0.54 -21.45 -13.10
N ILE L 555 -0.87 -21.15 -14.36
CA ILE L 555 -1.35 -22.19 -15.26
C ILE L 555 -0.27 -23.24 -15.48
N ARG L 556 0.96 -22.79 -15.66
CA ARG L 556 2.07 -23.74 -15.81
C ARG L 556 2.23 -24.61 -14.56
N LYS L 557 2.17 -24.01 -13.38
CA LYS L 557 2.34 -24.77 -12.14
C LYS L 557 1.22 -25.78 -11.97
N ALA L 558 -0.01 -25.39 -12.30
CA ALA L 558 -1.11 -26.33 -12.18
C ALA L 558 -1.06 -27.39 -13.27
N LYS L 559 -0.45 -27.07 -14.42
CA LYS L 559 -0.20 -28.12 -15.41
C LYS L 559 0.81 -29.12 -14.88
N GLN L 560 1.80 -28.65 -14.11
CA GLN L 560 2.71 -29.59 -13.46
C GLN L 560 1.97 -30.41 -12.42
N SER L 561 1.05 -29.78 -11.70
CA SER L 561 0.27 -30.48 -10.67
C SER L 561 -0.55 -31.60 -11.29
N VAL L 562 -1.20 -31.31 -12.43
CA VAL L 562 -1.99 -32.33 -13.10
C VAL L 562 -1.07 -33.39 -13.68
N GLY L 563 0.10 -32.99 -14.18
CA GLY L 563 1.09 -33.95 -14.62
C GLY L 563 1.57 -34.88 -13.52
N ARG L 564 1.41 -34.49 -12.25
CA ARG L 564 1.77 -35.40 -11.18
C ARG L 564 0.78 -36.55 -11.04
N GLY L 565 -0.39 -36.44 -11.65
CA GLY L 565 -1.35 -37.52 -11.59
C GLY L 565 -1.04 -38.66 -12.53
N ILE L 566 -0.85 -38.35 -13.80
CA ILE L 566 -0.55 -39.34 -14.83
C ILE L 566 0.95 -39.34 -15.08
N ARG L 567 1.55 -40.54 -15.07
CA ARG L 567 2.92 -40.71 -15.53
C ARG L 567 3.09 -41.92 -16.43
N SER L 568 2.03 -42.69 -16.68
CA SER L 568 2.08 -43.86 -17.55
C SER L 568 0.77 -43.94 -18.34
N GLU L 569 0.82 -44.66 -19.46
CA GLU L 569 -0.34 -44.74 -20.35
C GLU L 569 -1.50 -45.49 -19.72
N ASN L 570 -1.26 -46.29 -18.68
CA ASN L 570 -2.31 -47.04 -18.00
C ASN L 570 -2.86 -46.31 -16.77
N ASP L 571 -2.34 -45.14 -16.45
CA ASP L 571 -2.77 -44.40 -15.27
C ASP L 571 -4.19 -43.90 -15.43
N THR L 572 -4.96 -43.99 -14.34
CA THR L 572 -6.35 -43.53 -14.29
C THR L 572 -6.49 -42.71 -13.02
N VAL L 573 -6.55 -41.38 -13.17
CA VAL L 573 -6.41 -40.44 -12.06
C VAL L 573 -7.73 -39.67 -11.89
N ARG L 574 -8.19 -39.56 -10.65
CA ARG L 574 -9.33 -38.72 -10.31
C ARG L 574 -8.81 -37.40 -9.75
N ILE L 575 -8.90 -36.33 -10.56
CA ILE L 575 -8.42 -35.02 -10.17
C ILE L 575 -9.52 -34.26 -9.45
N ILE L 576 -9.28 -33.89 -8.20
CA ILE L 576 -10.23 -33.19 -7.34
C ILE L 576 -9.75 -31.76 -7.15
N ILE L 577 -10.44 -30.80 -7.76
CA ILE L 577 -10.17 -29.39 -7.59
C ILE L 577 -11.22 -28.82 -6.64
N LEU L 578 -10.83 -28.50 -5.41
CA LEU L 578 -11.73 -27.92 -4.43
C LEU L 578 -11.74 -26.40 -4.46
N ASP L 579 -11.06 -25.79 -5.41
CA ASP L 579 -11.02 -24.33 -5.47
C ASP L 579 -12.31 -23.79 -6.07
N PRO L 580 -13.01 -22.86 -5.40
CA PRO L 580 -14.21 -22.28 -6.02
C PRO L 580 -13.92 -21.40 -7.23
N ARG L 581 -12.66 -21.04 -7.47
CA ARG L 581 -12.32 -20.15 -8.57
C ARG L 581 -11.88 -20.88 -9.82
N PHE L 582 -11.78 -22.21 -9.79
CA PHE L 582 -11.54 -22.96 -11.01
C PHE L 582 -12.74 -22.78 -11.93
N PRO L 583 -12.54 -22.49 -13.22
CA PRO L 583 -13.70 -22.21 -14.08
C PRO L 583 -14.55 -23.46 -14.27
N GLU L 584 -15.85 -23.33 -14.03
CA GLU L 584 -16.79 -24.37 -14.40
C GLU L 584 -16.83 -24.50 -15.93
N PRO L 585 -17.17 -25.68 -16.44
CA PRO L 585 -17.36 -25.78 -17.90
C PRO L 585 -18.40 -24.81 -18.41
N THR L 586 -19.50 -24.63 -17.68
CA THR L 586 -20.61 -23.81 -18.16
C THR L 586 -20.32 -22.33 -18.05
N ASP L 587 -19.46 -21.93 -17.11
CA ASP L 587 -19.13 -20.52 -16.91
C ASP L 587 -17.93 -20.19 -17.78
N LEU L 588 -18.20 -19.88 -19.05
CA LEU L 588 -17.16 -19.53 -20.01
C LEU L 588 -16.69 -18.09 -19.89
N SER L 589 -17.43 -17.23 -19.17
CA SER L 589 -17.05 -15.85 -18.95
C SER L 589 -16.39 -15.64 -17.60
N SER L 590 -16.00 -16.72 -16.93
CA SER L 590 -15.30 -16.62 -15.66
C SER L 590 -13.96 -15.91 -15.85
N LYS L 591 -13.55 -15.17 -14.83
CA LYS L 591 -12.30 -14.42 -14.89
C LYS L 591 -11.14 -15.34 -15.23
N HIS L 592 -11.02 -16.47 -14.55
CA HIS L 592 -9.92 -17.41 -14.77
C HIS L 592 -10.29 -18.44 -15.82
N ARG L 593 -10.70 -17.97 -17.00
CA ARG L 593 -11.09 -18.90 -18.06
C ARG L 593 -9.90 -19.66 -18.60
N SER L 594 -8.69 -19.11 -18.49
CA SER L 594 -7.49 -19.83 -18.91
C SER L 594 -7.23 -21.10 -18.11
N LEU L 595 -7.86 -21.23 -16.94
CA LEU L 595 -7.40 -22.22 -15.97
C LEU L 595 -7.85 -23.63 -16.29
N GLU L 596 -8.69 -23.83 -17.30
CA GLU L 596 -8.97 -25.17 -17.78
C GLU L 596 -7.87 -25.69 -18.70
N HIS L 597 -6.92 -24.83 -19.08
CA HIS L 597 -5.76 -25.29 -19.84
C HIS L 597 -4.81 -26.13 -18.99
N ILE L 598 -5.01 -26.18 -17.68
CA ILE L 598 -4.27 -27.15 -16.88
C ILE L 598 -4.63 -28.57 -17.33
N ILE L 599 -5.90 -28.80 -17.62
CA ILE L 599 -6.35 -30.10 -18.12
C ILE L 599 -5.77 -30.31 -19.52
N PRO L 600 -5.22 -31.48 -19.84
CA PRO L 600 -4.79 -31.72 -21.22
C PRO L 600 -5.99 -31.69 -22.17
N VAL L 601 -5.68 -31.47 -23.45
CA VAL L 601 -6.73 -31.43 -24.47
C VAL L 601 -7.42 -32.79 -24.55
N ARG L 602 -6.65 -33.86 -24.36
CA ARG L 602 -7.17 -35.22 -24.56
C ARG L 602 -8.14 -35.63 -23.47
N PHE L 603 -8.24 -34.87 -22.39
CA PHE L 603 -9.23 -35.10 -21.36
C PHE L 603 -10.24 -33.96 -21.28
N ARG L 604 -10.32 -33.11 -22.31
CA ARG L 604 -11.20 -31.96 -22.21
C ARG L 604 -12.66 -32.37 -22.29
N ARG L 605 -12.95 -33.52 -22.89
CA ARG L 605 -14.29 -34.06 -22.84
C ARG L 605 -14.67 -34.36 -21.40
N GLU L 606 -13.74 -34.94 -20.64
CA GLU L 606 -14.01 -35.19 -19.24
C GLU L 606 -14.09 -33.89 -18.46
N TYR L 607 -13.40 -32.83 -18.92
CA TYR L 607 -13.63 -31.52 -18.33
C TYR L 607 -15.05 -31.08 -18.58
N ARG L 608 -15.57 -31.32 -19.78
CA ARG L 608 -16.93 -30.90 -20.13
C ARG L 608 -17.98 -31.81 -19.50
N SER L 609 -17.62 -33.07 -19.25
CA SER L 609 -18.50 -34.03 -18.56
C SER L 609 -17.82 -34.33 -17.23
N CYS L 610 -18.14 -33.53 -16.21
CA CYS L 610 -17.48 -33.61 -14.92
C CYS L 610 -18.51 -33.54 -13.81
N GLU L 611 -18.09 -33.97 -12.62
CA GLU L 611 -18.88 -33.85 -11.41
C GLU L 611 -18.49 -32.57 -10.68
N ILE L 612 -19.48 -31.76 -10.32
CA ILE L 612 -19.26 -30.52 -9.59
C ILE L 612 -19.80 -30.70 -8.19
N LEU L 613 -18.94 -30.44 -7.19
CA LEU L 613 -19.34 -30.65 -5.80
C LEU L 613 -20.31 -29.57 -5.35
N SER L 614 -19.95 -28.30 -5.52
CA SER L 614 -20.76 -27.16 -5.14
C SER L 614 -21.05 -26.31 -6.37
N PRO L 615 -21.83 -26.83 -7.32
CA PRO L 615 -22.14 -26.05 -8.52
C PRO L 615 -23.04 -24.88 -8.19
N ALA L 616 -23.39 -24.07 -9.19
CA ALA L 616 -24.29 -22.96 -8.99
C ALA L 616 -25.30 -22.94 -10.12
N TYR L 617 -26.43 -22.28 -9.86
CA TYR L 617 -27.54 -22.12 -10.80
C TYR L 617 -27.78 -23.42 -11.57
N PHE L 618 -28.02 -24.48 -10.81
CA PHE L 618 -28.27 -25.80 -11.37
C PHE L 618 -29.75 -26.05 -11.66
N GLU L 619 -30.53 -24.99 -11.81
CA GLU L 619 -31.94 -25.09 -12.14
C GLU L 619 -32.09 -25.00 -13.66
N GLU L 620 -33.34 -24.93 -14.13
CA GLU L 620 -33.64 -24.84 -15.56
C GLU L 620 -34.28 -23.48 -15.82
N ASP L 621 -33.66 -22.72 -16.72
CA ASP L 621 -34.16 -21.40 -17.09
C ASP L 621 -35.15 -21.55 -18.24
N ILE L 622 -36.31 -20.91 -18.11
CA ILE L 622 -37.36 -21.08 -19.10
C ILE L 622 -37.12 -20.22 -20.32
N GLN L 623 -36.36 -19.13 -20.19
CA GLN L 623 -35.98 -18.32 -21.35
C GLN L 623 -34.75 -18.98 -22.01
N CYS L 624 -35.03 -20.07 -22.71
CA CYS L 624 -33.98 -20.85 -23.36
C CYS L 624 -33.64 -20.27 -24.73
ZN ZN M . -40.71 5.38 -58.61
#